data_9QHH
#
_entry.id   9QHH
#
_cell.length_a   1.00
_cell.length_b   1.00
_cell.length_c   1.00
_cell.angle_alpha   90.00
_cell.angle_beta   90.00
_cell.angle_gamma   90.00
#
_symmetry.space_group_name_H-M   'P 1'
#
_entity_poly.entity_id   1
_entity_poly.type   'polypeptide(L)'
_entity_poly.pdbx_seq_one_letter_code
;MRLPEKVLFPPVTSGLSGQEKQKKPKSITGFQENYQRNIRPIKTASEARLRFFDKMVSKENSLEDVVSLGEMIQKEIYGH
EQRTFSPVHHTGNWKSSLLHNALLGLANVYNGLRETEYPNTFNRDGIKSTNSFRDNLLTKTRTPRDNFEEGIKHPEHATI
PYDNDNESNKLLKAGKIAGNNNELLMEIKKESQSDHQIPLSDKFLKRKKRSPVAEDKVQNSLTPENFVQKISLSDELKTK
YANEIIEIKRIMGEYNLLPDKNSRNGLKLLQKQADLLKIIMEDTSVTENTFKNIEIAITDIKREYYSHTVDIEKNIHAIW
VAGSPPESISDYIKTFLKTYKEFTYYLWVDEKAFGAAKFTSVLKQIAFDLACRTIQQNTPQKNIDFINLYNEIRKKYNNN
PSGQQEYLNKLRELYATYQKISTPLKHMFNSFFLENMIKLQDNFFNYCIVKGVTEINDELRINYLKNVIKLSDDDIGNYQ
KTINDNKDRVKKLILDLQKQFGENRISIKDVNSLTSLSKSENNHNYQTEMLLRWNYPAASDLLRMYILKEHGGIYTDTDM
MPAYSKQVIFKIMMQTNGDNRFLEDLKLRRAISDGVLRYVNNQNIDEVNYNEISDADKNIIKKILTEISKMPEDSIFTKI
NTRIPRDTMPILRRYHLWPDGWNIRGLNGFMLSHKGSEVIDAVIAGQNQAYRELRRIRDNIHSEIYFKQTDELSSLPDTD
KIGGILVKKYLSGSLFSKFRQDTIIPEALSTLQISGPDLIQRKMLQFFRSRGVLGEEFINERKLSDKAYIGVYKTTGTGK
YDWLTPESIGVNDVTPADESTWCIGKGRCVDDFLFKDVSTLKTENLPELFLTKIDTDTFFSQWSTKTKKDLQKKIQDLTV
RYNELIDSSTIDFKNLYEIDQMLHMIMLEMNDDIAKRSLFSLQVQISEKIRRMTIPVDNIINIYPDLHKKNDNDLSMSIK
GFLASNPHTKINILYSNKTEHNIFIKDLFSFAVMENELRDIINNMSKDKTPENWEGRVMLQRYLELKMKDHLSLQSSQEA
NEFLEISTFIYENDFLREKIEAVKNKMNSHELYFEKIKKEQNTWQDLSTKEQKLQLIKALKEISGNTEKDSHYDRLLDAF
FKKHNENIHNKIQRIKDEFKEYSRVAIHNIDKVIFKGQTLDRLYHEGYVFSDINTLSRYTLHGLGITGVHTEENLLPAPS
SSLINILKEHYNEDEISAKLPLAYDYILNKKESSSIPVEILNKLSELPPHELLTPVLGQSVNPLGMGYSSDNGKITEQVI
VSGADGFDNPISGLIYTYLEDLYNIHVRMREGTLNSQNLRQLLENSVSSCFLTEQSINKLLSEAEKRPYQSLTEIHQHLT
GLPTIADATLSLLSVGLPGTGKLLRREQDYGRPPVTAIQDSTFVLPYNFKGIGFNDNIISSAPVASSLHFIAEHAKYTLL
SWPEFYRHHAQRWFEMAKGYGSQNIDFHPQSLLVTQEGRCMGLALLYLQTEDTAHYSILQENLMTVSALHQTSNRDKLPL
SKDDNSLMTRTYSLIEMLQYQGNKYITNESLLHKTAWNQERITLLFNEKGVKRALISTPNHTLVLQQLEDIYRLTDPNFG
HADFLSPIDALKFIEAMIQLTPTLQEYYGLLNKDINKHIQVHYAESDMVWNKLLPENDAGLSTRIQHTTTDRLANLAEPV
AVAGISLPVKTLYDIGATLDGRRITSPPTSEQIPSLRLNGDVLNDYLSRTVLTPEQADNIRKILHTQGIRSGTRPIDPEM
IRGTQDDLVSSQTRLQRQATRVKQQLAGVLDTLQQHFQNIPRSSGRHLSVENIELADIGSGRFNLQIRDGETLHTTSVEV
PEVVSRFQKLSTMLSALPASGIMDFDLGMSVVGVVQYARLLQQGHEDSTLAKINLAMDIKQLSEATLGSMIQIAGNKFLN
TEGIQGFRLESAVAEGMRSVATRTGGTMGKALSASARVLELPVLETVLGTWNLYNSVIQLQQATSYSETMAARVQIAFDS
ISLGLTAASVAFPPLIIATGPIAAIGMGASSIARNVARKEERHTQWLEYKKFLTDGSKHIVVASPERGLLDFSGNKVFGK
MVLDLRQSPPLLHGESSFNADRKIGHRPDLGDWQIREKVGYANSISPYSSLAHGYANSKWPRTIPKIPSGEYDTIILGYG
HQYQANTEIEYLSNWIVWREAVPDSTSRHKRPPLEVLNSQCTVIAGERKTTVLPLRVLSDLTPECTEQAISLKDYKFILR
GGSGGLAVQVGGAGYYDIDANLVAKENTLSFRGLPEEFPLTFDLSKQTQSVMLKTPDDEVPVMTITQKGINTLVGTAAGK
DRLIGNDKDNTFHTSSGGGTVISGGGNNRYIIPRDLKTPLTLTLSSNSVSHEIFLPETTLAELKPVAFELSLIYWAGNNI
NVQPEDEAKLNHFAGNFRVHTRDGMTLEAVSRENGIQLAISLCDVQRWQAVYPEENNRPDAILDRLHDMGWSLTPEVRFQ
GGETQVSYDPLTRQLVYQLQARYSEFQLAGSRHHTTAVTGTPGSRYIIMKPVTTQILPTQIILAGDNDHPETIDLLEASP
VLVEGKKDKNSVILTIATIQYSLQLTISGIEESLPETTRVAIQPQDTRLLGDVLRILPDNGNWVGIFRSGHTPTVNRLEN
LMALNQVMTFLPRVSGSAEQVLCLENLGGVRKKVEGELLSGKLKGAWKAEGEPTVPVNISDLSIPPYSRLYLIFEGKNNV
LLRSKVHAAPLKITSAGEMQLSERQWQQQEHIIVKPDNEAPSLILSEFRRFTISSDKTFSLKLMCHQGMVRIDRRSLSVR
LFYLREQPGIGSLRLTFRDFFTEVMDTTDREILEKELRPILIGDTHRFINAAYKNHLNIQLGDGVLNLADIVAEYARIQK
EETSKILYQYQGAMKKKTDGPSVVEDAIMTTTVTTDSGELFPTFHPWYTDDLSGRYKSVPMARKADTLYHLTPKGDLQII
YQVATKMVNQAMIVSLPNYRHEWEKYNLSILSEIPQNNNTVVHSILRVNGPTMQVRTIDYRGTDENNPIVSFSDTTFING
EQMLSYDSHSSGRVYSREEYMMWELQQRVSEASSARTQDYWLMDAAVRNGEWKITPELLRHTPGYIRSTVSKWSRGWLKT
GTILQTPEDRNTDVYLTTIQNNVFSRQGGGYQVYYRIDGMAGADIADNAPGETRCTLRPGTCFEVTSVDERHYEWNIIYV
TLKTCGWSRNGQSKTPNGDNLFN
;
_entity_poly.pdbx_strand_id   A
#
# COMPACT_ATOMS: atom_id res chain seq x y z
N LEU A 237 50.08 41.78 11.56
CA LEU A 237 48.65 41.66 11.78
C LEU A 237 47.86 42.55 10.81
N LYS A 238 48.58 43.45 10.14
CA LYS A 238 47.93 44.36 9.20
C LYS A 238 47.28 43.61 8.05
N THR A 239 47.99 42.62 7.50
CA THR A 239 47.39 41.79 6.45
C THR A 239 46.30 40.88 7.01
N LYS A 240 46.50 40.37 8.22
CA LYS A 240 45.49 39.53 8.85
C LYS A 240 44.22 40.31 9.15
N TYR A 241 44.36 41.55 9.60
CA TYR A 241 43.22 42.41 9.93
C TYR A 241 42.93 43.43 8.84
N ALA A 242 43.36 43.17 7.60
CA ALA A 242 43.09 44.11 6.52
C ALA A 242 41.60 44.24 6.23
N ASN A 243 40.88 43.11 6.20
CA ASN A 243 39.46 43.14 5.89
C ASN A 243 38.68 43.91 6.96
N GLU A 244 38.97 43.65 8.23
CA GLU A 244 38.27 44.36 9.29
C GLU A 244 38.66 45.84 9.33
N ILE A 245 39.91 46.17 8.98
CA ILE A 245 40.31 47.57 8.89
C ILE A 245 39.52 48.27 7.78
N ILE A 246 39.37 47.61 6.64
CA ILE A 246 38.55 48.17 5.55
C ILE A 246 37.11 48.33 6.01
N GLU A 247 36.61 47.39 6.80
CA GLU A 247 35.26 47.51 7.34
C GLU A 247 35.14 48.72 8.26
N ILE A 248 36.15 48.96 9.10
CA ILE A 248 36.13 50.13 9.98
C ILE A 248 36.15 51.41 9.16
N LYS A 249 36.98 51.46 8.11
CA LYS A 249 37.01 52.64 7.25
C LYS A 249 35.66 52.86 6.57
N ARG A 250 35.03 51.80 6.10
CA ARG A 250 33.72 51.91 5.47
C ARG A 250 32.67 52.40 6.47
N ILE A 251 32.73 51.92 7.71
CA ILE A 251 31.79 52.34 8.72
C ILE A 251 31.99 53.82 9.05
N MET A 252 33.25 54.26 9.12
CA MET A 252 33.53 55.68 9.35
C MET A 252 32.99 56.52 8.19
N GLY A 253 33.17 56.06 6.96
CA GLY A 253 32.63 56.78 5.82
C GLY A 253 31.12 56.88 5.87
N GLU A 254 30.45 55.79 6.23
CA GLU A 254 28.99 55.82 6.36
C GLU A 254 28.55 56.76 7.47
N TYR A 255 29.26 56.74 8.60
CA TYR A 255 28.89 57.59 9.74
C TYR A 255 29.09 59.07 9.39
N ASN A 256 30.15 59.39 8.66
CA ASN A 256 30.36 60.77 8.22
C ASN A 256 29.26 61.23 7.28
N LEU A 257 28.83 60.36 6.37
CA LEU A 257 27.76 60.68 5.43
C LEU A 257 26.40 60.29 6.01
N LEU A 258 26.11 60.85 7.18
CA LEU A 258 24.85 60.60 7.88
C LEU A 258 24.11 61.92 8.07
N PRO A 259 22.90 62.06 7.54
CA PRO A 259 22.14 63.31 7.76
C PRO A 259 21.85 63.59 9.23
N ASP A 260 21.67 62.55 10.04
CA ASP A 260 21.37 62.71 11.47
C ASP A 260 22.17 61.66 12.23
N LYS A 261 23.25 62.08 12.87
CA LYS A 261 24.04 61.16 13.70
C LYS A 261 23.26 60.74 14.94
N ASN A 262 22.33 61.58 15.40
CA ASN A 262 21.52 61.25 16.57
C ASN A 262 20.32 60.39 16.14
N SER A 263 20.64 59.18 15.70
CA SER A 263 19.64 58.22 15.27
C SER A 263 20.17 56.83 15.54
N ARG A 264 19.26 55.84 15.51
CA ARG A 264 19.65 54.47 15.84
C ARG A 264 20.73 53.95 14.91
N ASN A 265 20.76 54.43 13.67
CA ASN A 265 21.78 53.97 12.74
C ASN A 265 23.19 54.30 13.24
N GLY A 266 23.43 55.57 13.59
CA GLY A 266 24.75 55.95 14.04
C GLY A 266 25.15 55.23 15.31
N LEU A 267 24.21 55.04 16.23
CA LEU A 267 24.52 54.28 17.44
C LEU A 267 24.93 52.87 17.10
N LYS A 268 24.25 52.23 16.15
CA LYS A 268 24.62 50.88 15.75
C LYS A 268 26.00 50.84 15.11
N LEU A 269 26.33 51.82 14.25
CA LEU A 269 27.67 51.84 13.67
C LEU A 269 28.75 52.06 14.73
N LEU A 270 28.51 52.92 15.72
CA LEU A 270 29.50 53.07 16.79
C LEU A 270 29.62 51.81 17.65
N GLN A 271 28.50 51.12 17.89
CA GLN A 271 28.57 49.84 18.61
C GLN A 271 29.38 48.82 17.81
N LYS A 272 29.18 48.79 16.49
CA LYS A 272 29.97 47.90 15.64
C LYS A 272 31.45 48.28 15.68
N GLN A 273 31.75 49.57 15.70
CA GLN A 273 33.13 50.02 15.84
C GLN A 273 33.74 49.49 17.12
N ALA A 274 33.03 49.63 18.25
CA ALA A 274 33.56 49.16 19.52
C ALA A 274 33.74 47.64 19.51
N ASP A 275 32.78 46.92 18.93
CA ASP A 275 32.90 45.47 18.88
C ASP A 275 34.09 45.02 18.03
N LEU A 276 34.30 45.68 16.88
CA LEU A 276 35.45 45.35 16.05
C LEU A 276 36.76 45.69 16.75
N LEU A 277 36.79 46.81 17.49
CA LEU A 277 38.00 47.16 18.23
C LEU A 277 38.27 46.15 19.35
N LYS A 278 37.21 45.66 20.01
CA LYS A 278 37.41 44.62 21.01
C LYS A 278 37.89 43.32 20.38
N ILE A 279 37.41 43.03 19.16
CA ILE A 279 37.94 41.88 18.42
C ILE A 279 39.42 42.07 18.15
N ILE A 280 39.84 43.29 17.84
CA ILE A 280 41.26 43.59 17.69
C ILE A 280 41.99 43.32 19.00
N MET A 281 41.40 43.73 20.13
CA MET A 281 41.96 43.39 21.44
C MET A 281 42.10 41.89 21.63
N GLU A 282 41.19 41.11 21.05
CA GLU A 282 41.27 39.65 21.20
C GLU A 282 42.54 39.08 20.58
N ASP A 283 43.19 39.82 19.68
CA ASP A 283 44.44 39.36 19.09
C ASP A 283 45.53 39.30 20.16
N THR A 284 46.28 38.20 20.17
CA THR A 284 47.30 38.00 21.20
C THR A 284 48.51 38.91 20.98
N SER A 285 48.98 39.01 19.73
CA SER A 285 50.20 39.76 19.42
C SER A 285 49.86 41.23 19.20
N VAL A 286 49.55 41.92 20.29
CA VAL A 286 49.24 43.34 20.28
C VAL A 286 50.26 44.06 21.16
N THR A 287 50.89 45.09 20.62
CA THR A 287 51.91 45.84 21.33
C THR A 287 51.27 46.83 22.31
N GLU A 288 52.07 47.29 23.27
CA GLU A 288 51.58 48.22 24.28
C GLU A 288 51.22 49.57 23.68
N ASN A 289 52.00 50.02 22.69
CA ASN A 289 51.64 51.26 21.99
C ASN A 289 50.29 51.11 21.28
N THR A 290 50.05 49.96 20.65
CA THR A 290 48.75 49.68 20.07
C THR A 290 47.68 49.66 21.14
N PHE A 291 47.99 49.11 22.32
CA PHE A 291 47.03 49.11 23.42
C PHE A 291 46.62 50.53 23.79
N LYS A 292 47.60 51.41 23.96
CA LYS A 292 47.30 52.79 24.34
C LYS A 292 46.53 53.53 23.25
N ASN A 293 46.93 53.34 21.98
CA ASN A 293 46.24 54.03 20.90
C ASN A 293 44.79 53.56 20.80
N ILE A 294 44.55 52.26 20.92
CA ILE A 294 43.19 51.74 20.86
C ILE A 294 42.40 52.20 22.07
N GLU A 295 43.02 52.27 23.24
CA GLU A 295 42.33 52.77 24.42
C GLU A 295 41.88 54.21 24.22
N ILE A 296 42.75 55.04 23.64
CA ILE A 296 42.40 56.43 23.38
C ILE A 296 41.23 56.50 22.39
N ALA A 297 41.31 55.70 21.31
CA ALA A 297 40.24 55.71 20.32
C ALA A 297 38.92 55.23 20.92
N ILE A 298 38.97 54.19 21.77
CA ILE A 298 37.77 53.67 22.40
C ILE A 298 37.17 54.71 23.34
N THR A 299 38.01 55.40 24.10
CA THR A 299 37.49 56.47 24.96
C THR A 299 36.84 57.57 24.14
N ASP A 300 37.45 57.93 23.02
CA ASP A 300 36.87 58.97 22.16
C ASP A 300 35.52 58.54 21.61
N ILE A 301 35.44 57.33 21.08
CA ILE A 301 34.17 56.89 20.48
C ILE A 301 33.11 56.70 21.56
N LYS A 302 33.51 56.29 22.77
CA LYS A 302 32.55 56.18 23.87
C LYS A 302 32.02 57.56 24.25
N ARG A 303 32.90 58.55 24.33
CA ARG A 303 32.46 59.90 24.67
C ARG A 303 31.54 60.45 23.60
N GLU A 304 31.84 60.18 22.33
CA GLU A 304 30.95 60.58 21.25
C GLU A 304 29.60 59.87 21.33
N TYR A 305 29.61 58.59 21.71
CA TYR A 305 28.36 57.86 21.90
C TYR A 305 27.51 58.49 22.99
N TYR A 306 28.12 58.81 24.13
CA TYR A 306 27.36 59.27 25.28
C TYR A 306 26.85 60.69 25.11
N SER A 307 27.27 61.39 24.05
CA SER A 307 26.79 62.74 23.78
C SER A 307 25.45 62.78 23.07
N HIS A 308 24.96 61.65 22.58
CA HIS A 308 23.70 61.60 21.84
C HIS A 308 22.56 61.36 22.83
N THR A 309 22.08 62.45 23.42
CA THR A 309 21.01 62.40 24.39
C THR A 309 19.72 62.94 23.78
N VAL A 310 18.59 62.50 24.31
CA VAL A 310 17.28 62.94 23.85
C VAL A 310 16.53 63.55 25.01
N ASP A 311 15.65 64.49 24.69
CA ASP A 311 14.80 65.14 25.67
C ASP A 311 13.44 64.44 25.67
N ILE A 312 13.06 63.91 26.83
CA ILE A 312 11.79 63.20 26.92
C ILE A 312 10.64 64.16 26.69
N GLU A 313 9.51 63.61 26.26
CA GLU A 313 8.32 64.42 26.05
C GLU A 313 7.76 64.92 27.36
N LYS A 314 7.15 66.10 27.32
CA LYS A 314 6.60 66.72 28.52
C LYS A 314 5.25 66.10 28.88
N ASN A 315 5.25 64.77 28.98
CA ASN A 315 4.08 64.00 29.33
C ASN A 315 4.33 63.30 30.64
N ILE A 316 3.30 63.23 31.47
CA ILE A 316 3.34 62.44 32.70
C ILE A 316 2.12 61.54 32.69
N HIS A 317 2.34 60.24 32.67
CA HIS A 317 1.27 59.27 32.54
C HIS A 317 1.04 58.59 33.88
N ALA A 318 -0.20 58.55 34.32
CA ALA A 318 -0.56 57.87 35.56
C ALA A 318 -1.82 57.06 35.33
N ILE A 319 -1.70 55.74 35.39
CA ILE A 319 -2.82 54.85 35.12
C ILE A 319 -3.78 54.88 36.30
N TRP A 320 -5.06 55.09 36.00
CA TRP A 320 -6.09 55.09 37.02
C TRP A 320 -6.57 53.67 37.26
N VAL A 321 -6.50 53.22 38.51
CA VAL A 321 -6.88 51.87 38.91
C VAL A 321 -8.29 51.92 39.48
N ALA A 322 -9.13 51.01 39.03
CA ALA A 322 -10.53 51.01 39.43
C ALA A 322 -10.68 50.93 40.95
N GLY A 323 -11.65 51.68 41.47
CA GLY A 323 -11.95 51.68 42.89
C GLY A 323 -11.11 52.62 43.72
N SER A 324 -10.19 53.35 43.07
CA SER A 324 -9.28 54.27 43.82
C SER A 324 -10.03 55.53 44.28
N PRO A 325 -9.86 55.98 45.54
CA PRO A 325 -10.50 57.20 46.04
C PRO A 325 -9.88 58.45 45.39
N PRO A 326 -10.66 59.30 44.70
CA PRO A 326 -10.10 60.46 43.97
C PRO A 326 -9.30 61.43 44.85
N GLU A 327 -9.78 61.71 46.06
CA GLU A 327 -9.11 62.68 46.96
C GLU A 327 -7.63 62.29 47.15
N SER A 328 -7.36 61.16 47.81
CA SER A 328 -6.00 60.73 48.04
C SER A 328 -5.21 60.68 46.75
N ILE A 329 -5.88 60.36 45.64
CA ILE A 329 -5.22 60.39 44.34
C ILE A 329 -4.76 61.80 44.01
N SER A 330 -5.65 62.79 44.23
CA SER A 330 -5.44 64.13 43.68
C SER A 330 -4.21 64.79 44.28
N ASP A 331 -4.03 64.68 45.59
CA ASP A 331 -2.96 65.38 46.29
C ASP A 331 -1.62 65.23 45.57
N TYR A 332 -1.15 63.99 45.45
CA TYR A 332 0.12 63.76 44.76
C TYR A 332 0.07 64.29 43.34
N ILE A 333 -1.05 64.05 42.63
CA ILE A 333 -1.21 64.60 41.29
C ILE A 333 -0.98 66.09 41.32
N LYS A 334 -1.67 66.77 42.24
CA LYS A 334 -1.50 68.21 42.39
C LYS A 334 -0.04 68.55 42.56
N THR A 335 0.65 67.81 43.43
CA THR A 335 2.08 68.03 43.64
C THR A 335 2.83 67.93 42.32
N PHE A 336 2.61 66.85 41.57
CA PHE A 336 3.34 66.68 40.33
C PHE A 336 2.97 67.75 39.32
N LEU A 337 1.78 68.33 39.43
CA LEU A 337 1.39 69.39 38.52
C LEU A 337 2.09 70.69 38.84
N LYS A 338 2.52 70.87 40.08
CA LYS A 338 3.08 72.13 40.55
C LYS A 338 4.57 72.21 40.32
N THR A 339 5.29 71.12 40.61
CA THR A 339 6.75 71.15 40.48
C THR A 339 7.20 71.09 39.03
N TYR A 340 6.59 70.21 38.23
CA TYR A 340 6.88 70.14 36.80
C TYR A 340 5.92 71.08 36.09
N LYS A 341 6.27 72.37 36.13
CA LYS A 341 5.35 73.38 35.62
C LYS A 341 5.08 73.21 34.13
N GLU A 342 6.12 72.93 33.36
CA GLU A 342 6.02 72.85 31.91
C GLU A 342 5.92 71.39 31.47
N PHE A 343 4.82 70.76 31.86
CA PHE A 343 4.57 69.36 31.56
C PHE A 343 3.08 69.16 31.34
N THR A 344 2.71 67.99 30.83
CA THR A 344 1.32 67.62 30.65
C THR A 344 1.03 66.32 31.38
N TYR A 345 -0.12 66.26 32.06
CA TYR A 345 -0.53 65.09 32.82
C TYR A 345 -1.65 64.37 32.10
N TYR A 346 -1.51 63.06 31.94
CA TYR A 346 -2.49 62.23 31.24
C TYR A 346 -2.92 61.09 32.16
N LEU A 347 -4.14 61.15 32.66
CA LEU A 347 -4.68 60.05 33.45
C LEU A 347 -5.21 59.00 32.48
N TRP A 348 -4.57 57.84 32.43
CA TRP A 348 -4.95 56.79 31.49
C TRP A 348 -6.09 55.96 32.06
N VAL A 349 -7.30 56.24 31.59
CA VAL A 349 -8.52 55.65 32.11
C VAL A 349 -9.05 54.65 31.09
N ASP A 350 -9.46 53.49 31.56
CA ASP A 350 -10.04 52.44 30.73
C ASP A 350 -11.47 52.20 31.17
N GLU A 351 -12.43 52.78 30.44
CA GLU A 351 -13.83 52.67 30.84
C GLU A 351 -14.42 51.30 30.57
N LYS A 352 -13.80 50.51 29.70
CA LYS A 352 -14.34 49.20 29.35
C LYS A 352 -13.99 48.12 30.36
N ALA A 353 -13.00 48.34 31.21
CA ALA A 353 -12.58 47.35 32.19
C ALA A 353 -12.91 47.77 33.61
N PHE A 354 -13.88 48.68 33.79
CA PHE A 354 -14.20 49.15 35.13
C PHE A 354 -14.74 48.03 36.00
N GLY A 355 -15.34 47.05 35.35
CA GLY A 355 -15.91 45.93 36.11
C GLY A 355 -15.04 44.69 36.05
N ALA A 356 -13.97 44.70 35.28
CA ALA A 356 -13.19 43.46 35.10
C ALA A 356 -12.95 42.79 36.44
N ALA A 357 -12.92 43.56 37.52
CA ALA A 357 -12.57 42.94 38.80
C ALA A 357 -13.61 41.90 39.20
N LYS A 358 -14.87 42.30 39.11
CA LYS A 358 -16.00 41.44 39.55
C LYS A 358 -16.26 40.35 38.53
N PHE A 359 -15.52 40.34 37.43
CA PHE A 359 -15.63 39.26 36.44
C PHE A 359 -14.51 38.30 36.79
N THR A 360 -13.28 38.82 36.80
CA THR A 360 -12.15 37.98 37.17
C THR A 360 -12.41 37.27 38.50
N SER A 361 -13.11 37.92 39.43
CA SER A 361 -13.43 37.25 40.69
C SER A 361 -14.32 36.04 40.46
N VAL A 362 -15.30 36.18 39.57
CA VAL A 362 -16.18 35.04 39.27
C VAL A 362 -15.42 33.93 38.57
N LEU A 363 -14.54 34.28 37.62
CA LEU A 363 -13.72 33.27 36.96
C LEU A 363 -12.83 32.55 37.98
N LYS A 364 -12.25 33.30 38.92
CA LYS A 364 -11.40 32.68 39.93
C LYS A 364 -12.20 31.77 40.84
N GLN A 365 -13.42 32.18 41.21
CA GLN A 365 -14.26 31.30 42.02
C GLN A 365 -14.56 30.00 41.30
N ILE A 366 -14.88 30.08 40.01
CA ILE A 366 -15.15 28.87 39.24
C ILE A 366 -13.92 27.98 39.17
N ALA A 367 -12.75 28.58 38.88
CA ALA A 367 -11.53 27.79 38.77
C ALA A 367 -11.18 27.11 40.09
N PHE A 368 -11.30 27.83 41.21
CA PHE A 368 -11.01 27.22 42.49
C PHE A 368 -11.99 26.11 42.82
N ASP A 369 -13.27 26.30 42.51
CA ASP A 369 -14.26 25.25 42.76
C ASP A 369 -13.96 24.01 41.94
N LEU A 370 -13.56 24.19 40.68
CA LEU A 370 -13.23 23.05 39.84
C LEU A 370 -11.99 22.32 40.36
N ALA A 371 -10.98 23.09 40.78
CA ALA A 371 -9.80 22.46 41.37
C ALA A 371 -10.15 21.69 42.63
N CYS A 372 -11.00 22.26 43.48
CA CYS A 372 -11.42 21.57 44.69
C CYS A 372 -12.13 20.26 44.36
N ARG A 373 -13.05 20.30 43.40
CA ARG A 373 -13.82 19.12 43.04
C ARG A 373 -12.92 18.02 42.48
N THR A 374 -12.01 18.40 41.58
CA THR A 374 -11.12 17.38 41.01
C THR A 374 -10.10 16.87 42.01
N ILE A 375 -9.72 17.69 43.00
CA ILE A 375 -8.82 17.23 44.04
C ILE A 375 -9.54 16.22 44.94
N GLN A 376 -10.78 16.53 45.33
CA GLN A 376 -11.52 15.60 46.16
C GLN A 376 -11.78 14.29 45.43
N GLN A 377 -12.12 14.36 44.15
CA GLN A 377 -12.39 13.13 43.41
C GLN A 377 -11.11 12.35 43.13
N ASN A 378 -9.97 13.04 43.03
CA ASN A 378 -8.72 12.38 42.68
C ASN A 378 -8.21 11.48 43.81
N THR A 379 -8.59 11.77 45.05
CA THR A 379 -8.12 11.02 46.22
C THR A 379 -9.30 10.52 47.03
N PRO A 380 -9.95 9.43 46.58
CA PRO A 380 -11.03 8.84 47.39
C PRO A 380 -10.54 8.25 48.70
N GLN A 381 -9.23 8.03 48.86
CA GLN A 381 -8.73 7.32 50.04
C GLN A 381 -8.98 8.10 51.32
N LYS A 382 -9.08 9.43 51.25
CA LYS A 382 -9.32 10.23 52.43
C LYS A 382 -10.00 11.52 52.03
N ASN A 383 -10.73 12.09 52.99
CA ASN A 383 -11.35 13.39 52.81
C ASN A 383 -10.43 14.50 53.29
N ILE A 384 -10.72 15.71 52.83
CA ILE A 384 -9.92 16.89 53.19
C ILE A 384 -10.82 17.83 53.97
N ASP A 385 -10.42 18.14 55.20
CA ASP A 385 -11.24 18.98 56.06
C ASP A 385 -11.37 20.39 55.51
N PHE A 386 -10.31 20.89 54.85
CA PHE A 386 -10.35 22.25 54.33
C PHE A 386 -11.41 22.42 53.26
N ILE A 387 -11.57 21.42 52.37
CA ILE A 387 -12.60 21.51 51.34
C ILE A 387 -13.98 21.49 51.97
N ASN A 388 -14.16 20.67 53.02
CA ASN A 388 -15.45 20.67 53.72
C ASN A 388 -15.72 22.04 54.32
N LEU A 389 -14.71 22.67 54.93
CA LEU A 389 -14.89 23.99 55.50
C LEU A 389 -15.23 25.03 54.43
N TYR A 390 -14.55 24.94 53.29
CA TYR A 390 -14.80 25.88 52.19
C TYR A 390 -16.24 25.74 51.70
N ASN A 391 -16.68 24.51 51.46
CA ASN A 391 -18.03 24.28 50.99
C ASN A 391 -19.06 24.74 52.03
N GLU A 392 -18.79 24.48 53.31
CA GLU A 392 -19.77 24.84 54.32
C GLU A 392 -19.88 26.36 54.49
N ILE A 393 -18.76 27.08 54.38
CA ILE A 393 -18.89 28.53 54.49
C ILE A 393 -19.54 29.11 53.23
N ARG A 394 -19.31 28.51 52.06
CA ARG A 394 -20.01 28.98 50.87
C ARG A 394 -21.51 28.76 50.99
N LYS A 395 -21.92 27.59 51.48
CA LYS A 395 -23.35 27.35 51.69
C LYS A 395 -23.92 28.29 52.75
N LYS A 396 -23.14 28.59 53.80
CA LYS A 396 -23.59 29.53 54.81
C LYS A 396 -23.79 30.92 54.21
N TYR A 397 -22.89 31.33 53.31
CA TYR A 397 -23.10 32.56 52.55
C TYR A 397 -24.40 32.48 51.76
N ASN A 398 -24.63 31.34 51.09
CA ASN A 398 -25.77 31.21 50.19
C ASN A 398 -27.09 31.50 50.89
N ASN A 399 -27.09 31.57 52.22
CA ASN A 399 -28.27 32.00 52.97
C ASN A 399 -28.30 33.50 53.18
N ASN A 400 -27.15 34.12 53.47
CA ASN A 400 -27.07 35.56 53.76
C ASN A 400 -26.13 36.22 52.77
N PRO A 401 -26.66 36.87 51.72
CA PRO A 401 -25.77 37.58 50.79
C PRO A 401 -25.26 38.91 51.32
N SER A 402 -25.88 39.46 52.37
CA SER A 402 -25.48 40.79 52.84
C SER A 402 -24.10 40.75 53.51
N GLY A 403 -23.78 39.66 54.19
CA GLY A 403 -22.53 39.58 54.92
C GLY A 403 -21.34 39.21 54.06
N GLN A 404 -20.86 40.16 53.25
CA GLN A 404 -19.64 39.93 52.50
C GLN A 404 -18.41 39.99 53.39
N GLN A 405 -18.33 40.99 54.26
CA GLN A 405 -17.14 41.14 55.10
C GLN A 405 -16.96 39.94 56.00
N GLU A 406 -18.06 39.44 56.57
CA GLU A 406 -17.97 38.23 57.38
C GLU A 406 -17.47 37.06 56.56
N TYR A 407 -17.91 36.97 55.30
CA TYR A 407 -17.46 35.86 54.45
C TYR A 407 -15.97 35.96 54.16
N LEU A 408 -15.46 37.16 53.87
CA LEU A 408 -14.03 37.30 53.64
C LEU A 408 -13.21 37.03 54.91
N ASN A 409 -13.72 37.44 56.07
CA ASN A 409 -13.04 37.10 57.31
C ASN A 409 -12.99 35.59 57.52
N LYS A 410 -14.12 34.91 57.26
CA LYS A 410 -14.16 33.46 57.38
C LYS A 410 -13.21 32.81 56.38
N LEU A 411 -13.10 33.39 55.19
CA LEU A 411 -12.14 32.89 54.21
C LEU A 411 -10.70 33.05 54.70
N ARG A 412 -10.42 34.15 55.40
CA ARG A 412 -9.10 34.31 56.01
C ARG A 412 -8.81 33.22 57.04
N GLU A 413 -9.73 33.01 57.98
CA GLU A 413 -9.51 31.97 58.97
C GLU A 413 -9.38 30.60 58.32
N LEU A 414 -10.15 30.37 57.26
CA LEU A 414 -10.06 29.08 56.58
C LEU A 414 -8.75 28.94 55.82
N TYR A 415 -8.15 30.05 55.36
CA TYR A 415 -6.81 29.93 54.80
C TYR A 415 -5.81 29.58 55.88
N ALA A 416 -5.97 30.16 57.08
CA ALA A 416 -5.13 29.75 58.19
C ALA A 416 -5.23 28.25 58.44
N THR A 417 -6.45 27.71 58.36
CA THR A 417 -6.63 26.27 58.48
C THR A 417 -5.99 25.52 57.32
N TYR A 418 -6.16 26.02 56.09
CA TYR A 418 -5.64 25.37 54.89
C TYR A 418 -4.13 25.35 54.85
N GLN A 419 -3.47 26.22 55.60
CA GLN A 419 -2.02 26.21 55.63
C GLN A 419 -1.45 24.88 56.11
N LYS A 420 -2.23 24.09 56.83
CA LYS A 420 -1.76 22.88 57.49
C LYS A 420 -1.98 21.61 56.68
N ILE A 421 -2.39 21.72 55.42
CA ILE A 421 -2.61 20.55 54.59
C ILE A 421 -1.27 20.05 54.04
N SER A 422 -1.27 18.82 53.51
CA SER A 422 -0.03 18.17 53.12
C SER A 422 0.59 18.84 51.90
N THR A 423 1.92 18.70 51.77
CA THR A 423 2.63 19.31 50.65
C THR A 423 2.19 18.79 49.29
N PRO A 424 2.02 17.48 49.07
CA PRO A 424 1.50 17.05 47.76
C PRO A 424 0.12 17.62 47.45
N LEU A 425 -0.76 17.66 48.46
CA LEU A 425 -2.09 18.21 48.25
C LEU A 425 -2.02 19.69 47.90
N LYS A 426 -1.16 20.44 48.59
CA LYS A 426 -0.98 21.84 48.26
C LYS A 426 -0.44 22.01 46.85
N HIS A 427 0.52 21.18 46.47
CA HIS A 427 1.14 21.31 45.15
C HIS A 427 0.10 21.07 44.07
N MET A 428 -0.73 20.04 44.24
CA MET A 428 -1.78 19.74 43.27
C MET A 428 -2.86 20.80 43.27
N PHE A 429 -3.19 21.38 44.44
CA PHE A 429 -4.12 22.49 44.50
C PHE A 429 -3.63 23.66 43.67
N ASN A 430 -2.37 24.05 43.85
CA ASN A 430 -1.82 25.18 43.12
C ASN A 430 -1.85 24.92 41.62
N SER A 431 -1.37 23.74 41.20
CA SER A 431 -1.32 23.43 39.78
C SER A 431 -2.72 23.41 39.16
N PHE A 432 -3.68 22.79 39.84
CA PHE A 432 -5.03 22.69 39.31
C PHE A 432 -5.71 24.05 39.24
N PHE A 433 -5.51 24.90 40.25
CA PHE A 433 -6.07 26.24 40.21
C PHE A 433 -5.54 27.03 39.02
N LEU A 434 -4.22 27.06 38.85
CA LEU A 434 -3.66 27.82 37.73
C LEU A 434 -4.12 27.26 36.39
N GLU A 435 -4.13 25.94 36.24
CA GLU A 435 -4.56 25.34 34.98
C GLU A 435 -6.02 25.66 34.67
N ASN A 436 -6.91 25.48 35.66
CA ASN A 436 -8.32 25.77 35.43
C ASN A 436 -8.53 27.22 35.04
N MET A 437 -7.78 28.12 35.66
CA MET A 437 -7.97 29.53 35.39
C MET A 437 -7.48 29.91 34.00
N ILE A 438 -6.35 29.34 33.57
CA ILE A 438 -5.91 29.57 32.19
C ILE A 438 -6.92 28.98 31.21
N LYS A 439 -7.50 27.82 31.53
CA LYS A 439 -8.49 27.23 30.65
C LYS A 439 -9.73 28.09 30.53
N LEU A 440 -10.17 28.69 31.63
CA LEU A 440 -11.33 29.59 31.59
C LEU A 440 -11.04 30.83 30.77
N GLN A 441 -9.84 31.39 30.90
CA GLN A 441 -9.47 32.52 30.05
C GLN A 441 -9.49 32.13 28.58
N ASP A 442 -9.01 30.93 28.26
CA ASP A 442 -9.03 30.46 26.88
C ASP A 442 -10.46 30.27 26.38
N ASN A 443 -11.35 29.80 27.25
CA ASN A 443 -12.75 29.68 26.90
C ASN A 443 -13.35 31.05 26.57
N PHE A 444 -13.02 32.06 27.38
CA PHE A 444 -13.52 33.41 27.07
C PHE A 444 -12.99 33.89 25.73
N PHE A 445 -11.73 33.62 25.44
CA PHE A 445 -11.18 34.05 24.16
C PHE A 445 -11.86 33.31 23.00
N ASN A 446 -12.25 32.06 23.22
CA ASN A 446 -13.00 31.33 22.20
C ASN A 446 -14.38 31.94 21.99
N TYR A 447 -15.03 32.39 23.06
CA TYR A 447 -16.28 33.13 22.93
C TYR A 447 -16.07 34.40 22.11
N CYS A 448 -14.98 35.10 22.36
CA CYS A 448 -14.66 36.28 21.55
C CYS A 448 -14.45 35.92 20.09
N ILE A 449 -13.87 34.75 19.83
CA ILE A 449 -13.66 34.30 18.46
C ILE A 449 -14.98 34.02 17.77
N VAL A 450 -15.89 33.31 18.45
CA VAL A 450 -17.16 32.96 17.82
C VAL A 450 -18.03 34.19 17.62
N LYS A 451 -18.01 35.13 18.57
CA LYS A 451 -18.86 36.30 18.44
C LYS A 451 -18.30 37.32 17.46
N GLY A 452 -17.08 37.13 17.00
CA GLY A 452 -16.49 38.05 16.03
C GLY A 452 -16.34 39.45 16.55
N VAL A 453 -15.93 39.60 17.81
CA VAL A 453 -15.80 40.91 18.44
C VAL A 453 -14.42 41.46 18.14
N THR A 454 -14.35 42.79 18.04
CA THR A 454 -13.08 43.48 17.83
C THR A 454 -12.54 44.11 19.09
N GLU A 455 -13.40 44.47 20.03
CA GLU A 455 -12.99 45.01 21.32
C GLU A 455 -13.71 44.26 22.43
N ILE A 456 -12.96 43.90 23.46
CA ILE A 456 -13.51 43.24 24.63
C ILE A 456 -13.89 44.32 25.64
N ASN A 457 -15.17 44.50 25.86
CA ASN A 457 -15.65 45.50 26.81
C ASN A 457 -16.50 44.80 27.84
N ASP A 458 -17.04 45.58 28.76
CA ASP A 458 -17.77 44.96 29.89
C ASP A 458 -18.98 44.21 29.37
N GLU A 459 -19.68 44.79 28.42
CA GLU A 459 -20.91 44.16 27.96
C GLU A 459 -20.63 42.75 27.44
N LEU A 460 -19.55 42.59 26.68
CA LEU A 460 -19.14 41.26 26.23
C LEU A 460 -18.83 40.36 27.42
N ARG A 461 -18.25 40.96 28.45
CA ARG A 461 -17.87 40.18 29.64
C ARG A 461 -19.15 39.82 30.40
N ILE A 462 -20.19 40.63 30.38
CA ILE A 462 -21.39 40.24 31.19
C ILE A 462 -22.21 39.26 30.36
N ASN A 463 -22.07 39.24 29.03
CA ASN A 463 -22.71 38.22 28.21
C ASN A 463 -22.02 36.86 28.37
N TYR A 464 -20.69 36.86 28.37
CA TYR A 464 -19.96 35.60 28.57
C TYR A 464 -20.28 35.00 29.93
N LEU A 465 -20.37 35.85 30.95
CA LEU A 465 -20.75 35.35 32.26
C LEU A 465 -22.12 34.69 32.24
N LYS A 466 -23.07 35.31 31.54
CA LYS A 466 -24.39 34.70 31.40
C LYS A 466 -24.30 33.38 30.64
N ASN A 467 -23.34 33.29 29.72
CA ASN A 467 -23.14 32.05 28.98
C ASN A 467 -22.67 30.92 29.90
N VAL A 468 -21.62 31.17 30.68
CA VAL A 468 -21.03 30.10 31.47
C VAL A 468 -21.79 29.84 32.77
N ILE A 469 -22.38 30.88 33.36
CA ILE A 469 -23.05 30.76 34.64
C ILE A 469 -24.39 31.49 34.56
N LYS A 470 -25.25 31.23 35.53
CA LYS A 470 -26.55 31.88 35.62
C LYS A 470 -26.42 33.14 36.48
N LEU A 471 -26.73 34.29 35.90
CA LEU A 471 -26.65 35.58 36.59
C LEU A 471 -28.04 36.02 37.03
N SER A 472 -28.14 36.49 38.27
CA SER A 472 -29.38 37.07 38.76
C SER A 472 -29.46 38.54 38.36
N ASP A 473 -30.63 39.12 38.58
CA ASP A 473 -30.81 40.54 38.30
C ASP A 473 -29.97 41.39 39.24
N ASP A 474 -29.85 40.98 40.51
CA ASP A 474 -29.05 41.73 41.46
C ASP A 474 -27.57 41.65 41.12
N ASP A 475 -27.15 40.58 40.45
CA ASP A 475 -25.71 40.46 40.08
C ASP A 475 -25.45 41.32 38.86
N ILE A 476 -26.38 41.37 37.92
CA ILE A 476 -26.17 42.30 36.78
C ILE A 476 -26.27 43.70 37.34
N GLY A 477 -27.09 43.88 38.37
CA GLY A 477 -27.18 45.21 39.02
C GLY A 477 -25.83 45.64 39.56
N ASN A 478 -25.18 44.78 40.33
CA ASN A 478 -23.88 45.13 40.96
C ASN A 478 -22.86 45.43 39.86
N TYR A 479 -22.73 44.58 38.86
CA TYR A 479 -21.65 44.82 37.86
C TYR A 479 -21.82 46.25 37.38
N GLN A 480 -23.06 46.66 37.14
CA GLN A 480 -23.26 48.01 36.57
C GLN A 480 -22.89 49.07 37.61
N LYS A 481 -23.34 48.95 38.85
CA LYS A 481 -23.06 50.04 39.82
C LYS A 481 -21.57 50.34 39.78
N THR A 482 -20.73 49.31 39.85
CA THR A 482 -19.28 49.54 39.72
C THR A 482 -19.04 50.34 38.46
N ILE A 483 -19.57 49.91 37.33
CA ILE A 483 -19.24 50.70 36.12
C ILE A 483 -19.85 52.08 36.27
N ASN A 484 -20.77 52.33 37.21
CA ASN A 484 -21.23 53.71 37.38
C ASN A 484 -20.40 54.45 38.42
N ASP A 485 -20.11 53.80 39.54
CA ASP A 485 -19.31 54.43 40.59
C ASP A 485 -17.92 54.78 40.07
N ASN A 486 -17.30 53.87 39.32
CA ASN A 486 -15.99 54.17 38.77
C ASN A 486 -16.04 55.37 37.84
N LYS A 487 -17.09 55.43 37.00
CA LYS A 487 -17.24 56.54 36.07
C LYS A 487 -17.37 57.87 36.80
N ASP A 488 -18.28 57.96 37.78
CA ASP A 488 -18.44 59.22 38.50
C ASP A 488 -17.17 59.57 39.27
N ARG A 489 -16.47 58.57 39.80
CA ARG A 489 -15.28 58.85 40.58
C ARG A 489 -14.20 59.51 39.72
N VAL A 490 -13.89 58.90 38.56
CA VAL A 490 -12.87 59.50 37.71
C VAL A 490 -13.34 60.83 37.14
N LYS A 491 -14.64 60.95 36.85
CA LYS A 491 -15.15 62.19 36.28
C LYS A 491 -15.07 63.33 37.29
N LYS A 492 -15.47 63.06 38.54
CA LYS A 492 -15.41 64.08 39.59
C LYS A 492 -13.97 64.44 39.93
N LEU A 493 -13.08 63.45 39.96
CA LEU A 493 -11.68 63.74 40.23
C LEU A 493 -11.10 64.64 39.14
N ILE A 494 -11.37 64.31 37.88
CA ILE A 494 -10.84 65.11 36.79
C ILE A 494 -11.49 66.48 36.75
N LEU A 495 -12.76 66.59 37.18
CA LEU A 495 -13.39 67.91 37.20
C LEU A 495 -12.83 68.77 38.32
N ASP A 496 -12.60 68.18 39.50
CA ASP A 496 -12.01 68.94 40.60
C ASP A 496 -10.60 69.39 40.26
N LEU A 497 -9.83 68.53 39.58
CA LEU A 497 -8.50 68.95 39.12
C LEU A 497 -8.59 70.00 38.02
N GLN A 498 -9.52 69.85 37.08
CA GLN A 498 -9.61 70.76 35.95
C GLN A 498 -10.03 72.14 36.38
N LYS A 499 -10.88 72.24 37.40
CA LYS A 499 -11.31 73.56 37.85
C LYS A 499 -10.13 74.38 38.37
N GLN A 500 -9.08 73.71 38.84
CA GLN A 500 -7.94 74.37 39.46
C GLN A 500 -6.75 74.52 38.53
N PHE A 501 -6.50 73.53 37.67
CA PHE A 501 -5.32 73.56 36.81
C PHE A 501 -5.66 73.71 35.33
N GLY A 502 -6.89 73.49 34.93
CA GLY A 502 -7.29 73.63 33.55
C GLY A 502 -7.45 72.29 32.85
N GLU A 503 -8.12 72.36 31.70
CA GLU A 503 -8.33 71.19 30.85
C GLU A 503 -7.08 70.83 30.07
N ASN A 504 -6.25 71.82 29.74
CA ASN A 504 -5.05 71.57 28.96
C ASN A 504 -3.96 70.91 29.80
N ARG A 505 -3.81 71.33 31.05
CA ARG A 505 -2.72 70.81 31.88
C ARG A 505 -2.93 69.33 32.18
N ILE A 506 -4.15 68.93 32.49
CA ILE A 506 -4.46 67.55 32.83
C ILE A 506 -5.58 67.06 31.92
N SER A 507 -5.38 65.91 31.29
CA SER A 507 -6.39 65.33 30.42
C SER A 507 -6.42 63.83 30.60
N ILE A 508 -7.57 63.25 30.30
CA ILE A 508 -7.79 61.82 30.43
C ILE A 508 -7.54 61.17 29.08
N LYS A 509 -6.67 60.17 29.07
CA LYS A 509 -6.36 59.43 27.85
C LYS A 509 -6.98 58.05 27.95
N ASP A 510 -7.69 57.64 26.90
CA ASP A 510 -8.31 56.33 26.90
C ASP A 510 -7.27 55.28 26.59
N VAL A 511 -7.16 54.29 27.47
CA VAL A 511 -6.19 53.22 27.27
C VAL A 511 -6.50 52.46 26.00
N ASN A 512 -7.78 52.33 25.65
CA ASN A 512 -8.17 51.57 24.47
C ASN A 512 -7.67 52.20 23.17
N SER A 513 -7.26 53.46 23.20
CA SER A 513 -6.65 54.08 22.03
C SER A 513 -5.15 53.83 22.00
N LEU A 514 -4.77 52.58 22.21
CA LEU A 514 -3.38 52.15 22.14
C LEU A 514 -3.27 51.07 21.07
N THR A 515 -2.32 51.24 20.15
CA THR A 515 -2.14 50.23 19.11
C THR A 515 -1.70 48.91 19.69
N SER A 516 -0.93 48.94 20.78
CA SER A 516 -0.39 47.72 21.36
C SER A 516 -1.50 46.85 21.95
N LEU A 517 -2.59 47.46 22.40
CA LEU A 517 -3.71 46.67 22.91
C LEU A 517 -4.30 45.79 21.81
N SER A 518 -4.36 46.31 20.59
CA SER A 518 -4.93 45.60 19.45
C SER A 518 -3.89 44.83 18.65
N LYS A 519 -2.63 44.87 19.06
CA LYS A 519 -1.59 44.18 18.31
C LYS A 519 -1.75 42.67 18.46
N SER A 520 -1.56 41.95 17.35
CA SER A 520 -1.67 40.50 17.38
C SER A 520 -0.46 39.87 18.05
N GLU A 521 0.71 40.51 17.96
CA GLU A 521 1.91 40.02 18.62
C GLU A 521 1.77 40.01 20.13
N ASN A 522 0.86 40.83 20.67
CA ASN A 522 0.69 40.96 22.11
C ASN A 522 -0.17 39.86 22.70
N ASN A 523 -0.83 39.05 21.87
CA ASN A 523 -1.61 37.90 22.32
C ASN A 523 -2.67 38.28 23.35
N HIS A 524 -3.07 39.55 23.38
CA HIS A 524 -4.05 40.04 24.33
C HIS A 524 -3.67 39.71 25.77
N ASN A 525 -2.38 39.91 26.07
CA ASN A 525 -1.86 39.59 27.40
C ASN A 525 -2.45 40.47 28.48
N TYR A 526 -3.02 41.62 28.13
CA TYR A 526 -3.57 42.51 29.15
C TYR A 526 -4.85 41.94 29.75
N GLN A 527 -5.68 41.31 28.92
CA GLN A 527 -6.89 40.67 29.43
C GLN A 527 -6.56 39.51 30.36
N THR A 528 -5.56 38.71 30.01
CA THR A 528 -5.14 37.62 30.89
C THR A 528 -4.52 38.17 32.17
N GLU A 529 -3.70 39.21 32.04
CA GLU A 529 -3.15 39.91 33.20
C GLU A 529 -4.25 40.34 34.16
N MET A 530 -5.38 40.78 33.63
CA MET A 530 -6.50 41.14 34.49
C MET A 530 -6.92 39.98 35.37
N LEU A 531 -6.64 38.75 34.95
CA LEU A 531 -6.94 37.54 35.71
C LEU A 531 -5.72 36.97 36.42
N LEU A 532 -4.57 36.92 35.76
CA LEU A 532 -3.37 36.28 36.27
C LEU A 532 -2.53 37.29 37.06
N ARG A 533 -3.16 37.87 38.09
CA ARG A 533 -2.52 38.92 38.87
C ARG A 533 -2.81 38.70 40.36
N TRP A 534 -1.88 39.17 41.19
CA TRP A 534 -1.99 39.02 42.65
C TRP A 534 -1.71 40.32 43.39
N ASN A 535 -1.61 41.44 42.67
CA ASN A 535 -1.33 42.75 43.25
C ASN A 535 -2.32 43.77 42.70
N TYR A 536 -3.62 43.42 42.76
CA TYR A 536 -4.65 44.24 42.13
C TYR A 536 -4.60 45.70 42.55
N PRO A 537 -4.42 46.07 43.82
CA PRO A 537 -4.29 47.50 44.14
C PRO A 537 -3.24 48.22 43.31
N ALA A 538 -2.22 47.52 42.82
CA ALA A 538 -1.24 48.15 41.96
C ALA A 538 -1.78 48.29 40.54
N ALA A 539 -1.11 49.13 39.76
CA ALA A 539 -1.49 49.35 38.38
C ALA A 539 -0.99 48.19 37.52
N SER A 540 -1.22 48.29 36.21
CA SER A 540 -0.82 47.25 35.28
C SER A 540 0.64 47.41 34.88
N ASP A 541 1.28 46.28 34.56
CA ASP A 541 2.69 46.27 34.22
C ASP A 541 2.94 46.28 32.72
N LEU A 542 1.99 45.78 31.92
CA LEU A 542 2.09 45.93 30.47
C LEU A 542 1.54 47.26 30.00
N LEU A 543 0.56 47.82 30.72
CA LEU A 543 -0.04 49.08 30.30
C LEU A 543 1.00 50.19 30.29
N ARG A 544 1.86 50.25 31.31
CA ARG A 544 2.86 51.30 31.35
C ARG A 544 3.88 51.12 30.23
N MET A 545 4.20 49.87 29.89
CA MET A 545 5.11 49.62 28.78
C MET A 545 4.51 50.16 27.49
N TYR A 546 3.24 49.85 27.24
CA TYR A 546 2.57 50.36 26.06
C TYR A 546 2.56 51.88 26.03
N ILE A 547 2.26 52.50 27.17
CA ILE A 547 2.10 53.94 27.23
C ILE A 547 3.44 54.63 26.97
N LEU A 548 4.51 54.16 27.61
CA LEU A 548 5.82 54.77 27.38
C LEU A 548 6.31 54.51 25.97
N LYS A 549 5.95 53.36 25.39
CA LYS A 549 6.36 53.06 24.03
C LYS A 549 5.68 53.98 23.03
N GLU A 550 4.36 54.17 23.19
CA GLU A 550 3.57 54.89 22.21
C GLU A 550 3.50 56.39 22.48
N HIS A 551 3.95 56.86 23.63
CA HIS A 551 3.92 58.30 23.90
C HIS A 551 5.17 58.84 24.56
N GLY A 552 6.04 58.02 25.13
CA GLY A 552 7.21 58.54 25.78
C GLY A 552 6.86 59.33 27.03
N GLY A 553 7.86 60.06 27.50
CA GLY A 553 7.69 60.95 28.64
C GLY A 553 8.12 60.28 29.93
N ILE A 554 7.30 60.44 30.97
CA ILE A 554 7.57 59.90 32.29
C ILE A 554 6.33 59.18 32.77
N TYR A 555 6.47 57.91 33.11
CA TYR A 555 5.40 57.19 33.78
C TYR A 555 5.65 57.31 35.27
N THR A 556 4.59 57.58 36.03
CA THR A 556 4.71 57.62 37.48
C THR A 556 3.51 56.93 38.10
N ASP A 557 3.73 56.42 39.30
CA ASP A 557 2.64 55.87 40.09
C ASP A 557 1.92 57.00 40.81
N THR A 558 0.73 56.69 41.32
CA THR A 558 -0.07 57.73 41.97
C THR A 558 0.51 58.15 43.31
N ASP A 559 1.20 57.25 43.99
CA ASP A 559 1.57 57.39 45.40
C ASP A 559 2.99 57.88 45.62
N MET A 560 3.47 58.85 44.84
CA MET A 560 4.81 59.39 45.02
C MET A 560 4.79 60.91 45.04
N MET A 561 5.69 61.50 45.85
CA MET A 561 6.03 62.90 45.67
C MET A 561 7.34 63.00 44.91
N PRO A 562 7.64 64.14 44.32
CA PRO A 562 9.00 64.37 43.82
C PRO A 562 10.00 64.38 44.97
N ALA A 563 11.26 64.23 44.63
CA ALA A 563 12.30 64.26 45.66
C ALA A 563 12.30 65.61 46.36
N TYR A 564 12.90 65.62 47.56
CA TYR A 564 12.95 66.83 48.36
C TYR A 564 13.97 67.81 47.78
N SER A 565 13.97 69.00 48.35
CA SER A 565 14.96 70.00 47.98
C SER A 565 16.22 69.85 48.82
N LYS A 566 17.33 70.33 48.27
CA LYS A 566 18.56 70.38 49.04
C LYS A 566 18.35 71.21 50.30
N GLN A 567 17.70 72.36 50.18
CA GLN A 567 17.45 73.22 51.33
C GLN A 567 16.52 72.48 52.30
N VAL A 568 15.54 71.76 51.75
CA VAL A 568 14.61 71.01 52.59
C VAL A 568 15.35 69.97 53.43
N ILE A 569 16.24 69.20 52.80
CA ILE A 569 16.99 68.20 53.54
C ILE A 569 18.00 68.86 54.49
N PHE A 570 18.52 70.04 54.12
CA PHE A 570 19.43 70.75 55.00
C PHE A 570 18.73 71.14 56.29
N LYS A 571 17.51 71.68 56.18
CA LYS A 571 16.75 71.99 57.40
C LYS A 571 16.17 70.75 58.05
N ILE A 572 16.05 69.65 57.32
CA ILE A 572 15.73 68.38 57.94
C ILE A 572 16.85 67.97 58.89
N MET A 573 18.09 68.13 58.44
CA MET A 573 19.25 67.71 59.22
C MET A 573 19.56 68.70 60.34
N MET A 574 19.38 69.99 60.10
CA MET A 574 19.85 70.98 61.07
C MET A 574 18.97 71.05 62.30
N GLN A 575 17.75 70.50 62.24
CA GLN A 575 16.92 70.29 63.42
C GLN A 575 17.19 68.95 64.10
N THR A 576 18.21 68.22 63.65
CA THR A 576 18.56 66.94 64.24
C THR A 576 19.92 66.93 64.90
N ASN A 577 20.56 68.10 65.03
CA ASN A 577 21.87 68.27 65.67
C ASN A 577 22.85 67.17 65.31
N GLY A 578 22.86 66.75 64.04
CA GLY A 578 23.72 65.69 63.59
C GLY A 578 23.09 64.31 63.56
N ASP A 579 21.81 64.19 63.94
CA ASP A 579 21.13 62.90 63.92
C ASP A 579 20.74 62.55 62.49
N ASN A 580 21.36 61.53 61.93
CA ASN A 580 21.07 61.06 60.60
C ASN A 580 19.98 60.01 60.56
N ARG A 581 19.43 59.63 61.71
CA ARG A 581 18.47 58.53 61.75
C ARG A 581 17.16 58.90 61.06
N PHE A 582 16.84 60.18 60.99
CA PHE A 582 15.54 60.63 60.52
C PHE A 582 15.33 60.40 59.02
N LEU A 583 16.37 60.08 58.27
CA LEU A 583 16.28 60.08 56.81
C LEU A 583 16.46 58.71 56.21
N GLU A 584 16.52 57.65 57.02
CA GLU A 584 16.66 56.32 56.46
C GLU A 584 15.60 55.37 57.00
N ASP A 585 15.12 55.62 58.21
CA ASP A 585 14.05 54.79 58.75
C ASP A 585 12.71 55.16 58.13
N LEU A 586 11.83 54.18 58.00
CA LEU A 586 10.60 54.37 57.27
C LEU A 586 9.55 55.15 58.07
N LYS A 587 9.53 54.99 59.39
CA LYS A 587 8.48 55.63 60.19
C LYS A 587 8.63 57.15 60.15
N LEU A 588 9.83 57.65 60.46
CA LEU A 588 10.06 59.09 60.50
C LEU A 588 10.03 59.70 59.11
N ARG A 589 10.58 58.99 58.12
CA ARG A 589 10.50 59.47 56.74
C ARG A 589 9.06 59.60 56.28
N ARG A 590 8.24 58.60 56.56
CA ARG A 590 6.85 58.64 56.17
C ARG A 590 6.11 59.76 56.88
N ALA A 591 6.39 59.97 58.17
CA ALA A 591 5.73 61.05 58.89
C ALA A 591 6.10 62.42 58.31
N ILE A 592 7.39 62.60 57.99
CA ILE A 592 7.82 63.88 57.44
C ILE A 592 7.21 64.11 56.06
N SER A 593 7.13 63.05 55.25
CA SER A 593 6.50 63.18 53.94
C SER A 593 5.01 63.51 54.06
N ASP A 594 4.33 62.87 55.02
CA ASP A 594 2.93 63.21 55.27
C ASP A 594 2.80 64.67 55.65
N GLY A 595 3.72 65.17 56.47
CA GLY A 595 3.68 66.56 56.86
C GLY A 595 3.87 67.52 55.70
N VAL A 596 4.84 67.23 54.83
CA VAL A 596 5.09 68.15 53.73
C VAL A 596 3.94 68.11 52.73
N LEU A 597 3.37 66.92 52.47
CA LEU A 597 2.19 66.86 51.63
C LEU A 597 1.04 67.65 52.22
N ARG A 598 0.78 67.49 53.52
CA ARG A 598 -0.32 68.23 54.12
C ARG A 598 -0.11 69.73 54.02
N TYR A 599 1.16 70.17 54.14
CA TYR A 599 1.44 71.59 53.99
C TYR A 599 1.27 72.06 52.55
N VAL A 600 1.73 71.26 51.59
CA VAL A 600 1.73 71.68 50.19
C VAL A 600 0.31 71.79 49.66
N ASN A 601 -0.58 70.90 50.09
CA ASN A 601 -1.99 70.95 49.68
C ASN A 601 -2.80 71.96 50.47
N ASN A 602 -2.16 72.85 51.20
CA ASN A 602 -2.82 73.86 52.02
C ASN A 602 -3.78 73.20 53.01
N GLN A 603 -3.33 72.09 53.59
CA GLN A 603 -4.05 71.43 54.67
C GLN A 603 -3.35 71.71 55.99
N ASN A 604 -4.05 71.43 57.08
CA ASN A 604 -3.46 71.67 58.39
C ASN A 604 -2.30 70.73 58.62
N ILE A 605 -1.26 71.26 59.27
CA ILE A 605 -0.02 70.51 59.44
C ILE A 605 -0.11 69.59 60.65
N ASP A 606 -0.82 70.02 61.68
CA ASP A 606 -0.88 69.26 62.93
C ASP A 606 -1.59 67.92 62.78
N GLU A 607 -2.28 67.68 61.68
CA GLU A 607 -3.12 66.50 61.53
C GLU A 607 -2.37 65.28 61.01
N VAL A 608 -1.04 65.29 61.05
CA VAL A 608 -0.26 64.15 60.58
C VAL A 608 -0.48 62.96 61.49
N ASN A 609 -0.55 61.77 60.92
CA ASN A 609 -0.70 60.54 61.69
C ASN A 609 0.58 60.30 62.47
N TYR A 610 0.54 60.54 63.78
CA TYR A 610 1.70 60.39 64.65
C TYR A 610 1.69 59.10 65.44
N ASN A 611 1.00 58.07 64.95
CA ASN A 611 1.00 56.79 65.62
C ASN A 611 2.40 56.17 65.55
N GLU A 612 2.58 55.11 66.34
CA GLU A 612 3.82 54.32 66.41
C GLU A 612 5.08 55.18 66.42
N ILE A 613 5.00 56.37 67.00
CA ILE A 613 6.13 57.29 67.09
C ILE A 613 6.16 57.86 68.50
N SER A 614 7.34 57.88 69.11
CA SER A 614 7.45 58.29 70.50
C SER A 614 7.14 59.78 70.65
N ASP A 615 6.90 60.19 71.90
CA ASP A 615 6.54 61.57 72.17
C ASP A 615 7.67 62.52 71.80
N ALA A 616 8.91 62.13 72.07
CA ALA A 616 10.05 62.97 71.69
C ALA A 616 10.17 63.09 70.18
N ASP A 617 10.04 61.98 69.47
CA ASP A 617 10.11 62.02 68.01
C ASP A 617 8.92 62.79 67.43
N LYS A 618 7.73 62.61 68.00
CA LYS A 618 6.57 63.36 67.56
C LYS A 618 6.77 64.86 67.77
N ASN A 619 7.28 65.25 68.94
CA ASN A 619 7.54 66.65 69.22
C ASN A 619 8.58 67.22 68.25
N ILE A 620 9.66 66.48 68.02
CA ILE A 620 10.71 66.98 67.14
C ILE A 620 10.20 67.06 65.69
N ILE A 621 9.35 66.13 65.27
CA ILE A 621 8.80 66.19 63.92
C ILE A 621 7.84 67.37 63.80
N LYS A 622 7.05 67.63 64.83
CA LYS A 622 6.17 68.80 64.82
C LYS A 622 6.99 70.07 64.64
N LYS A 623 8.08 70.21 65.41
CA LYS A 623 8.92 71.40 65.26
C LYS A 623 9.59 71.47 63.89
N ILE A 624 10.10 70.36 63.37
CA ILE A 624 10.83 70.44 62.11
C ILE A 624 9.88 70.74 60.97
N LEU A 625 8.67 70.19 61.01
CA LEU A 625 7.65 70.59 60.04
C LEU A 625 7.31 72.06 60.18
N THR A 626 7.25 72.56 61.42
CA THR A 626 6.97 73.98 61.61
C THR A 626 8.07 74.82 60.99
N GLU A 627 9.31 74.35 61.06
CA GLU A 627 10.39 75.06 60.39
C GLU A 627 10.25 74.98 58.88
N ILE A 628 9.96 73.80 58.35
CA ILE A 628 9.91 73.65 56.89
C ILE A 628 8.70 74.40 56.33
N SER A 629 7.75 74.77 57.21
CA SER A 629 6.50 75.38 56.77
C SER A 629 6.61 76.85 56.39
N LYS A 630 7.75 77.53 56.65
CA LYS A 630 7.81 78.95 56.30
C LYS A 630 8.16 79.15 54.82
N MET A 631 8.86 78.20 54.20
CA MET A 631 9.42 78.42 52.88
C MET A 631 8.33 78.32 51.82
N PRO A 632 8.55 78.91 50.64
CA PRO A 632 7.54 78.84 49.59
C PRO A 632 7.33 77.42 49.10
N GLU A 633 6.12 77.16 48.62
CA GLU A 633 5.75 75.86 48.08
C GLU A 633 6.58 75.46 46.88
N ASP A 634 7.16 76.43 46.17
CA ASP A 634 7.97 76.16 44.99
C ASP A 634 9.38 75.69 45.32
N SER A 635 9.87 75.91 46.54
CA SER A 635 11.24 75.58 46.91
C SER A 635 11.32 74.31 47.73
N ILE A 636 10.30 73.46 47.68
CA ILE A 636 10.26 72.25 48.47
C ILE A 636 10.70 71.03 47.67
N PHE A 637 10.18 70.87 46.45
CA PHE A 637 10.44 69.68 45.65
C PHE A 637 11.38 70.00 44.51
N THR A 638 11.95 68.95 43.93
CA THR A 638 12.94 69.08 42.89
C THR A 638 12.58 68.21 41.68
N LYS A 639 12.98 68.68 40.51
CA LYS A 639 12.72 68.00 39.25
C LYS A 639 13.85 67.02 38.94
N ILE A 640 13.68 66.24 37.87
CA ILE A 640 14.67 65.25 37.49
C ILE A 640 15.25 65.65 36.13
N ASN A 641 16.40 65.06 35.82
CA ASN A 641 17.05 65.34 34.54
C ASN A 641 16.22 64.76 33.41
N THR A 642 15.82 65.62 32.47
CA THR A 642 14.92 65.20 31.38
C THR A 642 15.67 64.72 30.15
N ARG A 643 16.99 64.88 30.10
CA ARG A 643 17.78 64.48 28.95
C ARG A 643 18.44 63.15 29.27
N ILE A 644 18.03 62.10 28.56
CA ILE A 644 18.54 60.75 28.84
C ILE A 644 19.25 60.22 27.61
N PRO A 645 20.16 59.26 27.76
CA PRO A 645 20.78 58.65 26.58
C PRO A 645 19.74 57.98 25.71
N ARG A 646 19.99 58.02 24.40
CA ARG A 646 19.02 57.50 23.44
C ARG A 646 18.78 56.01 23.65
N ASP A 647 17.53 55.60 23.54
CA ASP A 647 17.13 54.19 23.68
C ASP A 647 17.51 53.62 25.03
N THR A 648 17.36 54.42 26.09
CA THR A 648 17.52 53.95 27.45
C THR A 648 16.30 54.36 28.26
N MET A 649 15.99 53.58 29.28
CA MET A 649 14.77 53.77 30.06
C MET A 649 15.20 53.74 31.53
N PRO A 650 15.54 54.89 32.10
CA PRO A 650 15.96 54.91 33.50
C PRO A 650 14.86 54.45 34.44
N ILE A 651 15.29 53.84 35.54
CA ILE A 651 14.41 53.17 36.50
C ILE A 651 14.71 53.73 37.88
N LEU A 652 13.68 53.84 38.71
CA LEU A 652 13.87 54.35 40.06
C LEU A 652 14.57 53.33 40.94
N ARG A 653 15.51 53.80 41.77
CA ARG A 653 16.19 52.97 42.77
C ARG A 653 15.70 53.33 44.16
N ARG A 654 15.47 52.31 44.97
CA ARG A 654 14.81 52.44 46.26
C ARG A 654 15.72 51.91 47.35
N TYR A 655 15.90 52.71 48.40
CA TYR A 655 16.62 52.33 49.62
C TYR A 655 15.64 52.27 50.77
N HIS A 656 15.74 51.22 51.58
CA HIS A 656 14.85 51.01 52.72
C HIS A 656 15.61 50.28 53.81
N LEU A 657 15.86 50.95 54.93
CA LEU A 657 16.56 50.29 56.04
C LEU A 657 15.57 49.42 56.78
N TRP A 658 15.59 48.12 56.51
CA TRP A 658 14.80 47.14 57.24
C TRP A 658 15.48 46.80 58.57
N PRO A 659 14.73 46.27 59.54
CA PRO A 659 15.36 45.94 60.83
C PRO A 659 16.53 44.99 60.70
N ASP A 660 16.45 44.02 59.78
CA ASP A 660 17.59 43.14 59.54
C ASP A 660 18.75 43.90 58.91
N GLY A 661 18.45 44.82 57.99
CA GLY A 661 19.49 45.57 57.33
C GLY A 661 18.97 46.49 56.25
N TRP A 662 19.73 46.62 55.17
CA TRP A 662 19.36 47.44 54.04
C TRP A 662 18.58 46.66 53.00
N ASN A 663 17.76 47.37 52.23
CA ASN A 663 17.06 46.83 51.07
C ASN A 663 17.17 47.86 49.96
N ILE A 664 17.93 47.54 48.92
CA ILE A 664 18.06 48.39 47.75
C ILE A 664 17.57 47.62 46.55
N ARG A 665 16.70 48.24 45.75
CA ARG A 665 16.21 47.54 44.58
C ARG A 665 15.67 48.53 43.56
N GLY A 666 15.47 48.05 42.34
CA GLY A 666 14.81 48.85 41.33
C GLY A 666 13.30 48.72 41.39
N LEU A 667 12.61 49.78 40.98
CA LEU A 667 11.16 49.83 40.99
C LEU A 667 10.65 50.35 39.66
N ASN A 668 9.61 49.73 39.13
CA ASN A 668 8.98 50.18 37.89
C ASN A 668 7.89 51.21 38.13
N GLY A 669 7.71 51.68 39.36
CA GLY A 669 6.70 52.67 39.68
C GLY A 669 7.05 54.09 39.30
N PHE A 670 8.24 54.33 38.76
CA PHE A 670 8.59 55.63 38.21
C PHE A 670 9.62 55.41 37.12
N MET A 671 9.28 55.74 35.88
CA MET A 671 10.09 55.36 34.74
C MET A 671 10.16 56.53 33.77
N LEU A 672 11.24 56.58 33.00
CA LEU A 672 11.43 57.60 31.99
C LEU A 672 11.65 56.92 30.65
N SER A 673 11.26 57.62 29.58
CA SER A 673 11.52 57.12 28.24
C SER A 673 11.21 58.22 27.24
N HIS A 674 11.58 57.97 25.99
CA HIS A 674 11.11 58.74 24.86
C HIS A 674 10.44 57.78 23.89
N LYS A 675 9.51 58.32 23.09
CA LYS A 675 8.69 57.48 22.24
C LYS A 675 9.55 56.72 21.25
N GLY A 676 9.30 55.42 21.14
CA GLY A 676 10.01 54.59 20.18
C GLY A 676 11.33 54.03 20.64
N SER A 677 11.57 53.95 21.94
CA SER A 677 12.80 53.34 22.44
C SER A 677 12.81 51.86 22.12
N GLU A 678 13.96 51.34 21.71
CA GLU A 678 14.07 49.92 21.44
C GLU A 678 14.14 49.10 22.72
N VAL A 679 14.59 49.71 23.82
CA VAL A 679 14.63 48.99 25.08
C VAL A 679 13.22 48.66 25.56
N ILE A 680 12.26 49.53 25.29
CA ILE A 680 10.88 49.22 25.58
C ILE A 680 10.41 48.05 24.71
N ASP A 681 10.86 48.00 23.45
CA ASP A 681 10.52 46.87 22.60
C ASP A 681 11.06 45.57 23.17
N ALA A 682 12.30 45.58 23.64
CA ALA A 682 12.89 44.39 24.25
C ALA A 682 12.12 43.98 25.51
N VAL A 683 11.73 44.96 26.32
CA VAL A 683 11.01 44.63 27.55
C VAL A 683 9.63 44.06 27.24
N ILE A 684 8.96 44.60 26.21
CA ILE A 684 7.66 44.07 25.81
C ILE A 684 7.81 42.64 25.30
N ALA A 685 8.84 42.39 24.48
CA ALA A 685 9.09 41.03 24.03
C ALA A 685 9.34 40.09 25.20
N GLY A 686 10.09 40.57 26.20
CA GLY A 686 10.34 39.76 27.39
C GLY A 686 9.08 39.48 28.18
N GLN A 687 8.19 40.47 28.31
CA GLN A 687 6.94 40.24 29.02
C GLN A 687 6.05 39.24 28.29
N ASN A 688 6.01 39.34 26.96
CA ASN A 688 5.26 38.36 26.18
C ASN A 688 5.86 36.97 26.35
N GLN A 689 7.18 36.87 26.34
CA GLN A 689 7.84 35.58 26.57
C GLN A 689 7.50 35.03 27.95
N ALA A 690 7.48 35.90 28.97
CA ALA A 690 7.13 35.46 30.31
C ALA A 690 5.72 34.94 30.37
N TYR A 691 4.78 35.61 29.69
CA TYR A 691 3.41 35.13 29.68
C TYR A 691 3.30 33.80 28.94
N ARG A 692 4.13 33.61 27.91
CA ARG A 692 4.18 32.33 27.22
C ARG A 692 4.66 31.21 28.15
N GLU A 693 5.77 31.44 28.86
CA GLU A 693 6.24 30.41 29.79
C GLU A 693 5.26 30.17 30.92
N LEU A 694 4.51 31.18 31.34
CA LEU A 694 3.49 30.96 32.36
C LEU A 694 2.35 30.12 31.82
N ARG A 695 1.93 30.37 30.58
CA ARG A 695 0.92 29.56 29.93
C ARG A 695 1.41 28.15 29.61
N ARG A 696 2.72 27.91 29.70
CA ARG A 696 3.28 26.59 29.39
C ARG A 696 2.65 25.48 30.23
N ILE A 697 2.14 25.78 31.42
CA ILE A 697 1.53 24.73 32.24
C ILE A 697 0.35 24.11 31.52
N ARG A 698 -0.45 24.91 30.84
CA ARG A 698 -1.61 24.42 30.13
C ARG A 698 -1.32 24.10 28.67
N ASP A 699 -0.45 24.89 28.03
CA ASP A 699 -0.11 24.64 26.63
C ASP A 699 0.64 23.33 26.46
N ASN A 700 1.58 23.04 27.36
CA ASN A 700 2.42 21.86 27.21
C ASN A 700 1.70 20.65 27.81
N ILE A 701 1.29 19.73 26.95
CA ILE A 701 0.62 18.51 27.39
C ILE A 701 1.57 17.62 28.17
N HIS A 702 2.86 17.68 27.87
CA HIS A 702 3.88 16.92 28.59
C HIS A 702 4.59 17.78 29.63
N SER A 703 3.83 18.36 30.55
CA SER A 703 4.36 19.24 31.59
C SER A 703 4.25 18.54 32.94
N GLU A 704 5.38 18.11 33.49
CA GLU A 704 5.38 17.31 34.70
C GLU A 704 4.78 18.10 35.86
N ILE A 705 3.66 17.61 36.38
CA ILE A 705 2.99 18.28 37.49
C ILE A 705 3.87 18.25 38.74
N TYR A 706 4.36 17.06 39.09
CA TYR A 706 5.08 16.86 40.34
C TYR A 706 6.58 16.90 40.07
N PHE A 707 7.11 18.12 40.07
CA PHE A 707 8.55 18.34 39.89
C PHE A 707 8.90 19.58 40.72
N LYS A 708 9.31 19.36 41.96
CA LYS A 708 9.55 20.45 42.92
C LYS A 708 10.87 21.10 42.60
N GLN A 709 10.82 22.19 41.84
CA GLN A 709 12.02 22.96 41.54
C GLN A 709 12.45 23.74 42.77
N THR A 710 13.74 23.69 43.08
CA THR A 710 14.27 24.39 44.24
C THR A 710 14.14 25.90 44.06
N ASP A 711 13.84 26.59 45.16
CA ASP A 711 13.70 28.04 45.12
C ASP A 711 15.06 28.68 44.89
N GLU A 712 15.25 29.27 43.71
CA GLU A 712 16.52 29.90 43.37
C GLU A 712 16.34 31.25 42.69
N LEU A 713 15.13 31.83 42.71
CA LEU A 713 14.85 33.08 42.01
C LEU A 713 15.23 32.99 40.54
N SER A 714 14.88 31.87 39.91
CA SER A 714 15.19 31.66 38.51
C SER A 714 14.39 32.62 37.63
N SER A 715 14.93 32.93 36.45
CA SER A 715 14.20 33.81 35.52
C SER A 715 12.83 33.20 35.23
N LEU A 716 12.78 31.88 35.07
CA LEU A 716 11.52 31.21 34.66
C LEU A 716 10.38 31.52 35.63
N PRO A 717 9.15 31.76 35.15
CA PRO A 717 8.00 31.91 36.04
C PRO A 717 7.64 30.58 36.69
N ASP A 718 8.35 30.20 37.75
CA ASP A 718 8.13 28.89 38.36
C ASP A 718 6.66 28.75 38.72
N THR A 719 6.02 27.71 38.17
CA THR A 719 4.58 27.59 38.19
C THR A 719 4.03 27.27 39.57
N ASP A 720 4.69 26.39 40.31
CA ASP A 720 4.19 25.96 41.60
C ASP A 720 4.04 27.14 42.57
N LYS A 721 5.08 27.98 42.65
CA LYS A 721 5.04 29.10 43.59
C LYS A 721 4.03 30.15 43.15
N ILE A 722 3.89 30.37 41.85
CA ILE A 722 2.87 31.29 41.36
C ILE A 722 1.47 30.80 41.70
N GLY A 723 1.22 29.51 41.52
CA GLY A 723 -0.07 28.95 41.90
C GLY A 723 -0.32 29.06 43.39
N GLY A 724 0.72 28.86 44.20
CA GLY A 724 0.57 29.04 45.64
C GLY A 724 0.26 30.48 46.00
N ILE A 725 0.91 31.43 45.33
CA ILE A 725 0.63 32.85 45.55
C ILE A 725 -0.82 33.15 45.22
N LEU A 726 -1.30 32.65 44.08
CA LEU A 726 -2.68 32.91 43.69
C LEU A 726 -3.67 32.27 44.67
N VAL A 727 -3.38 31.07 45.15
CA VAL A 727 -4.31 30.43 46.08
C VAL A 727 -4.35 31.19 47.40
N LYS A 728 -3.19 31.64 47.88
CA LYS A 728 -3.16 32.44 49.09
C LYS A 728 -3.91 33.75 48.90
N LYS A 729 -3.72 34.40 47.75
CA LYS A 729 -4.39 35.67 47.50
C LYS A 729 -5.90 35.50 47.39
N TYR A 730 -6.33 34.41 46.74
CA TYR A 730 -7.76 34.16 46.62
C TYR A 730 -8.39 33.85 47.98
N LEU A 731 -7.69 33.09 48.82
CA LEU A 731 -8.27 32.66 50.09
C LEU A 731 -8.17 33.75 51.15
N SER A 732 -6.95 34.12 51.51
CA SER A 732 -6.77 35.12 52.56
C SER A 732 -7.13 36.51 52.07
N GLY A 733 -6.75 36.84 50.84
CA GLY A 733 -6.94 38.18 50.31
C GLY A 733 -5.69 39.03 50.28
N SER A 734 -4.59 38.56 50.85
CA SER A 734 -3.34 39.33 50.87
C SER A 734 -2.15 38.44 50.53
N THR A 751 7.28 39.83 46.11
CA THR A 751 7.64 38.44 45.90
C THR A 751 7.81 38.14 44.41
N LEU A 752 7.21 37.04 43.97
CA LEU A 752 7.28 36.67 42.56
C LEU A 752 6.53 37.67 41.70
N GLN A 753 7.03 37.88 40.48
CA GLN A 753 6.37 38.76 39.53
C GLN A 753 6.72 38.30 38.12
N ILE A 754 5.71 37.87 37.36
CA ILE A 754 5.92 37.51 35.96
C ILE A 754 6.38 38.72 35.16
N SER A 755 5.66 39.83 35.28
CA SER A 755 6.05 41.10 34.67
C SER A 755 6.20 42.11 35.79
N GLY A 756 7.43 42.57 36.00
CA GLY A 756 7.72 43.45 37.10
C GLY A 756 9.12 44.00 37.06
N PRO A 757 9.56 44.60 38.17
CA PRO A 757 10.91 45.15 38.22
C PRO A 757 11.99 44.12 37.94
N ASP A 758 11.77 42.87 38.37
CA ASP A 758 12.76 41.83 38.13
C ASP A 758 12.89 41.54 36.64
N LEU A 759 11.76 41.35 35.95
CA LEU A 759 11.80 41.11 34.52
C LEU A 759 12.32 42.32 33.76
N ILE A 760 11.90 43.52 34.16
CA ILE A 760 12.38 44.72 33.49
C ILE A 760 13.89 44.83 33.62
N GLN A 761 14.40 44.60 34.82
CA GLN A 761 15.84 44.66 35.04
C GLN A 761 16.57 43.59 34.22
N ARG A 762 16.03 42.37 34.22
CA ARG A 762 16.67 41.31 33.44
C ARG A 762 16.70 41.66 31.96
N LYS A 763 15.58 42.14 31.42
CA LYS A 763 15.51 42.46 30.00
C LYS A 763 16.40 43.65 29.65
N MET A 764 16.46 44.66 30.52
CA MET A 764 17.38 45.76 30.30
C MET A 764 18.83 45.27 30.33
N LEU A 765 19.13 44.33 31.21
CA LEU A 765 20.47 43.76 31.26
C LEU A 765 20.81 43.05 29.95
N GLN A 766 19.87 42.24 29.45
CA GLN A 766 20.10 41.55 28.18
C GLN A 766 20.27 42.53 27.03
N PHE A 767 19.44 43.58 26.98
CA PHE A 767 19.56 44.58 25.93
C PHE A 767 20.89 45.30 26.00
N PHE A 768 21.31 45.69 27.20
CA PHE A 768 22.57 46.43 27.33
C PHE A 768 23.75 45.54 26.98
N ARG A 769 23.63 44.23 27.28
CA ARG A 769 24.67 43.29 26.87
C ARG A 769 24.72 43.17 25.35
N SER A 770 23.55 43.07 24.71
CA SER A 770 23.48 42.98 23.25
C SER A 770 23.94 44.26 22.58
N ARG A 771 23.89 45.39 23.28
CA ARG A 771 24.34 46.65 22.70
C ARG A 771 25.82 46.60 22.36
N GLY A 772 26.62 45.97 23.21
CA GLY A 772 28.03 45.78 22.94
C GLY A 772 28.90 46.37 24.03
N VAL A 773 30.07 46.83 23.63
CA VAL A 773 31.03 47.39 24.59
C VAL A 773 30.48 48.67 25.20
N LEU A 774 29.60 49.36 24.48
CA LEU A 774 29.06 50.63 24.95
C LEU A 774 28.19 50.46 26.19
N GLY A 775 27.76 49.24 26.49
CA GLY A 775 26.96 48.95 27.66
C GLY A 775 27.74 48.71 28.93
N GLU A 776 29.05 48.94 28.91
CA GLU A 776 29.88 48.65 30.08
C GLU A 776 29.59 49.61 31.23
N GLU A 777 29.26 50.87 30.93
CA GLU A 777 28.98 51.80 32.02
C GLU A 777 27.65 51.54 32.69
N PHE A 778 26.80 50.71 32.04
CA PHE A 778 25.48 50.35 32.59
C PHE A 778 25.53 48.99 33.29
N ILE A 779 26.44 48.09 32.89
CA ILE A 779 26.49 46.72 33.47
C ILE A 779 27.69 46.57 34.41
N ASN A 780 27.46 46.07 35.63
CA ASN A 780 28.57 45.82 36.58
C ASN A 780 28.35 44.45 37.23
N GLU A 781 29.36 43.57 37.17
CA GLU A 781 29.26 42.23 37.82
C GLU A 781 27.94 41.56 37.48
N ARG A 782 27.62 41.40 36.19
CA ARG A 782 26.37 40.68 35.81
C ARG A 782 25.17 41.35 36.45
N LYS A 783 25.13 42.69 36.47
CA LYS A 783 23.98 43.44 37.02
C LYS A 783 24.04 44.88 36.54
N LEU A 784 22.90 45.57 36.47
CA LEU A 784 22.85 46.98 36.02
C LEU A 784 23.45 47.88 37.10
N SER A 785 24.26 48.86 36.72
CA SER A 785 24.95 49.74 37.64
C SER A 785 24.10 50.95 37.98
N ASP A 786 24.68 51.88 38.76
CA ASP A 786 23.96 53.08 39.14
C ASP A 786 23.65 53.98 37.95
N LYS A 787 24.36 53.82 36.84
CA LYS A 787 24.09 54.64 35.66
C LYS A 787 22.84 54.20 34.91
N ALA A 788 22.23 53.09 35.29
CA ALA A 788 20.97 52.66 34.71
C ALA A 788 19.77 52.96 35.58
N TYR A 789 19.95 53.69 36.68
CA TYR A 789 18.88 54.03 37.60
C TYR A 789 18.82 55.54 37.82
N ILE A 790 17.79 55.96 38.54
CA ILE A 790 17.70 57.32 39.05
C ILE A 790 17.55 57.24 40.56
N GLY A 791 18.13 58.21 41.25
CA GLY A 791 18.07 58.24 42.69
C GLY A 791 19.16 57.49 43.41
N VAL A 792 20.22 57.06 42.71
CA VAL A 792 21.32 56.37 43.37
C VAL A 792 22.05 57.33 44.30
N TYR A 793 22.55 56.81 45.41
CA TYR A 793 23.18 57.62 46.46
C TYR A 793 24.56 57.07 46.78
N LYS A 794 25.54 57.97 46.86
CA LYS A 794 26.92 57.55 47.10
C LYS A 794 27.16 57.40 48.59
N THR A 795 27.99 56.42 48.96
CA THR A 795 28.50 56.35 50.32
C THR A 795 29.73 57.24 50.44
N THR A 796 29.78 58.05 51.49
CA THR A 796 30.94 58.88 51.76
C THR A 796 31.34 58.75 53.21
N GLY A 797 32.65 58.78 53.45
CA GLY A 797 33.15 58.49 54.78
C GLY A 797 32.78 57.07 55.15
N THR A 798 31.97 56.93 56.20
CA THR A 798 31.43 55.63 56.55
C THR A 798 30.36 55.22 55.55
N GLY A 799 29.98 53.94 55.62
CA GLY A 799 29.05 53.34 54.68
C GLY A 799 27.78 54.11 54.38
N LYS A 800 27.39 55.03 55.27
CA LYS A 800 26.17 55.80 55.09
C LYS A 800 26.19 56.55 53.76
N TYR A 801 25.05 56.54 53.08
CA TYR A 801 24.87 57.27 51.83
C TYR A 801 24.67 58.75 52.14
N ASP A 802 25.40 59.60 51.44
CA ASP A 802 25.27 61.04 51.62
C ASP A 802 23.91 61.50 51.11
N TRP A 803 23.01 61.87 52.04
CA TRP A 803 21.62 62.15 51.68
C TRP A 803 21.50 63.44 50.89
N LEU A 804 22.33 64.43 51.19
CA LEU A 804 22.43 65.59 50.34
C LEU A 804 23.16 65.24 49.05
N THR A 805 22.98 66.08 48.04
CA THR A 805 23.66 65.97 46.75
C THR A 805 23.62 64.54 46.19
N PRO A 806 22.48 64.10 45.66
CA PRO A 806 22.43 62.81 44.98
C PRO A 806 23.27 62.80 43.70
N GLU A 807 23.71 61.60 43.33
CA GLU A 807 24.24 61.44 41.98
C GLU A 807 23.19 61.77 40.95
N SER A 808 21.99 61.22 41.12
CA SER A 808 20.89 61.43 40.20
C SER A 808 19.65 61.73 41.01
N ILE A 809 18.92 62.77 40.61
CA ILE A 809 17.73 63.14 41.35
C ILE A 809 16.67 62.07 41.14
N GLY A 810 16.12 61.56 42.24
CA GLY A 810 15.14 60.51 42.18
C GLY A 810 13.76 61.04 42.48
N VAL A 811 12.88 60.17 42.97
CA VAL A 811 11.52 60.55 43.34
C VAL A 811 11.26 59.99 44.73
N ASN A 812 10.54 60.75 45.55
CA ASN A 812 10.30 60.35 46.93
C ASN A 812 9.21 59.30 46.96
N ASP A 813 9.57 58.08 47.35
CA ASP A 813 8.63 56.97 47.33
C ASP A 813 8.16 56.52 48.69
N VAL A 814 8.87 56.88 49.77
CA VAL A 814 8.36 56.64 51.11
C VAL A 814 7.25 57.65 51.36
N THR A 815 6.02 57.18 51.26
CA THR A 815 4.83 57.98 51.09
C THR A 815 3.79 57.60 52.14
N PRO A 816 2.94 58.53 52.55
CA PRO A 816 1.79 58.12 53.37
C PRO A 816 0.90 57.12 52.69
N ALA A 817 0.84 57.14 51.36
CA ALA A 817 0.07 56.19 50.58
C ALA A 817 0.96 55.17 49.88
N ASP A 818 2.06 54.80 50.53
CA ASP A 818 3.00 53.85 49.95
C ASP A 818 2.37 52.46 49.87
N GLU A 819 3.14 51.50 49.35
CA GLU A 819 2.64 50.14 49.20
C GLU A 819 2.34 49.47 50.53
N SER A 820 2.83 50.03 51.63
CA SER A 820 2.65 49.44 52.96
C SER A 820 1.54 50.12 53.76
N THR A 821 0.72 50.96 53.13
CA THR A 821 -0.31 51.68 53.85
C THR A 821 -1.71 51.08 53.70
N TRP A 822 -1.99 50.38 52.61
CA TRP A 822 -3.31 49.80 52.41
C TRP A 822 -3.40 48.36 52.92
N CYS A 823 -2.31 47.82 53.47
CA CYS A 823 -2.40 46.52 54.11
C CYS A 823 -3.29 46.56 55.35
N ILE A 824 -3.16 47.62 56.15
CA ILE A 824 -3.98 47.81 57.33
C ILE A 824 -4.69 49.15 57.32
N GLY A 825 -4.00 50.23 56.97
CA GLY A 825 -4.58 51.56 57.06
C GLY A 825 -5.81 51.73 56.18
N LYS A 826 -5.72 51.28 54.94
CA LYS A 826 -6.86 51.33 54.01
C LYS A 826 -7.49 49.95 53.96
N GLY A 827 -8.77 49.88 54.33
CA GLY A 827 -9.47 48.61 54.33
C GLY A 827 -9.68 48.05 52.93
N ARG A 828 -9.78 46.74 52.85
CA ARG A 828 -10.01 46.07 51.57
C ARG A 828 -11.40 46.43 51.05
N CYS A 829 -11.46 46.84 49.78
CA CYS A 829 -12.73 47.17 49.16
C CYS A 829 -13.53 45.91 48.90
N VAL A 830 -14.86 46.08 48.85
CA VAL A 830 -15.78 44.98 48.59
C VAL A 830 -16.37 45.03 47.20
N ASP A 831 -16.11 46.08 46.42
CA ASP A 831 -16.59 46.19 45.06
C ASP A 831 -15.63 45.58 44.04
N ASP A 832 -14.71 44.74 44.50
CA ASP A 832 -13.82 43.99 43.62
C ASP A 832 -14.08 42.50 43.71
N PHE A 833 -15.25 42.12 44.23
CA PHE A 833 -15.60 40.73 44.43
C PHE A 833 -17.09 40.56 44.22
N LEU A 834 -17.49 39.42 43.67
CA LEU A 834 -18.91 39.10 43.47
C LEU A 834 -19.11 37.63 43.78
N PHE A 835 -19.79 37.34 44.89
CA PHE A 835 -20.03 35.96 45.29
C PHE A 835 -20.93 35.27 44.27
N LYS A 836 -20.56 34.07 43.89
CA LYS A 836 -21.29 33.31 42.87
C LYS A 836 -21.31 31.84 43.22
N ASP A 837 -22.50 31.26 43.24
CA ASP A 837 -22.65 29.84 43.48
C ASP A 837 -22.34 29.10 42.17
N VAL A 838 -21.19 28.43 42.13
CA VAL A 838 -20.76 27.73 40.93
C VAL A 838 -21.37 26.34 40.82
N SER A 839 -22.21 25.94 41.78
CA SER A 839 -22.84 24.62 41.71
C SER A 839 -23.76 24.49 40.51
N THR A 840 -24.21 25.60 39.93
CA THR A 840 -25.06 25.58 38.74
C THR A 840 -24.27 25.93 37.47
N LEU A 841 -23.01 25.52 37.39
CA LEU A 841 -22.21 25.82 36.22
C LEU A 841 -22.73 25.06 35.00
N LYS A 842 -22.78 25.75 33.87
CA LYS A 842 -23.24 25.15 32.61
C LYS A 842 -22.04 24.48 31.97
N THR A 843 -21.86 23.20 32.27
CA THR A 843 -20.70 22.46 31.77
C THR A 843 -20.82 22.15 30.29
N GLU A 844 -22.03 22.17 29.74
CA GLU A 844 -22.21 21.89 28.32
C GLU A 844 -21.63 22.97 27.42
N ASN A 845 -21.23 24.11 27.98
CA ASN A 845 -20.68 25.21 27.22
C ASN A 845 -19.19 25.41 27.47
N LEU A 846 -18.52 24.40 28.02
CA LEU A 846 -17.11 24.52 28.42
C LEU A 846 -16.30 23.38 27.82
N PRO A 847 -16.02 23.44 26.52
CA PRO A 847 -15.21 22.38 25.90
C PRO A 847 -13.79 22.27 26.43
N GLU A 848 -13.17 23.39 26.83
CA GLU A 848 -11.79 23.33 27.30
C GLU A 848 -11.65 22.51 28.57
N LEU A 849 -12.56 22.69 29.53
CA LEU A 849 -12.43 22.02 30.81
C LEU A 849 -13.15 20.69 30.84
N PHE A 850 -14.24 20.54 30.09
CA PHE A 850 -15.02 19.31 30.07
C PHE A 850 -15.18 18.83 28.64
N LEU A 851 -14.95 17.54 28.44
CA LEU A 851 -15.21 16.90 27.15
C LEU A 851 -16.63 16.36 27.21
N THR A 852 -17.51 16.96 26.42
CA THR A 852 -18.91 16.56 26.40
C THR A 852 -19.19 15.74 25.14
N LYS A 853 -20.12 14.81 25.28
CA LYS A 853 -20.62 14.05 24.15
C LYS A 853 -21.71 14.83 23.45
N ILE A 854 -22.03 14.39 22.23
CA ILE A 854 -23.19 14.89 21.51
C ILE A 854 -24.31 13.88 21.71
N ASP A 855 -25.16 14.13 22.70
CA ASP A 855 -26.27 13.24 23.03
C ASP A 855 -27.57 13.92 22.60
N THR A 856 -28.35 13.23 21.76
CA THR A 856 -29.49 13.86 21.13
C THR A 856 -30.60 14.20 22.12
N ASP A 857 -30.57 13.64 23.33
CA ASP A 857 -31.68 13.88 24.25
C ASP A 857 -31.67 15.30 24.79
N THR A 858 -30.50 15.93 24.91
CA THR A 858 -30.42 17.29 25.43
C THR A 858 -29.52 18.22 24.65
N PHE A 859 -28.96 17.78 23.52
CA PHE A 859 -28.14 18.69 22.71
C PHE A 859 -28.97 19.78 22.08
N PHE A 860 -30.22 19.48 21.74
CA PHE A 860 -31.11 20.41 21.05
C PHE A 860 -32.12 21.05 21.97
N SER A 861 -32.00 20.85 23.29
CA SER A 861 -33.02 21.36 24.21
C SER A 861 -33.11 22.88 24.17
N GLN A 862 -31.96 23.53 24.04
CA GLN A 862 -31.84 24.99 24.08
C GLN A 862 -31.87 25.63 22.69
N TRP A 863 -32.22 24.86 21.66
CA TRP A 863 -32.34 25.37 20.30
C TRP A 863 -33.75 25.90 20.05
N SER A 864 -33.86 26.89 19.18
CA SER A 864 -35.18 27.39 18.82
C SER A 864 -35.88 26.44 17.87
N THR A 865 -37.18 26.63 17.70
CA THR A 865 -37.98 25.68 16.94
C THR A 865 -37.55 25.61 15.48
N LYS A 866 -37.20 26.74 14.87
CA LYS A 866 -36.87 26.74 13.45
C LYS A 866 -35.57 25.98 13.19
N THR A 867 -34.50 26.33 13.92
CA THR A 867 -33.23 25.67 13.67
C THR A 867 -33.30 24.21 14.05
N LYS A 868 -34.04 23.88 15.11
CA LYS A 868 -34.28 22.49 15.46
C LYS A 868 -34.92 21.76 14.28
N LYS A 869 -36.11 22.18 13.86
CA LYS A 869 -36.83 21.46 12.83
C LYS A 869 -36.08 21.43 11.50
N ASP A 870 -35.13 22.34 11.29
CA ASP A 870 -34.34 22.25 10.06
C ASP A 870 -33.14 21.31 10.20
N LEU A 871 -32.31 21.49 11.23
CA LEU A 871 -31.00 20.87 11.26
C LEU A 871 -30.84 19.77 12.31
N GLN A 872 -31.88 19.40 13.06
CA GLN A 872 -31.71 18.36 14.05
C GLN A 872 -31.47 17.02 13.39
N LYS A 873 -32.15 16.75 12.27
CA LYS A 873 -31.93 15.51 11.54
C LYS A 873 -30.52 15.45 10.96
N LYS A 874 -30.03 16.57 10.44
CA LYS A 874 -28.69 16.60 9.90
C LYS A 874 -27.65 16.41 11.00
N ILE A 875 -27.89 16.96 12.19
CA ILE A 875 -26.93 16.82 13.27
C ILE A 875 -26.92 15.39 13.81
N GLN A 876 -28.09 14.79 14.03
CA GLN A 876 -28.09 13.48 14.68
C GLN A 876 -27.39 12.43 13.84
N ASP A 877 -27.30 12.62 12.53
CA ASP A 877 -26.50 11.72 11.70
C ASP A 877 -25.02 11.81 12.02
N LEU A 878 -24.59 12.89 12.68
CA LEU A 878 -23.20 13.04 13.10
C LEU A 878 -22.92 12.47 14.48
N THR A 879 -23.95 12.04 15.22
CA THR A 879 -23.73 11.62 16.60
C THR A 879 -22.74 10.46 16.67
N VAL A 880 -23.00 9.39 15.92
CA VAL A 880 -22.12 8.22 16.00
C VAL A 880 -20.74 8.54 15.47
N ARG A 881 -20.66 9.23 14.33
CA ARG A 881 -19.36 9.54 13.75
C ARG A 881 -18.56 10.48 14.64
N TYR A 882 -19.21 11.52 15.18
CA TYR A 882 -18.49 12.44 16.06
C TYR A 882 -18.05 11.75 17.35
N ASN A 883 -18.91 10.91 17.92
CA ASN A 883 -18.55 10.22 19.15
C ASN A 883 -17.38 9.28 18.92
N GLU A 884 -17.41 8.51 17.83
CA GLU A 884 -16.31 7.59 17.55
C GLU A 884 -15.03 8.34 17.20
N LEU A 885 -15.16 9.55 16.63
CA LEU A 885 -13.96 10.36 16.38
C LEU A 885 -13.37 10.90 17.66
N ILE A 886 -14.22 11.34 18.60
CA ILE A 886 -13.71 11.91 19.85
C ILE A 886 -13.13 10.83 20.74
N ASP A 887 -13.81 9.69 20.87
CA ASP A 887 -13.36 8.63 21.75
C ASP A 887 -12.23 7.79 21.16
N SER A 888 -11.86 8.01 19.90
CA SER A 888 -10.80 7.23 19.28
C SER A 888 -9.46 7.57 19.90
N SER A 889 -8.58 6.57 19.94
CA SER A 889 -7.19 6.76 20.36
C SER A 889 -6.25 6.99 19.19
N THR A 890 -6.78 7.06 17.98
CA THR A 890 -6.01 7.43 16.80
C THR A 890 -6.81 8.46 16.00
N ILE A 891 -6.12 9.13 15.09
CA ILE A 891 -6.74 10.16 14.25
C ILE A 891 -6.88 9.59 12.85
N ASP A 892 -8.12 9.42 12.40
CA ASP A 892 -8.40 9.02 11.03
C ASP A 892 -8.80 10.27 10.27
N PHE A 893 -7.96 10.67 9.31
CA PHE A 893 -8.14 11.96 8.66
C PHE A 893 -9.31 11.98 7.67
N LYS A 894 -9.73 10.84 7.13
CA LYS A 894 -10.90 10.85 6.27
C LYS A 894 -12.15 11.21 7.07
N ASN A 895 -12.36 10.55 8.20
CA ASN A 895 -13.54 10.85 9.02
C ASN A 895 -13.45 12.25 9.61
N LEU A 896 -12.26 12.66 10.04
CA LEU A 896 -12.10 14.01 10.58
C LEU A 896 -12.43 15.05 9.52
N TYR A 897 -11.89 14.90 8.31
CA TYR A 897 -12.20 15.80 7.22
C TYR A 897 -13.70 15.86 6.95
N GLU A 898 -14.33 14.70 6.77
CA GLU A 898 -15.74 14.72 6.39
C GLU A 898 -16.62 15.31 7.48
N ILE A 899 -16.34 14.95 8.74
CA ILE A 899 -17.16 15.45 9.84
C ILE A 899 -16.99 16.96 9.97
N ASP A 900 -15.75 17.44 9.89
CA ASP A 900 -15.52 18.86 10.06
C ASP A 900 -16.10 19.66 8.90
N GLN A 901 -15.96 19.15 7.68
CA GLN A 901 -16.51 19.86 6.52
C GLN A 901 -18.02 19.93 6.60
N MET A 902 -18.69 18.83 6.97
CA MET A 902 -20.13 18.89 7.05
C MET A 902 -20.59 19.76 8.23
N LEU A 903 -19.84 19.78 9.31
CA LEU A 903 -20.16 20.68 10.42
C LEU A 903 -20.04 22.14 10.00
N HIS A 904 -18.97 22.47 9.28
CA HIS A 904 -18.77 23.82 8.78
C HIS A 904 -19.88 24.23 7.82
N MET A 905 -20.27 23.32 6.92
CA MET A 905 -21.34 23.64 5.99
C MET A 905 -22.67 23.82 6.69
N ILE A 906 -22.94 23.02 7.73
CA ILE A 906 -24.15 23.22 8.51
C ILE A 906 -24.12 24.57 9.20
N MET A 907 -22.98 24.94 9.77
CA MET A 907 -22.89 26.21 10.48
C MET A 907 -23.09 27.39 9.54
N LEU A 908 -22.55 27.31 8.32
CA LEU A 908 -22.67 28.42 7.38
C LEU A 908 -24.12 28.66 6.97
N GLU A 909 -24.94 27.61 6.93
CA GLU A 909 -26.29 27.69 6.40
C GLU A 909 -27.34 27.95 7.48
N MET A 910 -26.97 28.58 8.58
CA MET A 910 -27.92 28.88 9.65
C MET A 910 -27.70 30.28 10.18
N ASN A 911 -28.76 30.87 10.73
CA ASN A 911 -28.73 32.23 11.23
C ASN A 911 -28.85 32.33 12.74
N ASP A 912 -29.12 31.23 13.43
CA ASP A 912 -29.22 31.26 14.88
C ASP A 912 -27.84 31.52 15.48
N ASP A 913 -27.84 31.93 16.75
CA ASP A 913 -26.60 32.14 17.46
C ASP A 913 -26.38 31.20 18.62
N ILE A 914 -27.45 30.71 19.26
CA ILE A 914 -27.30 29.65 20.25
C ILE A 914 -26.80 28.35 19.59
N ALA A 915 -27.48 27.93 18.52
CA ALA A 915 -27.09 26.71 17.83
C ALA A 915 -25.72 26.85 17.20
N LYS A 916 -25.42 28.04 16.68
CA LYS A 916 -24.08 28.31 16.19
C LYS A 916 -23.05 28.10 17.29
N ARG A 917 -23.36 28.53 18.51
CA ARG A 917 -22.42 28.35 19.61
C ARG A 917 -22.26 26.88 19.97
N SER A 918 -23.33 26.09 19.92
CA SER A 918 -23.19 24.67 20.21
C SER A 918 -22.29 23.98 19.19
N LEU A 919 -22.48 24.29 17.91
CA LEU A 919 -21.62 23.67 16.90
C LEU A 919 -20.19 24.22 16.97
N PHE A 920 -20.03 25.46 17.40
CA PHE A 920 -18.69 25.96 17.64
C PHE A 920 -18.03 25.22 18.79
N SER A 921 -18.82 24.82 19.79
CA SER A 921 -18.28 24.00 20.87
C SER A 921 -17.82 22.66 20.35
N LEU A 922 -18.59 22.05 19.45
CA LEU A 922 -18.15 20.81 18.83
C LEU A 922 -16.83 20.99 18.07
N GLN A 923 -16.73 22.08 17.30
CA GLN A 923 -15.50 22.35 16.57
C GLN A 923 -14.32 22.54 17.53
N VAL A 924 -14.55 23.23 18.64
CA VAL A 924 -13.49 23.46 19.62
C VAL A 924 -13.04 22.14 20.23
N GLN A 925 -13.99 21.25 20.54
CA GLN A 925 -13.62 19.94 21.05
C GLN A 925 -12.76 19.19 20.05
N ILE A 926 -13.11 19.27 18.76
CA ILE A 926 -12.28 18.65 17.71
C ILE A 926 -10.88 19.24 17.72
N SER A 927 -10.78 20.56 17.83
CA SER A 927 -9.46 21.21 17.82
C SER A 927 -8.62 20.80 19.01
N GLU A 928 -9.23 20.71 20.19
CA GLU A 928 -8.50 20.25 21.37
C GLU A 928 -8.06 18.81 21.23
N LYS A 929 -8.91 17.96 20.65
CA LYS A 929 -8.50 16.58 20.39
C LYS A 929 -7.30 16.52 19.46
N ILE A 930 -7.30 17.36 18.43
CA ILE A 930 -6.13 17.44 17.55
C ILE A 930 -4.90 17.86 18.32
N ARG A 931 -5.04 18.84 19.21
CA ARG A 931 -3.89 19.34 19.96
C ARG A 931 -3.32 18.25 20.87
N ARG A 932 -4.19 17.46 21.49
CA ARG A 932 -3.77 16.47 22.48
C ARG A 932 -3.08 15.26 21.84
N MET A 933 -3.66 14.71 20.77
CA MET A 933 -3.25 13.42 20.24
C MET A 933 -1.98 13.60 19.40
N THR A 934 -0.85 13.64 20.08
CA THR A 934 0.46 13.80 19.44
C THR A 934 1.06 12.44 19.09
N ILE A 935 2.02 12.45 18.17
CA ILE A 935 2.61 11.21 17.65
C ILE A 935 4.11 11.19 17.87
N PRO A 936 4.74 10.02 18.00
CA PRO A 936 6.19 9.96 18.19
C PRO A 936 6.95 10.43 16.96
N VAL A 937 8.27 10.57 17.13
CA VAL A 937 9.17 11.04 16.10
C VAL A 937 10.25 9.99 15.90
N ASP A 938 10.62 9.77 14.64
CA ASP A 938 11.70 8.84 14.35
C ASP A 938 13.01 9.35 14.92
N ASN A 939 13.80 8.43 15.48
CA ASN A 939 15.06 8.75 16.12
C ASN A 939 16.17 8.93 15.08
N ILE A 940 15.98 9.92 14.22
CA ILE A 940 16.90 10.21 13.13
C ILE A 940 17.11 11.72 13.05
N ILE A 941 18.33 12.14 12.75
CA ILE A 941 18.63 13.54 12.49
C ILE A 941 19.36 13.65 11.17
N ASN A 942 18.90 14.54 10.31
CA ASN A 942 19.48 14.83 9.01
C ASN A 942 19.95 16.27 9.00
N ILE A 943 21.20 16.48 8.62
CA ILE A 943 21.81 17.81 8.58
C ILE A 943 22.16 18.13 7.14
N TYR A 944 21.74 19.31 6.68
CA TYR A 944 21.99 19.71 5.31
C TYR A 944 22.96 20.88 5.34
N PRO A 945 24.25 20.65 5.57
CA PRO A 945 25.17 21.76 5.84
C PRO A 945 25.69 22.42 4.57
N ASP A 946 26.22 23.63 4.75
CA ASP A 946 26.96 24.28 3.69
C ASP A 946 28.25 23.53 3.44
N LEU A 947 28.60 23.36 2.16
CA LEU A 947 29.79 22.61 1.80
C LEU A 947 31.02 23.48 1.58
N HIS A 948 30.82 24.77 1.34
CA HIS A 948 31.93 25.71 1.20
C HIS A 948 32.08 26.61 2.42
N LYS A 949 31.38 26.30 3.50
CA LYS A 949 31.60 27.00 4.76
C LYS A 949 32.99 26.70 5.31
N LYS A 950 33.63 27.72 5.86
CA LYS A 950 35.00 27.54 6.35
C LYS A 950 35.01 26.74 7.65
N ASN A 951 34.03 26.97 8.53
CA ASN A 951 33.97 26.27 9.81
C ASN A 951 33.68 24.79 9.59
N ASP A 952 34.33 23.96 10.41
CA ASP A 952 34.08 22.52 10.37
C ASP A 952 33.80 22.02 11.78
N ASN A 953 34.37 22.70 12.77
CA ASN A 953 34.29 22.25 14.16
C ASN A 953 32.84 22.08 14.61
N ASP A 954 31.95 22.97 14.20
CA ASP A 954 30.59 22.93 14.71
C ASP A 954 29.84 21.70 14.22
N LEU A 955 30.02 21.34 12.95
CA LEU A 955 29.38 20.14 12.43
C LEU A 955 29.90 18.89 13.11
N SER A 956 31.22 18.81 13.30
CA SER A 956 31.82 17.67 13.97
C SER A 956 31.28 17.56 15.40
N MET A 957 31.19 18.70 16.09
CA MET A 957 30.66 18.72 17.44
C MET A 957 29.21 18.26 17.48
N SER A 958 28.40 18.70 16.52
CA SER A 958 27.00 18.27 16.48
C SER A 958 26.89 16.78 16.25
N ILE A 959 27.69 16.23 15.34
CA ILE A 959 27.65 14.79 15.09
C ILE A 959 28.07 14.02 16.33
N LYS A 960 29.14 14.46 17.00
CA LYS A 960 29.57 13.77 18.22
C LYS A 960 28.51 13.86 19.31
N GLY A 961 27.89 15.02 19.46
CA GLY A 961 26.86 15.17 20.49
C GLY A 961 25.66 14.27 20.24
N PHE A 962 25.27 14.13 18.98
CA PHE A 962 24.14 13.26 18.68
C PHE A 962 24.51 11.79 18.66
N LEU A 963 25.79 11.47 18.44
CA LEU A 963 26.24 10.09 18.62
C LEU A 963 26.25 9.70 20.09
N ALA A 964 26.75 10.60 20.95
CA ALA A 964 26.87 10.31 22.37
C ALA A 964 25.55 10.41 23.11
N SER A 965 24.63 11.24 22.63
CA SER A 965 23.35 11.40 23.33
C SER A 965 22.56 10.10 23.37
N ASN A 966 22.73 9.24 22.37
CA ASN A 966 22.08 7.94 22.32
C ASN A 966 22.83 7.09 21.33
N PRO A 967 23.02 5.79 21.59
CA PRO A 967 23.69 4.93 20.62
C PRO A 967 22.82 4.49 19.46
N HIS A 968 21.56 4.87 19.44
CA HIS A 968 20.63 4.47 18.39
C HIS A 968 20.30 5.59 17.44
N THR A 969 20.91 6.77 17.62
CA THR A 969 20.58 7.92 16.79
C THR A 969 21.34 7.85 15.47
N LYS A 970 20.59 7.75 14.38
CA LYS A 970 21.15 7.76 13.04
C LYS A 970 21.35 9.18 12.57
N ILE A 971 22.55 9.49 12.09
CA ILE A 971 22.92 10.83 11.65
C ILE A 971 23.16 10.80 10.16
N ASN A 972 22.52 11.71 9.44
CA ASN A 972 22.61 11.82 7.99
C ASN A 972 23.15 13.19 7.65
N ILE A 973 24.19 13.23 6.82
CA ILE A 973 24.73 14.49 6.30
C ILE A 973 24.48 14.50 4.81
N LEU A 974 23.50 15.30 4.38
CA LEU A 974 23.00 15.29 3.01
C LEU A 974 23.60 16.48 2.26
N TYR A 975 24.31 16.18 1.19
CA TYR A 975 24.94 17.20 0.37
C TYR A 975 24.62 16.92 -1.09
N SER A 976 24.60 17.97 -1.91
CA SER A 976 24.32 17.83 -3.33
C SER A 976 25.54 18.28 -4.12
N ASN A 977 26.01 17.43 -5.02
CA ASN A 977 27.11 17.82 -5.90
C ASN A 977 26.65 18.77 -6.99
N LYS A 978 25.44 18.56 -7.50
CA LYS A 978 24.92 19.43 -8.55
C LYS A 978 24.77 20.85 -8.04
N THR A 979 24.34 21.02 -6.79
CA THR A 979 24.17 22.36 -6.24
C THR A 979 25.51 23.11 -6.21
N GLU A 980 26.56 22.44 -5.74
CA GLU A 980 27.86 23.10 -5.65
C GLU A 980 28.46 23.34 -7.03
N HIS A 981 28.27 22.41 -7.95
CA HIS A 981 28.75 22.62 -9.32
C HIS A 981 28.06 23.82 -9.96
N ASN A 982 26.74 23.91 -9.81
CA ASN A 982 26.00 25.05 -10.35
C ASN A 982 26.43 26.34 -9.68
N ILE A 983 26.69 26.30 -8.36
CA ILE A 983 27.13 27.49 -7.65
C ILE A 983 28.46 27.98 -8.19
N PHE A 984 29.40 27.05 -8.41
CA PHE A 984 30.68 27.43 -8.96
C PHE A 984 30.52 28.00 -10.36
N ILE A 985 29.68 27.38 -11.18
CA ILE A 985 29.47 27.86 -12.55
C ILE A 985 28.89 29.26 -12.54
N LYS A 986 27.89 29.51 -11.70
CA LYS A 986 27.31 30.84 -11.59
C LYS A 986 28.35 31.86 -11.11
N ASP A 987 29.19 31.48 -10.17
CA ASP A 987 30.25 32.38 -9.72
C ASP A 987 31.20 32.70 -10.85
N LEU A 988 31.59 31.70 -11.64
CA LEU A 988 32.49 31.94 -12.76
C LEU A 988 31.85 32.87 -13.79
N PHE A 989 30.57 32.65 -14.09
CA PHE A 989 29.88 33.50 -15.05
C PHE A 989 29.79 34.93 -14.54
N SER A 990 29.49 35.11 -13.25
CA SER A 990 29.43 36.46 -12.69
C SER A 990 30.79 37.14 -12.77
N PHE A 991 31.86 36.41 -12.43
CA PHE A 991 33.19 36.98 -12.55
C PHE A 991 33.51 37.35 -14.00
N ALA A 992 33.01 36.57 -14.95
CA ALA A 992 33.16 36.92 -16.36
C ALA A 992 32.41 38.20 -16.70
N VAL A 993 31.22 38.38 -16.13
CA VAL A 993 30.44 39.59 -16.38
C VAL A 993 31.18 40.83 -15.86
N MET A 994 31.64 40.75 -14.62
CA MET A 994 32.43 41.84 -14.04
C MET A 994 33.87 41.41 -13.80
N ALA A 1119 42.03 29.76 -13.15
CA ALA A 1119 42.10 28.32 -12.94
C ALA A 1119 41.51 27.93 -11.58
N PHE A 1120 40.48 28.68 -11.16
CA PHE A 1120 39.86 28.42 -9.87
C PHE A 1120 39.06 27.13 -9.85
N PHE A 1121 38.79 26.53 -11.02
CA PHE A 1121 38.00 25.31 -11.07
C PHE A 1121 38.69 24.17 -10.35
N LYS A 1122 39.98 23.98 -10.62
CA LYS A 1122 40.73 22.93 -9.93
C LYS A 1122 40.76 23.18 -8.43
N LYS A 1123 41.01 24.43 -8.01
CA LYS A 1123 41.09 24.73 -6.59
C LYS A 1123 39.79 24.44 -5.88
N HIS A 1124 38.67 24.88 -6.46
CA HIS A 1124 37.36 24.64 -5.84
C HIS A 1124 37.06 23.15 -5.78
N ASN A 1125 37.35 22.42 -6.87
CA ASN A 1125 37.04 21.00 -6.90
C ASN A 1125 37.84 20.25 -5.84
N GLU A 1126 39.14 20.53 -5.74
CA GLU A 1126 39.95 19.89 -4.71
C GLU A 1126 39.48 20.28 -3.32
N ASN A 1127 39.09 21.54 -3.13
CA ASN A 1127 38.64 21.98 -1.81
C ASN A 1127 37.39 21.22 -1.37
N ILE A 1128 36.38 21.15 -2.25
CA ILE A 1128 35.13 20.49 -1.87
C ILE A 1128 35.36 19.00 -1.69
N HIS A 1129 36.13 18.38 -2.58
CA HIS A 1129 36.38 16.95 -2.45
C HIS A 1129 37.14 16.65 -1.17
N ASN A 1130 38.13 17.46 -0.83
CA ASN A 1130 38.90 17.26 0.38
C ASN A 1130 38.02 17.42 1.62
N LYS A 1131 37.18 18.44 1.64
CA LYS A 1131 36.34 18.66 2.82
C LYS A 1131 35.36 17.50 3.01
N ILE A 1132 34.75 17.05 1.91
CA ILE A 1132 33.79 15.94 2.03
C ILE A 1132 34.51 14.66 2.43
N GLN A 1133 35.74 14.44 1.92
CA GLN A 1133 36.51 13.29 2.34
C GLN A 1133 36.84 13.36 3.82
N ARG A 1134 37.19 14.56 4.30
CA ARG A 1134 37.53 14.74 5.70
C ARG A 1134 36.35 14.40 6.60
N ILE A 1135 35.18 14.97 6.31
CA ILE A 1135 34.02 14.66 7.16
C ILE A 1135 33.68 13.18 7.03
N LYS A 1136 33.84 12.59 5.84
CA LYS A 1136 33.47 11.20 5.65
C LYS A 1136 34.36 10.27 6.46
N ASP A 1137 35.67 10.49 6.43
CA ASP A 1137 36.58 9.57 7.11
C ASP A 1137 36.76 9.88 8.59
N GLU A 1138 36.42 11.09 9.04
CA GLU A 1138 36.58 11.39 10.46
C GLU A 1138 35.53 10.69 11.29
N PHE A 1139 34.35 10.44 10.73
CA PHE A 1139 33.35 9.55 11.31
C PHE A 1139 33.22 8.26 10.52
N LYS A 1140 34.33 7.78 9.97
CA LYS A 1140 34.31 6.58 9.15
C LYS A 1140 33.90 5.35 9.97
N GLU A 1141 34.38 5.26 11.21
CA GLU A 1141 34.17 4.06 12.00
C GLU A 1141 32.76 3.92 12.53
N TYR A 1142 31.90 4.93 12.38
CA TYR A 1142 30.54 4.88 12.88
C TYR A 1142 29.59 4.54 11.74
N SER A 1143 28.82 3.49 11.92
CA SER A 1143 27.85 3.08 10.92
C SER A 1143 26.61 3.95 10.91
N ARG A 1144 26.33 4.66 12.01
CA ARG A 1144 25.17 5.54 12.06
C ARG A 1144 25.39 6.84 11.31
N VAL A 1145 26.64 7.29 11.16
CA VAL A 1145 26.94 8.51 10.43
C VAL A 1145 27.02 8.17 8.95
N ALA A 1146 26.04 8.63 8.17
CA ALA A 1146 25.99 8.38 6.74
C ALA A 1146 25.97 9.69 6.00
N ILE A 1147 26.91 9.87 5.07
CA ILE A 1147 26.95 11.04 4.20
C ILE A 1147 26.29 10.65 2.89
N HIS A 1148 25.21 11.34 2.55
CA HIS A 1148 24.38 11.02 1.41
C HIS A 1148 24.46 12.15 0.39
N ASN A 1149 24.35 11.79 -0.88
CA ASN A 1149 24.27 12.75 -1.97
C ASN A 1149 22.82 12.88 -2.39
N ILE A 1150 22.27 14.08 -2.31
CA ILE A 1150 20.86 14.29 -2.62
C ILE A 1150 20.59 14.00 -4.09
N ASP A 1151 21.59 14.14 -4.95
CA ASP A 1151 21.39 13.91 -6.37
C ASP A 1151 21.05 12.46 -6.68
N LYS A 1152 21.29 11.54 -5.74
CA LYS A 1152 21.05 10.12 -5.95
C LYS A 1152 19.93 9.57 -5.08
N VAL A 1153 19.10 10.44 -4.51
CA VAL A 1153 18.01 10.00 -3.65
C VAL A 1153 16.69 10.36 -4.31
N ILE A 1154 16.68 11.43 -5.08
CA ILE A 1154 15.47 11.94 -5.71
C ILE A 1154 15.30 11.32 -7.09
N PHE A 1155 14.04 11.24 -7.53
CA PHE A 1155 13.73 10.70 -8.85
C PHE A 1155 14.02 11.74 -9.94
N LYS A 1156 13.86 11.31 -11.18
CA LYS A 1156 14.06 12.21 -12.31
C LYS A 1156 12.88 13.15 -12.51
N GLY A 1157 11.67 12.68 -12.22
CA GLY A 1157 10.47 13.46 -12.41
C GLY A 1157 10.09 14.38 -11.26
N GLN A 1158 10.89 14.43 -10.21
CA GLN A 1158 10.56 15.29 -9.07
C GLN A 1158 10.89 16.74 -9.39
N THR A 1159 10.27 17.63 -8.61
CA THR A 1159 10.50 19.07 -8.77
C THR A 1159 11.96 19.42 -8.53
N LEU A 1160 12.55 18.85 -7.47
CA LEU A 1160 13.91 19.20 -7.09
C LEU A 1160 14.91 18.81 -8.17
N ASP A 1161 14.68 17.69 -8.85
CA ASP A 1161 15.56 17.30 -9.94
C ASP A 1161 15.57 18.35 -11.04
N ARG A 1162 14.39 18.82 -11.44
CA ARG A 1162 14.34 19.89 -12.44
C ARG A 1162 15.01 21.15 -11.92
N LEU A 1163 14.81 21.46 -10.64
CA LEU A 1163 15.44 22.64 -10.05
C LEU A 1163 16.95 22.57 -10.18
N TYR A 1164 17.55 21.42 -9.87
CA TYR A 1164 18.98 21.28 -10.07
C TYR A 1164 19.35 21.34 -11.55
N HIS A 1165 18.52 20.74 -12.41
CA HIS A 1165 18.86 20.63 -13.82
C HIS A 1165 18.94 21.99 -14.49
N GLU A 1166 18.00 22.88 -14.21
CA GLU A 1166 18.01 24.18 -14.85
C GLU A 1166 18.91 25.19 -14.15
N GLY A 1167 19.53 24.81 -13.04
CA GLY A 1167 20.50 25.67 -12.39
C GLY A 1167 19.92 26.61 -11.35
N TYR A 1168 19.06 26.11 -10.49
CA TYR A 1168 18.52 26.91 -9.40
C TYR A 1168 19.65 27.22 -8.41
N VAL A 1169 20.01 28.50 -8.29
CA VAL A 1169 21.12 28.91 -7.44
C VAL A 1169 20.66 29.65 -6.20
N PHE A 1170 19.38 29.98 -6.09
CA PHE A 1170 18.90 30.79 -4.99
C PHE A 1170 19.06 30.05 -3.68
N SER A 1171 19.24 30.82 -2.59
CA SER A 1171 19.61 30.27 -1.30
C SER A 1171 18.53 29.39 -0.69
N ASP A 1172 17.31 29.40 -1.24
CA ASP A 1172 16.22 28.62 -0.69
C ASP A 1172 16.32 27.14 -1.07
N ILE A 1173 17.17 26.81 -2.05
CA ILE A 1173 17.19 25.45 -2.61
C ILE A 1173 17.38 24.42 -1.52
N ASN A 1174 18.13 24.75 -0.47
CA ASN A 1174 18.35 23.81 0.61
C ASN A 1174 17.05 23.51 1.37
N THR A 1175 16.33 24.56 1.78
CA THR A 1175 15.11 24.34 2.54
C THR A 1175 14.12 23.50 1.76
N LEU A 1176 13.88 23.85 0.50
CA LEU A 1176 13.00 23.06 -0.34
C LEU A 1176 13.44 21.61 -0.36
N SER A 1177 14.75 21.36 -0.46
CA SER A 1177 15.24 19.99 -0.49
C SER A 1177 14.77 19.23 0.74
N ARG A 1178 14.82 19.86 1.91
CA ARG A 1178 14.34 19.21 3.12
C ARG A 1178 12.92 18.71 2.92
N TYR A 1179 12.03 19.59 2.46
CA TYR A 1179 10.66 19.18 2.18
C TYR A 1179 10.64 18.03 1.19
N THR A 1180 11.37 18.18 0.09
CA THR A 1180 11.43 17.12 -0.90
C THR A 1180 11.89 15.82 -0.26
N LEU A 1181 12.94 15.88 0.57
CA LEU A 1181 13.50 14.67 1.13
C LEU A 1181 12.62 14.10 2.22
N HIS A 1182 11.71 14.90 2.79
CA HIS A 1182 10.75 14.31 3.70
C HIS A 1182 9.62 13.63 2.95
N GLY A 1183 9.38 14.01 1.70
CA GLY A 1183 8.41 13.31 0.88
C GLY A 1183 8.89 11.99 0.31
N LEU A 1184 10.19 11.73 0.40
CA LEU A 1184 10.76 10.47 -0.06
C LEU A 1184 10.86 9.43 1.04
N GLY A 1185 10.39 9.74 2.25
CA GLY A 1185 10.41 8.80 3.35
C GLY A 1185 11.49 9.04 4.39
N ILE A 1186 12.41 9.97 4.15
CA ILE A 1186 13.49 10.25 5.10
C ILE A 1186 12.88 11.04 6.25
N THR A 1187 12.55 10.36 7.35
CA THR A 1187 11.89 10.99 8.48
C THR A 1187 12.92 11.50 9.49
N GLY A 1188 12.42 12.05 10.60
CA GLY A 1188 13.29 12.56 11.63
C GLY A 1188 13.34 14.07 11.73
N VAL A 1189 14.50 14.60 12.04
CA VAL A 1189 14.70 16.02 12.28
C VAL A 1189 15.60 16.55 11.17
N HIS A 1190 15.08 17.41 10.31
CA HIS A 1190 15.86 17.99 9.23
C HIS A 1190 16.34 19.38 9.62
N THR A 1191 17.60 19.68 9.37
CA THR A 1191 18.16 20.94 9.81
C THR A 1191 19.27 21.38 8.87
N GLU A 1192 19.40 22.68 8.67
CA GLU A 1192 20.53 23.25 7.95
C GLU A 1192 21.61 23.78 8.88
N GLU A 1193 21.33 23.92 10.17
CA GLU A 1193 22.29 24.43 11.14
C GLU A 1193 23.00 23.27 11.83
N ASN A 1194 24.11 23.60 12.48
CA ASN A 1194 24.91 22.63 13.23
C ASN A 1194 24.33 22.47 14.64
N LEU A 1195 23.11 21.95 14.65
CA LEU A 1195 22.28 21.92 15.85
C LEU A 1195 22.82 20.89 16.84
N LEU A 1196 22.69 21.21 18.14
CA LEU A 1196 23.24 20.42 19.23
C LEU A 1196 22.14 19.93 20.16
N PRO A 1197 22.36 18.80 20.85
CA PRO A 1197 21.35 18.32 21.79
C PRO A 1197 21.28 19.21 23.02
N ALA A 1198 20.11 19.23 23.63
CA ALA A 1198 19.94 20.06 24.81
C ALA A 1198 20.55 19.37 26.03
N PRO A 1199 21.12 20.12 26.96
CA PRO A 1199 21.60 19.52 28.20
C PRO A 1199 20.44 19.02 29.04
N SER A 1200 20.67 17.89 29.72
CA SER A 1200 19.65 17.32 30.58
C SER A 1200 19.68 18.01 31.94
N SER A 1201 18.74 17.63 32.81
CA SER A 1201 18.66 18.28 34.11
C SER A 1201 19.87 17.98 34.97
N SER A 1202 20.52 16.82 34.76
CA SER A 1202 21.68 16.47 35.56
C SER A 1202 22.85 17.39 35.29
N LEU A 1203 23.12 17.70 34.02
CA LEU A 1203 24.20 18.62 33.69
C LEU A 1203 23.92 20.02 34.24
N ILE A 1204 22.66 20.44 34.15
CA ILE A 1204 22.28 21.75 34.69
C ILE A 1204 22.48 21.79 36.19
N ASN A 1205 22.10 20.71 36.88
CA ASN A 1205 22.27 20.64 38.32
C ASN A 1205 23.74 20.64 38.71
N ILE A 1206 24.58 19.97 37.90
CA ILE A 1206 26.01 19.98 38.17
C ILE A 1206 26.57 21.39 38.02
N LEU A 1207 26.15 22.09 36.97
CA LEU A 1207 26.66 23.45 36.77
C LEU A 1207 26.11 24.43 37.80
N LYS A 1208 24.94 24.15 38.36
CA LYS A 1208 24.31 25.08 39.29
C LYS A 1208 25.04 25.17 40.62
N GLU A 1209 25.94 24.24 40.92
CA GLU A 1209 26.68 24.29 42.18
C GLU A 1209 27.60 25.50 42.26
N HIS A 1210 28.06 26.01 41.13
CA HIS A 1210 28.97 27.15 41.13
C HIS A 1210 28.43 28.36 40.41
N TYR A 1211 27.81 28.17 39.24
CA TYR A 1211 27.36 29.29 38.42
C TYR A 1211 25.88 29.57 38.64
N ASN A 1212 25.47 30.79 38.30
CA ASN A 1212 24.07 31.20 38.31
C ASN A 1212 23.50 31.17 36.90
N GLU A 1213 22.18 31.38 36.81
CA GLU A 1213 21.47 31.18 35.57
C GLU A 1213 21.93 32.12 34.46
N ASP A 1214 22.46 33.29 34.82
CA ASP A 1214 22.96 34.19 33.77
C ASP A 1214 24.35 33.83 33.31
N GLU A 1215 25.05 32.93 34.00
CA GLU A 1215 26.36 32.48 33.61
C GLU A 1215 26.37 31.03 33.13
N ILE A 1216 25.31 30.27 33.46
CA ILE A 1216 25.23 28.87 33.04
C ILE A 1216 25.21 28.76 31.52
N SER A 1217 24.41 29.60 30.86
CA SER A 1217 24.31 29.50 29.41
C SER A 1217 25.63 29.85 28.74
N ALA A 1218 26.38 30.78 29.31
CA ALA A 1218 27.67 31.14 28.74
C ALA A 1218 28.75 30.10 29.04
N LYS A 1219 28.62 29.37 30.13
CA LYS A 1219 29.59 28.33 30.44
C LYS A 1219 29.22 26.97 29.86
N LEU A 1220 28.01 26.83 29.32
CA LEU A 1220 27.62 25.57 28.67
C LEU A 1220 28.50 25.17 27.50
N PRO A 1221 28.99 26.08 26.64
CA PRO A 1221 29.90 25.62 25.59
C PRO A 1221 31.12 24.88 26.11
N LEU A 1222 31.70 25.34 27.23
CA LEU A 1222 32.85 24.66 27.80
C LEU A 1222 32.47 23.28 28.32
N ALA A 1223 31.31 23.16 28.98
CA ALA A 1223 30.87 21.86 29.45
C ALA A 1223 30.66 20.90 28.30
N TYR A 1224 30.04 21.38 27.21
CA TYR A 1224 29.82 20.52 26.05
C TYR A 1224 31.15 20.11 25.42
N ASP A 1225 32.11 21.03 25.35
CA ASP A 1225 33.41 20.69 24.80
C ASP A 1225 34.08 19.62 25.62
N TYR A 1226 34.02 19.73 26.95
CA TYR A 1226 34.62 18.71 27.80
C TYR A 1226 33.86 17.39 27.80
N ILE A 1227 32.56 17.42 27.51
CA ILE A 1227 31.79 16.18 27.50
C ILE A 1227 32.01 15.42 26.20
N LEU A 1228 31.76 16.09 25.07
CA LEU A 1228 31.88 15.44 23.78
C LEU A 1228 33.33 15.13 23.45
N ASN A 1229 34.21 16.12 23.61
CA ASN A 1229 35.64 15.95 23.44
C ASN A 1229 36.30 15.80 24.80
N LYS A 1230 37.63 15.70 24.81
CA LYS A 1230 38.37 15.60 26.05
C LYS A 1230 39.14 16.87 26.39
N LYS A 1231 38.77 18.00 25.79
CA LYS A 1231 39.48 19.25 26.06
C LYS A 1231 39.08 19.79 27.42
N GLU A 1232 40.08 20.15 28.23
CA GLU A 1232 39.87 20.72 29.55
C GLU A 1232 40.09 22.23 29.48
N SER A 1233 39.15 22.99 30.04
CA SER A 1233 39.21 24.44 30.02
C SER A 1233 39.58 24.96 31.39
N SER A 1234 40.57 25.85 31.45
CA SER A 1234 40.99 26.45 32.71
C SER A 1234 39.96 27.42 33.27
N SER A 1235 38.96 27.80 32.49
CA SER A 1235 37.92 28.73 32.93
C SER A 1235 36.79 28.05 33.67
N ILE A 1236 36.90 26.74 33.91
CA ILE A 1236 35.90 26.01 34.68
C ILE A 1236 36.61 25.30 35.82
N PRO A 1237 36.03 25.21 37.01
CA PRO A 1237 36.71 24.54 38.11
C PRO A 1237 36.90 23.06 37.87
N VAL A 1238 37.95 22.51 38.48
CA VAL A 1238 38.26 21.09 38.34
C VAL A 1238 37.18 20.23 38.97
N GLU A 1239 36.51 20.74 40.00
CA GLU A 1239 35.44 19.98 40.64
C GLU A 1239 34.30 19.73 39.65
N ILE A 1240 33.93 20.74 38.87
CA ILE A 1240 32.87 20.57 37.88
C ILE A 1240 33.29 19.55 36.82
N LEU A 1241 34.53 19.63 36.37
CA LEU A 1241 35.02 18.67 35.39
C LEU A 1241 34.97 17.25 35.93
N ASN A 1242 35.39 17.05 37.18
CA ASN A 1242 35.38 15.72 37.76
C ASN A 1242 33.94 15.22 37.94
N LYS A 1243 33.03 16.10 38.35
CA LYS A 1243 31.63 15.71 38.45
C LYS A 1243 31.06 15.34 37.09
N LEU A 1244 31.53 15.99 36.02
CA LEU A 1244 31.08 15.66 34.68
C LEU A 1244 31.62 14.31 34.22
N SER A 1245 32.89 14.03 34.52
CA SER A 1245 33.53 12.84 33.99
C SER A 1245 32.93 11.57 34.57
N GLU A 1246 32.34 11.64 35.76
CA GLU A 1246 31.82 10.43 36.38
C GLU A 1246 30.52 9.95 35.76
N LEU A 1247 29.90 10.72 34.88
CA LEU A 1247 28.62 10.36 34.29
C LEU A 1247 28.78 10.01 32.82
N PRO A 1248 27.93 9.10 32.30
CA PRO A 1248 27.97 8.83 30.87
C PRO A 1248 27.50 10.04 30.09
N PRO A 1249 28.05 10.25 28.88
CA PRO A 1249 27.56 11.37 28.06
C PRO A 1249 26.09 11.27 27.72
N HIS A 1250 25.54 10.05 27.63
CA HIS A 1250 24.11 9.95 27.33
C HIS A 1250 23.24 10.32 28.52
N GLU A 1251 23.81 10.49 29.70
CA GLU A 1251 23.09 10.99 30.86
C GLU A 1251 23.14 12.50 31.00
N LEU A 1252 23.96 13.17 30.21
CA LEU A 1252 24.11 14.62 30.29
C LEU A 1252 23.50 15.34 29.11
N LEU A 1253 23.13 14.63 28.05
CA LEU A 1253 22.55 15.23 26.85
C LEU A 1253 21.19 14.60 26.60
N THR A 1254 20.41 15.25 25.74
CA THR A 1254 19.05 14.81 25.44
C THR A 1254 18.96 14.32 24.00
N PRO A 1255 18.58 13.07 23.78
CA PRO A 1255 18.54 12.52 22.42
C PRO A 1255 17.29 12.94 21.65
N VAL A 1256 17.28 12.59 20.37
CA VAL A 1256 16.10 12.80 19.54
C VAL A 1256 14.95 11.94 20.04
N LEU A 1257 15.26 10.75 20.55
CA LEU A 1257 14.23 9.82 20.98
C LEU A 1257 13.42 10.41 22.14
N GLY A 1258 12.14 10.03 22.20
CA GLY A 1258 11.27 10.50 23.26
C GLY A 1258 10.53 11.78 22.94
N GLN A 1259 10.85 12.42 21.82
CA GLN A 1259 10.17 13.62 21.38
C GLN A 1259 8.97 13.24 20.51
N SER A 1260 7.90 14.03 20.62
CA SER A 1260 6.67 13.78 19.88
C SER A 1260 6.27 15.04 19.13
N VAL A 1261 5.37 14.87 18.15
CA VAL A 1261 4.93 15.97 17.29
C VAL A 1261 3.41 15.93 17.15
N ASN A 1262 2.89 16.97 16.51
CA ASN A 1262 1.46 17.07 16.28
C ASN A 1262 1.00 15.96 15.34
N PRO A 1263 -0.27 15.54 15.45
CA PRO A 1263 -0.75 14.46 14.57
C PRO A 1263 -0.72 14.84 13.11
N LEU A 1264 -0.64 16.12 12.77
CA LEU A 1264 -0.51 16.56 11.39
C LEU A 1264 0.82 16.18 10.77
N GLY A 1265 1.80 15.79 11.58
CA GLY A 1265 3.01 15.20 11.06
C GLY A 1265 4.15 16.15 10.77
N MET A 1266 4.03 17.43 11.11
CA MET A 1266 5.13 18.36 10.94
C MET A 1266 5.19 19.32 12.13
N GLY A 1267 6.41 19.59 12.58
CA GLY A 1267 6.63 20.59 13.60
C GLY A 1267 7.77 21.51 13.18
N TYR A 1268 7.73 22.73 13.71
CA TYR A 1268 8.68 23.76 13.35
C TYR A 1268 9.22 24.44 14.60
N SER A 1269 10.42 24.99 14.49
CA SER A 1269 10.96 25.78 15.58
C SER A 1269 10.22 27.11 15.69
N SER A 1270 10.23 27.67 16.90
CA SER A 1270 9.58 28.95 17.16
C SER A 1270 10.63 29.98 17.54
N ASP A 1271 10.26 31.25 17.39
CA ASP A 1271 11.11 32.36 17.78
C ASP A 1271 10.20 33.49 18.24
N ASN A 1272 10.05 33.63 19.57
CA ASN A 1272 9.13 34.60 20.16
C ASN A 1272 7.70 34.37 19.67
N GLY A 1273 7.31 33.11 19.55
CA GLY A 1273 5.97 32.75 19.17
C GLY A 1273 5.72 32.68 17.67
N LYS A 1274 6.68 33.07 16.85
CA LYS A 1274 6.55 32.99 15.41
C LYS A 1274 7.34 31.77 14.93
N ILE A 1275 6.65 30.82 14.29
CA ILE A 1275 7.32 29.60 13.87
C ILE A 1275 8.31 29.92 12.75
N THR A 1276 9.40 29.16 12.72
CA THR A 1276 10.49 29.34 11.77
C THR A 1276 10.72 28.02 11.06
N GLU A 1277 11.69 28.01 10.15
CA GLU A 1277 12.08 26.79 9.45
C GLU A 1277 13.54 26.46 9.71
N GLN A 1278 14.08 26.88 10.86
CA GLN A 1278 15.43 26.46 11.21
C GLN A 1278 15.52 24.95 11.36
N VAL A 1279 14.53 24.36 12.03
CA VAL A 1279 14.45 22.92 12.19
C VAL A 1279 13.07 22.47 11.70
N ILE A 1280 13.04 21.38 10.96
CA ILE A 1280 11.79 20.78 10.51
C ILE A 1280 11.76 19.38 11.10
N VAL A 1281 11.02 19.21 12.17
CA VAL A 1281 10.79 17.89 12.75
C VAL A 1281 9.57 17.29 12.06
N SER A 1282 9.70 16.03 11.62
CA SER A 1282 8.75 15.45 10.68
C SER A 1282 8.30 14.09 11.18
N GLY A 1283 7.31 14.09 12.07
CA GLY A 1283 6.57 12.91 12.47
C GLY A 1283 7.35 11.63 12.61
N ALA A 1284 6.74 10.52 12.21
CA ALA A 1284 7.39 9.22 12.27
C ALA A 1284 6.95 8.42 11.06
N ASP A 1285 7.80 7.46 10.68
CA ASP A 1285 7.45 6.57 9.59
C ASP A 1285 6.26 5.71 9.97
N GLY A 1286 5.37 5.47 9.01
CA GLY A 1286 4.19 4.67 9.23
C GLY A 1286 2.98 5.45 9.69
N PHE A 1287 3.16 6.68 10.11
CA PHE A 1287 2.07 7.54 10.56
C PHE A 1287 1.58 8.41 9.39
N ASP A 1288 0.29 8.72 9.40
CA ASP A 1288 -0.29 9.54 8.36
C ASP A 1288 0.22 10.99 8.43
N ASN A 1289 0.48 11.57 7.26
CA ASN A 1289 1.14 12.87 7.15
C ASN A 1289 0.42 13.73 6.12
N PRO A 1290 -0.65 14.42 6.52
CA PRO A 1290 -1.32 15.32 5.56
C PRO A 1290 -0.45 16.46 5.08
N ILE A 1291 0.36 17.03 5.96
CA ILE A 1291 1.16 18.19 5.58
C ILE A 1291 2.17 17.81 4.52
N SER A 1292 2.64 16.56 4.51
CA SER A 1292 3.58 16.12 3.50
C SER A 1292 2.97 16.20 2.10
N GLY A 1293 1.78 15.62 1.93
CA GLY A 1293 1.12 15.68 0.64
C GLY A 1293 0.79 17.10 0.23
N LEU A 1294 0.26 17.89 1.17
CA LEU A 1294 -0.08 19.26 0.84
C LEU A 1294 1.16 20.05 0.42
N ILE A 1295 2.27 19.83 1.11
CA ILE A 1295 3.51 20.50 0.78
C ILE A 1295 4.00 20.09 -0.60
N TYR A 1296 3.87 18.81 -0.95
CA TYR A 1296 4.34 18.38 -2.26
C TYR A 1296 3.51 19.02 -3.38
N THR A 1297 2.18 19.02 -3.24
CA THR A 1297 1.37 19.69 -4.27
C THR A 1297 1.69 21.17 -4.33
N TYR A 1298 1.85 21.83 -3.19
CA TYR A 1298 2.17 23.26 -3.20
C TYR A 1298 3.51 23.53 -3.86
N LEU A 1299 4.51 22.67 -3.62
CA LEU A 1299 5.81 22.88 -4.25
C LEU A 1299 5.73 22.69 -5.75
N GLU A 1300 4.93 21.72 -6.22
CA GLU A 1300 4.74 21.59 -7.66
C GLU A 1300 4.07 22.84 -8.24
N ASP A 1301 3.06 23.37 -7.54
CA ASP A 1301 2.40 24.59 -8.01
C ASP A 1301 3.40 25.74 -8.09
N LEU A 1302 4.24 25.90 -7.06
CA LEU A 1302 5.23 26.96 -7.08
C LEU A 1302 6.19 26.78 -8.24
N TYR A 1303 6.58 25.55 -8.52
CA TYR A 1303 7.48 25.31 -9.65
C TYR A 1303 6.83 25.71 -10.97
N ASN A 1304 5.55 25.38 -11.15
CA ASN A 1304 4.86 25.73 -12.38
C ASN A 1304 4.77 27.25 -12.53
N ILE A 1305 4.41 27.94 -11.44
CA ILE A 1305 4.33 29.39 -11.49
C ILE A 1305 5.70 29.97 -11.85
N HIS A 1306 6.75 29.42 -11.26
CA HIS A 1306 8.11 29.92 -11.51
C HIS A 1306 8.52 29.72 -12.97
N VAL A 1307 8.27 28.53 -13.50
CA VAL A 1307 8.74 28.23 -14.86
C VAL A 1307 7.96 29.05 -15.88
N ARG A 1308 6.67 29.29 -15.64
CA ARG A 1308 5.93 30.11 -16.59
C ARG A 1308 6.15 31.59 -16.37
N MET A 1309 6.62 31.99 -15.18
CA MET A 1309 7.02 33.37 -14.94
C MET A 1309 8.37 33.70 -15.55
N ARG A 1310 9.25 32.70 -15.67
CA ARG A 1310 10.58 32.96 -16.23
C ARG A 1310 10.49 33.48 -17.65
N GLU A 1311 9.63 32.90 -18.47
CA GLU A 1311 9.45 33.39 -19.83
C GLU A 1311 8.62 34.67 -19.89
N GLY A 1312 7.85 34.96 -18.84
CA GLY A 1312 7.02 36.14 -18.82
C GLY A 1312 5.69 35.99 -19.52
N THR A 1313 5.21 34.77 -19.70
CA THR A 1313 3.95 34.52 -20.39
C THR A 1313 2.78 34.30 -19.45
N LEU A 1314 2.96 34.57 -18.16
CA LEU A 1314 1.90 34.42 -17.17
C LEU A 1314 0.97 35.62 -17.20
N ASN A 1315 -0.33 35.35 -17.31
CA ASN A 1315 -1.36 36.35 -17.03
C ASN A 1315 -2.38 35.73 -16.07
N SER A 1316 -3.53 36.39 -15.89
CA SER A 1316 -4.48 35.95 -14.87
C SER A 1316 -4.96 34.53 -15.14
N GLN A 1317 -5.49 34.31 -16.35
CA GLN A 1317 -6.07 33.01 -16.71
C GLN A 1317 -5.02 31.90 -16.63
N ASN A 1318 -3.79 32.19 -17.03
CA ASN A 1318 -2.75 31.18 -16.91
C ASN A 1318 -2.56 30.76 -15.47
N LEU A 1319 -2.52 31.72 -14.56
CA LEU A 1319 -2.50 31.41 -13.14
C LEU A 1319 -3.73 30.61 -12.74
N ARG A 1320 -4.89 30.98 -13.28
CA ARG A 1320 -6.14 30.27 -12.89
C ARG A 1320 -5.93 28.79 -13.18
N GLN A 1321 -5.40 28.47 -14.37
CA GLN A 1321 -5.11 27.06 -14.74
C GLN A 1321 -3.95 26.53 -13.89
N LEU A 1322 -2.85 27.29 -13.80
CA LEU A 1322 -1.66 26.83 -13.04
C LEU A 1322 -2.08 26.41 -11.63
N LEU A 1323 -3.19 26.96 -11.13
CA LEU A 1323 -3.62 26.64 -9.77
C LEU A 1323 -4.89 25.81 -9.72
N GLU A 1324 -5.48 25.49 -10.86
CA GLU A 1324 -6.67 24.64 -10.87
C GLU A 1324 -6.34 23.25 -10.35
N ASN A 1325 -7.38 22.60 -9.80
CA ASN A 1325 -7.24 21.26 -9.22
C ASN A 1325 -6.14 21.24 -8.15
N SER A 1326 -6.07 22.31 -7.36
CA SER A 1326 -5.11 22.44 -6.29
C SER A 1326 -5.73 23.29 -5.20
N VAL A 1327 -5.43 22.95 -3.94
CA VAL A 1327 -5.89 23.76 -2.83
C VAL A 1327 -5.25 25.14 -2.83
N SER A 1328 -4.06 25.26 -3.43
CA SER A 1328 -3.34 26.52 -3.43
C SER A 1328 -4.08 27.61 -4.20
N SER A 1329 -5.05 27.25 -5.05
CA SER A 1329 -5.84 28.27 -5.71
C SER A 1329 -6.65 29.10 -4.73
N CYS A 1330 -6.77 28.64 -3.48
CA CYS A 1330 -7.38 29.46 -2.44
C CYS A 1330 -6.64 30.78 -2.26
N PHE A 1331 -5.33 30.80 -2.54
CA PHE A 1331 -4.55 32.02 -2.42
C PHE A 1331 -4.77 32.98 -3.57
N LEU A 1332 -5.51 32.58 -4.60
CA LEU A 1332 -5.70 33.41 -5.79
C LEU A 1332 -6.76 34.46 -5.52
N THR A 1333 -6.34 35.54 -4.89
CA THR A 1333 -7.17 36.73 -4.74
C THR A 1333 -6.80 37.75 -5.79
N GLU A 1334 -7.64 38.79 -5.91
CA GLU A 1334 -7.35 39.85 -6.87
C GLU A 1334 -6.07 40.57 -6.51
N GLN A 1335 -5.86 40.86 -5.23
CA GLN A 1335 -4.64 41.55 -4.82
C GLN A 1335 -3.43 40.64 -5.01
N SER A 1336 -3.59 39.34 -4.71
CA SER A 1336 -2.50 38.39 -4.92
C SER A 1336 -2.15 38.24 -6.39
N ILE A 1337 -3.18 38.15 -7.25
CA ILE A 1337 -2.92 38.07 -8.68
C ILE A 1337 -2.21 39.33 -9.17
N ASN A 1338 -2.69 40.49 -8.72
CA ASN A 1338 -2.07 41.75 -9.14
C ASN A 1338 -0.62 41.80 -8.72
N LYS A 1339 -0.33 41.39 -7.48
CA LYS A 1339 1.06 41.38 -7.00
C LYS A 1339 1.91 40.41 -7.80
N LEU A 1340 1.36 39.23 -8.12
CA LEU A 1340 2.14 38.23 -8.85
C LEU A 1340 2.49 38.71 -10.25
N LEU A 1341 1.52 39.28 -10.97
CA LEU A 1341 1.84 39.84 -12.28
C LEU A 1341 2.76 41.05 -12.17
N SER A 1342 2.59 41.87 -11.14
CA SER A 1342 3.45 43.04 -10.97
C SER A 1342 4.89 42.63 -10.74
N GLU A 1343 5.11 41.60 -9.92
CA GLU A 1343 6.45 41.12 -9.68
C GLU A 1343 7.01 40.39 -10.89
N ALA A 1344 6.15 39.71 -11.66
CA ALA A 1344 6.62 39.08 -12.88
C ALA A 1344 7.10 40.10 -13.90
N GLU A 1345 6.37 41.21 -14.06
CA GLU A 1345 6.80 42.22 -15.02
C GLU A 1345 8.01 42.99 -14.51
N LYS A 1346 8.09 43.19 -13.19
CA LYS A 1346 9.21 43.93 -12.62
C LYS A 1346 10.54 43.21 -12.86
N ARG A 1347 10.60 41.93 -12.50
CA ARG A 1347 11.79 41.13 -12.72
C ARG A 1347 11.38 39.70 -13.06
N PRO A 1348 11.68 39.22 -14.28
CA PRO A 1348 11.17 37.92 -14.70
C PRO A 1348 11.65 36.74 -13.87
N TYR A 1349 12.88 36.77 -13.38
CA TYR A 1349 13.45 35.64 -12.64
C TYR A 1349 13.24 35.85 -11.16
N GLN A 1350 12.56 34.90 -10.52
CA GLN A 1350 12.20 35.05 -9.12
C GLN A 1350 12.33 33.69 -8.44
N SER A 1351 12.69 33.70 -7.17
CA SER A 1351 12.87 32.44 -6.47
C SER A 1351 11.53 31.88 -6.01
N LEU A 1352 11.56 30.63 -5.57
CA LEU A 1352 10.32 29.95 -5.19
C LEU A 1352 9.73 30.54 -3.92
N THR A 1353 10.57 30.84 -2.92
CA THR A 1353 10.04 31.41 -1.69
C THR A 1353 9.48 32.81 -1.92
N GLU A 1354 10.15 33.60 -2.76
CA GLU A 1354 9.61 34.92 -3.09
C GLU A 1354 8.30 34.79 -3.85
N ILE A 1355 8.18 33.78 -4.70
CA ILE A 1355 6.93 33.55 -5.43
C ILE A 1355 5.81 33.18 -4.48
N HIS A 1356 6.11 32.32 -3.51
CA HIS A 1356 5.10 31.95 -2.53
C HIS A 1356 4.73 33.14 -1.66
N GLN A 1357 5.70 33.99 -1.35
CA GLN A 1357 5.41 35.20 -0.59
C GLN A 1357 4.51 36.14 -1.36
N HIS A 1358 4.75 36.29 -2.66
CA HIS A 1358 3.88 37.12 -3.49
C HIS A 1358 2.47 36.54 -3.55
N LEU A 1359 2.37 35.21 -3.69
CA LEU A 1359 1.07 34.60 -3.87
C LEU A 1359 0.25 34.61 -2.59
N THR A 1360 0.88 34.34 -1.45
CA THR A 1360 0.15 34.20 -0.20
C THR A 1360 0.32 35.37 0.75
N GLY A 1361 1.46 36.05 0.71
CA GLY A 1361 1.74 37.11 1.65
C GLY A 1361 2.36 36.65 2.95
N LEU A 1362 2.50 35.35 3.15
CA LEU A 1362 3.10 34.78 4.34
C LEU A 1362 4.60 34.64 4.16
N PRO A 1363 5.36 34.72 5.24
CA PRO A 1363 6.83 34.72 5.12
C PRO A 1363 7.38 33.37 4.72
N THR A 1364 6.91 32.31 5.38
CA THR A 1364 7.47 30.97 5.23
C THR A 1364 6.41 30.01 4.73
N ILE A 1365 6.87 28.94 4.07
CA ILE A 1365 5.97 27.88 3.66
C ILE A 1365 5.36 27.19 4.88
N ALA A 1366 6.11 27.16 5.98
CA ALA A 1366 5.56 26.66 7.24
C ALA A 1366 4.32 27.43 7.64
N ASP A 1367 4.31 28.76 7.40
CA ASP A 1367 3.11 29.54 7.65
C ASP A 1367 1.98 29.15 6.71
N ALA A 1368 2.30 28.86 5.46
CA ALA A 1368 1.30 28.48 4.49
C ALA A 1368 0.74 27.08 4.72
N THR A 1369 1.39 26.28 5.56
CA THR A 1369 0.93 24.90 5.77
C THR A 1369 -0.48 24.87 6.35
N LEU A 1370 -0.75 25.69 7.36
CA LEU A 1370 -2.07 25.68 7.98
C LEU A 1370 -3.11 26.25 7.04
N SER A 1371 -2.73 27.24 6.23
CA SER A 1371 -3.65 27.76 5.22
C SER A 1371 -4.00 26.69 4.21
N LEU A 1372 -3.01 25.90 3.77
CA LEU A 1372 -3.26 24.83 2.83
C LEU A 1372 -4.18 23.78 3.44
N LEU A 1373 -3.93 23.42 4.69
CA LEU A 1373 -4.73 22.38 5.33
C LEU A 1373 -6.16 22.85 5.57
N SER A 1374 -6.34 24.14 5.83
CA SER A 1374 -7.65 24.73 6.08
C SER A 1374 -8.67 24.41 5.00
N VAL A 1375 -8.21 24.17 3.77
CA VAL A 1375 -9.14 23.83 2.69
C VAL A 1375 -9.88 22.54 3.00
N GLY A 1376 -9.14 21.52 3.43
CA GLY A 1376 -9.77 20.27 3.83
C GLY A 1376 -10.37 20.28 5.22
N LEU A 1377 -9.96 21.23 6.05
CA LEU A 1377 -10.46 21.38 7.41
C LEU A 1377 -10.95 22.81 7.60
N PRO A 1378 -12.08 23.15 6.99
CA PRO A 1378 -12.66 24.49 7.23
C PRO A 1378 -13.18 24.60 8.65
N GLY A 1379 -13.13 25.81 9.17
CA GLY A 1379 -13.59 26.02 10.53
C GLY A 1379 -12.56 25.61 11.56
N THR A 1380 -12.28 24.31 11.64
CA THR A 1380 -11.27 23.84 12.58
C THR A 1380 -9.89 24.39 12.23
N GLY A 1381 -9.54 24.40 10.95
CA GLY A 1381 -8.32 25.07 10.54
C GLY A 1381 -8.38 26.57 10.80
N LYS A 1382 -9.53 27.18 10.49
CA LYS A 1382 -9.71 28.60 10.79
C LYS A 1382 -9.67 28.85 12.29
N LEU A 1383 -10.29 27.99 13.08
CA LEU A 1383 -10.27 28.17 14.52
C LEU A 1383 -8.86 28.05 15.07
N LEU A 1384 -8.10 27.06 14.59
CA LEU A 1384 -6.72 26.90 15.04
C LEU A 1384 -5.86 28.09 14.64
N ARG A 1385 -6.11 28.67 13.46
CA ARG A 1385 -5.39 29.87 13.06
C ARG A 1385 -5.77 31.07 13.92
N ARG A 1386 -7.04 31.20 14.27
CA ARG A 1386 -7.49 32.32 15.09
C ARG A 1386 -7.01 32.20 16.51
N GLU A 1387 -6.76 30.97 16.98
CA GLU A 1387 -6.26 30.79 18.34
C GLU A 1387 -4.91 31.45 18.53
N GLN A 1388 -4.13 31.55 17.46
CA GLN A 1388 -2.78 32.11 17.56
C GLN A 1388 -2.79 33.59 17.93
N ASP A 1389 -3.91 34.27 17.71
CA ASP A 1389 -4.04 35.68 18.11
C ASP A 1389 -4.34 35.83 19.59
N TYR A 1390 -4.66 34.75 20.28
CA TYR A 1390 -5.04 34.78 21.69
C TYR A 1390 -4.05 33.99 22.55
N GLY A 1391 -2.79 33.94 22.13
CA GLY A 1391 -1.74 33.35 22.90
C GLY A 1391 -1.53 31.86 22.73
N ARG A 1392 -2.48 31.17 22.08
CA ARG A 1392 -2.37 29.73 21.95
C ARG A 1392 -1.21 29.39 21.02
N PRO A 1393 -0.56 28.24 21.23
CA PRO A 1393 0.56 27.88 20.39
C PRO A 1393 0.10 27.52 18.99
N PRO A 1394 0.90 27.80 17.97
CA PRO A 1394 0.61 27.25 16.65
C PRO A 1394 0.63 25.73 16.72
N VAL A 1395 -0.32 25.10 16.01
CA VAL A 1395 -0.42 23.65 16.06
C VAL A 1395 0.78 22.98 15.42
N THR A 1396 1.50 23.69 14.56
CA THR A 1396 2.65 23.14 13.84
C THR A 1396 3.97 23.57 14.47
N ALA A 1397 3.95 24.07 15.69
CA ALA A 1397 5.15 24.50 16.39
C ALA A 1397 5.38 23.61 17.60
N ILE A 1398 6.59 23.09 17.73
CA ILE A 1398 6.93 22.22 18.85
C ILE A 1398 7.22 23.07 20.08
N GLN A 1399 6.79 22.59 21.24
CA GLN A 1399 6.92 23.32 22.49
C GLN A 1399 8.10 22.87 23.32
N ASP A 1400 8.23 21.56 23.56
CA ASP A 1400 9.42 21.01 24.20
C ASP A 1400 10.51 20.82 23.16
N SER A 1401 11.64 21.48 23.34
CA SER A 1401 12.74 21.40 22.41
C SER A 1401 13.90 20.65 23.05
N THR A 1402 14.37 19.60 22.38
CA THR A 1402 15.55 18.86 22.82
C THR A 1402 16.80 19.25 22.04
N PHE A 1403 16.80 20.43 21.42
CA PHE A 1403 17.94 20.88 20.64
C PHE A 1403 18.26 22.33 20.99
N VAL A 1404 19.51 22.70 20.78
CA VAL A 1404 19.99 24.05 21.06
C VAL A 1404 20.91 24.50 19.93
N LEU A 1405 20.79 25.76 19.56
CA LEU A 1405 21.73 26.31 18.58
C LEU A 1405 23.12 26.37 19.19
N PRO A 1406 24.17 26.24 18.38
CA PRO A 1406 25.53 26.37 18.93
C PRO A 1406 25.96 27.80 19.20
N TYR A 1407 25.36 28.79 18.53
CA TYR A 1407 25.86 30.16 18.62
C TYR A 1407 25.26 30.95 19.78
N ASN A 1408 24.18 30.48 20.38
CA ASN A 1408 23.68 31.09 21.60
C ASN A 1408 23.24 30.09 22.66
N PHE A 1409 23.19 28.81 22.35
CA PHE A 1409 22.73 27.77 23.28
C PHE A 1409 21.36 28.12 23.84
N LYS A 1410 20.44 28.44 22.94
CA LYS A 1410 19.06 28.76 23.29
C LYS A 1410 18.13 27.77 22.60
N GLY A 1411 17.05 27.43 23.29
CA GLY A 1411 16.13 26.44 22.77
C GLY A 1411 15.41 26.91 21.53
N ILE A 1412 14.74 25.96 20.88
CA ILE A 1412 13.98 26.22 19.67
C ILE A 1412 12.50 25.95 19.85
N GLY A 1413 12.07 25.63 21.06
CA GLY A 1413 10.68 25.33 21.30
C GLY A 1413 9.84 26.58 21.44
N PHE A 1414 8.53 26.36 21.60
CA PHE A 1414 7.60 27.48 21.66
C PHE A 1414 7.72 28.21 22.99
N ASN A 1415 7.60 27.43 24.06
CA ASN A 1415 7.62 28.00 25.44
C ASN A 1415 8.59 27.16 26.28
N ASP A 1416 9.89 27.32 26.10
CA ASP A 1416 10.81 26.41 26.82
C ASP A 1416 12.04 27.16 27.32
N ASN A 1417 12.62 26.69 28.44
CA ASN A 1417 13.88 27.28 28.92
C ASN A 1417 14.89 26.14 29.06
N ILE A 1418 16.03 26.22 28.40
CA ILE A 1418 16.99 25.08 28.41
C ILE A 1418 17.92 25.20 29.61
N ILE A 1419 17.61 26.06 30.59
CA ILE A 1419 18.53 26.28 31.74
C ILE A 1419 17.69 26.25 33.02
N SER A 1420 16.39 25.98 32.90
CA SER A 1420 15.54 26.03 34.10
C SER A 1420 14.40 25.03 33.98
N SER A 1421 14.18 24.52 32.77
CA SER A 1421 13.13 23.49 32.56
C SER A 1421 13.77 22.34 31.80
N ALA A 1422 15.10 22.24 31.87
CA ALA A 1422 15.82 21.18 31.13
C ALA A 1422 15.19 19.82 31.40
N PRO A 1423 15.22 18.90 30.43
CA PRO A 1423 14.60 17.58 30.56
C PRO A 1423 15.40 16.66 31.46
N VAL A 1424 14.70 15.71 32.07
CA VAL A 1424 15.34 14.75 32.97
C VAL A 1424 16.12 13.73 32.15
N ALA A 1425 17.30 13.36 32.63
CA ALA A 1425 18.09 12.34 31.96
C ALA A 1425 17.43 10.98 32.10
N SER A 1426 17.44 10.22 31.02
CA SER A 1426 16.86 8.88 31.00
C SER A 1426 17.97 7.85 31.03
N SER A 1427 17.92 6.94 32.00
CA SER A 1427 18.94 5.91 32.12
C SER A 1427 18.74 4.85 31.04
N LEU A 1428 19.85 4.37 30.49
CA LEU A 1428 19.84 3.39 29.42
C LEU A 1428 20.26 2.04 29.98
N HIS A 1429 19.46 1.01 29.71
CA HIS A 1429 19.73 -0.34 30.20
C HIS A 1429 20.72 -1.01 29.26
N PHE A 1430 22.01 -0.85 29.55
CA PHE A 1430 23.04 -1.55 28.79
C PHE A 1430 22.94 -3.05 29.05
N ILE A 1431 23.14 -3.84 28.00
CA ILE A 1431 22.96 -5.28 28.06
C ILE A 1431 24.20 -5.96 27.50
N ALA A 1432 24.38 -7.23 27.88
CA ALA A 1432 25.55 -8.00 27.45
C ALA A 1432 25.55 -8.18 25.93
N GLU A 1433 26.76 -8.31 25.38
CA GLU A 1433 26.91 -8.37 23.92
C GLU A 1433 26.34 -9.66 23.33
N HIS A 1434 26.13 -10.69 24.14
CA HIS A 1434 25.56 -11.94 23.68
C HIS A 1434 24.17 -12.08 24.29
N ALA A 1435 23.21 -12.50 23.47
CA ALA A 1435 21.84 -12.67 23.91
C ALA A 1435 21.53 -14.14 24.13
N LYS A 1436 20.84 -14.44 25.24
CA LYS A 1436 20.47 -15.81 25.51
C LYS A 1436 19.54 -16.37 24.44
N TYR A 1437 18.59 -15.57 23.99
CA TYR A 1437 17.63 -15.99 22.98
C TYR A 1437 17.72 -15.09 21.76
N THR A 1438 17.56 -15.68 20.59
CA THR A 1438 17.41 -14.96 19.34
C THR A 1438 15.97 -14.99 18.89
N LEU A 1439 15.71 -14.42 17.71
CA LEU A 1439 14.35 -14.39 17.19
C LEU A 1439 13.85 -15.80 16.86
N LEU A 1440 14.73 -16.64 16.31
CA LEU A 1440 14.32 -18.00 15.96
C LEU A 1440 14.14 -18.87 17.20
N SER A 1441 15.02 -18.74 18.18
CA SER A 1441 15.01 -19.58 19.37
C SER A 1441 14.19 -18.99 20.51
N TRP A 1442 13.61 -17.80 20.33
CA TRP A 1442 12.81 -17.20 21.39
C TRP A 1442 11.64 -18.05 21.88
N PRO A 1443 10.81 -18.66 21.01
CA PRO A 1443 9.62 -19.34 21.52
C PRO A 1443 9.91 -20.48 22.47
N GLU A 1444 11.14 -21.00 22.49
CA GLU A 1444 11.50 -22.05 23.42
C GLU A 1444 11.33 -21.59 24.86
N PHE A 1445 11.66 -20.33 25.13
CA PHE A 1445 11.56 -19.80 26.50
C PHE A 1445 10.13 -19.85 27.01
N TYR A 1446 9.18 -19.38 26.19
CA TYR A 1446 7.78 -19.45 26.59
C TYR A 1446 7.28 -20.88 26.62
N ARG A 1447 7.71 -21.71 25.67
CA ARG A 1447 7.22 -23.09 25.59
C ARG A 1447 7.63 -23.90 26.81
N HIS A 1448 8.86 -23.72 27.28
CA HIS A 1448 9.34 -24.53 28.39
C HIS A 1448 8.69 -24.13 29.71
N HIS A 1449 8.31 -22.86 29.85
CA HIS A 1449 7.81 -22.34 31.12
C HIS A 1449 6.31 -22.10 31.15
N ALA A 1450 5.60 -22.29 30.04
CA ALA A 1450 4.18 -21.94 30.02
C ALA A 1450 3.37 -22.81 30.97
N GLN A 1451 3.63 -24.12 30.97
CA GLN A 1451 2.87 -25.00 31.85
C GLN A 1451 3.14 -24.69 33.31
N ARG A 1452 4.40 -24.46 33.67
CA ARG A 1452 4.72 -24.10 35.04
C ARG A 1452 4.13 -22.75 35.41
N TRP A 1453 4.11 -21.81 34.46
CA TRP A 1453 3.51 -20.50 34.71
C TRP A 1453 2.04 -20.66 35.04
N PHE A 1454 1.33 -21.44 34.22
CA PHE A 1454 -0.09 -21.69 34.47
C PHE A 1454 -0.31 -22.37 35.79
N GLU A 1455 0.50 -23.39 36.11
CA GLU A 1455 0.28 -24.13 37.35
C GLU A 1455 0.61 -23.27 38.57
N MET A 1456 1.61 -22.41 38.46
CA MET A 1456 1.92 -21.50 39.56
C MET A 1456 0.79 -20.50 39.78
N ALA A 1457 0.30 -19.90 38.70
CA ALA A 1457 -0.79 -18.94 38.83
C ALA A 1457 -2.04 -19.60 39.38
N LYS A 1458 -2.38 -20.79 38.88
CA LYS A 1458 -3.55 -21.52 39.35
C LYS A 1458 -3.39 -22.00 40.79
N GLY A 1459 -2.14 -22.26 41.21
CA GLY A 1459 -1.93 -22.76 42.56
C GLY A 1459 -2.15 -21.73 43.63
N TYR A 1460 -2.05 -20.45 43.30
CA TYR A 1460 -2.27 -19.37 44.24
C TYR A 1460 -3.68 -18.80 44.19
N GLY A 1461 -4.57 -19.42 43.41
CA GLY A 1461 -5.96 -19.04 43.39
C GLY A 1461 -6.44 -18.25 42.20
N SER A 1462 -5.61 -18.09 41.17
CA SER A 1462 -6.03 -17.34 40.00
C SER A 1462 -7.16 -18.06 39.30
N GLN A 1463 -8.11 -17.30 38.76
CA GLN A 1463 -9.26 -17.86 38.09
C GLN A 1463 -9.35 -17.50 36.62
N ASN A 1464 -8.56 -16.54 36.15
CA ASN A 1464 -8.48 -16.22 34.72
C ASN A 1464 -7.01 -16.04 34.37
N ILE A 1465 -6.46 -17.00 33.64
CA ILE A 1465 -5.09 -16.97 33.17
C ILE A 1465 -5.14 -17.02 31.65
N ASP A 1466 -4.60 -16.00 30.99
CA ASP A 1466 -4.57 -15.94 29.55
C ASP A 1466 -3.14 -15.80 29.07
N PHE A 1467 -2.85 -16.41 27.94
CA PHE A 1467 -1.48 -16.52 27.44
C PHE A 1467 -1.38 -15.75 26.12
N HIS A 1468 -0.67 -14.62 26.15
CA HIS A 1468 -0.34 -13.87 24.94
C HIS A 1468 1.13 -13.49 24.99
N PRO A 1469 2.02 -14.45 24.79
CA PRO A 1469 3.45 -14.13 24.78
C PRO A 1469 3.78 -13.16 23.67
N GLN A 1470 4.76 -12.30 23.94
CA GLN A 1470 5.21 -11.31 22.97
C GLN A 1470 6.41 -11.84 22.21
N SER A 1471 6.44 -11.56 20.92
CA SER A 1471 7.59 -11.89 20.07
C SER A 1471 8.24 -10.64 19.50
N LEU A 1472 7.84 -9.46 19.96
CA LEU A 1472 8.40 -8.22 19.43
C LEU A 1472 9.81 -7.98 19.96
N LEU A 1473 10.02 -8.22 21.25
CA LEU A 1473 11.29 -7.97 21.92
C LEU A 1473 11.82 -9.29 22.46
N VAL A 1474 12.94 -9.75 21.91
CA VAL A 1474 13.63 -10.94 22.41
C VAL A 1474 14.91 -10.61 23.15
N THR A 1475 15.38 -9.37 23.07
CA THR A 1475 16.52 -8.89 23.83
C THR A 1475 16.02 -8.01 24.96
N GLN A 1476 16.55 -8.20 26.15
CA GLN A 1476 16.02 -7.45 27.30
C GLN A 1476 16.45 -6.00 27.33
N GLU A 1477 17.05 -5.42 26.30
CA GLU A 1477 17.31 -3.99 26.31
C GLU A 1477 16.01 -3.22 26.52
N GLY A 1478 16.02 -2.28 27.44
CA GLY A 1478 14.84 -1.53 27.78
C GLY A 1478 13.93 -2.20 28.79
N ARG A 1479 14.21 -3.45 29.16
CA ARG A 1479 13.46 -4.16 30.20
C ARG A 1479 11.98 -4.25 29.88
N CYS A 1480 11.66 -4.38 28.59
CA CYS A 1480 10.28 -4.55 28.11
C CYS A 1480 9.36 -3.48 28.66
N MET A 1481 9.83 -2.23 28.63
CA MET A 1481 9.06 -1.14 29.21
C MET A 1481 7.91 -0.72 28.31
N GLY A 1482 8.08 -0.84 26.99
CA GLY A 1482 7.02 -0.42 26.08
C GLY A 1482 5.74 -1.21 26.24
N LEU A 1483 5.85 -2.53 26.26
CA LEU A 1483 4.66 -3.35 26.44
C LEU A 1483 4.06 -3.19 27.83
N ALA A 1484 4.92 -3.00 28.83
CA ALA A 1484 4.43 -2.77 30.18
C ALA A 1484 3.59 -1.50 30.25
N LEU A 1485 4.07 -0.42 29.62
CA LEU A 1485 3.32 0.82 29.62
C LEU A 1485 2.04 0.71 28.80
N LEU A 1486 2.11 -0.01 27.67
CA LEU A 1486 0.90 -0.26 26.88
C LEU A 1486 -0.17 -0.96 27.70
N TYR A 1487 0.21 -2.04 28.40
CA TYR A 1487 -0.77 -2.74 29.23
C TYR A 1487 -1.21 -1.89 30.42
N LEU A 1488 -0.34 -1.00 30.89
CA LEU A 1488 -0.70 -0.13 32.00
C LEU A 1488 -1.71 0.93 31.59
N GLN A 1489 -1.71 1.31 30.31
CA GLN A 1489 -2.63 2.35 29.84
C GLN A 1489 -4.08 1.97 30.07
N THR A 1490 -4.44 0.72 29.80
CA THR A 1490 -5.83 0.31 29.84
C THR A 1490 -6.38 0.34 31.26
N GLU A 1491 -7.64 0.78 31.39
CA GLU A 1491 -8.34 0.75 32.66
C GLU A 1491 -9.58 -0.12 32.63
N ASP A 1492 -9.84 -0.82 31.52
CA ASP A 1492 -11.04 -1.62 31.38
C ASP A 1492 -10.69 -2.97 30.78
N THR A 1493 -11.52 -3.98 31.10
CA THR A 1493 -11.29 -5.31 30.57
C THR A 1493 -11.41 -5.33 29.05
N ALA A 1494 -12.40 -4.61 28.50
CA ALA A 1494 -12.59 -4.61 27.05
C ALA A 1494 -11.40 -4.00 26.32
N HIS A 1495 -10.90 -2.87 26.82
CA HIS A 1495 -9.72 -2.26 26.21
C HIS A 1495 -8.50 -3.17 26.37
N TYR A 1496 -8.40 -3.86 27.50
CA TYR A 1496 -7.30 -4.80 27.68
C TYR A 1496 -7.37 -5.93 26.65
N SER A 1497 -8.56 -6.48 26.45
CA SER A 1497 -8.70 -7.56 25.47
C SER A 1497 -8.37 -7.07 24.07
N ILE A 1498 -8.83 -5.87 23.71
CA ILE A 1498 -8.49 -5.32 22.41
C ILE A 1498 -6.98 -5.17 22.26
N LEU A 1499 -6.33 -4.59 23.27
CA LEU A 1499 -4.89 -4.37 23.21
C LEU A 1499 -4.13 -5.68 23.10
N GLN A 1500 -4.57 -6.69 23.84
CA GLN A 1500 -3.95 -8.01 23.75
C GLN A 1500 -4.09 -8.58 22.35
N GLU A 1501 -5.25 -8.41 21.73
CA GLU A 1501 -5.45 -8.87 20.36
C GLU A 1501 -4.48 -8.19 19.39
N ASN A 1502 -4.42 -6.85 19.41
CA ASN A 1502 -3.55 -6.19 18.45
C ASN A 1502 -2.09 -6.49 18.74
N LEU A 1503 -1.71 -6.70 20.00
CA LEU A 1503 -0.34 -7.07 20.29
C LEU A 1503 0.00 -8.45 19.75
N MET A 1504 -0.92 -9.41 19.89
CA MET A 1504 -0.70 -10.72 19.29
C MET A 1504 -0.56 -10.60 17.78
N THR A 1505 -1.41 -9.78 17.15
CA THR A 1505 -1.33 -9.60 15.70
C THR A 1505 0.00 -9.00 15.28
N VAL A 1506 0.47 -7.98 15.99
CA VAL A 1506 1.72 -7.33 15.62
C VAL A 1506 2.90 -8.26 15.84
N SER A 1507 2.86 -9.06 16.90
CA SER A 1507 3.93 -10.03 17.14
C SER A 1507 3.98 -11.07 16.03
N ALA A 1508 2.80 -11.56 15.61
CA ALA A 1508 2.76 -12.50 14.50
C ALA A 1508 3.30 -11.88 13.22
N LEU A 1509 2.95 -10.61 12.96
CA LEU A 1509 3.47 -9.93 11.78
C LEU A 1509 4.98 -9.77 11.85
N HIS A 1510 5.50 -9.44 13.03
CA HIS A 1510 6.94 -9.29 13.20
C HIS A 1510 7.66 -10.61 12.98
N GLN A 1511 7.10 -11.71 13.51
CA GLN A 1511 7.67 -13.02 13.27
C GLN A 1511 7.68 -13.35 11.79
N THR A 1512 6.57 -13.07 11.10
CA THR A 1512 6.48 -13.36 9.68
C THR A 1512 7.50 -12.56 8.88
N SER A 1513 7.66 -11.28 9.20
CA SER A 1513 8.49 -10.40 8.37
C SER A 1513 9.97 -10.56 8.66
N ASN A 1514 10.34 -10.74 9.93
CA ASN A 1514 11.75 -10.74 10.32
C ASN A 1514 12.33 -12.14 10.49
N ARG A 1515 11.60 -13.05 11.12
CA ARG A 1515 12.11 -14.41 11.27
C ARG A 1515 12.06 -15.15 9.94
N ASP A 1516 10.97 -15.00 9.19
CA ASP A 1516 10.79 -15.72 7.94
C ASP A 1516 11.21 -14.93 6.71
N LYS A 1517 11.53 -13.64 6.86
CA LYS A 1517 11.94 -12.79 5.75
C LYS A 1517 10.90 -12.78 4.64
N LEU A 1518 9.63 -12.78 5.03
CA LEU A 1518 8.54 -12.74 4.07
C LEU A 1518 8.08 -11.30 3.88
N PRO A 1519 8.09 -10.77 2.64
CA PRO A 1519 7.55 -9.43 2.39
C PRO A 1519 6.13 -9.31 2.96
N LEU A 1520 5.77 -8.13 3.47
CA LEU A 1520 4.43 -7.90 4.05
C LEU A 1520 3.70 -6.85 3.21
N SER A 1521 2.37 -6.85 3.23
CA SER A 1521 1.58 -5.86 2.45
C SER A 1521 1.87 -4.45 2.98
N LYS A 1522 1.90 -3.44 2.11
CA LYS A 1522 2.27 -2.07 2.56
C LYS A 1522 1.24 -1.54 3.56
N ASP A 1523 0.16 -2.28 3.80
CA ASP A 1523 -0.89 -1.85 4.75
C ASP A 1523 -0.72 -2.62 6.06
N ASP A 1524 0.37 -3.37 6.18
CA ASP A 1524 0.66 -4.07 7.46
C ASP A 1524 2.12 -3.77 7.81
N ASN A 1525 2.88 -3.28 6.84
CA ASN A 1525 4.26 -2.84 7.14
C ASN A 1525 4.12 -1.52 7.90
N SER A 1526 3.11 -0.72 7.56
CA SER A 1526 2.87 0.54 8.26
C SER A 1526 2.39 0.29 9.69
N LEU A 1527 1.50 -0.69 9.88
CA LEU A 1527 1.03 -0.99 11.23
C LEU A 1527 2.19 -1.44 12.12
N MET A 1528 3.05 -2.31 11.60
CA MET A 1528 4.18 -2.78 12.39
C MET A 1528 5.15 -1.65 12.69
N THR A 1529 5.40 -0.77 11.71
CA THR A 1529 6.28 0.36 11.96
C THR A 1529 5.72 1.30 13.01
N ARG A 1530 4.42 1.57 12.95
CA ARG A 1530 3.78 2.41 13.96
C ARG A 1530 3.90 1.80 15.34
N THR A 1531 3.61 0.50 15.46
CA THR A 1531 3.69 -0.16 16.76
C THR A 1531 5.12 -0.15 17.29
N TYR A 1532 6.10 -0.36 16.42
CA TYR A 1532 7.48 -0.37 16.87
C TYR A 1532 7.92 1.02 17.34
N SER A 1533 7.56 2.07 16.61
CA SER A 1533 7.92 3.41 17.06
C SER A 1533 7.24 3.75 18.38
N LEU A 1534 5.97 3.38 18.53
CA LEU A 1534 5.27 3.61 19.78
C LEU A 1534 5.93 2.89 20.95
N ILE A 1535 6.27 1.61 20.76
CA ILE A 1535 6.90 0.84 21.82
C ILE A 1535 8.26 1.43 22.19
N GLU A 1536 9.04 1.81 21.18
CA GLU A 1536 10.36 2.38 21.46
C GLU A 1536 10.25 3.66 22.26
N MET A 1537 9.36 4.57 21.85
CA MET A 1537 9.20 5.83 22.55
C MET A 1537 8.69 5.61 23.97
N LEU A 1538 7.70 4.73 24.14
CA LEU A 1538 7.17 4.49 25.48
C LEU A 1538 8.21 3.83 26.37
N GLN A 1539 9.06 2.98 25.82
CA GLN A 1539 10.13 2.37 26.61
C GLN A 1539 11.12 3.42 27.08
N TYR A 1540 11.51 4.34 26.19
CA TYR A 1540 12.36 5.46 26.61
C TYR A 1540 11.71 6.25 27.73
N GLN A 1541 10.42 6.60 27.56
CA GLN A 1541 9.75 7.42 28.55
C GLN A 1541 9.61 6.70 29.88
N GLY A 1542 9.30 5.41 29.86
CA GLY A 1542 9.17 4.67 31.10
C GLY A 1542 10.49 4.53 31.84
N ASN A 1543 11.58 4.29 31.11
CA ASN A 1543 12.88 4.25 31.76
C ASN A 1543 13.23 5.59 32.38
N LYS A 1544 12.88 6.69 31.70
CA LYS A 1544 13.08 8.02 32.28
C LYS A 1544 12.22 8.22 33.53
N TYR A 1545 10.98 7.75 33.50
CA TYR A 1545 10.04 7.98 34.60
C TYR A 1545 10.43 7.20 35.85
N ILE A 1546 10.85 5.94 35.69
CA ILE A 1546 11.12 5.11 36.86
C ILE A 1546 12.33 5.63 37.63
N THR A 1547 13.34 6.15 36.92
CA THR A 1547 14.54 6.64 37.58
C THR A 1547 14.27 7.94 38.33
N ASN A 1548 13.31 8.74 37.88
CA ASN A 1548 13.03 10.04 38.46
C ASN A 1548 12.14 9.80 39.69
N GLU A 1549 12.71 10.03 40.87
CA GLU A 1549 11.99 9.72 42.10
C GLU A 1549 10.82 10.68 42.33
N SER A 1550 10.98 11.95 41.95
CA SER A 1550 9.93 12.93 42.15
C SER A 1550 8.70 12.67 41.30
N LEU A 1551 8.79 11.79 40.30
CA LEU A 1551 7.67 11.51 39.41
C LEU A 1551 6.82 10.36 39.92
N LEU A 1552 7.43 9.18 40.09
CA LEU A 1552 6.76 8.00 40.62
C LEU A 1552 7.48 7.55 41.87
N HIS A 1553 6.72 7.36 42.95
CA HIS A 1553 7.28 6.82 44.17
C HIS A 1553 7.78 5.40 43.94
N LYS A 1554 8.98 5.11 44.43
CA LYS A 1554 9.62 3.82 44.26
C LYS A 1554 9.86 3.21 45.62
N THR A 1555 9.43 1.95 45.79
CA THR A 1555 9.56 1.25 47.05
C THR A 1555 10.21 -0.11 46.83
N ALA A 1556 10.94 -0.57 47.83
CA ALA A 1556 11.53 -1.90 47.76
C ALA A 1556 10.44 -2.96 47.86
N TRP A 1557 10.72 -4.13 47.31
CA TRP A 1557 9.74 -5.22 47.34
C TRP A 1557 9.39 -5.62 48.76
N ASN A 1558 8.15 -5.35 49.15
CA ASN A 1558 7.64 -5.83 50.43
C ASN A 1558 6.16 -6.09 50.25
N GLN A 1559 5.74 -7.34 50.46
CA GLN A 1559 4.35 -7.70 50.21
C GLN A 1559 3.40 -6.93 51.11
N GLU A 1560 3.76 -6.74 52.37
CA GLU A 1560 2.91 -5.98 53.28
C GLU A 1560 2.78 -4.53 52.81
N ARG A 1561 3.90 -3.91 52.43
CA ARG A 1561 3.88 -2.51 51.99
C ARG A 1561 3.06 -2.33 50.73
N ILE A 1562 3.22 -3.23 49.76
CA ILE A 1562 2.52 -3.08 48.49
C ILE A 1562 1.04 -3.36 48.68
N THR A 1563 0.69 -4.34 49.50
CA THR A 1563 -0.71 -4.56 49.83
C THR A 1563 -1.31 -3.33 50.50
N LEU A 1564 -0.55 -2.70 51.39
CA LEU A 1564 -1.02 -1.49 52.05
C LEU A 1564 -1.24 -0.37 51.04
N LEU A 1565 -0.33 -0.21 50.08
CA LEU A 1565 -0.52 0.81 49.05
C LEU A 1565 -1.78 0.54 48.23
N PHE A 1566 -2.01 -0.72 47.85
CA PHE A 1566 -3.14 -1.04 47.00
C PHE A 1566 -4.46 -1.10 47.75
N ASN A 1567 -4.44 -1.09 49.08
CA ASN A 1567 -5.67 -1.18 49.87
C ASN A 1567 -6.03 0.10 50.59
N GLU A 1568 -5.06 0.82 51.16
CA GLU A 1568 -5.34 2.02 51.92
C GLU A 1568 -4.97 3.31 51.21
N LYS A 1569 -3.86 3.33 50.47
CA LYS A 1569 -3.47 4.53 49.74
C LYS A 1569 -4.18 4.66 48.40
N GLY A 1570 -5.03 3.70 48.04
CA GLY A 1570 -5.80 3.83 46.81
C GLY A 1570 -4.97 3.84 45.54
N VAL A 1571 -4.00 2.94 45.44
CA VAL A 1571 -3.21 2.79 44.23
C VAL A 1571 -3.91 1.77 43.33
N LYS A 1572 -3.97 2.04 42.04
CA LYS A 1572 -4.63 1.15 41.09
C LYS A 1572 -3.68 0.49 40.11
N ARG A 1573 -2.58 1.13 39.75
CA ARG A 1573 -1.60 0.58 38.81
C ARG A 1573 -0.19 0.74 39.35
N ALA A 1574 0.66 -0.24 39.07
CA ALA A 1574 2.04 -0.21 39.52
C ALA A 1574 2.90 -1.04 38.60
N LEU A 1575 4.20 -0.71 38.59
CA LEU A 1575 5.19 -1.42 37.78
C LEU A 1575 6.13 -2.14 38.72
N ILE A 1576 6.29 -3.45 38.53
CA ILE A 1576 7.24 -4.25 39.30
C ILE A 1576 8.46 -4.48 38.43
N SER A 1577 9.61 -3.96 38.85
CA SER A 1577 10.81 -4.01 38.04
C SER A 1577 11.85 -4.90 38.71
N THR A 1578 12.26 -5.94 37.99
CA THR A 1578 13.48 -6.67 38.26
C THR A 1578 14.61 -6.04 37.47
N PRO A 1579 15.86 -6.44 37.72
CA PRO A 1579 16.97 -5.84 36.96
C PRO A 1579 16.84 -5.99 35.46
N ASN A 1580 16.05 -6.96 34.98
CA ASN A 1580 15.95 -7.22 33.55
C ASN A 1580 14.54 -7.22 32.99
N HIS A 1581 13.50 -7.34 33.82
CA HIS A 1581 12.14 -7.44 33.30
C HIS A 1581 11.21 -6.51 34.08
N THR A 1582 10.08 -6.21 33.43
CA THR A 1582 9.05 -5.34 33.99
C THR A 1582 7.71 -6.06 33.93
N LEU A 1583 7.04 -6.16 35.08
CA LEU A 1583 5.71 -6.73 35.17
C LEU A 1583 4.74 -5.64 35.57
N VAL A 1584 3.46 -5.85 35.27
CA VAL A 1584 2.45 -4.82 35.44
C VAL A 1584 1.39 -5.32 36.43
N LEU A 1585 1.08 -4.53 37.44
CA LEU A 1585 0.01 -4.84 38.38
C LEU A 1585 -1.09 -3.81 38.23
N GLN A 1586 -2.31 -4.27 38.01
CA GLN A 1586 -3.42 -3.38 37.71
C GLN A 1586 -4.62 -3.76 38.57
N GLN A 1587 -5.57 -2.83 38.65
CA GLN A 1587 -6.78 -3.01 39.46
C GLN A 1587 -8.02 -2.94 38.59
N LEU A 1588 -8.00 -3.61 37.45
CA LEU A 1588 -9.12 -3.55 36.53
C LEU A 1588 -10.38 -4.12 37.18
N GLU A 1589 -11.46 -3.32 37.18
CA GLU A 1589 -12.70 -3.69 37.83
C GLU A 1589 -12.49 -4.09 39.29
N ASP A 1590 -12.92 -5.29 39.64
CA ASP A 1590 -12.79 -5.80 41.00
C ASP A 1590 -11.73 -6.90 41.11
N ILE A 1591 -10.84 -7.00 40.12
CA ILE A 1591 -9.79 -7.99 40.13
C ILE A 1591 -8.46 -7.28 39.92
N TYR A 1592 -7.40 -7.97 40.29
CA TYR A 1592 -6.04 -7.46 40.18
C TYR A 1592 -5.30 -8.32 39.18
N ARG A 1593 -4.94 -7.73 38.04
CA ARG A 1593 -4.38 -8.46 36.92
C ARG A 1593 -2.88 -8.23 36.86
N LEU A 1594 -2.11 -9.30 37.05
CA LEU A 1594 -0.68 -9.22 36.85
C LEU A 1594 -0.37 -9.64 35.43
N THR A 1595 0.36 -8.79 34.72
CA THR A 1595 0.70 -9.01 33.32
C THR A 1595 2.21 -9.15 33.20
N ASP A 1596 2.64 -10.30 32.68
CA ASP A 1596 4.01 -10.51 32.26
C ASP A 1596 4.03 -10.46 30.74
N PRO A 1597 4.79 -9.55 30.12
CA PRO A 1597 4.74 -9.43 28.66
C PRO A 1597 5.01 -10.73 27.92
N ASN A 1598 5.90 -11.59 28.43
CA ASN A 1598 6.25 -12.82 27.75
C ASN A 1598 5.33 -13.99 28.08
N PHE A 1599 4.43 -13.84 29.05
CA PHE A 1599 3.63 -14.97 29.49
C PHE A 1599 2.15 -14.66 29.56
N GLY A 1600 1.72 -13.49 29.17
CA GLY A 1600 0.32 -13.14 29.24
C GLY A 1600 -0.04 -12.50 30.57
N HIS A 1601 -1.15 -12.94 31.16
CA HIS A 1601 -1.63 -12.33 32.39
C HIS A 1601 -2.42 -13.33 33.21
N ALA A 1602 -2.55 -13.03 34.49
CA ALA A 1602 -3.38 -13.80 35.41
C ALA A 1602 -4.02 -12.84 36.38
N ASP A 1603 -5.29 -13.07 36.71
CA ASP A 1603 -5.96 -12.15 37.62
C ASP A 1603 -6.34 -12.85 38.92
N PHE A 1604 -6.24 -12.09 40.01
CA PHE A 1604 -6.50 -12.58 41.36
C PHE A 1604 -7.50 -11.66 42.05
N LEU A 1605 -8.18 -12.22 43.05
CA LEU A 1605 -9.22 -11.49 43.76
C LEU A 1605 -8.64 -10.45 44.72
N SER A 1606 -7.48 -10.72 45.31
CA SER A 1606 -6.89 -9.83 46.28
C SER A 1606 -5.45 -9.53 45.91
N PRO A 1607 -4.93 -8.36 46.28
CA PRO A 1607 -3.54 -8.04 45.93
C PRO A 1607 -2.53 -8.97 46.58
N ILE A 1608 -2.81 -9.49 47.77
CA ILE A 1608 -1.82 -10.31 48.46
C ILE A 1608 -1.53 -11.58 47.69
N ASP A 1609 -2.56 -12.21 47.11
CA ASP A 1609 -2.35 -13.39 46.30
C ASP A 1609 -1.54 -13.06 45.06
N ALA A 1610 -1.80 -11.92 44.43
CA ALA A 1610 -1.04 -11.52 43.26
C ALA A 1610 0.43 -11.36 43.60
N LEU A 1611 0.72 -10.70 44.73
CA LEU A 1611 2.11 -10.48 45.14
C LEU A 1611 2.80 -11.79 45.48
N LYS A 1612 2.10 -12.68 46.18
CA LYS A 1612 2.66 -13.98 46.50
C LYS A 1612 3.00 -14.76 45.24
N PHE A 1613 2.10 -14.76 44.26
CA PHE A 1613 2.37 -15.52 43.05
C PHE A 1613 3.50 -14.88 42.27
N ILE A 1614 3.59 -13.55 42.26
CA ILE A 1614 4.72 -12.88 41.59
C ILE A 1614 6.03 -13.36 42.19
N GLU A 1615 6.12 -13.34 43.52
CA GLU A 1615 7.33 -13.81 44.20
C GLU A 1615 7.63 -15.25 43.82
N ALA A 1616 6.63 -16.13 43.90
CA ALA A 1616 6.88 -17.54 43.61
C ALA A 1616 7.33 -17.75 42.18
N MET A 1617 6.69 -17.07 41.23
CA MET A 1617 7.01 -17.29 39.82
C MET A 1617 8.37 -16.71 39.46
N ILE A 1618 8.80 -15.63 40.12
CA ILE A 1618 10.13 -15.15 39.82
C ILE A 1618 11.21 -15.96 40.54
N GLN A 1619 10.89 -16.60 41.65
CA GLN A 1619 11.93 -17.17 42.51
C GLN A 1619 12.09 -18.67 42.39
N LEU A 1620 11.00 -19.44 42.28
CA LEU A 1620 11.14 -20.90 42.30
C LEU A 1620 11.83 -21.41 41.05
N THR A 1621 11.43 -20.92 39.89
CA THR A 1621 11.97 -21.42 38.63
C THR A 1621 13.39 -20.90 38.40
N PRO A 1622 14.38 -21.78 38.22
CA PRO A 1622 15.77 -21.31 38.09
C PRO A 1622 16.08 -20.55 36.81
N THR A 1623 15.67 -21.09 35.67
CA THR A 1623 15.95 -20.42 34.40
C THR A 1623 15.24 -19.08 34.30
N LEU A 1624 13.97 -19.03 34.75
CA LEU A 1624 13.25 -17.77 34.77
C LEU A 1624 13.93 -16.76 35.69
N GLN A 1625 14.38 -17.23 36.86
CA GLN A 1625 15.06 -16.34 37.78
C GLN A 1625 16.36 -15.79 37.19
N GLU A 1626 17.13 -16.65 36.52
CA GLU A 1626 18.36 -16.19 35.89
C GLU A 1626 18.08 -15.20 34.77
N TYR A 1627 17.06 -15.46 33.96
CA TYR A 1627 16.75 -14.58 32.84
C TYR A 1627 16.35 -13.19 33.32
N TYR A 1628 15.58 -13.11 34.39
CA TYR A 1628 15.12 -11.83 34.90
C TYR A 1628 16.19 -11.07 35.66
N GLY A 1629 17.33 -11.69 35.92
CA GLY A 1629 18.40 -11.06 36.66
C GLY A 1629 18.35 -11.25 38.15
N LEU A 1630 17.59 -12.21 38.64
CA LEU A 1630 17.44 -12.44 40.08
C LEU A 1630 18.11 -13.73 40.54
N LEU A 1631 19.04 -14.27 39.77
CA LEU A 1631 19.73 -15.48 40.16
C LEU A 1631 20.76 -15.16 41.23
N ASN A 1632 20.72 -15.92 42.33
CA ASN A 1632 21.64 -15.73 43.45
C ASN A 1632 21.59 -14.30 43.99
N LYS A 1633 20.40 -13.71 43.98
CA LYS A 1633 20.19 -12.37 44.51
C LYS A 1633 18.99 -12.36 45.42
N ASP A 1634 19.04 -11.53 46.45
CA ASP A 1634 17.91 -11.36 47.37
C ASP A 1634 16.85 -10.52 46.69
N ILE A 1635 15.71 -11.14 46.38
CA ILE A 1635 14.66 -10.44 45.65
C ILE A 1635 14.06 -9.31 46.46
N ASN A 1636 14.22 -9.31 47.78
CA ASN A 1636 13.65 -8.27 48.62
C ASN A 1636 14.33 -6.92 48.42
N LYS A 1637 15.46 -6.87 47.73
CA LYS A 1637 16.15 -5.62 47.47
C LYS A 1637 16.46 -5.42 46.01
N HIS A 1638 16.05 -6.32 45.14
CA HIS A 1638 16.28 -6.19 43.70
C HIS A 1638 14.98 -6.13 42.91
N ILE A 1639 13.83 -6.16 43.58
CA ILE A 1639 12.54 -5.97 42.95
C ILE A 1639 11.99 -4.64 43.48
N GLN A 1640 11.70 -3.71 42.58
CA GLN A 1640 11.27 -2.38 42.96
C GLN A 1640 9.88 -2.09 42.40
N VAL A 1641 9.02 -1.50 43.22
CA VAL A 1641 7.65 -1.19 42.85
C VAL A 1641 7.56 0.31 42.61
N HIS A 1642 7.18 0.70 41.40
CA HIS A 1642 6.97 2.09 41.03
C HIS A 1642 5.48 2.36 40.92
N TYR A 1643 5.02 3.39 41.61
CA TYR A 1643 3.62 3.76 41.62
C TYR A 1643 3.50 5.27 41.62
N ALA A 1644 2.32 5.77 41.29
CA ALA A 1644 2.09 7.21 41.21
C ALA A 1644 1.33 7.70 42.43
N GLU A 1645 1.58 8.96 42.79
CA GLU A 1645 0.88 9.55 43.94
C GLU A 1645 -0.62 9.60 43.71
N SER A 1646 -1.03 9.99 42.50
CA SER A 1646 -2.43 10.02 42.10
C SER A 1646 -2.58 9.26 40.80
N ASP A 1647 -3.75 8.64 40.61
CA ASP A 1647 -3.96 7.86 39.40
C ASP A 1647 -3.91 8.74 38.16
N MET A 1648 -4.48 9.94 38.23
CA MET A 1648 -4.56 10.78 37.04
C MET A 1648 -3.18 11.20 36.56
N VAL A 1649 -2.15 11.08 37.40
CA VAL A 1649 -0.79 11.36 36.92
C VAL A 1649 -0.47 10.46 35.74
N TRP A 1650 -0.89 9.19 35.80
CA TRP A 1650 -0.71 8.30 34.67
C TRP A 1650 -1.40 8.86 33.43
N ASN A 1651 -2.61 9.39 33.61
CA ASN A 1651 -3.31 10.05 32.50
C ASN A 1651 -2.48 11.19 31.94
N LYS A 1652 -1.79 11.91 32.81
CA LYS A 1652 -0.86 12.93 32.33
C LYS A 1652 0.39 12.30 31.71
N LEU A 1653 0.85 11.19 32.28
CA LEU A 1653 2.07 10.50 31.78
C LEU A 1653 1.73 9.71 30.52
N LEU A 1654 1.00 8.59 30.67
CA LEU A 1654 0.65 7.72 29.51
C LEU A 1654 -0.03 8.56 28.43
N PRO A 1655 0.40 8.46 27.15
CA PRO A 1655 -0.17 9.29 26.07
C PRO A 1655 -1.57 8.86 25.63
N GLU A 1656 -2.42 9.82 25.26
CA GLU A 1656 -3.79 9.50 24.77
C GLU A 1656 -3.70 8.80 23.41
N ASN A 1657 -2.88 9.35 22.49
CA ASN A 1657 -2.74 8.77 21.14
C ASN A 1657 -1.89 7.50 21.22
N ASP A 1658 -2.32 6.42 20.57
CA ASP A 1658 -1.57 5.18 20.59
C ASP A 1658 -1.70 4.38 19.29
N ALA A 1659 -2.03 5.06 18.19
CA ALA A 1659 -2.25 4.42 16.89
C ALA A 1659 -3.40 3.41 16.95
N GLY A 1660 -4.39 3.68 17.79
CA GLY A 1660 -5.56 2.83 17.88
C GLY A 1660 -5.32 1.46 18.44
N LEU A 1661 -4.13 1.22 19.01
CA LEU A 1661 -3.75 -0.10 19.47
C LEU A 1661 -4.57 -0.58 20.64
N SER A 1662 -5.34 0.28 21.29
CA SER A 1662 -6.10 -0.08 22.47
C SER A 1662 -7.58 0.25 22.35
N THR A 1663 -8.04 0.69 21.19
CA THR A 1663 -9.43 1.11 21.02
C THR A 1663 -10.12 0.41 19.86
N ARG A 1664 -9.40 0.11 18.78
CA ARG A 1664 -9.97 -0.55 17.62
C ARG A 1664 -9.09 -1.71 17.20
N ILE A 1665 -9.72 -2.82 16.84
CA ILE A 1665 -8.99 -4.02 16.43
C ILE A 1665 -8.43 -3.77 15.03
N GLN A 1666 -7.12 -3.63 14.92
CA GLN A 1666 -6.48 -3.46 13.63
C GLN A 1666 -6.59 -4.75 12.83
N HIS A 1667 -6.78 -4.61 11.51
CA HIS A 1667 -6.98 -5.75 10.63
C HIS A 1667 -5.81 -5.86 9.65
N THR A 1668 -5.36 -7.09 9.45
CA THR A 1668 -4.31 -7.37 8.49
C THR A 1668 -4.91 -7.50 7.10
N THR A 1669 -4.07 -7.58 6.08
CA THR A 1669 -4.61 -7.78 4.72
C THR A 1669 -5.43 -9.07 4.74
N THR A 1670 -4.87 -10.15 5.26
CA THR A 1670 -5.56 -11.44 5.16
C THR A 1670 -6.98 -11.35 5.72
N ASP A 1671 -7.16 -10.66 6.84
CA ASP A 1671 -8.50 -10.54 7.42
C ASP A 1671 -9.44 -9.80 6.48
N ARG A 1672 -8.93 -8.75 5.82
CA ARG A 1672 -9.77 -7.98 4.91
C ARG A 1672 -10.10 -8.78 3.66
N LEU A 1673 -9.13 -9.54 3.13
CA LEU A 1673 -9.40 -10.35 1.95
C LEU A 1673 -10.32 -11.52 2.27
N ALA A 1674 -10.30 -12.02 3.50
CA ALA A 1674 -11.20 -13.10 3.88
C ALA A 1674 -12.65 -12.68 3.83
N ASN A 1675 -12.94 -11.39 3.92
CA ASN A 1675 -14.32 -10.93 3.87
C ASN A 1675 -14.89 -10.93 2.46
N LEU A 1676 -14.04 -10.78 1.44
CA LEU A 1676 -14.52 -10.78 0.06
C LEU A 1676 -15.00 -12.17 -0.33
N ALA A 1677 -16.22 -12.23 -0.86
CA ALA A 1677 -16.83 -13.49 -1.25
C ALA A 1677 -16.70 -13.80 -2.74
N GLU A 1678 -16.04 -12.94 -3.50
CA GLU A 1678 -15.96 -13.30 -4.90
C GLU A 1678 -14.61 -13.95 -5.22
N PRO A 1679 -14.60 -15.01 -6.02
CA PRO A 1679 -13.35 -15.65 -6.41
C PRO A 1679 -12.79 -15.08 -7.70
N VAL A 1680 -11.48 -15.23 -7.85
CA VAL A 1680 -10.76 -14.77 -9.03
C VAL A 1680 -10.48 -15.96 -9.93
N ALA A 1681 -10.72 -15.78 -11.23
CA ALA A 1681 -10.46 -16.83 -12.21
C ALA A 1681 -9.04 -16.65 -12.74
N VAL A 1682 -8.12 -17.46 -12.25
CA VAL A 1682 -6.72 -17.44 -12.66
C VAL A 1682 -6.40 -18.77 -13.33
N ALA A 1683 -5.80 -18.71 -14.51
CA ALA A 1683 -5.36 -19.91 -15.24
C ALA A 1683 -6.50 -20.90 -15.44
N GLY A 1684 -7.73 -20.41 -15.57
CA GLY A 1684 -8.87 -21.27 -15.79
C GLY A 1684 -9.48 -21.89 -14.56
N ILE A 1685 -9.00 -21.57 -13.37
CA ILE A 1685 -9.57 -22.07 -12.12
C ILE A 1685 -9.94 -20.88 -11.24
N SER A 1686 -11.12 -20.95 -10.64
CA SER A 1686 -11.62 -19.88 -9.77
C SER A 1686 -11.23 -20.20 -8.34
N LEU A 1687 -10.42 -19.34 -7.73
CA LEU A 1687 -9.95 -19.51 -6.37
C LEU A 1687 -10.21 -18.25 -5.56
N PRO A 1688 -10.43 -18.38 -4.25
CA PRO A 1688 -10.68 -17.18 -3.44
C PRO A 1688 -9.47 -16.26 -3.42
N VAL A 1689 -9.75 -14.97 -3.25
CA VAL A 1689 -8.70 -13.96 -3.25
C VAL A 1689 -7.79 -14.13 -2.03
N LYS A 1690 -8.34 -14.56 -0.89
CA LYS A 1690 -7.51 -14.84 0.27
C LYS A 1690 -6.49 -15.93 -0.04
N THR A 1691 -6.95 -17.03 -0.65
CA THR A 1691 -6.04 -18.11 -1.00
C THR A 1691 -5.03 -17.67 -2.05
N LEU A 1692 -5.44 -16.84 -3.00
CA LEU A 1692 -4.50 -16.31 -3.98
C LEU A 1692 -3.43 -15.48 -3.29
N TYR A 1693 -3.81 -14.79 -2.23
CA TYR A 1693 -2.84 -13.95 -1.50
C TYR A 1693 -1.90 -14.88 -0.74
N ASP A 1694 -2.44 -15.98 -0.22
CA ASP A 1694 -1.66 -16.86 0.62
C ASP A 1694 -0.46 -17.45 -0.13
N ILE A 1695 -0.66 -17.85 -1.39
CA ILE A 1695 0.41 -18.48 -2.15
C ILE A 1695 1.42 -17.43 -2.59
N GLY A 1696 1.12 -16.17 -2.32
CA GLY A 1696 2.06 -15.09 -2.63
C GLY A 1696 1.85 -14.46 -3.98
N ALA A 1697 0.60 -14.18 -4.34
CA ALA A 1697 0.31 -13.52 -5.61
C ALA A 1697 0.84 -12.10 -5.59
N THR A 1698 1.75 -11.78 -6.51
CA THR A 1698 2.51 -10.54 -6.47
C THR A 1698 2.00 -9.59 -7.54
N LEU A 1699 1.35 -8.51 -7.12
CA LEU A 1699 0.92 -7.44 -8.02
C LEU A 1699 2.09 -6.51 -8.33
N ASP A 1700 2.60 -6.58 -9.55
CA ASP A 1700 3.72 -5.74 -10.01
C ASP A 1700 4.87 -6.04 -9.03
N GLY A 1701 5.46 -5.05 -8.38
CA GLY A 1701 6.53 -5.34 -7.43
C GLY A 1701 6.01 -5.86 -6.10
N ARG A 1702 4.84 -5.40 -5.69
CA ARG A 1702 4.33 -5.77 -4.35
C ARG A 1702 3.33 -6.91 -4.44
N ARG A 1703 2.65 -7.22 -3.34
CA ARG A 1703 1.67 -8.29 -3.29
C ARG A 1703 0.28 -7.74 -3.62
N ILE A 1704 -0.75 -8.55 -3.46
CA ILE A 1704 -2.11 -8.14 -3.83
C ILE A 1704 -2.81 -7.62 -2.59
N THR A 1705 -3.26 -6.38 -2.65
CA THR A 1705 -4.17 -5.86 -1.64
C THR A 1705 -5.63 -5.99 -2.08
N SER A 1706 -5.88 -5.86 -3.37
CA SER A 1706 -7.22 -5.84 -3.94
C SER A 1706 -7.30 -6.88 -5.05
N PRO A 1707 -8.49 -7.43 -5.29
CA PRO A 1707 -8.64 -8.43 -6.35
C PRO A 1707 -8.25 -7.86 -7.70
N PRO A 1708 -7.29 -8.47 -8.38
CA PRO A 1708 -6.89 -7.97 -9.69
C PRO A 1708 -7.99 -8.15 -10.72
N THR A 1709 -8.01 -7.25 -11.70
CA THR A 1709 -8.98 -7.32 -12.77
C THR A 1709 -8.60 -8.43 -13.75
N SER A 1710 -9.42 -8.58 -14.79
CA SER A 1710 -9.14 -9.61 -15.79
C SER A 1710 -7.83 -9.34 -16.52
N GLU A 1711 -7.50 -8.07 -16.74
CA GLU A 1711 -6.31 -7.74 -17.51
C GLU A 1711 -5.04 -7.94 -16.68
N GLN A 1712 -5.13 -7.80 -15.36
CA GLN A 1712 -3.96 -7.95 -14.49
C GLN A 1712 -3.58 -9.39 -14.22
N ILE A 1713 -4.44 -10.36 -14.53
CA ILE A 1713 -4.10 -11.77 -14.30
C ILE A 1713 -2.86 -12.19 -15.08
N PRO A 1714 -2.69 -11.83 -16.36
CA PRO A 1714 -1.42 -12.15 -17.03
C PRO A 1714 -0.20 -11.55 -16.34
N SER A 1715 -0.37 -10.42 -15.65
CA SER A 1715 0.73 -9.76 -14.99
C SER A 1715 1.08 -10.38 -13.64
N LEU A 1716 0.25 -11.28 -13.12
CA LEU A 1716 0.48 -11.87 -11.81
C LEU A 1716 1.69 -12.80 -11.83
N ARG A 1717 2.50 -12.73 -10.78
CA ARG A 1717 3.57 -13.68 -10.52
C ARG A 1717 3.39 -14.25 -9.12
N LEU A 1718 4.29 -15.15 -8.72
CA LEU A 1718 4.24 -15.77 -7.41
C LEU A 1718 5.58 -15.59 -6.71
N ASN A 1719 5.54 -15.15 -5.45
CA ASN A 1719 6.74 -15.04 -4.65
C ASN A 1719 7.16 -16.43 -4.16
N GLY A 1720 8.42 -16.78 -4.38
CA GLY A 1720 8.88 -18.11 -4.04
C GLY A 1720 8.86 -18.38 -2.54
N ASP A 1721 9.38 -17.42 -1.76
CA ASP A 1721 9.44 -17.60 -0.31
C ASP A 1721 8.06 -17.75 0.30
N VAL A 1722 7.11 -16.93 -0.14
CA VAL A 1722 5.76 -16.99 0.42
C VAL A 1722 5.12 -18.32 0.08
N LEU A 1723 5.31 -18.80 -1.15
CA LEU A 1723 4.76 -20.10 -1.53
C LEU A 1723 5.38 -21.23 -0.73
N ASN A 1724 6.70 -21.17 -0.53
CA ASN A 1724 7.38 -22.17 0.30
C ASN A 1724 6.81 -22.21 1.70
N ASP A 1725 6.65 -21.04 2.33
CA ASP A 1725 6.08 -20.99 3.67
C ASP A 1725 4.65 -21.49 3.68
N TYR A 1726 3.86 -21.12 2.67
CA TYR A 1726 2.47 -21.56 2.64
C TYR A 1726 2.39 -23.07 2.57
N LEU A 1727 3.21 -23.68 1.72
CA LEU A 1727 3.22 -25.14 1.61
C LEU A 1727 3.66 -25.78 2.91
N SER A 1728 4.71 -25.23 3.54
CA SER A 1728 5.18 -25.80 4.79
C SER A 1728 4.15 -25.69 5.90
N ARG A 1729 3.27 -24.69 5.83
CA ARG A 1729 2.31 -24.47 6.90
C ARG A 1729 0.98 -25.16 6.68
N THR A 1730 0.64 -25.55 5.45
CA THR A 1730 -0.71 -25.95 5.10
C THR A 1730 -0.74 -27.35 4.52
N VAL A 1731 -1.79 -28.10 4.86
CA VAL A 1731 -2.01 -29.46 4.38
C VAL A 1731 -3.06 -29.38 3.29
N LEU A 1732 -2.61 -29.24 2.04
CA LEU A 1732 -3.52 -29.10 0.92
C LEU A 1732 -4.20 -30.42 0.59
N THR A 1733 -5.37 -30.34 -0.01
CA THR A 1733 -5.99 -31.49 -0.67
C THR A 1733 -5.32 -31.73 -2.02
N PRO A 1734 -5.43 -32.94 -2.57
CA PRO A 1734 -4.75 -33.21 -3.85
C PRO A 1734 -5.17 -32.29 -4.98
N GLU A 1735 -6.45 -31.94 -5.06
CA GLU A 1735 -6.92 -31.05 -6.11
C GLU A 1735 -6.38 -29.64 -5.91
N GLN A 1736 -6.28 -29.21 -4.65
CA GLN A 1736 -5.70 -27.90 -4.35
C GLN A 1736 -4.23 -27.86 -4.78
N ALA A 1737 -3.50 -28.94 -4.54
CA ALA A 1737 -2.12 -29.02 -4.99
C ALA A 1737 -2.03 -28.99 -6.51
N ASP A 1738 -2.95 -29.68 -7.20
CA ASP A 1738 -2.98 -29.63 -8.65
C ASP A 1738 -3.23 -28.21 -9.14
N ASN A 1739 -4.16 -27.51 -8.50
CA ASN A 1739 -4.47 -26.13 -8.88
C ASN A 1739 -3.26 -25.23 -8.69
N ILE A 1740 -2.57 -25.37 -7.55
CA ILE A 1740 -1.40 -24.54 -7.29
C ILE A 1740 -0.30 -24.84 -8.30
N ARG A 1741 -0.12 -26.11 -8.65
CA ARG A 1741 0.86 -26.47 -9.67
C ARG A 1741 0.51 -25.86 -11.01
N LYS A 1742 -0.77 -25.87 -11.37
CA LYS A 1742 -1.20 -25.23 -12.61
C LYS A 1742 -0.90 -23.74 -12.60
N ILE A 1743 -1.18 -23.08 -11.48
CA ILE A 1743 -0.95 -21.64 -11.38
C ILE A 1743 0.54 -21.33 -11.48
N LEU A 1744 1.37 -22.15 -10.84
CA LEU A 1744 2.82 -21.97 -10.94
C LEU A 1744 3.30 -22.17 -12.36
N HIS A 1745 2.78 -23.18 -13.06
CA HIS A 1745 3.18 -23.40 -14.44
C HIS A 1745 2.79 -22.22 -15.33
N THR A 1746 1.56 -21.73 -15.19
CA THR A 1746 1.10 -20.64 -16.03
C THR A 1746 1.86 -19.35 -15.74
N GLN A 1747 1.75 -18.86 -14.51
CA GLN A 1747 2.48 -17.67 -14.09
C GLN A 1747 3.69 -18.10 -13.27
N GLY A 1748 4.88 -17.76 -13.74
CA GLY A 1748 6.10 -18.25 -13.14
C GLY A 1748 6.42 -17.60 -11.81
N ILE A 1749 7.39 -18.20 -11.12
CA ILE A 1749 7.88 -17.65 -9.86
C ILE A 1749 8.43 -16.25 -10.07
N ARG A 1750 8.11 -15.35 -9.14
CA ARG A 1750 8.65 -14.00 -9.18
C ARG A 1750 10.17 -14.04 -9.16
N SER A 1751 10.79 -13.26 -10.03
CA SER A 1751 12.24 -13.30 -10.17
C SER A 1751 12.90 -12.87 -8.87
N GLY A 1752 14.01 -13.53 -8.53
CA GLY A 1752 14.77 -13.22 -7.34
C GLY A 1752 14.32 -13.92 -6.09
N THR A 1753 13.31 -14.77 -6.15
CA THR A 1753 12.81 -15.47 -4.97
C THR A 1753 13.19 -16.94 -5.05
N ARG A 1754 12.71 -17.72 -4.09
CA ARG A 1754 13.10 -19.12 -3.97
C ARG A 1754 12.36 -19.97 -5.00
N PRO A 1755 13.05 -20.62 -5.93
CA PRO A 1755 12.35 -21.50 -6.88
C PRO A 1755 11.67 -22.66 -6.15
N ILE A 1756 10.50 -23.03 -6.64
CA ILE A 1756 9.71 -24.11 -6.04
C ILE A 1756 9.53 -25.18 -7.10
N ASP A 1757 10.08 -26.36 -6.85
CA ASP A 1757 9.90 -27.47 -7.75
C ASP A 1757 8.42 -27.87 -7.77
N PRO A 1758 7.78 -27.92 -8.95
CA PRO A 1758 6.36 -28.33 -8.98
C PRO A 1758 6.12 -29.69 -8.37
N GLU A 1759 7.07 -30.62 -8.52
CA GLU A 1759 6.90 -31.95 -7.96
C GLU A 1759 6.77 -31.93 -6.45
N MET A 1760 7.36 -30.92 -5.80
CA MET A 1760 7.28 -30.82 -4.35
C MET A 1760 5.89 -30.40 -3.88
N ILE A 1761 5.03 -29.93 -4.77
CA ILE A 1761 3.68 -29.48 -4.41
C ILE A 1761 2.75 -30.68 -4.50
N ARG A 1762 2.42 -31.26 -3.35
CA ARG A 1762 1.54 -32.40 -3.27
C ARG A 1762 0.50 -32.15 -2.18
N GLY A 1763 -0.57 -32.94 -2.23
CA GLY A 1763 -1.62 -32.83 -1.26
C GLY A 1763 -1.93 -34.19 -0.65
N THR A 1764 -2.59 -34.15 0.51
CA THR A 1764 -2.85 -35.36 1.27
C THR A 1764 -4.36 -35.57 1.39
N GLN A 1765 -4.73 -36.83 1.62
CA GLN A 1765 -6.12 -37.18 1.82
C GLN A 1765 -6.57 -36.79 3.23
N ASP A 1766 -7.87 -36.89 3.46
CA ASP A 1766 -8.43 -36.48 4.75
C ASP A 1766 -7.87 -37.34 5.88
N ASP A 1767 -7.88 -38.66 5.70
CA ASP A 1767 -7.52 -39.57 6.79
C ASP A 1767 -6.13 -39.31 7.34
N LEU A 1768 -5.22 -38.77 6.53
CA LEU A 1768 -3.85 -38.46 6.96
C LEU A 1768 -3.60 -36.97 7.06
N VAL A 1769 -4.57 -36.19 7.53
CA VAL A 1769 -4.30 -34.76 7.68
C VAL A 1769 -3.79 -34.42 9.07
N SER A 1770 -4.52 -34.88 10.10
CA SER A 1770 -4.07 -34.65 11.49
C SER A 1770 -2.60 -34.97 11.58
N SER A 1771 -2.28 -36.26 11.44
CA SER A 1771 -0.90 -36.71 11.51
C SER A 1771 0.00 -35.77 10.73
N GLN A 1772 -0.38 -35.48 9.49
CA GLN A 1772 0.39 -34.56 8.66
C GLN A 1772 0.59 -33.25 9.38
N THR A 1773 -0.49 -32.68 9.92
CA THR A 1773 -0.40 -31.42 10.66
C THR A 1773 0.63 -31.53 11.77
N ARG A 1774 0.54 -32.61 12.56
CA ARG A 1774 1.46 -32.77 13.67
C ARG A 1774 2.90 -32.76 13.20
N LEU A 1775 3.17 -33.45 12.09
CA LEU A 1775 4.53 -33.45 11.55
C LEU A 1775 5.03 -32.03 11.35
N GLN A 1776 4.21 -31.19 10.73
CA GLN A 1776 4.61 -29.81 10.48
C GLN A 1776 4.97 -29.13 11.80
N ARG A 1777 4.13 -29.31 12.81
CA ARG A 1777 4.42 -28.74 14.13
C ARG A 1777 5.81 -29.14 14.58
N GLN A 1778 6.10 -30.44 14.53
CA GLN A 1778 7.39 -30.92 15.00
C GLN A 1778 8.51 -30.19 14.30
N ALA A 1779 8.39 -29.98 12.99
CA ALA A 1779 9.46 -29.33 12.26
C ALA A 1779 9.82 -28.02 12.92
N THR A 1780 8.82 -27.18 13.15
CA THR A 1780 9.06 -25.89 13.78
C THR A 1780 9.77 -26.08 15.11
N ARG A 1781 9.21 -26.95 15.96
CA ARG A 1781 9.82 -27.20 17.27
C ARG A 1781 11.28 -27.56 17.10
N VAL A 1782 11.57 -28.52 16.22
CA VAL A 1782 12.94 -29.00 16.08
C VAL A 1782 13.83 -27.86 15.64
N LYS A 1783 13.36 -27.07 14.68
CA LYS A 1783 14.13 -25.91 14.26
C LYS A 1783 14.43 -25.02 15.47
N GLN A 1784 13.40 -24.66 16.21
CA GLN A 1784 13.58 -23.78 17.35
C GLN A 1784 14.43 -24.40 18.45
N GLN A 1785 14.60 -25.72 18.43
CA GLN A 1785 15.61 -26.29 19.31
C GLN A 1785 16.98 -26.24 18.65
N LEU A 1786 17.09 -26.80 17.45
CA LEU A 1786 18.39 -27.00 16.85
C LEU A 1786 19.11 -25.67 16.70
N ALA A 1787 18.39 -24.66 16.21
CA ALA A 1787 18.96 -23.32 16.07
C ALA A 1787 19.58 -22.88 17.38
N GLY A 1788 18.83 -22.97 18.47
CA GLY A 1788 19.38 -22.59 19.76
C GLY A 1788 20.63 -23.37 20.08
N VAL A 1789 20.55 -24.69 19.90
CA VAL A 1789 21.71 -25.55 20.16
C VAL A 1789 22.90 -25.07 19.34
N LEU A 1790 22.67 -24.76 18.07
CA LEU A 1790 23.77 -24.34 17.22
C LEU A 1790 24.47 -23.13 17.81
N ASP A 1791 23.69 -22.17 18.31
CA ASP A 1791 24.30 -21.00 18.93
C ASP A 1791 25.21 -21.41 20.07
N THR A 1792 24.72 -22.26 20.97
CA THR A 1792 25.58 -22.73 22.05
C THR A 1792 26.85 -23.36 21.49
N LEU A 1793 26.69 -24.23 20.48
CA LEU A 1793 27.86 -24.81 19.83
C LEU A 1793 28.74 -23.70 19.28
N GLN A 1794 28.14 -22.78 18.53
CA GLN A 1794 28.90 -21.63 18.06
C GLN A 1794 29.51 -20.88 19.24
N GLN A 1795 28.73 -20.67 20.29
CA GLN A 1795 29.26 -20.03 21.48
C GLN A 1795 30.43 -20.82 22.04
N HIS A 1796 30.26 -22.15 22.14
CA HIS A 1796 31.34 -23.00 22.63
C HIS A 1796 32.57 -22.88 21.76
N PHE A 1797 32.38 -22.62 20.47
CA PHE A 1797 33.52 -22.52 19.57
C PHE A 1797 34.16 -21.14 19.59
N GLN A 1798 33.48 -20.15 20.17
CA GLN A 1798 34.02 -18.80 20.22
C GLN A 1798 34.84 -18.54 21.47
N ASN A 1799 34.87 -19.48 22.42
CA ASN A 1799 35.65 -19.36 23.63
C ASN A 1799 36.95 -20.16 23.58
N ILE A 1800 37.30 -20.68 22.42
CA ILE A 1800 38.53 -21.48 22.31
C ILE A 1800 39.74 -20.57 22.46
N PRO A 1801 40.76 -20.97 23.23
CA PRO A 1801 41.99 -20.18 23.30
C PRO A 1801 42.77 -20.19 21.98
N ARG A 1802 42.13 -20.66 20.92
CA ARG A 1802 42.70 -20.72 19.58
C ARG A 1802 43.47 -19.45 19.24
N SER A 1803 44.58 -19.63 18.52
CA SER A 1803 45.39 -18.51 18.05
C SER A 1803 45.02 -18.19 16.61
N SER A 1804 43.76 -17.78 16.44
CA SER A 1804 43.20 -17.46 15.13
C SER A 1804 43.38 -18.59 14.13
N GLY A 1805 43.26 -18.26 12.85
CA GLY A 1805 43.46 -19.20 11.77
C GLY A 1805 42.20 -19.91 11.31
N ARG A 1806 41.22 -20.10 12.20
CA ARG A 1806 39.95 -20.73 11.88
C ARG A 1806 40.14 -22.10 11.24
N HIS A 1807 40.82 -23.00 11.94
CA HIS A 1807 41.00 -24.36 11.49
C HIS A 1807 40.78 -25.32 12.66
N LEU A 1808 39.65 -25.14 13.37
CA LEU A 1808 39.37 -25.97 14.54
C LEU A 1808 39.50 -27.46 14.22
N SER A 1809 38.84 -27.91 13.15
CA SER A 1809 38.96 -29.28 12.65
C SER A 1809 38.88 -30.31 13.78
N VAL A 1810 37.73 -30.32 14.45
CA VAL A 1810 37.51 -31.26 15.55
C VAL A 1810 37.57 -32.68 15.01
N GLU A 1811 38.35 -33.54 15.66
CA GLU A 1811 38.64 -34.87 15.15
C GLU A 1811 38.15 -35.98 16.09
N ASN A 1812 37.22 -35.67 16.99
CA ASN A 1812 36.66 -36.68 17.87
C ASN A 1812 35.44 -36.12 18.59
N ILE A 1813 34.30 -36.83 18.55
CA ILE A 1813 33.05 -36.26 19.04
C ILE A 1813 32.47 -37.16 20.12
N GLU A 1814 33.31 -37.90 20.83
CA GLU A 1814 32.77 -38.90 21.74
C GLU A 1814 31.97 -38.25 22.86
N LEU A 1815 31.01 -39.00 23.40
CA LEU A 1815 30.19 -38.51 24.50
C LEU A 1815 30.51 -39.30 25.76
N ALA A 1816 30.47 -38.61 26.89
CA ALA A 1816 30.74 -39.21 28.19
C ALA A 1816 29.48 -39.39 29.03
N ASP A 1817 28.73 -38.32 29.25
CA ASP A 1817 27.60 -38.35 30.17
C ASP A 1817 26.30 -38.47 29.40
N ILE A 1818 25.51 -39.48 29.74
CA ILE A 1818 24.26 -39.75 29.04
C ILE A 1818 23.11 -38.93 29.61
N GLY A 1819 23.04 -38.81 30.93
CA GLY A 1819 21.97 -38.05 31.55
C GLY A 1819 22.12 -36.54 31.46
N SER A 1820 23.26 -36.06 30.93
CA SER A 1820 23.50 -34.63 30.79
C SER A 1820 23.84 -34.20 29.37
N GLY A 1821 23.98 -35.13 28.43
CA GLY A 1821 24.34 -34.77 27.07
C GLY A 1821 25.73 -34.18 26.92
N ARG A 1822 26.71 -34.75 27.61
CA ARG A 1822 28.07 -34.23 27.58
C ARG A 1822 28.88 -34.94 26.51
N PHE A 1823 29.45 -34.17 25.60
CA PHE A 1823 30.28 -34.69 24.53
C PHE A 1823 31.73 -34.29 24.78
N ASN A 1824 32.64 -35.25 24.67
CA ASN A 1824 34.06 -34.97 24.73
C ASN A 1824 34.57 -34.65 23.34
N LEU A 1825 34.91 -33.39 23.10
CA LEU A 1825 35.39 -32.98 21.78
C LEU A 1825 36.90 -32.80 21.81
N GLN A 1826 37.59 -33.55 20.97
CA GLN A 1826 39.01 -33.39 20.74
C GLN A 1826 39.19 -32.53 19.49
N ILE A 1827 39.78 -31.35 19.65
CA ILE A 1827 39.81 -30.33 18.62
C ILE A 1827 41.25 -30.14 18.14
N ARG A 1828 41.46 -30.29 16.83
CA ARG A 1828 42.79 -30.20 16.23
C ARG A 1828 42.97 -28.82 15.62
N ASP A 1829 43.18 -27.84 16.50
CA ASP A 1829 43.36 -26.45 16.09
C ASP A 1829 44.81 -26.12 15.74
N GLY A 1830 45.70 -27.11 15.78
CA GLY A 1830 47.11 -26.87 15.69
C GLY A 1830 47.81 -26.79 17.04
N GLU A 1831 47.04 -26.61 18.11
CA GLU A 1831 47.55 -26.59 19.47
C GLU A 1831 46.90 -27.67 20.33
N THR A 1832 46.13 -28.56 19.73
CA THR A 1832 45.52 -29.72 20.39
C THR A 1832 44.74 -29.32 21.65
N LEU A 1833 44.05 -28.19 21.59
CA LEU A 1833 43.13 -27.84 22.64
C LEU A 1833 41.94 -28.78 22.62
N HIS A 1834 41.57 -29.33 23.77
CA HIS A 1834 40.59 -30.40 23.84
C HIS A 1834 39.58 -30.08 24.92
N THR A 1835 38.40 -29.64 24.52
CA THR A 1835 37.33 -29.26 25.45
C THR A 1835 36.37 -30.42 25.54
N THR A 1836 36.55 -31.26 26.54
CA THR A 1836 35.72 -32.45 26.72
C THR A 1836 34.50 -32.15 27.57
N SER A 1837 33.79 -31.08 27.25
CA SER A 1837 32.56 -30.75 27.98
C SER A 1837 31.71 -29.85 27.10
N VAL A 1838 30.59 -30.37 26.61
CA VAL A 1838 29.55 -29.57 25.97
C VAL A 1838 28.21 -30.04 26.49
N GLU A 1839 27.39 -29.10 26.95
CA GLU A 1839 26.08 -29.41 27.52
C GLU A 1839 25.02 -29.30 26.43
N VAL A 1840 24.82 -30.39 25.71
CA VAL A 1840 23.77 -30.46 24.72
C VAL A 1840 22.79 -31.56 25.12
N PRO A 1841 21.81 -31.26 25.97
CA PRO A 1841 20.79 -32.27 26.30
C PRO A 1841 19.66 -32.34 25.29
N GLU A 1842 19.49 -31.32 24.46
CA GLU A 1842 18.43 -31.34 23.46
C GLU A 1842 18.58 -32.53 22.51
N VAL A 1843 19.79 -32.75 22.02
CA VAL A 1843 20.02 -33.82 21.05
C VAL A 1843 19.93 -35.18 21.70
N VAL A 1844 20.63 -35.36 22.83
CA VAL A 1844 20.71 -36.67 23.45
C VAL A 1844 19.38 -37.09 24.07
N SER A 1845 18.63 -36.13 24.63
CA SER A 1845 17.40 -36.47 25.34
C SER A 1845 16.35 -37.04 24.40
N ARG A 1846 16.24 -36.49 23.18
CA ARG A 1846 15.27 -37.01 22.23
C ARG A 1846 15.57 -38.46 21.85
N PHE A 1847 16.85 -38.76 21.57
CA PHE A 1847 17.23 -40.12 21.23
C PHE A 1847 17.07 -41.05 22.42
N GLN A 1848 17.33 -40.54 23.63
CA GLN A 1848 17.08 -41.30 24.85
C GLN A 1848 15.62 -41.68 24.97
N LYS A 1849 14.72 -40.71 24.77
CA LYS A 1849 13.31 -40.95 24.89
C LYS A 1849 12.84 -41.93 23.82
N LEU A 1850 13.36 -41.79 22.60
CA LEU A 1850 12.94 -42.71 21.55
C LEU A 1850 13.44 -44.12 21.82
N SER A 1851 14.67 -44.24 22.35
CA SER A 1851 15.20 -45.55 22.67
C SER A 1851 14.39 -46.21 23.79
N THR A 1852 14.06 -45.45 24.82
CA THR A 1852 13.30 -46.05 25.92
C THR A 1852 11.89 -46.42 25.49
N MET A 1853 11.23 -45.62 24.66
CA MET A 1853 9.90 -46.03 24.22
C MET A 1853 9.99 -47.27 23.34
N LEU A 1854 10.98 -47.32 22.45
CA LEU A 1854 11.11 -48.51 21.61
C LEU A 1854 11.40 -49.75 22.44
N SER A 1855 12.28 -49.63 23.45
CA SER A 1855 12.68 -50.80 24.22
C SER A 1855 11.55 -51.27 25.14
N ALA A 1856 10.81 -50.34 25.73
CA ALA A 1856 9.76 -50.67 26.67
C ALA A 1856 8.38 -50.72 26.02
N LEU A 1857 8.29 -50.56 24.71
CA LEU A 1857 6.99 -50.55 24.05
C LEU A 1857 6.18 -51.82 24.25
N PRO A 1858 6.74 -53.03 24.13
CA PRO A 1858 5.90 -54.23 24.32
C PRO A 1858 5.19 -54.26 25.66
N ALA A 1859 5.82 -53.76 26.72
CA ALA A 1859 5.15 -53.61 28.00
C ALA A 1859 4.38 -52.31 28.10
N SER A 1860 4.93 -51.21 27.59
CA SER A 1860 4.31 -49.89 27.69
C SER A 1860 3.85 -49.47 26.30
N GLY A 1861 2.58 -49.72 26.00
CA GLY A 1861 2.02 -49.44 24.70
C GLY A 1861 1.76 -47.99 24.40
N ILE A 1862 2.13 -47.08 25.31
CA ILE A 1862 1.93 -45.65 25.07
C ILE A 1862 2.60 -45.26 23.77
N MET A 1863 1.88 -44.52 22.95
CA MET A 1863 2.32 -44.20 21.59
C MET A 1863 2.38 -42.69 21.44
N ASP A 1864 3.60 -42.15 21.40
CA ASP A 1864 3.81 -40.72 21.20
C ASP A 1864 4.16 -40.53 19.73
N PHE A 1865 3.18 -40.08 18.95
CA PHE A 1865 3.39 -39.90 17.52
C PHE A 1865 4.32 -38.73 17.24
N ASP A 1866 4.19 -37.64 18.01
CA ASP A 1866 5.03 -36.46 17.77
C ASP A 1866 6.49 -36.77 18.03
N LEU A 1867 6.79 -37.54 19.07
CA LEU A 1867 8.17 -37.91 19.33
C LEU A 1867 8.74 -38.74 18.21
N GLY A 1868 7.95 -39.68 17.68
CA GLY A 1868 8.40 -40.46 16.55
C GLY A 1868 8.67 -39.62 15.32
N MET A 1869 7.78 -38.67 15.02
CA MET A 1869 8.00 -37.78 13.88
C MET A 1869 9.24 -36.92 14.07
N SER A 1870 9.45 -36.40 15.27
CA SER A 1870 10.64 -35.58 15.50
C SER A 1870 11.90 -36.42 15.33
N VAL A 1871 11.89 -37.66 15.81
CA VAL A 1871 13.07 -38.51 15.67
C VAL A 1871 13.31 -38.85 14.20
N VAL A 1872 12.25 -39.16 13.45
CA VAL A 1872 12.42 -39.47 12.04
C VAL A 1872 12.89 -38.25 11.26
N GLY A 1873 12.40 -37.06 11.63
CA GLY A 1873 12.85 -35.85 10.97
C GLY A 1873 14.32 -35.53 11.24
N VAL A 1874 14.75 -35.69 12.50
CA VAL A 1874 16.15 -35.42 12.81
C VAL A 1874 17.07 -36.47 12.21
N VAL A 1875 16.63 -37.73 12.15
CA VAL A 1875 17.43 -38.74 11.48
C VAL A 1875 17.56 -38.43 9.99
N GLN A 1876 16.46 -38.02 9.36
CA GLN A 1876 16.52 -37.67 7.94
C GLN A 1876 17.40 -36.47 7.71
N TYR A 1877 17.34 -35.47 8.60
CA TYR A 1877 18.21 -34.31 8.50
C TYR A 1877 19.67 -34.70 8.62
N ALA A 1878 20.00 -35.57 9.58
CA ALA A 1878 21.38 -36.01 9.73
C ALA A 1878 21.85 -36.80 8.51
N ARG A 1879 20.96 -37.63 7.96
CA ARG A 1879 21.31 -38.39 6.75
C ARG A 1879 21.58 -37.45 5.58
N LEU A 1880 20.76 -36.41 5.44
CA LEU A 1880 20.97 -35.45 4.36
C LEU A 1880 22.28 -34.70 4.55
N LEU A 1881 22.62 -34.35 5.80
CA LEU A 1881 23.91 -33.75 6.07
C LEU A 1881 25.05 -34.67 5.68
N GLN A 1882 24.92 -35.96 6.00
CA GLN A 1882 25.95 -36.92 5.62
C GLN A 1882 26.13 -36.96 4.11
N GLN A 1883 25.02 -37.03 3.37
CA GLN A 1883 25.11 -37.05 1.92
C GLN A 1883 25.65 -35.75 1.35
N GLY A 1884 25.50 -34.64 2.07
CA GLY A 1884 26.07 -33.39 1.59
C GLY A 1884 27.59 -33.42 1.51
N HIS A 1885 28.23 -34.13 2.42
CA HIS A 1885 29.69 -34.21 2.49
C HIS A 1885 30.32 -32.83 2.61
N MET A 1897 36.81 -24.95 6.89
CA MET A 1897 35.59 -25.27 7.61
C MET A 1897 35.37 -24.26 8.74
N ASP A 1898 34.63 -23.20 8.43
CA ASP A 1898 34.44 -22.11 9.37
C ASP A 1898 33.61 -22.56 10.58
N ILE A 1899 33.53 -21.66 11.56
CA ILE A 1899 32.87 -21.98 12.83
C ILE A 1899 31.42 -22.38 12.61
N LYS A 1900 30.71 -21.65 11.75
CA LYS A 1900 29.28 -21.91 11.58
C LYS A 1900 29.04 -23.28 10.94
N GLN A 1901 29.71 -23.54 9.81
CA GLN A 1901 29.55 -24.83 9.14
C GLN A 1901 30.12 -25.97 9.97
N LEU A 1902 31.19 -25.72 10.73
CA LEU A 1902 31.72 -26.75 11.61
C LEU A 1902 30.76 -27.07 12.74
N SER A 1903 30.07 -26.05 13.27
CA SER A 1903 29.04 -26.31 14.28
C SER A 1903 27.91 -27.12 13.69
N GLU A 1904 27.52 -26.83 12.45
CA GLU A 1904 26.49 -27.61 11.78
C GLU A 1904 26.92 -29.07 11.65
N ALA A 1905 28.14 -29.30 11.16
CA ALA A 1905 28.64 -30.66 10.97
C ALA A 1905 28.74 -31.39 12.30
N THR A 1906 29.23 -30.71 13.34
CA THR A 1906 29.32 -31.34 14.64
C THR A 1906 27.95 -31.70 15.18
N LEU A 1907 26.96 -30.83 14.97
CA LEU A 1907 25.61 -31.14 15.43
C LEU A 1907 25.09 -32.40 14.75
N GLY A 1908 25.30 -32.51 13.43
CA GLY A 1908 24.94 -33.75 12.76
C GLY A 1908 25.65 -34.96 13.34
N SER A 1909 26.95 -34.81 13.61
CA SER A 1909 27.72 -35.92 14.16
C SER A 1909 27.21 -36.32 15.53
N MET A 1910 26.84 -35.37 16.39
CA MET A 1910 26.32 -35.73 17.71
C MET A 1910 24.95 -36.38 17.63
N ILE A 1911 24.10 -35.95 16.70
CA ILE A 1911 22.86 -36.68 16.47
C ILE A 1911 23.18 -38.14 16.14
N GLN A 1912 24.15 -38.35 15.27
CA GLN A 1912 24.52 -39.72 14.91
C GLN A 1912 25.10 -40.48 16.10
N ILE A 1913 25.90 -39.81 16.93
CA ILE A 1913 26.52 -40.47 18.08
C ILE A 1913 25.46 -40.88 19.10
N ALA A 1914 24.51 -39.98 19.39
CA ALA A 1914 23.44 -40.33 20.32
C ALA A 1914 22.57 -41.46 19.77
N GLY A 1915 22.30 -41.43 18.46
CA GLY A 1915 21.57 -42.54 17.86
C GLY A 1915 22.33 -43.86 17.96
N ASN A 1916 23.63 -43.83 17.71
CA ASN A 1916 24.46 -45.02 17.86
C ASN A 1916 24.39 -45.54 19.28
N LYS A 1917 24.50 -44.64 20.26
CA LYS A 1917 24.53 -45.06 21.65
C LYS A 1917 23.21 -45.66 22.09
N PHE A 1918 22.09 -45.02 21.72
CA PHE A 1918 20.80 -45.40 22.29
C PHE A 1918 20.07 -46.47 21.49
N LEU A 1919 20.26 -46.49 20.17
CA LEU A 1919 19.52 -47.42 19.32
C LEU A 1919 20.24 -48.74 19.14
N ASN A 1920 21.58 -48.72 19.14
CA ASN A 1920 22.37 -49.92 18.90
C ASN A 1920 22.38 -50.73 20.18
N THR A 1921 21.58 -51.80 20.20
CA THR A 1921 21.59 -52.70 21.35
C THR A 1921 22.95 -53.36 21.52
N GLU A 1922 23.54 -53.82 20.42
CA GLU A 1922 24.86 -54.42 20.43
C GLU A 1922 25.78 -53.64 19.50
N GLY A 1923 27.07 -53.67 19.80
CA GLY A 1923 28.02 -52.89 19.04
C GLY A 1923 28.31 -53.44 17.67
N ILE A 1924 27.28 -53.51 16.82
CA ILE A 1924 27.44 -54.04 15.47
C ILE A 1924 27.95 -52.92 14.56
N GLN A 1925 28.99 -53.21 13.80
CA GLN A 1925 29.51 -52.21 12.87
C GLN A 1925 28.55 -51.98 11.72
N GLY A 1926 27.95 -53.04 11.19
CA GLY A 1926 27.06 -52.92 10.05
C GLY A 1926 25.67 -52.43 10.39
N PHE A 1927 25.56 -51.17 10.81
CA PHE A 1927 24.29 -50.58 11.18
C PHE A 1927 24.17 -49.21 10.53
N ARG A 1928 22.93 -48.74 10.39
CA ARG A 1928 22.68 -47.37 10.03
C ARG A 1928 21.49 -46.86 10.83
N LEU A 1929 21.51 -45.56 11.15
CA LEU A 1929 20.40 -44.99 11.91
C LEU A 1929 19.11 -45.07 11.13
N GLU A 1930 19.18 -44.89 9.82
CA GLU A 1930 17.96 -44.90 9.01
C GLU A 1930 17.25 -46.25 9.11
N SER A 1931 17.98 -47.34 8.88
CA SER A 1931 17.37 -48.66 8.95
C SER A 1931 16.91 -49.00 10.37
N ALA A 1932 17.71 -48.66 11.37
CA ALA A 1932 17.34 -48.95 12.75
C ALA A 1932 16.05 -48.23 13.14
N VAL A 1933 15.99 -46.93 12.84
CA VAL A 1933 14.80 -46.15 13.17
C VAL A 1933 13.60 -46.66 12.37
N ALA A 1934 13.79 -46.92 11.09
CA ALA A 1934 12.69 -47.38 10.25
C ALA A 1934 12.14 -48.71 10.73
N GLU A 1935 13.03 -49.64 11.11
CA GLU A 1935 12.59 -50.92 11.64
C GLU A 1935 11.84 -50.74 12.96
N GLY A 1936 12.34 -49.84 13.82
CA GLY A 1936 11.63 -49.56 15.06
C GLY A 1936 10.22 -49.06 14.81
N MET A 1937 10.08 -48.09 13.91
CA MET A 1937 8.75 -47.52 13.67
C MET A 1937 7.85 -48.49 12.92
N ARG A 1938 8.42 -49.34 12.08
CA ARG A 1938 7.63 -50.37 11.41
C ARG A 1938 7.09 -51.37 12.43
N SER A 1939 7.90 -51.75 13.41
CA SER A 1939 7.41 -52.60 14.49
C SER A 1939 6.32 -51.88 15.29
N VAL A 1940 6.53 -50.59 15.56
CA VAL A 1940 5.52 -49.81 16.28
C VAL A 1940 4.19 -49.86 15.55
N ALA A 1941 4.22 -49.59 14.25
CA ALA A 1941 2.99 -49.60 13.46
C ALA A 1941 2.40 -50.99 13.39
N THR A 1942 3.23 -52.02 13.36
CA THR A 1942 2.73 -53.39 13.37
C THR A 1942 2.00 -53.71 14.67
N ARG A 1943 2.37 -53.06 15.76
CA ARG A 1943 1.65 -53.25 17.01
C ARG A 1943 0.33 -52.48 17.00
N THR A 1944 0.37 -51.18 16.74
CA THR A 1944 -0.82 -50.36 16.90
C THR A 1944 -1.77 -50.52 15.72
N GLY A 1945 -1.28 -50.30 14.50
CA GLY A 1945 -2.14 -50.29 13.33
C GLY A 1945 -2.96 -49.02 13.28
N GLY A 1946 -3.84 -48.94 12.29
CA GLY A 1946 -4.67 -47.76 12.14
C GLY A 1946 -4.01 -46.72 11.27
N THR A 1947 -4.67 -45.56 11.16
CA THR A 1947 -4.14 -44.47 10.34
C THR A 1947 -2.81 -43.97 10.87
N MET A 1948 -2.67 -43.82 12.19
CA MET A 1948 -1.41 -43.37 12.74
C MET A 1948 -0.30 -44.37 12.47
N GLY A 1949 -0.59 -45.65 12.64
CA GLY A 1949 0.33 -46.70 12.25
C GLY A 1949 0.73 -46.61 10.79
N LYS A 1950 -0.24 -46.31 9.93
CA LYS A 1950 0.05 -46.16 8.51
C LYS A 1950 0.98 -44.97 8.26
N ALA A 1951 0.77 -43.87 8.98
CA ALA A 1951 1.68 -42.72 8.85
C ALA A 1951 3.08 -43.08 9.33
N LEU A 1952 3.16 -43.83 10.43
CA LEU A 1952 4.47 -44.24 10.94
C LEU A 1952 5.18 -45.15 9.95
N SER A 1953 4.43 -46.09 9.35
CA SER A 1953 5.01 -46.97 8.34
C SER A 1953 5.46 -46.19 7.13
N ALA A 1954 4.69 -45.19 6.72
CA ALA A 1954 5.07 -44.39 5.56
C ALA A 1954 6.35 -43.59 5.84
N SER A 1955 6.46 -43.04 7.05
CA SER A 1955 7.68 -42.33 7.41
C SER A 1955 8.88 -43.27 7.48
N ALA A 1956 8.70 -44.44 8.07
CA ALA A 1956 9.77 -45.43 8.10
C ALA A 1956 10.16 -45.83 6.69
N ARG A 1957 9.17 -46.04 5.81
CA ARG A 1957 9.47 -46.42 4.44
C ARG A 1957 10.25 -45.33 3.73
N VAL A 1958 9.87 -44.06 3.97
CA VAL A 1958 10.64 -42.95 3.45
C VAL A 1958 12.09 -43.04 3.92
N LEU A 1959 12.28 -43.45 5.18
CA LEU A 1959 13.64 -43.57 5.69
C LEU A 1959 14.40 -44.71 5.03
N GLU A 1960 13.71 -45.80 4.68
CA GLU A 1960 14.39 -46.96 4.12
C GLU A 1960 14.90 -46.69 2.71
N LEU A 1961 14.04 -46.22 1.81
CA LEU A 1961 14.46 -45.98 0.43
C LEU A 1961 15.38 -44.77 0.37
N PRO A 1962 16.23 -44.70 -0.66
CA PRO A 1962 17.14 -43.56 -0.78
C PRO A 1962 16.38 -42.26 -0.97
N VAL A 1963 17.07 -41.15 -0.69
CA VAL A 1963 16.43 -39.84 -0.78
C VAL A 1963 15.95 -39.61 -2.21
N LEU A 1964 14.76 -39.03 -2.34
CA LEU A 1964 14.16 -38.77 -3.64
C LEU A 1964 15.02 -37.81 -4.44
N GLU A 1965 14.96 -37.94 -5.76
CA GLU A 1965 15.75 -37.07 -6.63
C GLU A 1965 15.33 -35.62 -6.45
N THR A 1966 14.03 -35.37 -6.31
CA THR A 1966 13.55 -34.00 -6.10
C THR A 1966 14.09 -33.43 -4.80
N VAL A 1967 14.11 -34.22 -3.73
CA VAL A 1967 14.58 -33.73 -2.45
C VAL A 1967 16.05 -33.37 -2.52
N LEU A 1968 16.87 -34.25 -3.11
CA LEU A 1968 18.29 -33.96 -3.25
C LEU A 1968 18.52 -32.75 -4.14
N GLY A 1969 17.76 -32.63 -5.22
CA GLY A 1969 17.91 -31.47 -6.09
C GLY A 1969 17.58 -30.17 -5.36
N THR A 1970 16.50 -30.19 -4.56
CA THR A 1970 16.16 -29.02 -3.75
C THR A 1970 17.27 -28.70 -2.78
N TRP A 1971 17.80 -29.72 -2.09
CA TRP A 1971 18.86 -29.52 -1.11
C TRP A 1971 20.10 -28.92 -1.75
N ASN A 1972 20.52 -29.48 -2.89
CA ASN A 1972 21.71 -29.00 -3.56
C ASN A 1972 21.52 -27.58 -4.09
N LEU A 1973 20.38 -27.31 -4.74
CA LEU A 1973 20.14 -25.98 -5.26
C LEU A 1973 20.12 -24.95 -4.13
N TYR A 1974 19.44 -25.27 -3.02
CA TYR A 1974 19.45 -24.39 -1.87
C TYR A 1974 20.87 -24.11 -1.43
N ASN A 1975 21.60 -25.16 -1.01
CA ASN A 1975 22.94 -24.99 -0.47
C ASN A 1975 23.89 -24.33 -1.45
N SER A 1976 23.62 -24.41 -2.76
CA SER A 1976 24.54 -23.89 -3.75
C SER A 1976 24.28 -22.42 -4.08
N VAL A 1977 23.02 -22.03 -4.26
CA VAL A 1977 22.69 -20.68 -4.68
C VAL A 1977 21.96 -19.92 -3.59
N ILE A 1978 20.92 -20.53 -3.00
CA ILE A 1978 20.02 -19.78 -2.14
C ILE A 1978 20.71 -19.39 -0.85
N GLN A 1979 21.51 -20.29 -0.28
CA GLN A 1979 22.21 -20.00 0.96
C GLN A 1979 23.19 -18.85 0.78
N LEU A 1980 23.95 -18.85 -0.32
CA LEU A 1980 24.94 -17.79 -0.52
C LEU A 1980 24.30 -16.47 -0.92
N GLN A 1981 23.18 -16.51 -1.66
CA GLN A 1981 22.53 -15.28 -2.08
C GLN A 1981 22.00 -14.50 -0.87
N GLN A 1982 21.47 -15.20 0.12
CA GLN A 1982 20.95 -14.54 1.31
C GLN A 1982 22.10 -14.12 2.22
N ALA A 1983 21.85 -13.07 3.00
CA ALA A 1983 22.82 -12.57 3.96
C ALA A 1983 22.47 -12.94 5.40
N THR A 1984 21.49 -13.82 5.60
CA THR A 1984 21.09 -14.21 6.93
C THR A 1984 22.16 -15.06 7.60
N SER A 1985 22.09 -15.12 8.92
CA SER A 1985 23.06 -15.90 9.69
C SER A 1985 22.82 -17.39 9.47
N TYR A 1986 23.69 -18.21 10.06
CA TYR A 1986 23.65 -19.64 9.82
C TYR A 1986 22.45 -20.32 10.46
N SER A 1987 21.85 -19.72 11.50
CA SER A 1987 20.70 -20.33 12.13
C SER A 1987 19.51 -20.40 11.18
N GLU A 1988 19.29 -19.33 10.41
CA GLU A 1988 18.20 -19.36 9.44
C GLU A 1988 18.43 -20.40 8.36
N THR A 1989 19.66 -20.52 7.87
CA THR A 1989 19.97 -21.52 6.86
C THR A 1989 19.78 -22.93 7.42
N MET A 1990 20.20 -23.15 8.67
CA MET A 1990 20.02 -24.46 9.29
C MET A 1990 18.55 -24.78 9.48
N ALA A 1991 17.74 -23.78 9.87
CA ALA A 1991 16.30 -24.00 9.99
C ALA A 1991 15.69 -24.33 8.64
N ALA A 1992 16.16 -23.68 7.58
CA ALA A 1992 15.70 -24.01 6.23
C ALA A 1992 16.04 -25.44 5.87
N ARG A 1993 17.24 -25.90 6.23
CA ARG A 1993 17.64 -27.28 5.93
C ARG A 1993 16.81 -28.28 6.71
N VAL A 1994 16.54 -27.99 7.99
CA VAL A 1994 15.67 -28.88 8.77
C VAL A 1994 14.27 -28.90 8.18
N GLN A 1995 13.82 -27.75 7.67
CA GLN A 1995 12.51 -27.72 7.02
C GLN A 1995 12.51 -28.54 5.75
N ILE A 1996 13.61 -28.49 4.98
CA ILE A 1996 13.72 -29.32 3.79
C ILE A 1996 13.60 -30.79 4.15
N ALA A 1997 14.31 -31.20 5.21
CA ALA A 1997 14.26 -32.60 5.64
C ALA A 1997 12.87 -33.01 6.10
N PHE A 1998 12.21 -32.15 6.89
CA PHE A 1998 10.87 -32.50 7.35
C PHE A 1998 9.85 -32.50 6.22
N ASP A 1999 10.04 -31.64 5.22
CA ASP A 1999 9.18 -31.68 4.04
C ASP A 1999 9.40 -32.97 3.26
N SER A 2000 10.64 -33.43 3.18
CA SER A 2000 10.91 -34.71 2.53
C SER A 2000 10.23 -35.85 3.26
N ILE A 2001 10.26 -35.83 4.60
CA ILE A 2001 9.54 -36.85 5.36
C ILE A 2001 8.04 -36.75 5.12
N SER A 2002 7.53 -35.52 5.01
CA SER A 2002 6.10 -35.30 4.80
C SER A 2002 5.64 -35.78 3.43
N LEU A 2003 6.52 -35.72 2.42
CA LEU A 2003 6.15 -36.12 1.07
C LEU A 2003 5.63 -37.55 1.04
N GLY A 2004 6.09 -38.39 1.96
CA GLY A 2004 5.65 -39.78 1.99
C GLY A 2004 4.22 -39.98 2.44
N LEU A 2005 3.61 -38.97 3.06
CA LEU A 2005 2.22 -39.06 3.50
C LEU A 2005 1.23 -38.45 2.52
N THR A 2006 1.69 -37.97 1.36
CA THR A 2006 0.83 -37.36 0.37
C THR A 2006 0.39 -38.38 -0.67
N ALA A 2007 -0.79 -38.17 -1.23
CA ALA A 2007 -1.37 -39.05 -2.24
C ALA A 2007 -1.85 -38.23 -3.43
N ALA A 2008 -1.71 -38.78 -4.62
CA ALA A 2008 -2.19 -38.11 -5.82
C ALA A 2008 -3.70 -38.24 -5.95
N SER A 2009 -4.30 -37.27 -6.64
CA SER A 2009 -5.75 -37.25 -6.80
C SER A 2009 -6.20 -38.29 -7.80
N VAL A 2010 -7.41 -38.80 -7.58
CA VAL A 2010 -8.06 -39.74 -8.49
C VAL A 2010 -9.20 -39.02 -9.18
N ALA A 2011 -9.20 -39.05 -10.51
CA ALA A 2011 -10.16 -38.30 -11.30
C ALA A 2011 -11.39 -39.17 -11.56
N PHE A 2012 -12.54 -38.69 -11.11
CA PHE A 2012 -13.83 -39.33 -11.30
C PHE A 2012 -13.77 -40.77 -10.77
N PRO A 2013 -13.90 -40.96 -9.46
CA PRO A 2013 -13.99 -42.32 -8.94
C PRO A 2013 -15.30 -42.95 -9.37
N PRO A 2014 -15.24 -44.10 -10.06
CA PRO A 2014 -16.48 -44.74 -10.51
C PRO A 2014 -17.40 -45.17 -9.39
N LEU A 2015 -16.88 -45.39 -8.18
CA LEU A 2015 -17.71 -45.77 -7.05
C LEU A 2015 -17.38 -44.90 -5.85
N ILE A 2016 -18.15 -45.10 -4.79
CA ILE A 2016 -17.96 -44.40 -3.53
C ILE A 2016 -17.09 -45.27 -2.63
N ILE A 2017 -16.05 -44.66 -2.06
CA ILE A 2017 -15.11 -45.38 -1.20
C ILE A 2017 -15.23 -44.87 0.23
N ALA A 2018 -14.47 -45.45 1.14
CA ALA A 2018 -14.41 -45.01 2.53
C ALA A 2018 -13.21 -44.10 2.72
N THR A 2019 -13.42 -42.97 3.39
CA THR A 2019 -12.38 -41.97 3.56
C THR A 2019 -12.16 -41.59 5.02
N GLY A 2020 -12.69 -42.37 5.96
CA GLY A 2020 -12.54 -42.08 7.36
C GLY A 2020 -11.33 -42.75 7.98
N PRO A 2021 -10.77 -42.13 9.02
CA PRO A 2021 -9.60 -42.72 9.68
C PRO A 2021 -9.96 -44.00 10.42
N ILE A 2022 -8.96 -44.86 10.56
CA ILE A 2022 -9.10 -46.14 11.24
C ILE A 2022 -8.45 -46.03 12.60
N ALA A 2023 -9.18 -46.46 13.63
CA ALA A 2023 -8.67 -46.35 15.00
C ALA A 2023 -7.53 -47.34 15.24
N ALA A 2024 -6.61 -46.94 16.09
CA ALA A 2024 -5.54 -47.82 16.51
C ALA A 2024 -6.06 -48.81 17.56
N ILE A 2025 -5.25 -49.81 17.86
CA ILE A 2025 -5.64 -50.86 18.78
C ILE A 2025 -5.29 -50.45 20.20
N GLY A 2026 -6.28 -50.52 21.09
CA GLY A 2026 -6.06 -50.12 22.47
C GLY A 2026 -6.13 -48.62 22.66
N MET A 2027 -7.29 -48.03 22.36
CA MET A 2027 -7.46 -46.59 22.48
C MET A 2027 -8.00 -46.17 23.84
N GLY A 2028 -8.56 -47.09 24.61
CA GLY A 2028 -9.23 -46.76 25.86
C GLY A 2028 -8.31 -46.78 27.06
N ALA A 2029 -8.95 -46.85 28.23
CA ALA A 2029 -8.24 -46.87 29.51
C ALA A 2029 -7.84 -48.28 29.94
N SER A 2030 -8.14 -49.31 29.15
CA SER A 2030 -7.72 -50.65 29.52
C SER A 2030 -6.21 -50.79 29.41
N SER A 2031 -5.60 -50.23 28.37
CA SER A 2031 -4.16 -50.40 28.17
C SER A 2031 -3.37 -49.76 29.31
N ILE A 2032 -3.74 -48.54 29.72
CA ILE A 2032 -3.07 -47.90 30.83
C ILE A 2032 -3.41 -48.60 32.14
N ALA A 2033 -4.57 -49.23 32.23
CA ALA A 2033 -4.87 -50.03 33.41
C ALA A 2033 -3.92 -51.22 33.53
N ARG A 2034 -3.67 -51.91 32.41
CA ARG A 2034 -2.71 -53.02 32.42
C ARG A 2034 -1.31 -52.52 32.72
N ASN A 2035 -0.92 -51.38 32.14
CA ASN A 2035 0.38 -50.80 32.45
C ASN A 2035 0.49 -50.43 33.92
N VAL A 2036 -0.65 -50.11 34.55
CA VAL A 2036 -0.67 -49.81 35.98
C VAL A 2036 -0.76 -51.07 36.83
N ALA A 2037 -1.26 -52.18 36.27
CA ALA A 2037 -1.53 -53.38 37.05
C ALA A 2037 -0.28 -53.94 37.72
N ARG A 2038 0.90 -53.61 37.24
CA ARG A 2038 2.13 -54.05 37.90
C ARG A 2038 2.29 -53.34 39.24
N LYS A 2039 2.74 -54.10 40.24
CA LYS A 2039 2.85 -53.60 41.61
C LYS A 2039 3.95 -52.55 41.67
N GLU A 2040 3.57 -51.29 41.89
CA GLU A 2040 4.53 -50.20 41.94
C GLU A 2040 4.05 -49.18 42.98
N GLU A 2041 4.75 -48.06 43.05
CA GLU A 2041 4.35 -46.96 43.91
C GLU A 2041 3.02 -46.38 43.45
N ARG A 2042 2.24 -45.87 44.40
CA ARG A 2042 0.94 -45.32 44.05
C ARG A 2042 1.08 -44.04 43.25
N HIS A 2043 2.03 -43.18 43.59
CA HIS A 2043 2.14 -41.92 42.87
C HIS A 2043 2.63 -42.13 41.44
N THR A 2044 3.42 -43.18 41.20
CA THR A 2044 3.80 -43.50 39.84
C THR A 2044 2.61 -44.00 39.03
N GLN A 2045 1.73 -44.78 39.66
CA GLN A 2045 0.48 -45.20 39.02
C GLN A 2045 -0.37 -43.98 38.64
N TRP A 2046 -0.53 -43.05 39.58
CA TRP A 2046 -1.26 -41.85 39.26
C TRP A 2046 -0.58 -41.06 38.15
N LEU A 2047 0.75 -41.03 38.13
CA LEU A 2047 1.44 -40.29 37.08
C LEU A 2047 1.15 -40.89 35.71
N GLU A 2048 1.07 -42.22 35.65
CA GLU A 2048 0.70 -42.88 34.39
C GLU A 2048 -0.72 -42.50 33.97
N TYR A 2049 -1.67 -42.51 34.91
CA TYR A 2049 -3.02 -42.08 34.59
C TYR A 2049 -3.04 -40.64 34.10
N LYS A 2050 -2.27 -39.77 34.76
CA LYS A 2050 -2.26 -38.36 34.39
C LYS A 2050 -1.65 -38.15 33.02
N LYS A 2051 -0.66 -38.96 32.65
CA LYS A 2051 -0.11 -38.89 31.31
C LYS A 2051 -1.14 -39.32 30.29
N PHE A 2052 -1.93 -40.35 30.60
CA PHE A 2052 -3.01 -40.75 29.70
C PHE A 2052 -3.99 -39.60 29.49
N LEU A 2053 -4.37 -38.92 30.57
CA LEU A 2053 -5.29 -37.79 30.46
C LEU A 2053 -4.67 -36.63 29.67
N THR A 2054 -3.39 -36.35 29.88
CA THR A 2054 -2.74 -35.26 29.17
C THR A 2054 -2.72 -35.50 27.67
N ASP A 2055 -2.37 -36.72 27.24
CA ASP A 2055 -2.46 -37.03 25.81
C ASP A 2055 -3.90 -37.07 25.31
N GLY A 2056 -4.83 -37.57 26.11
CA GLY A 2056 -6.22 -37.57 25.67
C GLY A 2056 -6.81 -36.19 25.49
N SER A 2057 -6.26 -35.19 26.17
CA SER A 2057 -6.75 -33.83 26.03
C SER A 2057 -5.84 -32.93 25.20
N LYS A 2058 -4.64 -33.38 24.83
CA LYS A 2058 -3.72 -32.51 24.11
C LYS A 2058 -4.23 -32.13 22.73
N HIS A 2059 -4.93 -33.04 22.07
CA HIS A 2059 -5.34 -32.90 20.68
C HIS A 2059 -6.82 -33.17 20.52
N ILE A 2060 -7.64 -32.42 21.28
CA ILE A 2060 -9.12 -32.63 21.26
C ILE A 2060 -9.66 -32.22 19.89
N VAL A 2061 -8.96 -31.33 19.18
CA VAL A 2061 -9.49 -30.85 17.86
C VAL A 2061 -8.37 -30.32 16.96
N VAL A 2062 -8.31 -30.80 15.72
CA VAL A 2062 -7.36 -30.23 14.73
C VAL A 2062 -8.24 -29.60 13.66
N ALA A 2063 -8.12 -28.30 13.41
CA ALA A 2063 -8.96 -27.54 12.49
C ALA A 2063 -8.17 -27.15 11.26
N SER A 2064 -8.74 -27.41 10.08
CA SER A 2064 -8.17 -26.99 8.81
C SER A 2064 -9.28 -26.26 8.07
N PRO A 2065 -9.48 -24.97 8.35
CA PRO A 2065 -10.50 -24.21 7.62
C PRO A 2065 -10.17 -24.00 6.16
N GLU A 2066 -8.90 -24.09 5.77
CA GLU A 2066 -8.55 -23.92 4.36
C GLU A 2066 -9.18 -25.02 3.51
N ARG A 2067 -9.17 -26.25 4.00
CA ARG A 2067 -9.85 -27.35 3.32
C ARG A 2067 -11.18 -27.69 3.97
N GLY A 2068 -11.57 -26.98 5.03
CA GLY A 2068 -12.84 -27.20 5.69
C GLY A 2068 -12.97 -28.56 6.34
N LEU A 2069 -12.06 -28.87 7.24
CA LEU A 2069 -12.14 -30.17 7.97
C LEU A 2069 -11.90 -29.94 9.45
N LEU A 2070 -12.69 -30.60 10.31
CA LEU A 2070 -12.46 -30.52 11.76
C LEU A 2070 -12.22 -31.95 12.26
N ASP A 2071 -11.19 -32.20 13.06
CA ASP A 2071 -10.84 -33.59 13.48
C ASP A 2071 -10.93 -33.75 15.00
N PHE A 2072 -11.99 -34.38 15.49
CA PHE A 2072 -12.16 -34.64 16.92
C PHE A 2072 -11.93 -36.13 17.19
N SER A 2073 -10.91 -36.69 16.55
CA SER A 2073 -10.58 -38.12 16.75
C SER A 2073 -9.65 -38.22 17.96
N GLY A 2074 -8.80 -37.21 18.17
CA GLY A 2074 -7.94 -37.19 19.37
C GLY A 2074 -8.71 -36.86 20.62
N ASN A 2075 -10.04 -36.75 20.52
CA ASN A 2075 -10.84 -36.52 21.72
C ASN A 2075 -10.99 -37.84 22.46
N LYS A 2076 -10.32 -37.95 23.62
CA LYS A 2076 -10.46 -39.11 24.47
C LYS A 2076 -11.03 -38.78 25.84
N VAL A 2077 -11.01 -37.52 26.26
CA VAL A 2077 -11.40 -37.14 27.61
C VAL A 2077 -12.50 -36.09 27.65
N PHE A 2078 -12.86 -35.47 26.53
CA PHE A 2078 -13.88 -34.42 26.48
C PHE A 2078 -15.23 -35.05 26.19
N GLY A 2079 -16.01 -35.30 27.23
CA GLY A 2079 -17.27 -35.99 27.06
C GLY A 2079 -18.44 -35.07 26.83
N LYS A 2080 -19.55 -35.67 26.38
CA LYS A 2080 -20.78 -34.94 26.05
C LYS A 2080 -20.50 -33.76 25.15
N MET A 2081 -19.63 -33.96 24.17
CA MET A 2081 -19.30 -32.91 23.21
C MET A 2081 -20.53 -32.55 22.39
N VAL A 2082 -20.67 -31.26 22.11
CA VAL A 2082 -21.74 -30.73 21.29
C VAL A 2082 -21.12 -29.70 20.35
N LEU A 2083 -21.23 -29.95 19.05
CA LEU A 2083 -20.72 -29.06 18.02
C LEU A 2083 -21.89 -28.42 17.29
N ASP A 2084 -21.84 -27.10 17.15
CA ASP A 2084 -22.86 -26.32 16.47
C ASP A 2084 -22.20 -25.62 15.29
N LEU A 2085 -22.53 -26.06 14.09
CA LEU A 2085 -21.98 -25.47 12.88
C LEU A 2085 -22.86 -24.35 12.33
N ARG A 2086 -23.97 -24.05 13.00
CA ARG A 2086 -24.86 -23.01 12.52
C ARG A 2086 -24.21 -21.64 12.60
N GLN A 2087 -23.47 -21.38 13.69
CA GLN A 2087 -22.78 -20.12 13.86
C GLN A 2087 -21.54 -20.05 12.98
N SER A 2088 -21.16 -18.83 12.62
CA SER A 2088 -19.97 -18.66 11.78
C SER A 2088 -18.71 -19.16 12.48
N PRO A 2089 -18.42 -18.81 13.73
CA PRO A 2089 -17.46 -19.59 14.49
C PRO A 2089 -18.15 -20.73 15.19
N PRO A 2090 -17.81 -21.98 14.86
CA PRO A 2090 -18.58 -23.12 15.39
C PRO A 2090 -18.51 -23.16 16.91
N LEU A 2091 -19.59 -23.62 17.52
CA LEU A 2091 -19.74 -23.64 18.97
C LEU A 2091 -19.40 -25.03 19.50
N LEU A 2092 -18.42 -25.10 20.40
CA LEU A 2092 -17.98 -26.36 20.99
C LEU A 2092 -18.29 -26.34 22.47
N HIS A 2093 -19.08 -27.30 22.93
CA HIS A 2093 -19.41 -27.45 24.35
C HIS A 2093 -19.12 -28.89 24.76
N GLY A 2094 -18.90 -29.09 26.05
CA GLY A 2094 -18.63 -30.43 26.52
C GLY A 2094 -18.22 -30.43 27.98
N GLU A 2095 -17.84 -31.62 28.44
CA GLU A 2095 -17.46 -31.87 29.81
C GLU A 2095 -16.02 -32.34 29.86
N SER A 2096 -15.21 -31.72 30.70
CA SER A 2096 -13.81 -32.07 30.86
C SER A 2096 -13.65 -33.10 31.96
N SER A 2097 -12.57 -33.88 31.88
CA SER A 2097 -12.22 -34.79 32.95
C SER A 2097 -11.70 -34.01 34.15
N PHE A 2098 -11.89 -34.57 35.35
CA PHE A 2098 -11.58 -33.79 36.52
C PHE A 2098 -11.12 -34.68 37.67
N ASN A 2099 -10.31 -34.11 38.57
CA ASN A 2099 -9.83 -34.79 39.76
C ASN A 2099 -10.96 -34.97 40.77
N ALA A 2100 -10.68 -35.76 41.81
CA ALA A 2100 -11.72 -36.04 42.82
C ALA A 2100 -11.08 -36.31 44.19
N ASP A 2101 -11.64 -35.73 45.26
CA ASP A 2101 -11.13 -36.01 46.62
C ASP A 2101 -12.14 -36.88 47.36
N ARG A 2102 -11.67 -37.84 48.17
CA ARG A 2102 -12.59 -38.78 48.87
C ARG A 2102 -13.64 -38.00 49.67
N LYS A 2103 -13.35 -36.77 50.10
CA LYS A 2103 -14.30 -36.06 50.95
C LYS A 2103 -14.75 -34.72 50.40
N ILE A 2104 -13.86 -33.95 49.77
CA ILE A 2104 -14.22 -32.62 49.30
C ILE A 2104 -14.63 -32.58 47.83
N GLY A 2105 -14.53 -33.70 47.12
CA GLY A 2105 -14.90 -33.70 45.72
C GLY A 2105 -13.96 -32.85 44.88
N HIS A 2106 -14.47 -32.42 43.73
CA HIS A 2106 -13.71 -31.60 42.80
C HIS A 2106 -14.06 -30.14 43.06
N ARG A 2107 -13.03 -29.31 43.24
CA ARG A 2107 -13.19 -27.91 43.60
C ARG A 2107 -12.22 -27.07 42.77
N PRO A 2108 -12.59 -26.72 41.54
CA PRO A 2108 -11.63 -26.02 40.67
C PRO A 2108 -11.39 -24.58 41.08
N ASP A 2109 -12.27 -23.99 41.86
CA ASP A 2109 -12.22 -22.58 42.20
C ASP A 2109 -11.12 -22.23 43.19
N LEU A 2110 -10.47 -23.21 43.80
CA LEU A 2110 -9.50 -22.98 44.84
C LEU A 2110 -8.08 -23.09 44.31
N GLY A 2111 -7.16 -22.39 44.97
CA GLY A 2111 -5.75 -22.60 44.73
C GLY A 2111 -5.22 -23.76 45.55
N ASP A 2112 -3.91 -24.00 45.42
CA ASP A 2112 -3.31 -25.14 46.10
C ASP A 2112 -3.38 -25.00 47.61
N TRP A 2113 -3.16 -23.80 48.14
CA TRP A 2113 -3.21 -23.61 49.58
C TRP A 2113 -4.62 -23.78 50.12
N GLN A 2114 -5.62 -23.36 49.35
CA GLN A 2114 -7.00 -23.47 49.80
C GLN A 2114 -7.45 -24.91 49.89
N ILE A 2115 -7.16 -25.72 48.86
CA ILE A 2115 -7.46 -27.15 48.94
C ILE A 2115 -6.65 -27.80 50.06
N ARG A 2116 -5.37 -27.41 50.20
CA ARG A 2116 -4.54 -27.97 51.25
C ARG A 2116 -5.17 -27.76 52.61
N GLU A 2117 -5.59 -26.52 52.89
CA GLU A 2117 -6.27 -26.24 54.14
C GLU A 2117 -7.58 -27.02 54.26
N LYS A 2118 -8.29 -27.19 53.15
CA LYS A 2118 -9.57 -27.89 53.17
C LYS A 2118 -9.41 -29.34 53.60
N VAL A 2119 -8.41 -30.04 53.04
CA VAL A 2119 -8.17 -31.43 53.41
C VAL A 2119 -7.17 -31.53 54.57
N GLY A 2120 -6.16 -30.66 54.60
CA GLY A 2120 -5.27 -30.59 55.74
C GLY A 2120 -4.26 -31.71 55.82
N TYR A 2121 -3.34 -31.77 54.85
CA TYR A 2121 -2.31 -32.79 54.85
C TYR A 2121 -0.91 -32.27 55.17
N ALA A 2122 -0.62 -31.01 54.88
CA ALA A 2122 0.68 -30.44 55.16
C ALA A 2122 0.52 -29.21 56.03
N ASN A 2123 1.63 -28.80 56.64
CA ASN A 2123 1.62 -27.58 57.43
C ASN A 2123 1.59 -26.37 56.52
N SER A 2124 1.07 -25.25 57.05
CA SER A 2124 1.01 -24.02 56.28
C SER A 2124 2.39 -23.44 56.00
N ILE A 2125 3.42 -23.88 56.72
CA ILE A 2125 4.78 -23.41 56.48
C ILE A 2125 5.46 -24.21 55.39
N SER A 2126 4.91 -25.37 55.02
CA SER A 2126 5.55 -26.19 54.01
C SER A 2126 5.59 -25.45 52.68
N PRO A 2127 6.68 -25.56 51.92
CA PRO A 2127 6.78 -24.79 50.68
C PRO A 2127 5.73 -25.23 49.67
N TYR A 2128 5.62 -24.41 48.61
CA TYR A 2128 4.68 -24.73 47.56
C TYR A 2128 5.10 -25.97 46.79
N SER A 2129 6.40 -26.28 46.77
CA SER A 2129 6.87 -27.46 46.07
C SER A 2129 6.55 -28.75 46.82
N SER A 2130 6.22 -28.68 48.11
CA SER A 2130 5.89 -29.89 48.84
C SER A 2130 4.45 -30.33 48.63
N LEU A 2131 3.61 -29.48 48.06
CA LEU A 2131 2.20 -29.79 47.88
C LEU A 2131 1.94 -30.41 46.52
N ALA A 2132 0.91 -31.23 46.45
CA ALA A 2132 0.49 -31.90 45.22
C ALA A 2132 -0.15 -30.87 44.30
N HIS A 2133 0.61 -30.39 43.32
CA HIS A 2133 0.09 -29.39 42.40
C HIS A 2133 -1.09 -29.94 41.62
N GLY A 2134 -2.18 -29.16 41.56
CA GLY A 2134 -3.35 -29.53 40.80
C GLY A 2134 -4.26 -30.55 41.45
N TYR A 2135 -4.08 -30.78 42.76
CA TYR A 2135 -4.87 -31.82 43.46
C TYR A 2135 -6.34 -31.40 43.60
N ALA A 2136 -7.26 -32.27 43.20
CA ALA A 2136 -8.69 -32.03 43.38
C ALA A 2136 -9.20 -30.77 42.70
N ASN A 2137 -8.38 -30.13 41.85
CA ASN A 2137 -8.80 -28.89 41.21
C ASN A 2137 -8.38 -28.76 39.76
N SER A 2138 -8.10 -29.86 39.06
CA SER A 2138 -7.58 -29.78 37.70
C SER A 2138 -8.61 -30.31 36.70
N LYS A 2139 -8.48 -29.83 35.46
CA LYS A 2139 -9.22 -30.31 34.30
C LYS A 2139 -8.22 -30.37 33.15
N TRP A 2140 -7.94 -31.57 32.65
CA TRP A 2140 -6.86 -31.70 31.68
C TRP A 2140 -7.19 -31.15 30.30
N PRO A 2141 -8.44 -31.13 29.84
CA PRO A 2141 -8.77 -30.25 28.70
C PRO A 2141 -8.52 -28.79 29.03
N ARG A 2142 -8.35 -28.42 30.30
CA ARG A 2142 -8.18 -27.04 30.74
C ARG A 2142 -9.32 -26.18 30.24
N THR A 2143 -9.11 -25.48 29.14
CA THR A 2143 -10.13 -24.64 28.53
C THR A 2143 -10.64 -25.30 27.26
N ILE A 2144 -11.94 -25.20 27.03
CA ILE A 2144 -12.55 -25.73 25.82
C ILE A 2144 -11.87 -25.10 24.62
N PRO A 2145 -11.34 -25.89 23.68
CA PRO A 2145 -10.61 -25.30 22.56
C PRO A 2145 -11.51 -24.46 21.68
N LYS A 2146 -10.93 -23.43 21.06
CA LYS A 2146 -11.67 -22.48 20.25
C LYS A 2146 -11.45 -22.79 18.79
N ILE A 2147 -12.53 -23.12 18.08
CA ILE A 2147 -12.46 -23.45 16.66
C ILE A 2147 -12.39 -22.15 15.85
N PRO A 2148 -11.43 -21.99 14.95
CA PRO A 2148 -11.39 -20.80 14.11
C PRO A 2148 -12.63 -20.72 13.23
N SER A 2149 -13.08 -19.50 12.98
CA SER A 2149 -14.20 -19.31 12.08
C SER A 2149 -13.82 -19.73 10.67
N GLY A 2150 -14.71 -20.45 10.03
CA GLY A 2150 -14.46 -20.94 8.69
C GLY A 2150 -15.64 -21.76 8.20
N GLU A 2151 -15.52 -22.23 6.97
CA GLU A 2151 -16.59 -22.97 6.32
C GLU A 2151 -16.22 -24.45 6.34
N TYR A 2152 -16.90 -25.23 7.17
CA TYR A 2152 -16.55 -26.61 7.42
C TYR A 2152 -17.64 -27.53 6.87
N ASP A 2153 -17.23 -28.57 6.15
CA ASP A 2153 -18.15 -29.53 5.59
C ASP A 2153 -17.83 -30.98 5.93
N THR A 2154 -16.66 -31.26 6.49
CA THR A 2154 -16.31 -32.62 6.91
C THR A 2154 -15.92 -32.60 8.38
N ILE A 2155 -16.56 -33.47 9.17
CA ILE A 2155 -16.31 -33.57 10.60
C ILE A 2155 -15.93 -35.00 10.93
N ILE A 2156 -14.71 -35.18 11.45
CA ILE A 2156 -14.23 -36.52 11.91
C ILE A 2156 -14.52 -36.61 13.40
N LEU A 2157 -15.19 -37.65 13.83
CA LEU A 2157 -15.66 -37.80 15.20
C LEU A 2157 -14.89 -38.90 15.91
N GLY A 2158 -14.28 -38.57 17.04
CA GLY A 2158 -13.65 -39.55 17.89
C GLY A 2158 -14.59 -40.06 18.96
N TYR A 2159 -14.06 -40.92 19.82
CA TYR A 2159 -14.83 -41.54 20.89
C TYR A 2159 -14.31 -41.02 22.22
N GLY A 2160 -14.84 -39.90 22.68
CA GLY A 2160 -14.38 -39.24 23.88
C GLY A 2160 -15.36 -39.41 25.02
N HIS A 2161 -14.82 -39.81 26.17
CA HIS A 2161 -15.58 -39.98 27.41
C HIS A 2161 -15.07 -38.97 28.43
N GLN A 2162 -15.91 -38.57 29.36
CA GLN A 2162 -15.47 -37.74 30.45
C GLN A 2162 -15.16 -38.62 31.65
N TYR A 2163 -14.01 -38.39 32.26
CA TYR A 2163 -13.49 -39.24 33.33
C TYR A 2163 -13.37 -38.45 34.63
N GLN A 2164 -13.71 -39.12 35.72
CA GLN A 2164 -13.44 -38.64 37.07
C GLN A 2164 -12.23 -39.40 37.60
N ALA A 2165 -11.17 -38.68 37.93
CA ALA A 2165 -9.94 -39.27 38.45
C ALA A 2165 -10.02 -39.25 39.97
N ASN A 2166 -10.44 -40.35 40.56
CA ASN A 2166 -10.38 -40.50 42.00
C ASN A 2166 -8.92 -40.65 42.42
N THR A 2167 -8.46 -39.76 43.28
CA THR A 2167 -7.07 -39.80 43.72
C THR A 2167 -7.01 -39.68 45.24
N GLU A 2168 -5.84 -39.98 45.78
CA GLU A 2168 -5.57 -39.88 47.20
C GLU A 2168 -4.34 -39.03 47.42
N ILE A 2169 -4.06 -38.75 48.70
CA ILE A 2169 -2.85 -38.07 49.12
C ILE A 2169 -1.90 -39.11 49.67
N GLU A 2170 -0.68 -39.12 49.14
CA GLU A 2170 0.37 -40.02 49.60
C GLU A 2170 1.48 -39.20 50.24
N TYR A 2171 1.95 -39.67 51.38
CA TYR A 2171 3.09 -39.10 52.08
C TYR A 2171 4.37 -39.78 51.60
N LEU A 2172 5.38 -38.97 51.27
CA LEU A 2172 6.69 -39.48 50.86
C LEU A 2172 7.67 -39.04 51.94
N SER A 2173 7.85 -39.91 52.94
CA SER A 2173 8.67 -39.55 54.09
C SER A 2173 10.13 -39.34 53.68
N ASN A 2174 10.67 -40.25 52.87
CA ASN A 2174 12.06 -40.11 52.43
C ASN A 2174 12.25 -38.87 51.55
N TRP A 2175 11.28 -38.60 50.67
CA TRP A 2175 11.28 -37.34 49.94
C TRP A 2175 10.57 -36.23 50.69
N ILE A 2176 10.02 -36.51 51.87
CA ILE A 2176 9.36 -35.59 52.78
C ILE A 2176 8.41 -34.64 52.04
N VAL A 2177 7.69 -35.17 51.05
CA VAL A 2177 6.74 -34.38 50.27
C VAL A 2177 5.38 -35.06 50.31
N TRP A 2178 4.39 -34.36 49.77
CA TRP A 2178 3.04 -34.88 49.65
C TRP A 2178 2.67 -34.89 48.17
N ARG A 2179 2.12 -36.01 47.71
CA ARG A 2179 1.88 -36.19 46.29
C ARG A 2179 0.49 -36.75 46.06
N GLU A 2180 -0.01 -36.53 44.86
CA GLU A 2180 -1.26 -37.14 44.41
C GLU A 2180 -0.99 -38.56 43.96
N ALA A 2181 -1.75 -39.51 44.48
CA ALA A 2181 -1.53 -40.93 44.25
C ALA A 2181 -2.81 -41.60 43.81
N VAL A 2182 -2.70 -42.82 43.33
CA VAL A 2182 -3.85 -43.66 43.04
C VAL A 2182 -4.35 -44.23 44.37
N PRO A 2183 -5.66 -44.39 44.56
CA PRO A 2183 -6.14 -45.01 45.80
C PRO A 2183 -5.61 -46.43 45.94
N ASP A 2184 -5.36 -46.84 47.18
CA ASP A 2184 -4.88 -48.18 47.47
C ASP A 2184 -6.06 -49.14 47.49
N SER A 2185 -6.20 -49.94 46.44
CA SER A 2185 -7.29 -50.91 46.37
C SER A 2185 -7.16 -51.97 47.46
N THR A 2186 -5.93 -52.21 47.95
CA THR A 2186 -5.75 -53.15 49.05
C THR A 2186 -6.38 -52.62 50.33
N SER A 2187 -6.44 -51.30 50.49
CA SER A 2187 -7.06 -50.68 51.65
C SER A 2187 -8.57 -50.72 51.45
N ARG A 2188 -9.22 -51.73 52.01
CA ARG A 2188 -10.67 -51.94 51.88
C ARG A 2188 -10.96 -52.06 50.39
N HIS A 2189 -11.92 -51.33 49.84
CA HIS A 2189 -12.21 -51.33 48.41
C HIS A 2189 -12.26 -49.86 48.00
N LYS A 2190 -11.14 -49.37 47.47
CA LYS A 2190 -11.05 -47.97 47.11
C LYS A 2190 -11.67 -47.70 45.74
N ARG A 2191 -12.00 -46.43 45.52
CA ARG A 2191 -12.70 -46.03 44.31
C ARG A 2191 -11.80 -46.23 43.10
N PRO A 2192 -12.37 -46.52 41.93
CA PRO A 2192 -11.56 -46.79 40.74
C PRO A 2192 -10.69 -45.59 40.39
N PRO A 2193 -9.46 -45.84 39.96
CA PRO A 2193 -8.56 -44.73 39.61
C PRO A 2193 -9.06 -43.85 38.49
N LEU A 2194 -9.82 -44.40 37.53
CA LEU A 2194 -10.45 -43.61 36.48
C LEU A 2194 -11.86 -44.14 36.31
N GLU A 2195 -12.86 -43.31 36.60
CA GLU A 2195 -14.25 -43.72 36.46
C GLU A 2195 -14.86 -42.98 35.29
N VAL A 2196 -15.62 -43.69 34.45
CA VAL A 2196 -16.19 -43.10 33.25
C VAL A 2196 -17.58 -42.56 33.57
N LEU A 2197 -17.92 -41.43 32.94
CA LEU A 2197 -19.16 -40.71 33.25
C LEU A 2197 -20.07 -40.60 32.04
N ASN A 2198 -19.56 -40.11 30.91
CA ASN A 2198 -20.36 -39.83 29.72
C ASN A 2198 -19.79 -40.56 28.52
N SER A 2199 -20.68 -41.04 27.65
CA SER A 2199 -20.32 -41.74 26.43
C SER A 2199 -21.17 -41.24 25.26
N GLN A 2200 -21.17 -39.91 25.05
CA GLN A 2200 -22.06 -39.28 24.10
C GLN A 2200 -21.32 -38.26 23.26
N CYS A 2201 -21.91 -37.93 22.11
CA CYS A 2201 -21.44 -36.85 21.26
C CYS A 2201 -22.62 -36.31 20.46
N THR A 2202 -22.49 -35.08 19.98
CA THR A 2202 -23.57 -34.45 19.23
C THR A 2202 -23.01 -33.45 18.23
N VAL A 2203 -23.49 -33.53 16.98
CA VAL A 2203 -23.20 -32.56 15.94
C VAL A 2203 -24.53 -32.05 15.41
N ILE A 2204 -24.66 -30.74 15.29
CA ILE A 2204 -25.83 -30.10 14.69
C ILE A 2204 -25.35 -29.30 13.50
N ALA A 2205 -25.64 -29.80 12.30
CA ALA A 2205 -25.07 -29.24 11.08
C ALA A 2205 -25.73 -27.92 10.72
N GLY A 2206 -25.00 -27.11 9.96
CA GLY A 2206 -25.46 -25.79 9.61
C GLY A 2206 -26.46 -25.80 8.48
N GLU A 2207 -26.28 -24.93 7.49
CA GLU A 2207 -27.18 -24.90 6.36
C GLU A 2207 -26.60 -25.61 5.13
N ARG A 2208 -25.30 -25.85 5.11
CA ARG A 2208 -24.64 -26.47 3.97
C ARG A 2208 -24.51 -27.97 4.17
N LYS A 2209 -24.02 -28.63 3.12
CA LYS A 2209 -23.83 -30.07 3.18
C LYS A 2209 -22.68 -30.42 4.11
N THR A 2210 -22.89 -31.41 4.97
CA THR A 2210 -21.92 -31.80 5.97
C THR A 2210 -21.72 -33.31 5.92
N THR A 2211 -20.47 -33.74 5.93
CA THR A 2211 -20.08 -35.14 5.95
C THR A 2211 -19.53 -35.46 7.34
N VAL A 2212 -20.12 -36.46 7.99
CA VAL A 2212 -19.73 -36.89 9.32
C VAL A 2212 -19.06 -38.25 9.21
N LEU A 2213 -17.78 -38.30 9.59
CA LEU A 2213 -16.95 -39.50 9.51
C LEU A 2213 -16.47 -39.89 10.90
N PRO A 2214 -17.24 -40.68 11.64
CA PRO A 2214 -16.74 -41.18 12.92
C PRO A 2214 -15.53 -42.07 12.73
N LEU A 2215 -14.68 -42.12 13.76
CA LEU A 2215 -13.49 -42.96 13.72
C LEU A 2215 -13.88 -44.41 13.48
N ARG A 2216 -13.17 -45.06 12.56
CA ARG A 2216 -13.48 -46.43 12.20
C ARG A 2216 -12.82 -47.38 13.18
N VAL A 2217 -13.64 -48.14 13.91
CA VAL A 2217 -13.12 -49.09 14.88
C VAL A 2217 -13.35 -50.54 14.45
N LEU A 2218 -14.39 -50.82 13.68
CA LEU A 2218 -14.61 -52.15 13.10
C LEU A 2218 -14.23 -52.03 11.62
N SER A 2219 -12.94 -52.16 11.34
CA SER A 2219 -12.44 -52.04 9.99
C SER A 2219 -11.97 -53.38 9.42
N ASP A 2220 -11.92 -54.42 10.22
CA ASP A 2220 -11.68 -55.78 9.74
C ASP A 2220 -12.21 -56.74 10.79
N LEU A 2221 -11.96 -58.03 10.59
CA LEU A 2221 -12.48 -59.06 11.48
C LEU A 2221 -11.44 -59.60 12.44
N THR A 2222 -10.31 -58.90 12.59
CA THR A 2222 -9.29 -59.34 13.53
C THR A 2222 -9.85 -59.27 14.95
N PRO A 2223 -9.40 -60.17 15.83
CA PRO A 2223 -9.97 -60.18 17.20
C PRO A 2223 -9.78 -58.87 17.94
N GLU A 2224 -8.68 -58.16 17.71
CA GLU A 2224 -8.47 -56.89 18.40
C GLU A 2224 -9.47 -55.84 17.95
N CYS A 2225 -9.64 -55.69 16.63
CA CYS A 2225 -10.63 -54.73 16.12
C CYS A 2225 -12.04 -55.13 16.53
N THR A 2226 -12.34 -56.42 16.48
CA THR A 2226 -13.67 -56.88 16.89
C THR A 2226 -13.95 -56.56 18.35
N GLU A 2227 -12.99 -56.82 19.23
CA GLU A 2227 -13.23 -56.56 20.65
C GLU A 2227 -13.29 -55.08 20.94
N GLN A 2228 -12.44 -54.28 20.30
CA GLN A 2228 -12.50 -52.84 20.46
C GLN A 2228 -13.86 -52.29 20.05
N ALA A 2229 -14.38 -52.76 18.92
CA ALA A 2229 -15.70 -52.31 18.47
C ALA A 2229 -16.80 -52.78 19.42
N ILE A 2230 -16.69 -54.01 19.94
CA ILE A 2230 -17.72 -54.49 20.85
C ILE A 2230 -17.74 -53.68 22.13
N SER A 2231 -16.58 -53.19 22.58
CA SER A 2231 -16.56 -52.32 23.75
C SER A 2231 -17.34 -51.03 23.50
N LEU A 2232 -17.12 -50.41 22.34
CA LEU A 2232 -17.72 -49.12 22.00
C LEU A 2232 -19.09 -49.26 21.39
N LYS A 2233 -19.78 -50.38 21.61
CA LYS A 2233 -21.03 -50.63 20.91
C LYS A 2233 -22.19 -49.81 21.46
N ASP A 2234 -22.02 -49.13 22.59
CA ASP A 2234 -23.07 -48.29 23.17
C ASP A 2234 -22.77 -46.80 23.09
N TYR A 2235 -21.67 -46.42 22.44
CA TYR A 2235 -21.37 -45.00 22.26
C TYR A 2235 -22.51 -44.32 21.54
N LYS A 2236 -22.97 -43.20 22.09
CA LYS A 2236 -24.14 -42.51 21.56
C LYS A 2236 -23.70 -41.39 20.64
N PHE A 2237 -24.12 -41.48 19.39
CA PHE A 2237 -23.88 -40.47 18.36
C PHE A 2237 -25.22 -39.82 18.06
N ILE A 2238 -25.27 -38.50 18.10
CA ILE A 2238 -26.47 -37.75 17.79
C ILE A 2238 -26.14 -36.80 16.66
N LEU A 2239 -26.66 -37.09 15.47
CA LEU A 2239 -26.37 -36.32 14.27
C LEU A 2239 -27.65 -35.63 13.83
N ARG A 2240 -27.54 -34.34 13.52
CA ARG A 2240 -28.66 -33.57 12.98
C ARG A 2240 -28.16 -32.82 11.77
N GLY A 2241 -28.72 -33.14 10.59
CA GLY A 2241 -28.27 -32.54 9.37
C GLY A 2241 -29.02 -31.28 9.01
N GLY A 2242 -28.48 -30.57 8.02
CA GLY A 2242 -29.06 -29.34 7.53
C GLY A 2242 -29.79 -29.54 6.22
N SER A 2243 -30.31 -28.43 5.70
CA SER A 2243 -30.99 -28.47 4.40
C SER A 2243 -30.01 -28.74 3.27
N GLY A 2244 -28.73 -28.50 3.50
CA GLY A 2244 -27.74 -28.81 2.49
C GLY A 2244 -27.61 -30.30 2.25
N GLY A 2245 -27.76 -31.10 3.30
CA GLY A 2245 -27.65 -32.55 3.20
C GLY A 2245 -26.60 -33.04 4.18
N LEU A 2246 -26.84 -34.24 4.70
CA LEU A 2246 -25.95 -34.87 5.68
C LEU A 2246 -25.52 -36.23 5.16
N ALA A 2247 -24.21 -36.44 5.06
CA ALA A 2247 -23.65 -37.71 4.63
C ALA A 2247 -22.91 -38.35 5.79
N VAL A 2248 -23.48 -39.43 6.34
CA VAL A 2248 -22.93 -40.11 7.50
C VAL A 2248 -22.20 -41.36 7.02
N GLN A 2249 -20.91 -41.47 7.35
CA GLN A 2249 -20.11 -42.65 7.02
C GLN A 2249 -19.78 -43.36 8.33
N VAL A 2250 -20.60 -44.36 8.67
CA VAL A 2250 -20.54 -44.94 10.01
C VAL A 2250 -19.18 -45.56 10.26
N GLY A 2251 -18.65 -45.33 11.47
CA GLY A 2251 -17.31 -45.81 11.79
C GLY A 2251 -17.22 -47.32 11.91
N GLY A 2252 -18.22 -47.94 12.52
CA GLY A 2252 -18.17 -49.37 12.69
C GLY A 2252 -18.82 -49.89 13.96
N ALA A 2253 -19.03 -49.03 14.95
CA ALA A 2253 -19.65 -49.47 16.18
C ALA A 2253 -20.25 -48.28 16.91
N GLY A 2254 -21.37 -48.53 17.59
CA GLY A 2254 -21.95 -47.53 18.46
C GLY A 2254 -23.44 -47.44 18.29
N TYR A 2255 -24.00 -46.38 18.87
CA TYR A 2255 -25.40 -46.03 18.71
C TYR A 2255 -25.46 -44.74 17.93
N TYR A 2256 -26.17 -44.76 16.80
CA TYR A 2256 -26.32 -43.60 15.94
C TYR A 2256 -27.78 -43.16 15.95
N ASP A 2257 -27.98 -41.84 16.03
CA ASP A 2257 -29.29 -41.22 15.97
C ASP A 2257 -29.19 -40.11 14.94
N ILE A 2258 -29.56 -40.43 13.69
CA ILE A 2258 -29.44 -39.52 12.57
C ILE A 2258 -30.78 -38.83 12.38
N ASP A 2259 -30.76 -37.51 12.34
CA ASP A 2259 -31.94 -36.70 12.05
C ASP A 2259 -31.59 -35.82 10.85
N ALA A 2260 -31.85 -36.36 9.66
CA ALA A 2260 -31.57 -35.67 8.42
C ALA A 2260 -32.74 -34.78 8.04
N ASN A 2261 -32.43 -33.65 7.42
CA ASN A 2261 -33.48 -32.74 6.98
C ASN A 2261 -34.20 -33.33 5.78
N LEU A 2262 -35.53 -33.32 5.83
CA LEU A 2262 -36.31 -33.84 4.70
C LEU A 2262 -36.17 -32.94 3.48
N VAL A 2263 -35.95 -31.64 3.69
CA VAL A 2263 -35.80 -30.71 2.58
C VAL A 2263 -34.58 -31.05 1.75
N ALA A 2264 -33.52 -31.53 2.38
CA ALA A 2264 -32.29 -31.84 1.66
C ALA A 2264 -32.54 -32.89 0.60
N LYS A 2265 -31.88 -32.73 -0.54
CA LYS A 2265 -32.11 -33.60 -1.69
C LYS A 2265 -31.46 -34.97 -1.54
N GLU A 2266 -30.39 -35.08 -0.76
CA GLU A 2266 -29.62 -36.33 -0.71
C GLU A 2266 -29.01 -36.49 0.67
N ASN A 2267 -29.46 -37.51 1.40
CA ASN A 2267 -28.95 -37.81 2.73
C ASN A 2267 -28.36 -39.21 2.71
N THR A 2268 -27.04 -39.30 2.65
CA THR A 2268 -26.34 -40.55 2.50
C THR A 2268 -26.20 -41.28 3.83
N LEU A 2269 -26.15 -42.60 3.76
CA LEU A 2269 -25.82 -43.47 4.89
C LEU A 2269 -24.86 -44.52 4.38
N SER A 2270 -23.57 -44.24 4.47
CA SER A 2270 -22.54 -45.06 3.84
C SER A 2270 -21.98 -46.07 4.82
N PHE A 2271 -21.92 -47.33 4.41
CA PHE A 2271 -21.33 -48.40 5.21
C PHE A 2271 -20.01 -48.90 4.63
N ARG A 2272 -19.34 -48.07 3.83
CA ARG A 2272 -18.06 -48.48 3.27
C ARG A 2272 -16.96 -48.61 4.32
N GLY A 2273 -17.17 -48.10 5.53
CA GLY A 2273 -16.14 -48.22 6.56
C GLY A 2273 -16.01 -49.60 7.15
N LEU A 2274 -17.05 -50.42 7.05
CA LEU A 2274 -17.06 -51.75 7.62
C LEU A 2274 -16.03 -52.64 6.93
N PRO A 2275 -15.82 -53.87 7.40
CA PRO A 2275 -14.97 -54.80 6.66
C PRO A 2275 -15.50 -55.03 5.26
N GLU A 2276 -14.57 -55.20 4.30
CA GLU A 2276 -14.96 -55.25 2.91
C GLU A 2276 -15.94 -56.39 2.64
N GLU A 2277 -15.69 -57.57 3.19
CA GLU A 2277 -16.59 -58.70 3.01
C GLU A 2277 -17.41 -58.84 4.29
N PHE A 2278 -18.45 -58.02 4.39
CA PHE A 2278 -19.28 -57.97 5.58
C PHE A 2278 -20.73 -58.24 5.19
N PRO A 2279 -21.39 -59.19 5.83
CA PRO A 2279 -22.81 -59.42 5.54
C PRO A 2279 -23.70 -58.32 6.11
N LEU A 2280 -24.18 -57.43 5.25
CA LEU A 2280 -24.97 -56.27 5.68
C LEU A 2280 -26.42 -56.50 5.32
N THR A 2281 -27.31 -56.19 6.25
CA THR A 2281 -28.75 -56.34 6.04
C THR A 2281 -29.42 -55.08 6.54
N PHE A 2282 -29.84 -54.22 5.62
CA PHE A 2282 -30.37 -52.91 5.99
C PHE A 2282 -31.72 -52.69 5.33
N ASP A 2283 -32.52 -51.83 5.95
CA ASP A 2283 -33.86 -51.53 5.50
C ASP A 2283 -34.12 -50.06 5.78
N LEU A 2284 -34.56 -49.33 4.76
CA LEU A 2284 -34.86 -47.92 4.93
C LEU A 2284 -36.30 -47.66 5.33
N SER A 2285 -37.13 -48.69 5.36
CA SER A 2285 -38.49 -48.60 5.87
C SER A 2285 -38.57 -48.87 7.37
N LYS A 2286 -37.43 -49.15 8.01
CA LYS A 2286 -37.35 -49.35 9.45
C LYS A 2286 -36.62 -48.16 10.05
N GLN A 2287 -37.24 -47.52 11.03
CA GLN A 2287 -36.56 -46.44 11.75
C GLN A 2287 -35.45 -46.98 12.63
N THR A 2288 -35.76 -47.99 13.44
CA THR A 2288 -34.82 -48.57 14.39
C THR A 2288 -34.24 -49.85 13.82
N GLN A 2289 -32.92 -49.92 13.76
CA GLN A 2289 -32.25 -51.08 13.20
C GLN A 2289 -30.93 -51.31 13.90
N SER A 2290 -30.60 -52.58 14.10
CA SER A 2290 -29.36 -53.00 14.74
C SER A 2290 -28.53 -53.76 13.73
N VAL A 2291 -27.25 -53.41 13.64
CA VAL A 2291 -26.33 -54.06 12.71
C VAL A 2291 -25.62 -55.17 13.48
N MET A 2292 -26.08 -56.40 13.28
CA MET A 2292 -25.54 -57.54 13.98
C MET A 2292 -24.13 -57.87 13.49
N LEU A 2293 -23.33 -58.43 14.38
CA LEU A 2293 -22.01 -58.94 14.06
C LEU A 2293 -21.90 -60.35 14.63
N LYS A 2294 -21.47 -61.29 13.80
CA LYS A 2294 -21.40 -62.70 14.16
C LYS A 2294 -20.04 -62.98 14.79
N THR A 2295 -20.00 -62.99 16.10
CA THR A 2295 -18.83 -63.49 16.78
C THR A 2295 -19.01 -64.98 17.05
N PRO A 2296 -17.92 -65.71 17.36
CA PRO A 2296 -18.05 -67.14 17.64
C PRO A 2296 -19.16 -67.46 18.64
N ASP A 2297 -20.19 -68.15 18.15
CA ASP A 2297 -21.35 -68.67 18.86
C ASP A 2297 -22.39 -67.58 19.17
N ASP A 2298 -22.11 -66.29 18.93
CA ASP A 2298 -23.05 -65.27 19.35
C ASP A 2298 -23.18 -64.17 18.31
N GLU A 2299 -24.24 -63.37 18.47
CA GLU A 2299 -24.47 -62.15 17.70
C GLU A 2299 -24.42 -60.95 18.65
N VAL A 2300 -23.72 -59.90 18.23
CA VAL A 2300 -23.63 -58.68 19.01
C VAL A 2300 -24.10 -57.52 18.14
N PRO A 2301 -25.05 -56.71 18.60
CA PRO A 2301 -25.46 -55.55 17.80
C PRO A 2301 -24.41 -54.47 17.76
N VAL A 2302 -23.42 -54.61 16.87
CA VAL A 2302 -22.29 -53.70 16.89
C VAL A 2302 -22.71 -52.27 16.58
N MET A 2303 -23.86 -52.10 15.94
CA MET A 2303 -24.44 -50.80 15.66
C MET A 2303 -25.90 -50.82 16.06
N THR A 2304 -26.41 -49.67 16.44
CA THR A 2304 -27.86 -49.47 16.49
C THR A 2304 -28.15 -48.11 15.91
N ILE A 2305 -28.75 -48.08 14.73
CA ILE A 2305 -28.99 -46.85 13.99
C ILE A 2305 -30.48 -46.56 14.00
N THR A 2306 -30.82 -45.36 14.46
CA THR A 2306 -32.15 -44.79 14.32
C THR A 2306 -32.05 -43.63 13.34
N GLN A 2307 -32.70 -43.75 12.19
CA GLN A 2307 -32.52 -42.84 11.08
C GLN A 2307 -33.84 -42.22 10.66
N LYS A 2308 -33.76 -41.00 10.13
CA LYS A 2308 -34.90 -40.29 9.60
C LYS A 2308 -34.44 -39.38 8.48
N GLY A 2309 -35.08 -39.47 7.32
CA GLY A 2309 -34.75 -38.60 6.22
C GLY A 2309 -33.57 -39.04 5.38
N ILE A 2310 -33.25 -40.33 5.38
CA ILE A 2310 -32.16 -40.89 4.59
C ILE A 2310 -32.75 -41.42 3.29
N ASN A 2311 -32.09 -41.15 2.17
CA ASN A 2311 -32.54 -41.69 0.88
C ASN A 2311 -31.41 -42.13 -0.04
N THR A 2312 -30.20 -42.34 0.47
CA THR A 2312 -29.05 -42.69 -0.36
C THR A 2312 -28.19 -43.77 0.31
N LEU A 2313 -28.82 -44.88 0.68
CA LEU A 2313 -28.11 -46.00 1.31
C LEU A 2313 -26.93 -46.45 0.47
N VAL A 2314 -25.77 -46.59 1.10
CA VAL A 2314 -24.55 -47.09 0.46
C VAL A 2314 -24.11 -48.34 1.21
N GLY A 2315 -24.04 -49.46 0.49
CA GLY A 2315 -23.66 -50.71 1.11
C GLY A 2315 -22.16 -50.85 1.25
N THR A 2316 -21.75 -51.99 1.78
CA THR A 2316 -20.36 -52.21 2.12
C THR A 2316 -19.53 -52.37 0.86
N ALA A 2317 -18.24 -52.68 1.02
CA ALA A 2317 -17.35 -52.67 -0.13
C ALA A 2317 -17.59 -53.86 -1.04
N ALA A 2318 -17.44 -55.08 -0.53
CA ALA A 2318 -17.56 -56.27 -1.36
C ALA A 2318 -18.28 -57.38 -0.62
N GLY A 2319 -19.36 -57.05 0.08
CA GLY A 2319 -20.08 -58.04 0.83
C GLY A 2319 -21.49 -58.30 0.33
N LYS A 2320 -22.07 -59.42 0.74
CA LYS A 2320 -23.45 -59.74 0.39
C LYS A 2320 -24.39 -58.84 1.16
N ASP A 2321 -24.98 -57.86 0.48
CA ASP A 2321 -25.86 -56.88 1.10
C ASP A 2321 -27.30 -57.17 0.75
N ARG A 2322 -28.16 -57.12 1.75
CA ARG A 2322 -29.60 -57.23 1.57
C ARG A 2322 -30.19 -55.88 1.94
N LEU A 2323 -30.38 -55.03 0.93
CA LEU A 2323 -30.90 -53.69 1.12
C LEU A 2323 -32.38 -53.68 0.80
N ILE A 2324 -33.18 -53.09 1.67
CA ILE A 2324 -34.60 -52.88 1.41
C ILE A 2324 -34.85 -51.37 1.43
N GLY A 2325 -35.50 -50.88 0.40
CA GLY A 2325 -35.65 -49.43 0.28
C GLY A 2325 -36.91 -48.90 0.90
N ASN A 2326 -37.22 -47.65 0.60
CA ASN A 2326 -38.33 -46.93 1.19
C ASN A 2326 -39.38 -46.62 0.13
N ASP A 2327 -40.59 -46.28 0.60
CA ASP A 2327 -41.67 -45.87 -0.30
C ASP A 2327 -41.40 -44.55 -1.00
N LYS A 2328 -40.29 -43.89 -0.70
CA LYS A 2328 -39.91 -42.66 -1.36
C LYS A 2328 -38.79 -42.92 -2.36
N ASP A 2329 -38.26 -41.85 -2.93
CA ASP A 2329 -37.12 -41.97 -3.84
C ASP A 2329 -35.92 -42.48 -3.05
N ASN A 2330 -35.14 -43.36 -3.68
CA ASN A 2330 -33.96 -43.92 -3.03
C ASN A 2330 -32.85 -44.06 -4.05
N THR A 2331 -31.61 -44.10 -3.56
CA THR A 2331 -30.44 -44.33 -4.39
C THR A 2331 -29.54 -45.33 -3.70
N PHE A 2332 -29.38 -46.49 -4.34
CA PHE A 2332 -28.65 -47.59 -3.71
C PHE A 2332 -27.30 -47.82 -4.36
N HIS A 2333 -26.20 -47.49 -3.68
CA HIS A 2333 -24.85 -47.84 -4.11
C HIS A 2333 -24.58 -49.24 -3.59
N THR A 2334 -24.80 -50.24 -4.44
CA THR A 2334 -24.64 -51.61 -3.99
C THR A 2334 -23.16 -51.99 -3.94
N SER A 2335 -22.88 -53.08 -3.23
CA SER A 2335 -21.53 -53.62 -3.12
C SER A 2335 -21.19 -54.47 -4.34
N SER A 2336 -19.94 -54.90 -4.43
CA SER A 2336 -19.50 -55.76 -5.51
C SER A 2336 -19.53 -57.24 -5.13
N GLY A 2337 -20.19 -57.59 -4.06
CA GLY A 2337 -20.39 -58.96 -3.65
C GLY A 2337 -21.77 -59.54 -3.94
N GLY A 2338 -22.60 -58.83 -4.70
CA GLY A 2338 -23.94 -59.33 -4.98
C GLY A 2338 -24.92 -59.01 -3.86
N GLY A 2339 -25.93 -59.87 -3.74
CA GLY A 2339 -26.94 -59.73 -2.71
C GLY A 2339 -28.31 -59.45 -3.29
N THR A 2340 -29.10 -58.68 -2.55
CA THR A 2340 -30.47 -58.36 -2.94
C THR A 2340 -30.74 -56.89 -2.68
N VAL A 2341 -31.50 -56.19 -3.55
CA VAL A 2341 -31.76 -54.72 -3.39
C VAL A 2341 -33.25 -54.40 -3.51
N ILE A 2342 -34.14 -55.11 -2.82
CA ILE A 2342 -35.56 -54.72 -2.90
C ILE A 2342 -35.62 -53.21 -2.89
N SER A 2343 -36.32 -52.59 -3.85
CA SER A 2343 -36.50 -51.10 -3.87
C SER A 2343 -37.98 -50.78 -3.78
N GLY A 2344 -38.38 -50.04 -2.75
CA GLY A 2344 -39.81 -49.76 -2.54
C GLY A 2344 -40.34 -48.76 -3.52
N GLY A 2345 -41.46 -48.12 -3.22
CA GLY A 2345 -42.10 -47.23 -4.19
C GLY A 2345 -41.26 -46.06 -4.64
N GLY A 2346 -41.92 -45.08 -5.25
CA GLY A 2346 -41.21 -43.90 -5.70
C GLY A 2346 -40.22 -44.17 -6.81
N ASN A 2347 -39.31 -43.23 -6.97
CA ASN A 2347 -38.25 -43.30 -7.95
C ASN A 2347 -36.98 -43.81 -7.28
N ASN A 2348 -36.41 -44.85 -7.88
CA ASN A 2348 -35.23 -45.48 -7.27
C ASN A 2348 -34.12 -45.52 -8.31
N ARG A 2349 -32.89 -45.24 -7.91
CA ARG A 2349 -31.72 -45.32 -8.76
C ARG A 2349 -30.74 -46.29 -8.14
N TYR A 2350 -30.00 -47.00 -9.00
CA TYR A 2350 -29.06 -48.03 -8.50
C TYR A 2350 -27.72 -47.91 -9.21
N ILE A 2351 -26.64 -47.95 -8.46
CA ILE A 2351 -25.28 -47.93 -8.99
C ILE A 2351 -24.62 -49.26 -8.63
N ILE A 2352 -24.28 -50.04 -9.65
CA ILE A 2352 -23.79 -51.40 -9.49
C ILE A 2352 -22.42 -51.49 -10.17
N PRO A 2353 -21.41 -52.08 -9.52
CA PRO A 2353 -20.09 -52.19 -10.15
C PRO A 2353 -19.95 -53.40 -11.06
N ARG A 2354 -18.76 -53.59 -11.62
CA ARG A 2354 -18.44 -54.73 -12.45
C ARG A 2354 -17.76 -55.82 -11.62
N ASP A 2355 -17.71 -57.02 -12.18
CA ASP A 2355 -17.10 -58.18 -11.53
C ASP A 2355 -17.77 -58.48 -10.19
N LEU A 2356 -19.06 -58.78 -10.26
CA LEU A 2356 -19.82 -59.12 -9.06
C LEU A 2356 -19.46 -60.54 -8.64
N LYS A 2357 -19.08 -60.70 -7.38
CA LYS A 2357 -18.71 -62.00 -6.84
C LYS A 2357 -19.90 -62.92 -6.66
N THR A 2358 -21.12 -62.43 -6.84
CA THR A 2358 -22.32 -63.22 -6.65
C THR A 2358 -23.44 -62.54 -7.42
N PRO A 2359 -24.35 -63.27 -8.06
CA PRO A 2359 -25.46 -62.62 -8.77
C PRO A 2359 -26.25 -61.71 -7.83
N LEU A 2360 -26.43 -60.47 -8.26
CA LEU A 2360 -27.24 -59.50 -7.54
C LEU A 2360 -28.67 -59.53 -8.05
N THR A 2361 -29.62 -59.58 -7.14
CA THR A 2361 -31.03 -59.66 -7.49
C THR A 2361 -31.72 -58.35 -7.16
N LEU A 2362 -32.29 -57.72 -8.16
CA LEU A 2362 -33.06 -56.49 -8.01
C LEU A 2362 -34.54 -56.86 -8.01
N THR A 2363 -35.16 -56.70 -6.85
CA THR A 2363 -36.62 -56.93 -6.79
C THR A 2363 -37.26 -55.58 -7.01
N LEU A 2364 -38.22 -55.48 -7.95
CA LEU A 2364 -38.91 -54.21 -8.24
C LEU A 2364 -40.26 -54.20 -7.52
N SER A 2365 -40.46 -53.28 -6.58
CA SER A 2365 -41.75 -53.21 -5.82
C SER A 2365 -42.88 -52.77 -6.75
N SER A 2366 -44.11 -53.17 -6.43
CA SER A 2366 -45.28 -52.78 -7.26
C SER A 2366 -45.56 -51.29 -7.12
N ASN A 2367 -45.13 -50.67 -6.01
CA ASN A 2367 -45.42 -49.27 -5.79
C ASN A 2367 -44.41 -48.33 -6.45
N SER A 2368 -43.26 -48.82 -6.88
CA SER A 2368 -42.28 -47.95 -7.48
C SER A 2368 -42.74 -47.52 -8.87
N VAL A 2369 -42.13 -46.45 -9.37
CA VAL A 2369 -42.53 -45.86 -10.64
C VAL A 2369 -41.42 -45.95 -11.68
N SER A 2370 -40.17 -45.68 -11.30
CA SER A 2370 -39.09 -45.60 -12.27
C SER A 2370 -37.79 -46.09 -11.67
N HIS A 2371 -36.98 -46.75 -12.49
CA HIS A 2371 -35.71 -47.33 -12.00
C HIS A 2371 -34.59 -47.07 -12.99
N GLU A 2372 -33.57 -46.32 -12.62
CA GLU A 2372 -32.40 -46.07 -13.43
C GLU A 2372 -31.24 -46.84 -12.85
N ILE A 2373 -30.56 -47.60 -13.70
CA ILE A 2373 -29.42 -48.42 -13.31
C ILE A 2373 -28.19 -47.85 -13.98
N PHE A 2374 -27.19 -47.51 -13.18
CA PHE A 2374 -25.94 -46.96 -13.66
C PHE A 2374 -24.89 -48.04 -13.59
N LEU A 2375 -24.05 -48.13 -14.62
CA LEU A 2375 -23.00 -49.14 -14.70
C LEU A 2375 -21.71 -48.39 -14.98
N PRO A 2376 -21.12 -47.78 -13.94
CA PRO A 2376 -19.97 -46.90 -14.16
C PRO A 2376 -18.74 -47.61 -14.70
N GLU A 2377 -18.65 -48.93 -14.56
CA GLU A 2377 -17.47 -49.68 -14.94
C GLU A 2377 -17.75 -50.70 -16.03
N THR A 2378 -19.00 -50.86 -16.44
CA THR A 2378 -19.39 -51.86 -17.42
C THR A 2378 -19.67 -51.17 -18.75
N THR A 2379 -19.13 -51.73 -19.82
CA THR A 2379 -19.45 -51.25 -21.15
C THR A 2379 -20.57 -52.09 -21.76
N LEU A 2380 -21.17 -51.56 -22.82
CA LEU A 2380 -22.30 -52.23 -23.44
C LEU A 2380 -21.88 -53.55 -24.09
N ALA A 2381 -20.63 -53.65 -24.52
CA ALA A 2381 -20.15 -54.85 -25.19
C ALA A 2381 -20.13 -56.08 -24.29
N GLU A 2382 -20.28 -55.90 -22.98
CA GLU A 2382 -20.25 -57.02 -22.04
C GLU A 2382 -21.62 -57.58 -21.71
N LEU A 2383 -22.68 -57.02 -22.26
CA LEU A 2383 -24.04 -57.43 -21.96
C LEU A 2383 -24.59 -58.23 -23.14
N LYS A 2384 -25.22 -59.35 -22.84
CA LYS A 2384 -25.82 -60.19 -23.88
C LYS A 2384 -27.27 -59.77 -24.09
N PRO A 2385 -27.67 -59.38 -25.29
CA PRO A 2385 -29.04 -58.88 -25.53
C PRO A 2385 -30.11 -59.95 -25.52
N VAL A 2386 -30.61 -60.26 -24.33
CA VAL A 2386 -31.68 -61.24 -24.16
C VAL A 2386 -33.03 -60.57 -24.37
N ALA A 2387 -33.85 -61.16 -25.24
CA ALA A 2387 -35.17 -60.63 -25.50
C ALA A 2387 -36.17 -61.12 -24.47
N PHE A 2388 -37.22 -60.31 -24.26
CA PHE A 2388 -38.29 -60.62 -23.31
C PHE A 2388 -37.74 -60.85 -21.90
N GLU A 2389 -36.75 -60.04 -21.52
CA GLU A 2389 -36.19 -60.11 -20.18
C GLU A 2389 -35.46 -58.81 -19.88
N LEU A 2390 -35.72 -58.24 -18.71
CA LEU A 2390 -35.06 -57.02 -18.29
C LEU A 2390 -33.77 -57.27 -17.52
N SER A 2391 -33.47 -58.52 -17.17
CA SER A 2391 -32.29 -58.83 -16.37
C SER A 2391 -31.02 -58.46 -17.12
N LEU A 2392 -30.05 -57.94 -16.37
CA LEU A 2392 -28.77 -57.50 -16.96
C LEU A 2392 -27.84 -58.70 -17.01
N ILE A 2393 -27.91 -59.46 -18.09
CA ILE A 2393 -27.14 -60.69 -18.24
C ILE A 2393 -25.80 -60.37 -18.89
N TYR A 2394 -24.72 -60.64 -18.17
CA TYR A 2394 -23.37 -60.33 -18.65
C TYR A 2394 -22.87 -61.41 -19.59
N TRP A 2395 -22.05 -61.00 -20.56
CA TRP A 2395 -21.34 -61.96 -21.39
C TRP A 2395 -20.42 -62.82 -20.52
N ALA A 2396 -19.59 -62.17 -19.71
CA ALA A 2396 -18.69 -62.84 -18.79
C ALA A 2396 -18.81 -62.21 -17.42
N GLY A 2397 -19.01 -63.03 -16.40
CA GLY A 2397 -19.21 -62.56 -15.05
C GLY A 2397 -20.61 -62.81 -14.56
N ASN A 2398 -20.79 -62.63 -13.26
CA ASN A 2398 -22.11 -62.79 -12.64
C ASN A 2398 -23.03 -61.68 -13.10
N ASN A 2399 -24.28 -62.03 -13.36
CA ASN A 2399 -25.23 -61.12 -13.99
C ASN A 2399 -26.32 -60.71 -13.02
N ILE A 2400 -26.70 -59.42 -13.11
CA ILE A 2400 -27.81 -58.91 -12.32
C ILE A 2400 -29.10 -59.59 -12.77
N ASN A 2401 -29.96 -59.90 -11.81
CA ASN A 2401 -31.21 -60.60 -12.10
C ASN A 2401 -32.38 -59.72 -11.69
N VAL A 2402 -32.77 -58.83 -12.60
CA VAL A 2402 -33.87 -57.91 -12.38
C VAL A 2402 -35.18 -58.68 -12.42
N GLN A 2403 -35.96 -58.59 -11.34
CA GLN A 2403 -37.24 -59.27 -11.24
C GLN A 2403 -38.27 -58.32 -10.66
N PRO A 2404 -39.55 -58.56 -10.92
CA PRO A 2404 -40.60 -57.77 -10.29
C PRO A 2404 -41.08 -58.41 -9.00
N GLU A 2405 -41.89 -57.66 -8.26
CA GLU A 2405 -42.57 -58.24 -7.11
C GLU A 2405 -43.63 -59.23 -7.55
N ASP A 2406 -44.47 -58.84 -8.51
CA ASP A 2406 -45.54 -59.69 -9.03
C ASP A 2406 -45.36 -59.84 -10.52
N GLU A 2407 -45.43 -61.08 -11.01
CA GLU A 2407 -45.28 -61.33 -12.43
C GLU A 2407 -46.53 -60.95 -13.21
N ALA A 2408 -47.70 -60.96 -12.57
CA ALA A 2408 -48.94 -60.63 -13.26
C ALA A 2408 -48.90 -59.20 -13.80
N LYS A 2409 -48.41 -58.27 -12.98
CA LYS A 2409 -48.17 -56.90 -13.44
C LYS A 2409 -46.77 -56.72 -14.00
N LEU A 2410 -46.14 -57.80 -14.45
CA LEU A 2410 -44.85 -57.70 -15.11
C LEU A 2410 -44.91 -56.76 -16.29
N ASN A 2411 -46.05 -56.70 -16.98
CA ASN A 2411 -46.22 -55.79 -18.11
C ASN A 2411 -46.01 -54.34 -17.71
N HIS A 2412 -46.35 -53.99 -16.47
CA HIS A 2412 -46.06 -52.67 -15.95
C HIS A 2412 -44.53 -52.47 -15.91
N PHE A 2413 -44.13 -51.20 -15.76
CA PHE A 2413 -42.77 -50.66 -15.77
C PHE A 2413 -42.21 -50.43 -17.16
N ALA A 2414 -43.02 -50.60 -18.20
CA ALA A 2414 -42.50 -50.40 -19.54
C ALA A 2414 -42.20 -48.93 -19.78
N GLY A 2415 -41.01 -48.64 -20.29
CA GLY A 2415 -40.59 -47.26 -20.40
C GLY A 2415 -40.31 -46.59 -19.08
N ASN A 2416 -40.08 -47.37 -18.03
CA ASN A 2416 -39.73 -46.88 -16.71
C ASN A 2416 -38.48 -47.56 -16.17
N PHE A 2417 -37.61 -48.02 -17.06
CA PHE A 2417 -36.45 -48.80 -16.69
C PHE A 2417 -35.30 -48.43 -17.63
N ARG A 2418 -34.43 -47.54 -17.19
CA ARG A 2418 -33.35 -47.04 -18.02
C ARG A 2418 -32.01 -47.54 -17.47
N VAL A 2419 -31.27 -48.27 -18.28
CA VAL A 2419 -30.00 -48.85 -17.88
C VAL A 2419 -28.91 -48.03 -18.54
N HIS A 2420 -28.23 -47.19 -17.77
CA HIS A 2420 -27.11 -46.46 -18.32
C HIS A 2420 -25.89 -47.36 -18.41
N THR A 2421 -24.85 -46.86 -19.07
CA THR A 2421 -23.66 -47.65 -19.33
C THR A 2421 -22.46 -46.70 -19.33
N ARG A 2422 -21.28 -47.26 -19.05
CA ARG A 2422 -20.09 -46.43 -18.93
C ARG A 2422 -19.82 -45.65 -20.21
N ASP A 2423 -20.13 -46.25 -21.36
CA ASP A 2423 -19.97 -45.54 -22.62
C ASP A 2423 -21.04 -44.48 -22.87
N GLY A 2424 -22.07 -44.42 -22.02
CA GLY A 2424 -23.12 -43.44 -22.12
C GLY A 2424 -24.39 -43.95 -22.78
N MET A 2425 -24.32 -45.08 -23.46
CA MET A 2425 -25.49 -45.62 -24.13
C MET A 2425 -26.51 -46.08 -23.09
N THR A 2426 -27.78 -45.75 -23.34
CA THR A 2426 -28.83 -45.93 -22.34
C THR A 2426 -29.88 -46.87 -22.89
N LEU A 2427 -30.07 -48.00 -22.23
CA LEU A 2427 -31.14 -48.92 -22.58
C LEU A 2427 -32.46 -48.41 -22.02
N GLU A 2428 -33.55 -48.83 -22.64
CA GLU A 2428 -34.88 -48.48 -22.17
C GLU A 2428 -35.79 -49.67 -22.33
N ALA A 2429 -36.65 -49.91 -21.33
CA ALA A 2429 -37.54 -51.06 -21.31
C ALA A 2429 -38.80 -50.70 -22.07
N VAL A 2430 -38.87 -51.07 -23.35
CA VAL A 2430 -39.99 -50.76 -24.22
C VAL A 2430 -40.81 -52.02 -24.43
N SER A 2431 -42.12 -51.90 -24.27
CA SER A 2431 -42.99 -53.05 -24.42
C SER A 2431 -43.17 -53.38 -25.89
N ARG A 2432 -42.89 -54.62 -26.25
CA ARG A 2432 -43.04 -55.08 -27.61
C ARG A 2432 -44.47 -55.55 -27.82
N GLU A 2433 -44.74 -56.20 -28.96
CA GLU A 2433 -46.10 -56.65 -29.23
C GLU A 2433 -46.49 -57.83 -28.34
N ASN A 2434 -45.52 -58.66 -27.95
CA ASN A 2434 -45.78 -59.82 -27.11
C ASN A 2434 -44.73 -59.93 -26.01
N GLY A 2435 -44.37 -58.80 -25.42
CA GLY A 2435 -43.46 -58.80 -24.30
C GLY A 2435 -42.74 -57.47 -24.20
N ILE A 2436 -41.79 -57.42 -23.26
CA ILE A 2436 -41.04 -56.21 -22.96
C ILE A 2436 -39.57 -56.49 -23.25
N GLN A 2437 -38.90 -55.49 -23.80
CA GLN A 2437 -37.52 -55.64 -24.23
C GLN A 2437 -36.72 -54.43 -23.80
N LEU A 2438 -35.41 -54.60 -23.73
CA LEU A 2438 -34.50 -53.48 -23.52
C LEU A 2438 -33.97 -53.02 -24.87
N ALA A 2439 -34.19 -51.75 -25.19
CA ALA A 2439 -33.77 -51.18 -26.45
C ALA A 2439 -33.07 -49.86 -26.19
N ILE A 2440 -32.19 -49.48 -27.08
CA ILE A 2440 -31.42 -48.26 -26.93
C ILE A 2440 -32.20 -47.07 -27.44
N SER A 2441 -32.20 -45.99 -26.69
CA SER A 2441 -32.76 -44.74 -27.17
C SER A 2441 -31.78 -43.59 -27.07
N LEU A 2442 -31.01 -43.52 -26.00
CA LEU A 2442 -30.07 -42.44 -25.78
C LEU A 2442 -28.65 -42.96 -25.98
N CYS A 2443 -27.80 -42.15 -26.58
CA CYS A 2443 -26.41 -42.56 -26.82
C CYS A 2443 -25.53 -41.31 -26.76
N ASP A 2444 -24.76 -41.17 -25.69
CA ASP A 2444 -23.87 -40.04 -25.55
C ASP A 2444 -22.59 -40.32 -26.31
N VAL A 2445 -22.34 -39.51 -27.35
CA VAL A 2445 -21.18 -39.75 -28.20
C VAL A 2445 -19.89 -39.43 -27.48
N GLN A 2446 -19.90 -38.49 -26.54
CA GLN A 2446 -18.66 -38.08 -25.88
C GLN A 2446 -18.07 -39.20 -25.04
N ARG A 2447 -18.88 -39.79 -24.16
CA ARG A 2447 -18.37 -40.86 -23.31
C ARG A 2447 -18.02 -42.10 -24.13
N TRP A 2448 -18.83 -42.42 -25.13
CA TRP A 2448 -18.52 -43.55 -26.00
C TRP A 2448 -17.20 -43.34 -26.73
N GLN A 2449 -16.96 -42.12 -27.22
CA GLN A 2449 -15.68 -41.81 -27.83
C GLN A 2449 -14.54 -41.96 -26.83
N ALA A 2450 -14.77 -41.51 -25.59
CA ALA A 2450 -13.73 -41.61 -24.58
C ALA A 2450 -13.34 -43.06 -24.30
N VAL A 2451 -14.34 -43.93 -24.15
CA VAL A 2451 -14.04 -45.30 -23.77
C VAL A 2451 -13.44 -46.09 -24.95
N TYR A 2452 -13.94 -45.84 -26.16
CA TYR A 2452 -13.42 -46.47 -27.38
C TYR A 2452 -12.82 -45.39 -28.27
N PRO A 2453 -11.64 -44.87 -27.94
CA PRO A 2453 -11.10 -43.73 -28.71
C PRO A 2453 -10.44 -44.11 -30.03
N GLU A 2454 -9.82 -45.29 -30.09
CA GLU A 2454 -9.04 -45.65 -31.27
C GLU A 2454 -9.91 -45.81 -32.51
N GLU A 2455 -11.05 -46.49 -32.38
CA GLU A 2455 -11.92 -46.70 -33.53
C GLU A 2455 -12.54 -45.38 -33.98
N ASN A 2456 -12.94 -45.35 -35.26
CA ASN A 2456 -13.57 -44.17 -35.82
C ASN A 2456 -14.87 -43.90 -35.09
N ASN A 2457 -15.16 -42.62 -34.84
CA ASN A 2457 -16.36 -42.20 -34.15
C ASN A 2457 -17.19 -41.36 -35.12
N ARG A 2458 -18.06 -42.03 -35.87
CA ARG A 2458 -19.03 -41.36 -36.70
C ARG A 2458 -20.40 -41.99 -36.41
N PRO A 2459 -21.47 -41.19 -36.43
CA PRO A 2459 -22.79 -41.75 -36.09
C PRO A 2459 -23.17 -42.93 -36.95
N ASP A 2460 -22.82 -42.90 -38.23
CA ASP A 2460 -23.09 -44.05 -39.10
C ASP A 2460 -22.34 -45.29 -38.60
N ALA A 2461 -21.06 -45.13 -38.26
CA ALA A 2461 -20.30 -46.26 -37.73
C ALA A 2461 -20.88 -46.74 -36.41
N ILE A 2462 -21.32 -45.80 -35.57
CA ILE A 2462 -21.93 -46.16 -34.29
C ILE A 2462 -23.14 -47.06 -34.52
N LEU A 2463 -24.10 -46.58 -35.33
CA LEU A 2463 -25.32 -47.34 -35.59
C LEU A 2463 -24.99 -48.68 -36.24
N ASP A 2464 -24.06 -48.68 -37.18
CA ASP A 2464 -23.63 -49.91 -37.81
C ASP A 2464 -23.14 -50.92 -36.78
N ARG A 2465 -22.31 -50.45 -35.85
CA ARG A 2465 -21.80 -51.34 -34.80
C ARG A 2465 -22.90 -51.87 -33.91
N LEU A 2466 -23.86 -51.03 -33.53
CA LEU A 2466 -24.99 -51.53 -32.75
C LEU A 2466 -25.76 -52.59 -33.51
N HIS A 2467 -26.02 -52.37 -34.80
CA HIS A 2467 -26.65 -53.42 -35.59
C HIS A 2467 -25.76 -54.65 -35.71
N ASP A 2468 -24.45 -54.48 -35.59
CA ASP A 2468 -23.53 -55.61 -35.66
C ASP A 2468 -23.74 -56.56 -34.48
N MET A 2469 -23.90 -55.99 -33.28
CA MET A 2469 -24.05 -56.80 -32.07
C MET A 2469 -25.45 -57.37 -31.90
N GLY A 2470 -26.42 -56.91 -32.69
CA GLY A 2470 -27.76 -57.44 -32.59
C GLY A 2470 -28.52 -56.90 -31.40
N TRP A 2471 -28.54 -55.58 -31.24
CA TRP A 2471 -29.25 -54.93 -30.16
C TRP A 2471 -30.55 -54.33 -30.68
N SER A 2472 -31.66 -54.68 -30.04
CA SER A 2472 -32.94 -54.08 -30.39
C SER A 2472 -32.90 -52.59 -30.08
N LEU A 2473 -33.56 -51.80 -30.92
CA LEU A 2473 -33.43 -50.35 -30.84
C LEU A 2473 -34.81 -49.70 -30.81
N THR A 2474 -34.88 -48.54 -30.17
CA THR A 2474 -36.15 -47.85 -29.96
C THR A 2474 -36.68 -47.28 -31.27
N PRO A 2475 -37.98 -47.01 -31.35
CA PRO A 2475 -38.54 -46.44 -32.58
C PRO A 2475 -37.90 -45.13 -33.00
N GLU A 2476 -37.44 -44.31 -32.06
CA GLU A 2476 -36.67 -43.13 -32.37
C GLU A 2476 -35.43 -43.14 -31.48
N VAL A 2477 -34.25 -43.10 -32.09
CA VAL A 2477 -33.00 -43.12 -31.35
C VAL A 2477 -32.30 -41.79 -31.57
N ARG A 2478 -31.88 -41.18 -30.47
CA ARG A 2478 -31.25 -39.87 -30.47
C ARG A 2478 -29.79 -39.99 -30.05
N PHE A 2479 -28.93 -39.20 -30.69
CA PHE A 2479 -27.54 -39.10 -30.31
C PHE A 2479 -27.32 -37.87 -29.47
N GLN A 2480 -26.69 -38.04 -28.31
CA GLN A 2480 -26.42 -36.96 -27.38
C GLN A 2480 -25.00 -36.48 -27.57
N GLY A 2481 -24.82 -35.18 -27.68
CA GLY A 2481 -23.50 -34.59 -27.80
C GLY A 2481 -23.11 -34.33 -29.25
N GLY A 2482 -21.89 -33.81 -29.40
CA GLY A 2482 -21.38 -33.42 -30.70
C GLY A 2482 -21.86 -32.04 -31.09
N GLU A 2483 -21.30 -31.55 -32.20
CA GLU A 2483 -21.68 -30.26 -32.74
C GLU A 2483 -23.05 -30.27 -33.39
N THR A 2484 -23.58 -31.45 -33.71
CA THR A 2484 -24.81 -31.62 -34.45
C THR A 2484 -25.70 -32.63 -33.74
N GLN A 2485 -26.96 -32.69 -34.16
CA GLN A 2485 -27.90 -33.66 -33.60
C GLN A 2485 -28.28 -34.70 -34.64
N VAL A 2486 -28.27 -35.97 -34.24
CA VAL A 2486 -28.56 -37.08 -35.12
C VAL A 2486 -29.71 -37.89 -34.53
N SER A 2487 -30.68 -38.23 -35.38
CA SER A 2487 -31.80 -39.07 -34.99
C SER A 2487 -32.00 -40.14 -36.05
N TYR A 2488 -32.52 -41.29 -35.64
CA TYR A 2488 -32.78 -42.33 -36.61
C TYR A 2488 -34.07 -43.04 -36.23
N ASP A 2489 -34.85 -43.38 -37.24
CA ASP A 2489 -36.11 -44.11 -37.07
C ASP A 2489 -35.99 -45.50 -37.68
N PRO A 2490 -35.86 -46.55 -36.87
CA PRO A 2490 -35.83 -47.90 -37.44
C PRO A 2490 -37.15 -48.33 -38.03
N LEU A 2491 -38.27 -47.85 -37.49
CA LEU A 2491 -39.57 -48.24 -38.02
C LEU A 2491 -39.73 -47.81 -39.48
N THR A 2492 -39.32 -46.58 -39.79
CA THR A 2492 -39.21 -46.15 -41.17
C THR A 2492 -37.80 -46.27 -41.71
N ARG A 2493 -36.81 -46.56 -40.84
CA ARG A 2493 -35.43 -46.79 -41.23
C ARG A 2493 -34.91 -45.58 -42.02
N GLN A 2494 -34.78 -44.48 -41.29
CA GLN A 2494 -34.37 -43.23 -41.89
C GLN A 2494 -33.45 -42.49 -40.93
N LEU A 2495 -32.37 -41.91 -41.45
CA LEU A 2495 -31.40 -41.18 -40.65
C LEU A 2495 -31.49 -39.70 -40.95
N VAL A 2496 -31.73 -38.89 -39.92
CA VAL A 2496 -31.83 -37.44 -40.03
C VAL A 2496 -30.70 -36.83 -39.21
N TYR A 2497 -29.96 -35.92 -39.83
CA TYR A 2497 -28.79 -35.31 -39.20
C TYR A 2497 -28.88 -33.81 -39.40
N GLN A 2498 -28.87 -33.07 -38.29
CA GLN A 2498 -29.10 -31.63 -38.31
C GLN A 2498 -27.83 -30.94 -37.81
N LEU A 2499 -27.20 -30.18 -38.71
CA LEU A 2499 -25.97 -29.44 -38.42
C LEU A 2499 -26.28 -27.96 -38.16
N GLN A 2500 -26.94 -27.71 -37.03
CA GLN A 2500 -27.31 -26.34 -36.67
C GLN A 2500 -26.10 -25.43 -36.47
N ALA A 2501 -24.91 -26.00 -36.32
CA ALA A 2501 -23.70 -25.19 -36.21
C ALA A 2501 -23.50 -24.37 -37.48
N ARG A 2502 -23.13 -23.10 -37.29
CA ARG A 2502 -22.95 -22.17 -38.41
C ARG A 2502 -21.57 -22.37 -39.07
N TYR A 2503 -21.56 -22.40 -40.40
CA TYR A 2503 -20.35 -22.68 -41.19
C TYR A 2503 -19.68 -23.96 -40.74
N SER A 2504 -20.49 -25.00 -40.53
CA SER A 2504 -19.97 -26.29 -40.09
C SER A 2504 -19.40 -27.06 -41.27
N GLU A 2505 -18.15 -27.51 -41.14
CA GLU A 2505 -17.50 -28.34 -42.14
C GLU A 2505 -17.89 -29.79 -41.87
N PHE A 2506 -18.67 -30.39 -42.76
CA PHE A 2506 -19.27 -31.69 -42.51
C PHE A 2506 -18.90 -32.66 -43.63
N GLN A 2507 -18.67 -33.92 -43.24
CA GLN A 2507 -18.35 -35.00 -44.18
C GLN A 2507 -19.42 -36.08 -44.11
N LEU A 2508 -19.97 -36.45 -45.27
CA LEU A 2508 -21.03 -37.45 -45.34
C LEU A 2508 -20.63 -38.57 -46.29
N ALA A 2509 -20.76 -39.81 -45.82
CA ALA A 2509 -20.61 -41.00 -46.66
C ALA A 2509 -21.90 -41.81 -46.56
N GLY A 2510 -22.51 -42.11 -47.70
CA GLY A 2510 -23.73 -42.88 -47.69
C GLY A 2510 -23.47 -44.33 -47.30
N SER A 2511 -24.54 -44.99 -46.86
CA SER A 2511 -24.49 -46.40 -46.52
C SER A 2511 -25.71 -47.10 -47.08
N ARG A 2512 -25.56 -48.40 -47.33
CA ARG A 2512 -26.63 -49.21 -47.88
C ARG A 2512 -27.66 -49.61 -46.84
N HIS A 2513 -27.49 -49.15 -45.61
CA HIS A 2513 -28.35 -49.56 -44.51
C HIS A 2513 -29.23 -48.43 -43.97
N HIS A 2514 -29.15 -47.24 -44.53
CA HIS A 2514 -29.98 -46.15 -44.02
C HIS A 2514 -30.07 -45.01 -45.05
N THR A 2515 -31.22 -44.34 -45.06
CA THR A 2515 -31.40 -43.11 -45.80
C THR A 2515 -30.92 -41.94 -44.98
N THR A 2516 -30.14 -41.07 -45.60
CA THR A 2516 -29.49 -39.97 -44.89
C THR A 2516 -30.24 -38.67 -45.15
N ALA A 2517 -30.59 -37.99 -44.07
CA ALA A 2517 -31.26 -36.69 -44.12
C ALA A 2517 -30.38 -35.65 -43.43
N VAL A 2518 -30.18 -34.52 -44.10
CA VAL A 2518 -29.33 -33.43 -43.65
C VAL A 2518 -30.13 -32.13 -43.67
N THR A 2519 -30.06 -31.39 -42.59
CA THR A 2519 -30.68 -30.07 -42.49
C THR A 2519 -29.56 -29.02 -42.48
N GLY A 2520 -29.52 -28.21 -43.54
CA GLY A 2520 -28.46 -27.24 -43.70
C GLY A 2520 -28.69 -25.95 -42.95
N THR A 2521 -27.63 -25.16 -42.85
CA THR A 2521 -27.62 -23.87 -42.17
C THR A 2521 -26.83 -22.89 -43.03
N PRO A 2522 -27.05 -21.59 -42.84
CA PRO A 2522 -26.28 -20.60 -43.61
C PRO A 2522 -24.78 -20.77 -43.41
N GLY A 2523 -24.05 -20.80 -44.52
CA GLY A 2523 -22.63 -21.00 -44.50
C GLY A 2523 -22.18 -22.44 -44.37
N SER A 2524 -23.11 -23.38 -44.22
CA SER A 2524 -22.73 -24.78 -44.03
C SER A 2524 -22.13 -25.35 -45.31
N ARG A 2525 -21.05 -26.10 -45.14
CA ARG A 2525 -20.35 -26.76 -46.24
C ARG A 2525 -20.33 -28.26 -45.99
N TYR A 2526 -20.82 -29.03 -46.95
CA TYR A 2526 -20.84 -30.48 -46.87
C TYR A 2526 -19.73 -31.07 -47.72
N ILE A 2527 -18.86 -31.84 -47.09
CA ILE A 2527 -17.68 -32.41 -47.73
C ILE A 2527 -18.02 -33.87 -47.99
N ILE A 2528 -18.65 -34.14 -49.13
CA ILE A 2528 -19.17 -35.47 -49.45
C ILE A 2528 -18.09 -36.22 -50.23
N MET A 2529 -17.44 -37.18 -49.59
CA MET A 2529 -16.26 -37.77 -50.22
C MET A 2529 -16.68 -38.82 -51.24
N LYS A 2530 -15.68 -39.44 -51.86
CA LYS A 2530 -15.92 -40.50 -52.82
C LYS A 2530 -16.60 -41.68 -52.12
N PRO A 2531 -17.71 -42.18 -52.66
CA PRO A 2531 -18.43 -43.27 -51.99
C PRO A 2531 -17.57 -44.53 -51.92
N VAL A 2532 -17.80 -45.31 -50.86
CA VAL A 2532 -17.07 -46.57 -50.66
C VAL A 2532 -17.96 -47.79 -50.84
N THR A 2533 -19.28 -47.62 -50.91
CA THR A 2533 -20.20 -48.71 -51.14
C THR A 2533 -21.18 -48.33 -52.24
N THR A 2534 -21.75 -49.34 -52.89
CA THR A 2534 -22.73 -49.13 -53.93
C THR A 2534 -24.12 -49.44 -53.40
N GLN A 2535 -25.12 -49.17 -54.24
CA GLN A 2535 -26.52 -49.41 -53.90
C GLN A 2535 -26.91 -48.67 -52.62
N ILE A 2536 -26.50 -47.42 -52.52
CA ILE A 2536 -26.75 -46.63 -51.32
C ILE A 2536 -28.13 -45.98 -51.41
N LEU A 2537 -28.82 -45.92 -50.27
CA LEU A 2537 -30.17 -45.40 -50.23
C LEU A 2537 -30.15 -43.90 -50.56
N PRO A 2538 -31.27 -43.34 -51.03
CA PRO A 2538 -31.27 -41.93 -51.45
C PRO A 2538 -30.91 -40.98 -50.32
N THR A 2539 -30.31 -39.85 -50.70
CA THR A 2539 -29.90 -38.83 -49.75
C THR A 2539 -30.80 -37.60 -49.91
N GLN A 2540 -31.04 -36.90 -48.80
CA GLN A 2540 -31.90 -35.72 -48.82
C GLN A 2540 -31.24 -34.61 -48.01
N ILE A 2541 -30.91 -33.49 -48.66
CA ILE A 2541 -30.33 -32.32 -48.02
C ILE A 2541 -31.27 -31.15 -48.21
N ILE A 2542 -31.52 -30.41 -47.13
CA ILE A 2542 -32.39 -29.25 -47.14
C ILE A 2542 -31.58 -28.03 -46.76
N LEU A 2543 -31.64 -27.00 -47.58
CA LEU A 2543 -30.98 -25.73 -47.31
C LEU A 2543 -31.96 -24.71 -46.72
N ALA A 2544 -31.41 -23.64 -46.19
CA ALA A 2544 -32.18 -22.51 -45.67
C ALA A 2544 -31.52 -21.23 -46.18
N GLY A 2545 -32.07 -20.64 -47.25
CA GLY A 2545 -31.49 -19.46 -47.83
C GLY A 2545 -32.04 -18.20 -47.20
N ASP A 2546 -31.14 -17.35 -46.71
CA ASP A 2546 -31.52 -16.10 -46.05
C ASP A 2546 -31.24 -14.89 -46.92
N ASN A 2547 -30.69 -15.07 -48.12
CA ASN A 2547 -30.46 -14.00 -49.09
C ASN A 2547 -29.44 -12.99 -48.58
N ASP A 2548 -28.82 -13.27 -47.43
CA ASP A 2548 -27.79 -12.42 -46.86
C ASP A 2548 -26.42 -13.06 -46.89
N HIS A 2549 -26.28 -14.24 -46.32
CA HIS A 2549 -25.03 -15.00 -46.37
C HIS A 2549 -25.32 -16.34 -47.04
N PRO A 2550 -25.03 -16.49 -48.33
CA PRO A 2550 -25.43 -17.70 -49.05
C PRO A 2550 -24.64 -18.91 -48.59
N GLU A 2551 -25.32 -20.06 -48.61
CA GLU A 2551 -24.67 -21.33 -48.32
C GLU A 2551 -23.72 -21.71 -49.46
N THR A 2552 -22.67 -22.45 -49.12
CA THR A 2552 -21.67 -22.91 -50.08
C THR A 2552 -21.56 -24.43 -50.00
N ILE A 2553 -21.71 -25.08 -51.14
CA ILE A 2553 -21.62 -26.54 -51.24
C ILE A 2553 -20.40 -26.89 -52.06
N ASP A 2554 -19.51 -27.70 -51.50
CA ASP A 2554 -18.24 -28.06 -52.12
C ASP A 2554 -18.20 -29.55 -52.35
N LEU A 2555 -17.88 -29.95 -53.59
CA LEU A 2555 -17.78 -31.35 -53.98
C LEU A 2555 -16.44 -31.65 -54.64
N LEU A 2556 -15.39 -30.94 -54.25
CA LEU A 2556 -14.09 -31.10 -54.90
C LEU A 2556 -13.51 -32.49 -54.65
N GLU A 2557 -13.48 -32.92 -53.40
CA GLU A 2557 -12.91 -34.20 -53.02
C GLU A 2557 -13.83 -35.39 -53.27
N ALA A 2558 -15.09 -35.14 -53.64
CA ALA A 2558 -15.96 -36.21 -54.10
C ALA A 2558 -15.39 -36.91 -55.32
N SER A 2559 -14.57 -36.22 -56.11
CA SER A 2559 -14.04 -36.74 -57.36
C SER A 2559 -15.16 -37.21 -58.28
N PRO A 2560 -16.07 -36.32 -58.69
CA PRO A 2560 -17.19 -36.74 -59.51
C PRO A 2560 -16.76 -37.05 -60.93
N VAL A 2561 -17.54 -37.90 -61.59
CA VAL A 2561 -17.36 -38.19 -63.00
C VAL A 2561 -18.49 -37.61 -63.85
N LEU A 2562 -19.74 -37.92 -63.50
CA LEU A 2562 -20.92 -37.42 -64.23
C LEU A 2562 -21.99 -37.05 -63.22
N VAL A 2563 -22.45 -35.80 -63.25
CA VAL A 2563 -23.50 -35.36 -62.35
C VAL A 2563 -24.69 -34.89 -63.19
N GLU A 2564 -25.85 -35.47 -62.93
CA GLU A 2564 -27.06 -35.21 -63.70
C GLU A 2564 -28.15 -34.65 -62.79
N GLY A 2565 -29.07 -33.88 -63.36
CA GLY A 2565 -30.04 -33.15 -62.58
C GLY A 2565 -31.46 -33.29 -63.09
N LYS A 2566 -32.41 -33.02 -62.19
CA LYS A 2566 -33.81 -32.91 -62.53
C LYS A 2566 -34.47 -32.07 -61.44
N LYS A 2567 -35.63 -31.49 -61.73
CA LYS A 2567 -36.35 -30.75 -60.70
C LYS A 2567 -37.82 -31.15 -60.70
N ASP A 2568 -38.43 -31.07 -59.51
CA ASP A 2568 -39.84 -31.40 -59.34
C ASP A 2568 -40.26 -30.97 -57.95
N LYS A 2569 -41.44 -30.36 -57.88
CA LYS A 2569 -42.12 -30.07 -56.62
C LYS A 2569 -41.22 -29.29 -55.67
N ASN A 2570 -40.67 -28.18 -56.18
CA ASN A 2570 -39.80 -27.29 -55.40
C ASN A 2570 -38.60 -28.04 -54.83
N SER A 2571 -38.05 -28.97 -55.62
CA SER A 2571 -36.94 -29.77 -55.16
C SER A 2571 -36.15 -30.25 -56.37
N VAL A 2572 -34.82 -30.26 -56.25
CA VAL A 2572 -33.95 -30.66 -57.34
C VAL A 2572 -33.28 -31.98 -56.97
N ILE A 2573 -33.54 -33.02 -57.75
CA ILE A 2573 -32.94 -34.32 -57.53
C ILE A 2573 -31.72 -34.44 -58.42
N LEU A 2574 -30.56 -34.64 -57.81
CA LEU A 2574 -29.30 -34.84 -58.51
C LEU A 2574 -28.84 -36.28 -58.35
N THR A 2575 -28.10 -36.76 -59.35
CA THR A 2575 -27.42 -38.04 -59.27
C THR A 2575 -25.95 -37.83 -59.64
N ILE A 2576 -25.08 -38.52 -58.92
CA ILE A 2576 -23.63 -38.42 -59.09
C ILE A 2576 -23.09 -39.81 -59.37
N ALA A 2577 -22.39 -39.95 -60.48
CA ALA A 2577 -21.74 -41.19 -60.87
C ALA A 2577 -20.24 -40.95 -60.80
N THR A 2578 -19.58 -41.68 -59.92
CA THR A 2578 -18.12 -41.72 -59.86
C THR A 2578 -17.64 -42.71 -60.92
N ILE A 2579 -16.36 -43.09 -60.86
CA ILE A 2579 -15.83 -44.05 -61.81
C ILE A 2579 -16.53 -45.39 -61.66
N GLN A 2580 -16.79 -45.83 -60.44
CA GLN A 2580 -17.48 -47.08 -60.23
C GLN A 2580 -18.64 -46.99 -59.24
N TYR A 2581 -18.62 -46.07 -58.28
CA TYR A 2581 -19.72 -45.91 -57.34
C TYR A 2581 -20.76 -44.93 -57.89
N SER A 2582 -21.90 -44.89 -57.21
CA SER A 2582 -22.99 -44.00 -57.58
C SER A 2582 -23.71 -43.53 -56.32
N LEU A 2583 -24.34 -42.36 -56.42
CA LEU A 2583 -25.08 -41.76 -55.33
C LEU A 2583 -26.12 -40.84 -55.91
N GLN A 2584 -27.10 -40.47 -55.09
CA GLN A 2584 -28.07 -39.47 -55.52
C GLN A 2584 -28.69 -38.79 -54.31
N LEU A 2585 -29.03 -37.53 -54.52
CA LEU A 2585 -29.41 -36.63 -53.45
C LEU A 2585 -30.55 -35.76 -53.95
N THR A 2586 -31.31 -35.21 -53.02
CA THR A 2586 -32.34 -34.23 -53.37
C THR A 2586 -32.10 -32.96 -52.54
N ILE A 2587 -31.98 -31.84 -53.23
CA ILE A 2587 -31.90 -30.53 -52.60
C ILE A 2587 -33.31 -29.98 -52.43
N SER A 2588 -33.66 -29.65 -51.19
CA SER A 2588 -34.94 -29.04 -50.87
C SER A 2588 -34.71 -27.77 -50.06
N GLY A 2589 -35.78 -27.06 -49.77
CA GLY A 2589 -35.69 -25.82 -49.02
C GLY A 2589 -36.76 -25.75 -47.95
N ILE A 2590 -36.51 -24.91 -46.96
CA ILE A 2590 -37.45 -24.73 -45.86
C ILE A 2590 -38.55 -23.75 -46.26
N GLU A 2591 -38.18 -22.69 -46.97
CA GLU A 2591 -39.11 -21.65 -47.40
C GLU A 2591 -39.92 -22.06 -48.63
N GLU A 2592 -39.89 -23.32 -49.02
CA GLU A 2592 -40.62 -23.83 -50.19
C GLU A 2592 -40.24 -23.08 -51.46
N SER A 2593 -38.97 -22.69 -51.56
CA SER A 2593 -38.46 -22.03 -52.76
C SER A 2593 -36.95 -22.17 -52.77
N LEU A 2594 -36.40 -22.65 -53.88
CA LEU A 2594 -34.97 -22.91 -53.96
C LEU A 2594 -34.23 -21.58 -54.01
N PRO A 2595 -33.32 -21.31 -53.07
CA PRO A 2595 -32.64 -20.01 -53.07
C PRO A 2595 -31.87 -19.78 -54.36
N GLU A 2596 -31.94 -18.56 -54.84
CA GLU A 2596 -31.28 -18.16 -56.07
C GLU A 2596 -29.92 -17.52 -55.81
N THR A 2597 -29.44 -17.51 -54.57
CA THR A 2597 -28.11 -17.03 -54.23
C THR A 2597 -27.15 -18.15 -53.82
N THR A 2598 -27.65 -19.36 -53.53
CA THR A 2598 -26.78 -20.43 -53.05
C THR A 2598 -25.86 -20.92 -54.15
N ARG A 2599 -24.58 -21.09 -53.81
CA ARG A 2599 -23.54 -21.41 -54.77
C ARG A 2599 -22.98 -22.79 -54.49
N VAL A 2600 -22.81 -23.60 -55.54
CA VAL A 2600 -22.19 -24.92 -55.46
C VAL A 2600 -20.86 -24.86 -56.17
N ALA A 2601 -19.78 -25.19 -55.44
CA ALA A 2601 -18.43 -25.12 -56.01
C ALA A 2601 -18.06 -26.50 -56.55
N ILE A 2602 -18.30 -26.69 -57.85
CA ILE A 2602 -17.96 -27.98 -58.46
C ILE A 2602 -16.45 -28.13 -58.58
N GLN A 2603 -15.76 -27.07 -58.95
CA GLN A 2603 -14.31 -27.01 -59.07
C GLN A 2603 -13.83 -25.75 -58.38
N PRO A 2604 -12.53 -25.69 -58.02
CA PRO A 2604 -12.07 -24.54 -57.22
C PRO A 2604 -12.36 -23.20 -57.85
N GLN A 2605 -12.22 -23.11 -59.18
CA GLN A 2605 -12.57 -21.90 -59.92
C GLN A 2605 -13.88 -22.05 -60.69
N ASP A 2606 -14.62 -23.12 -60.46
CA ASP A 2606 -15.95 -23.30 -61.07
C ASP A 2606 -16.96 -23.38 -59.93
N THR A 2607 -17.43 -22.22 -59.47
CA THR A 2607 -18.51 -22.11 -58.50
C THR A 2607 -19.75 -21.63 -59.25
N ARG A 2608 -20.77 -22.48 -59.31
CA ARG A 2608 -21.96 -22.20 -60.11
C ARG A 2608 -23.15 -21.92 -59.21
N LEU A 2609 -23.87 -20.86 -59.53
CA LEU A 2609 -25.03 -20.49 -58.76
C LEU A 2609 -26.15 -21.51 -59.01
N LEU A 2610 -26.94 -21.74 -57.95
CA LEU A 2610 -28.08 -22.63 -58.07
C LEU A 2610 -29.13 -22.07 -59.01
N GLY A 2611 -29.23 -20.75 -59.13
CA GLY A 2611 -30.12 -20.17 -60.10
C GLY A 2611 -29.77 -20.57 -61.53
N ASP A 2612 -28.49 -20.52 -61.88
CA ASP A 2612 -28.12 -20.76 -63.27
C ASP A 2612 -28.54 -22.15 -63.71
N VAL A 2613 -28.26 -23.15 -62.88
CA VAL A 2613 -28.72 -24.49 -63.18
C VAL A 2613 -30.24 -24.55 -63.10
N LEU A 2614 -30.82 -23.79 -62.18
CA LEU A 2614 -32.26 -23.89 -61.92
C LEU A 2614 -33.08 -23.46 -63.13
N ARG A 2615 -32.69 -22.39 -63.80
CA ARG A 2615 -33.36 -22.04 -65.05
C ARG A 2615 -33.22 -23.13 -66.10
N ILE A 2616 -31.99 -23.59 -66.37
CA ILE A 2616 -31.80 -24.43 -67.55
C ILE A 2616 -32.45 -25.80 -67.44
N LEU A 2617 -32.94 -26.17 -66.26
CA LEU A 2617 -33.48 -27.51 -66.09
C LEU A 2617 -35.01 -27.50 -66.20
N PRO A 2618 -35.58 -28.33 -67.09
CA PRO A 2618 -37.01 -28.20 -67.41
C PRO A 2618 -37.91 -28.56 -66.24
N ASP A 2619 -39.10 -27.93 -66.24
CA ASP A 2619 -40.08 -28.19 -65.19
C ASP A 2619 -40.61 -29.61 -65.24
N ASN A 2620 -40.53 -30.27 -66.40
CA ASN A 2620 -40.94 -31.65 -66.45
C ASN A 2620 -39.85 -32.54 -65.85
N GLY A 2621 -40.26 -33.75 -65.49
CA GLY A 2621 -39.34 -34.69 -64.88
C GLY A 2621 -38.42 -35.35 -65.89
N ASN A 2622 -37.48 -34.58 -66.42
CA ASN A 2622 -36.52 -35.08 -67.39
C ASN A 2622 -35.12 -34.82 -66.86
N TRP A 2623 -34.21 -35.73 -67.18
CA TRP A 2623 -32.82 -35.60 -66.78
C TRP A 2623 -31.98 -35.03 -67.91
N VAL A 2624 -31.22 -33.99 -67.58
CA VAL A 2624 -30.21 -33.41 -68.47
C VAL A 2624 -28.93 -33.26 -67.67
N GLY A 2625 -27.81 -33.65 -68.27
CA GLY A 2625 -26.55 -33.55 -67.57
C GLY A 2625 -26.22 -32.11 -67.21
N ILE A 2626 -25.66 -31.93 -66.02
CA ILE A 2626 -25.21 -30.62 -65.56
C ILE A 2626 -23.70 -30.56 -65.43
N PHE A 2627 -23.07 -31.64 -64.97
CA PHE A 2627 -21.62 -31.77 -64.97
C PHE A 2627 -21.27 -33.00 -65.77
N ARG A 2628 -20.35 -32.88 -66.73
CA ARG A 2628 -19.91 -34.12 -67.44
C ARG A 2628 -18.39 -34.16 -67.59
N SER A 2629 -17.75 -35.15 -66.97
CA SER A 2629 -16.29 -35.30 -67.18
C SER A 2629 -16.06 -35.76 -68.61
N GLY A 2630 -17.05 -36.44 -69.19
CA GLY A 2630 -16.93 -36.96 -70.56
C GLY A 2630 -16.70 -35.84 -71.57
N HIS A 2631 -16.87 -34.59 -71.17
CA HIS A 2631 -16.55 -33.47 -72.08
C HIS A 2631 -15.06 -33.16 -71.99
N THR A 2632 -14.54 -33.11 -70.77
CA THR A 2632 -13.13 -32.71 -70.58
C THR A 2632 -12.67 -33.12 -69.20
N PRO A 2633 -11.36 -33.36 -68.96
CA PRO A 2633 -10.88 -33.63 -67.63
C PRO A 2633 -11.33 -32.52 -66.66
N THR A 2634 -11.48 -32.87 -65.39
CA THR A 2634 -11.93 -31.89 -64.37
C THR A 2634 -11.03 -30.66 -64.31
N VAL A 2635 -11.35 -29.60 -65.08
CA VAL A 2635 -10.57 -28.38 -64.97
C VAL A 2635 -10.34 -28.07 -63.50
N ASN A 2636 -9.12 -27.70 -63.17
CA ASN A 2636 -8.73 -27.45 -61.79
C ASN A 2636 -8.40 -26.00 -61.52
N ARG A 2637 -8.38 -25.16 -62.55
CA ARG A 2637 -8.10 -23.74 -62.39
C ARG A 2637 -8.65 -23.00 -63.60
N LEU A 2638 -9.33 -21.89 -63.35
CA LEU A 2638 -9.96 -21.09 -64.40
C LEU A 2638 -9.39 -19.68 -64.32
N GLU A 2639 -8.35 -19.39 -65.11
CA GLU A 2639 -7.75 -18.06 -65.14
C GLU A 2639 -8.21 -17.29 -66.37
N ASN A 2640 -8.79 -16.13 -66.14
CA ASN A 2640 -9.23 -15.23 -67.19
C ASN A 2640 -8.09 -14.32 -67.70
N LEU A 2641 -8.28 -13.77 -68.90
CA LEU A 2641 -7.21 -13.08 -69.61
C LEU A 2641 -7.27 -11.56 -69.48
N MET A 2642 -8.17 -11.00 -68.67
CA MET A 2642 -8.16 -9.54 -68.50
C MET A 2642 -6.87 -9.10 -67.81
N ALA A 2643 -6.35 -9.91 -66.89
CA ALA A 2643 -5.04 -9.65 -66.33
C ALA A 2643 -4.01 -9.65 -67.44
N LEU A 2644 -3.16 -8.63 -67.43
CA LEU A 2644 -2.18 -8.41 -68.47
C LEU A 2644 -0.81 -8.35 -67.82
N ASN A 2645 0.23 -8.56 -68.65
CA ASN A 2645 1.61 -8.41 -68.22
C ASN A 2645 1.99 -9.41 -67.13
N GLN A 2646 3.04 -9.09 -66.39
CA GLN A 2646 3.49 -9.95 -65.30
C GLN A 2646 2.35 -10.18 -64.34
N VAL A 2647 2.00 -11.46 -64.12
CA VAL A 2647 0.92 -11.83 -63.20
C VAL A 2647 1.30 -12.98 -62.29
N MET A 2648 2.52 -13.51 -62.43
CA MET A 2648 3.19 -14.36 -61.44
C MET A 2648 2.31 -15.54 -60.96
N THR A 2649 1.84 -16.32 -61.92
CA THR A 2649 0.84 -17.33 -61.59
C THR A 2649 1.46 -18.42 -60.71
N PHE A 2650 0.86 -18.65 -59.55
CA PHE A 2650 1.27 -19.72 -58.66
C PHE A 2650 0.13 -20.72 -58.63
N LEU A 2651 0.44 -21.97 -58.99
CA LEU A 2651 -0.59 -23.05 -58.91
C LEU A 2651 -0.14 -24.07 -57.86
N PRO A 2652 -0.81 -24.18 -56.68
CA PRO A 2652 -0.32 -25.07 -55.61
C PRO A 2652 -0.27 -26.55 -56.03
N ARG A 2653 0.67 -27.31 -55.46
CA ARG A 2653 0.74 -28.78 -55.76
C ARG A 2653 -0.48 -29.46 -55.14
N VAL A 2654 -0.73 -30.72 -55.51
CA VAL A 2654 -1.92 -31.40 -55.03
C VAL A 2654 -1.58 -32.87 -54.88
N SER A 2655 -1.88 -33.44 -53.71
CA SER A 2655 -1.51 -34.82 -53.43
C SER A 2655 -2.38 -35.79 -54.20
N GLY A 2656 -3.68 -35.55 -54.26
CA GLY A 2656 -4.59 -36.50 -54.87
C GLY A 2656 -4.61 -36.52 -56.37
N SER A 2657 -4.96 -35.39 -57.00
CA SER A 2657 -5.11 -35.37 -58.45
C SER A 2657 -3.79 -35.63 -59.16
N ALA A 2658 -2.70 -35.04 -58.67
CA ALA A 2658 -1.37 -35.16 -59.30
C ALA A 2658 -1.40 -34.69 -60.75
N GLU A 2659 -2.34 -33.82 -61.09
CA GLU A 2659 -2.49 -33.31 -62.45
C GLU A 2659 -3.31 -32.04 -62.40
N GLN A 2660 -2.72 -30.92 -62.83
CA GLN A 2660 -3.39 -29.63 -62.80
C GLN A 2660 -3.81 -29.23 -64.21
N VAL A 2661 -5.00 -28.65 -64.32
CA VAL A 2661 -5.55 -28.17 -65.58
C VAL A 2661 -5.82 -26.69 -65.43
N LEU A 2662 -5.13 -25.86 -66.22
CA LEU A 2662 -5.26 -24.41 -66.15
C LEU A 2662 -5.95 -23.92 -67.42
N CYS A 2663 -7.09 -23.27 -67.25
CA CYS A 2663 -7.91 -22.81 -68.37
C CYS A 2663 -7.70 -21.32 -68.56
N LEU A 2664 -7.00 -20.95 -69.62
CA LEU A 2664 -6.89 -19.55 -70.00
C LEU A 2664 -8.12 -19.17 -70.82
N GLU A 2665 -8.91 -18.23 -70.31
CA GLU A 2665 -10.16 -17.83 -70.92
C GLU A 2665 -10.05 -16.39 -71.44
N ASN A 2666 -10.42 -16.19 -72.70
CA ASN A 2666 -10.41 -14.87 -73.32
C ASN A 2666 -11.84 -14.36 -73.43
N LEU A 2667 -12.07 -13.15 -72.90
CA LEU A 2667 -13.36 -12.49 -73.03
C LEU A 2667 -13.33 -11.38 -74.08
N GLY A 2668 -12.22 -11.23 -74.79
CA GLY A 2668 -12.06 -10.19 -75.79
C GLY A 2668 -12.12 -10.76 -77.20
N GLY A 2669 -12.38 -9.87 -78.15
CA GLY A 2669 -12.51 -10.18 -79.55
C GLY A 2669 -11.23 -10.13 -80.34
N VAL A 2670 -10.09 -9.96 -79.68
CA VAL A 2670 -8.78 -9.93 -80.33
C VAL A 2670 -8.06 -11.22 -79.99
N ARG A 2671 -7.52 -11.88 -81.02
CA ARG A 2671 -6.75 -13.10 -80.82
C ARG A 2671 -5.54 -12.82 -79.94
N LYS A 2672 -5.51 -13.47 -78.78
CA LYS A 2672 -4.45 -13.20 -77.82
C LYS A 2672 -3.20 -14.01 -78.16
N LYS A 2673 -2.04 -13.41 -77.90
CA LYS A 2673 -0.75 -14.07 -78.08
C LYS A 2673 0.09 -13.83 -76.84
N VAL A 2674 0.22 -14.84 -76.00
CA VAL A 2674 0.92 -14.72 -74.72
C VAL A 2674 2.26 -15.42 -74.85
N GLU A 2675 3.33 -14.71 -74.48
CA GLU A 2675 4.69 -15.24 -74.45
C GLU A 2675 4.98 -15.76 -73.04
N GLY A 2676 4.59 -17.02 -72.81
CA GLY A 2676 4.74 -17.64 -71.50
C GLY A 2676 6.18 -18.04 -71.20
N GLU A 2677 6.40 -18.48 -69.96
CA GLU A 2677 7.72 -18.90 -69.52
C GLU A 2677 7.58 -19.79 -68.29
N LEU A 2678 8.09 -21.02 -68.36
CA LEU A 2678 8.12 -21.93 -67.23
C LEU A 2678 9.35 -21.65 -66.38
N LEU A 2679 9.13 -21.32 -65.10
CA LEU A 2679 10.23 -21.13 -64.16
C LEU A 2679 10.33 -22.23 -63.11
N SER A 2680 9.20 -22.84 -62.73
CA SER A 2680 9.24 -23.93 -61.75
C SER A 2680 8.12 -24.89 -62.08
N GLY A 2681 8.48 -26.12 -62.43
CA GLY A 2681 7.54 -27.13 -62.85
C GLY A 2681 7.74 -27.52 -64.30
N LYS A 2682 6.91 -28.46 -64.75
CA LYS A 2682 6.96 -28.95 -66.12
C LYS A 2682 5.55 -29.00 -66.69
N LEU A 2683 5.47 -28.87 -68.01
CA LEU A 2683 4.20 -28.91 -68.73
C LEU A 2683 4.17 -30.09 -69.67
N LYS A 2684 2.97 -30.57 -69.98
CA LYS A 2684 2.77 -31.67 -70.91
C LYS A 2684 2.17 -31.24 -72.24
N GLY A 2685 1.67 -29.99 -72.33
CA GLY A 2685 1.08 -29.43 -73.53
C GLY A 2685 -0.33 -28.96 -73.24
N ALA A 2686 -1.06 -28.68 -74.30
CA ALA A 2686 -2.40 -28.11 -74.20
C ALA A 2686 -3.44 -29.06 -74.75
N TRP A 2687 -4.59 -29.10 -74.08
CA TRP A 2687 -5.72 -29.90 -74.52
C TRP A 2687 -6.24 -29.40 -75.87
N LYS A 2688 -6.59 -30.33 -76.73
CA LYS A 2688 -7.23 -30.01 -78.00
C LYS A 2688 -8.52 -30.79 -78.21
N ALA A 2689 -8.58 -32.04 -77.76
CA ALA A 2689 -9.78 -32.86 -77.90
C ALA A 2689 -9.94 -33.73 -76.67
N GLU A 2690 -11.18 -34.15 -76.42
CA GLU A 2690 -11.52 -34.83 -75.17
C GLU A 2690 -10.82 -36.18 -75.06
N GLY A 2691 -10.90 -36.99 -76.11
CA GLY A 2691 -10.31 -38.31 -76.14
C GLY A 2691 -8.92 -38.38 -76.74
N GLU A 2692 -8.30 -37.24 -77.04
CA GLU A 2692 -6.95 -37.17 -77.59
C GLU A 2692 -5.94 -36.81 -76.52
N PRO A 2693 -4.80 -37.49 -76.48
CA PRO A 2693 -3.78 -37.17 -75.47
C PRO A 2693 -3.37 -35.70 -75.55
N THR A 2694 -2.76 -35.22 -74.48
CA THR A 2694 -2.32 -33.84 -74.42
C THR A 2694 -1.39 -33.52 -75.57
N VAL A 2695 -1.74 -32.50 -76.35
CA VAL A 2695 -0.95 -32.07 -77.49
C VAL A 2695 0.20 -31.22 -76.99
N PRO A 2696 1.45 -31.62 -77.23
CA PRO A 2696 2.59 -30.80 -76.79
C PRO A 2696 2.67 -29.50 -77.58
N VAL A 2697 3.03 -28.43 -76.89
CA VAL A 2697 3.16 -27.11 -77.51
C VAL A 2697 4.22 -26.32 -76.75
N ASN A 2698 4.92 -25.44 -77.48
CA ASN A 2698 5.98 -24.64 -76.87
C ASN A 2698 5.38 -23.65 -75.86
N ILE A 2699 5.99 -23.57 -74.68
CA ILE A 2699 5.51 -22.65 -73.66
C ILE A 2699 5.88 -21.21 -73.95
N SER A 2700 6.81 -21.01 -74.89
CA SER A 2700 7.23 -19.64 -75.27
C SER A 2700 6.08 -18.92 -75.98
N ASP A 2701 5.30 -19.64 -76.79
CA ASP A 2701 4.20 -19.00 -77.57
C ASP A 2701 2.87 -19.63 -77.19
N LEU A 2702 1.91 -18.81 -76.75
CA LEU A 2702 0.56 -19.31 -76.36
C LEU A 2702 -0.51 -18.48 -77.07
N SER A 2703 -0.98 -18.95 -78.23
CA SER A 2703 -2.01 -18.18 -79.00
C SER A 2703 -3.41 -18.59 -78.54
N ILE A 2704 -4.28 -17.60 -78.29
CA ILE A 2704 -5.65 -17.89 -77.78
C ILE A 2704 -6.68 -17.29 -78.75
N PRO A 2705 -7.67 -18.04 -79.26
CA PRO A 2705 -8.71 -17.47 -80.10
C PRO A 2705 -9.66 -16.62 -79.26
N PRO A 2706 -10.21 -15.55 -79.83
CA PRO A 2706 -11.17 -14.74 -79.07
C PRO A 2706 -12.41 -15.53 -78.73
N TYR A 2707 -13.00 -15.20 -77.58
CA TYR A 2707 -14.24 -15.83 -77.12
C TYR A 2707 -14.11 -17.35 -77.08
N SER A 2708 -13.04 -17.81 -76.45
CA SER A 2708 -12.77 -19.24 -76.36
C SER A 2708 -12.03 -19.51 -75.05
N ARG A 2709 -11.53 -20.74 -74.91
CA ARG A 2709 -10.78 -21.12 -73.73
C ARG A 2709 -9.81 -22.24 -74.11
N LEU A 2710 -8.59 -22.18 -73.56
CA LEU A 2710 -7.57 -23.18 -73.85
C LEU A 2710 -7.00 -23.73 -72.55
N TYR A 2711 -6.87 -25.05 -72.48
CA TYR A 2711 -6.50 -25.73 -71.25
C TYR A 2711 -5.06 -26.26 -71.36
N LEU A 2712 -4.20 -25.82 -70.45
CA LEU A 2712 -2.82 -26.26 -70.34
C LEU A 2712 -2.70 -27.27 -69.20
N ILE A 2713 -1.97 -28.36 -69.43
CA ILE A 2713 -1.89 -29.47 -68.50
C ILE A 2713 -0.52 -29.48 -67.83
N PHE A 2714 -0.50 -29.58 -66.51
CA PHE A 2714 0.73 -29.58 -65.73
C PHE A 2714 0.76 -30.78 -64.78
N GLU A 2715 1.96 -31.24 -64.47
CA GLU A 2715 2.12 -32.28 -63.47
C GLU A 2715 1.80 -31.74 -62.09
N GLY A 2716 1.13 -32.56 -61.27
CA GLY A 2716 0.79 -32.17 -59.93
C GLY A 2716 1.79 -32.55 -58.85
N LYS A 2717 2.97 -33.03 -59.23
CA LYS A 2717 3.95 -33.48 -58.24
C LYS A 2717 4.60 -32.30 -57.53
N ASN A 2718 5.00 -31.28 -58.28
CA ASN A 2718 5.72 -30.13 -57.75
C ASN A 2718 4.83 -28.90 -57.72
N ASN A 2719 5.43 -27.76 -57.38
CA ASN A 2719 4.72 -26.50 -57.40
C ASN A 2719 4.89 -25.82 -58.74
N VAL A 2720 3.83 -25.17 -59.19
CA VAL A 2720 3.74 -24.63 -60.54
C VAL A 2720 3.91 -23.11 -60.46
N LEU A 2721 4.89 -22.59 -61.21
CA LEU A 2721 5.20 -21.16 -61.23
C LEU A 2721 5.24 -20.68 -62.68
N LEU A 2722 4.60 -19.53 -62.93
CA LEU A 2722 4.52 -18.92 -64.26
C LEU A 2722 4.92 -17.46 -64.17
N ARG A 2723 5.91 -17.07 -64.97
CA ARG A 2723 6.21 -15.65 -65.22
C ARG A 2723 6.03 -15.39 -66.72
N SER A 2724 4.99 -14.62 -67.07
CA SER A 2724 4.65 -14.38 -68.46
C SER A 2724 4.17 -12.95 -68.65
N LYS A 2725 4.36 -12.43 -69.86
CA LYS A 2725 3.87 -11.11 -70.24
C LYS A 2725 2.94 -11.23 -71.43
N VAL A 2726 1.76 -10.62 -71.31
CA VAL A 2726 0.71 -10.71 -72.33
C VAL A 2726 0.75 -9.45 -73.17
N HIS A 2727 0.91 -9.62 -74.48
CA HIS A 2727 0.90 -8.51 -75.42
C HIS A 2727 -0.16 -8.76 -76.50
N ALA A 2728 -1.00 -7.76 -76.74
CA ALA A 2728 -2.04 -7.86 -77.73
C ALA A 2728 -1.46 -7.97 -79.12
N ALA A 2729 -2.11 -8.77 -79.96
CA ALA A 2729 -1.66 -8.91 -81.34
C ALA A 2729 -1.83 -7.58 -82.07
N PRO A 2730 -0.80 -7.09 -82.75
CA PRO A 2730 -0.92 -5.80 -83.43
C PRO A 2730 -1.89 -5.89 -84.60
N LEU A 2731 -2.48 -4.75 -84.93
CA LEU A 2731 -3.40 -4.64 -86.06
C LEU A 2731 -2.68 -3.99 -87.23
N LYS A 2732 -2.66 -4.70 -88.36
CA LYS A 2732 -1.99 -4.21 -89.56
C LYS A 2732 -2.95 -3.36 -90.37
N ILE A 2733 -2.47 -2.19 -90.80
CA ILE A 2733 -3.28 -1.26 -91.59
C ILE A 2733 -2.54 -0.97 -92.89
N THR A 2734 -3.24 -1.12 -94.01
CA THR A 2734 -2.63 -0.91 -95.32
C THR A 2734 -3.47 -0.07 -96.27
N SER A 2735 -4.64 0.39 -95.86
CA SER A 2735 -5.44 1.22 -96.73
C SER A 2735 -4.95 2.67 -96.68
N ALA A 2736 -5.44 3.46 -97.62
CA ALA A 2736 -5.04 4.85 -97.74
C ALA A 2736 -6.28 5.70 -97.97
N GLY A 2737 -6.12 7.00 -97.81
CA GLY A 2737 -7.22 7.92 -97.96
C GLY A 2737 -7.77 8.40 -96.63
N GLU A 2738 -9.03 8.83 -96.62
CA GLU A 2738 -9.67 9.38 -95.43
C GLU A 2738 -10.11 8.25 -94.53
N MET A 2739 -9.30 7.93 -93.51
CA MET A 2739 -9.59 6.83 -92.61
C MET A 2739 -10.06 7.42 -91.29
N GLN A 2740 -11.36 7.33 -91.04
CA GLN A 2740 -11.97 7.82 -89.81
C GLN A 2740 -12.38 6.63 -88.96
N LEU A 2741 -11.94 6.64 -87.70
CA LEU A 2741 -12.19 5.52 -86.79
C LEU A 2741 -13.18 5.94 -85.73
N SER A 2742 -14.21 5.12 -85.52
CA SER A 2742 -15.14 5.37 -84.43
C SER A 2742 -14.44 5.10 -83.10
N GLU A 2743 -15.13 5.46 -82.01
CA GLU A 2743 -14.51 5.44 -80.70
C GLU A 2743 -14.01 4.05 -80.32
N ARG A 2744 -14.85 3.03 -80.49
CA ARG A 2744 -14.41 1.67 -80.18
C ARG A 2744 -13.41 1.16 -81.21
N GLN A 2745 -13.51 1.63 -82.46
CA GLN A 2745 -12.60 1.17 -83.51
C GLN A 2745 -11.15 1.53 -83.21
N TRP A 2746 -10.92 2.58 -82.44
CA TRP A 2746 -9.59 2.86 -81.91
C TRP A 2746 -9.44 2.55 -80.43
N GLN A 2747 -10.53 2.18 -79.74
CA GLN A 2747 -10.43 1.74 -78.36
C GLN A 2747 -9.97 0.30 -78.24
N GLN A 2748 -10.29 -0.55 -79.23
CA GLN A 2748 -10.10 -1.99 -79.07
C GLN A 2748 -8.63 -2.39 -79.11
N GLN A 2749 -7.87 -1.87 -80.08
CA GLN A 2749 -6.52 -2.35 -80.29
C GLN A 2749 -5.54 -1.76 -79.28
N GLU A 2750 -4.37 -2.37 -79.19
CA GLU A 2750 -3.24 -1.88 -78.41
C GLU A 2750 -2.07 -1.43 -79.27
N HIS A 2751 -1.70 -2.21 -80.28
CA HIS A 2751 -0.70 -1.81 -81.26
C HIS A 2751 -1.32 -1.80 -82.64
N ILE A 2752 -1.09 -0.72 -83.38
CA ILE A 2752 -1.48 -0.63 -84.77
C ILE A 2752 -0.22 -0.32 -85.58
N ILE A 2753 0.09 -1.20 -86.53
CA ILE A 2753 1.26 -1.06 -87.38
C ILE A 2753 0.80 -0.67 -88.78
N VAL A 2754 1.37 0.40 -89.31
CA VAL A 2754 1.03 0.92 -90.62
C VAL A 2754 2.22 0.77 -91.54
N LYS A 2755 2.00 0.14 -92.70
CA LYS A 2755 3.04 -0.07 -93.71
C LYS A 2755 2.54 0.52 -95.02
N PRO A 2756 2.73 1.82 -95.24
CA PRO A 2756 2.28 2.43 -96.51
C PRO A 2756 2.96 1.79 -97.71
N ASP A 2757 2.20 1.65 -98.79
CA ASP A 2757 2.69 1.10 -100.05
C ASP A 2757 3.03 2.22 -101.04
N ASN A 2758 2.07 3.09 -101.33
CA ASN A 2758 2.27 4.21 -102.24
C ASN A 2758 2.05 5.56 -101.55
N GLU A 2759 0.97 5.69 -100.78
CA GLU A 2759 0.64 6.93 -100.08
C GLU A 2759 0.36 6.60 -98.61
N ALA A 2760 -0.10 7.62 -97.87
CA ALA A 2760 -0.44 7.45 -96.46
C ALA A 2760 -1.83 8.00 -96.19
N PRO A 2761 -2.60 7.36 -95.31
CA PRO A 2761 -3.95 7.83 -95.03
C PRO A 2761 -3.94 8.98 -94.04
N SER A 2762 -5.11 9.62 -93.94
CA SER A 2762 -5.39 10.67 -92.98
C SER A 2762 -6.28 10.08 -91.88
N LEU A 2763 -5.67 9.86 -90.71
CA LEU A 2763 -6.38 9.32 -89.56
C LEU A 2763 -7.28 10.37 -88.93
N ILE A 2764 -8.51 9.99 -88.65
CA ILE A 2764 -9.48 10.85 -87.97
C ILE A 2764 -9.95 10.12 -86.72
N LEU A 2765 -9.81 10.77 -85.57
CA LEU A 2765 -10.18 10.19 -84.29
C LEU A 2765 -11.27 11.06 -83.68
N SER A 2766 -12.52 10.69 -83.94
CA SER A 2766 -13.66 11.43 -83.40
C SER A 2766 -13.88 11.07 -81.94
N GLU A 2767 -14.32 12.07 -81.16
CA GLU A 2767 -14.62 11.89 -79.74
C GLU A 2767 -13.41 11.33 -79.00
N PHE A 2768 -12.23 11.81 -79.37
CA PHE A 2768 -10.98 11.33 -78.79
C PHE A 2768 -10.45 12.41 -77.85
N ARG A 2769 -10.92 12.38 -76.61
CA ARG A 2769 -10.47 13.34 -75.60
C ARG A 2769 -9.04 13.01 -75.21
N ARG A 2770 -8.10 13.83 -75.64
CA ARG A 2770 -6.69 13.59 -75.35
C ARG A 2770 -6.42 13.70 -73.85
N PHE A 2771 -5.64 12.74 -73.36
CA PHE A 2771 -5.29 12.80 -71.92
C PHE A 2771 -4.24 13.90 -71.70
N THR A 2772 -4.57 14.87 -70.86
CA THR A 2772 -3.66 15.96 -70.53
C THR A 2772 -3.75 16.23 -69.03
N ILE A 2773 -2.58 16.40 -68.40
CA ILE A 2773 -2.53 16.77 -67.00
C ILE A 2773 -2.25 18.25 -66.80
N SER A 2774 -1.67 18.93 -67.79
CA SER A 2774 -1.34 20.34 -67.71
C SER A 2774 -2.31 21.13 -68.58
N SER A 2775 -2.87 22.20 -68.02
CA SER A 2775 -3.78 23.05 -68.79
C SER A 2775 -3.09 23.68 -69.98
N ASP A 2776 -1.87 24.18 -69.77
CA ASP A 2776 -1.08 24.72 -70.87
C ASP A 2776 -0.72 23.61 -71.85
N LYS A 2777 -0.80 23.92 -73.14
CA LYS A 2777 -0.55 22.93 -74.17
C LYS A 2777 0.92 22.80 -74.52
N THR A 2778 1.78 23.70 -74.06
CA THR A 2778 3.21 23.65 -74.35
C THR A 2778 4.01 22.89 -73.31
N PHE A 2779 3.43 22.63 -72.13
CA PHE A 2779 4.15 21.94 -71.07
C PHE A 2779 3.76 20.48 -70.94
N SER A 2780 2.49 20.15 -71.16
CA SER A 2780 2.03 18.75 -70.93
C SER A 2780 2.33 17.90 -72.16
N LEU A 2781 2.41 18.53 -73.32
CA LEU A 2781 2.81 17.71 -74.48
C LEU A 2781 4.16 17.14 -74.09
N LYS A 2782 5.00 18.00 -73.52
CA LYS A 2782 6.37 17.56 -73.15
C LYS A 2782 6.22 16.51 -72.04
N LEU A 2783 5.07 16.49 -71.38
CA LEU A 2783 4.96 15.54 -70.27
C LEU A 2783 5.05 14.15 -70.87
N MET A 2784 4.24 13.87 -71.88
CA MET A 2784 4.42 12.55 -72.53
C MET A 2784 5.88 12.49 -72.95
N CYS A 2785 6.40 13.60 -73.49
CA CYS A 2785 7.80 13.63 -73.98
C CYS A 2785 8.73 13.60 -72.77
N HIS A 2786 8.19 13.63 -71.54
CA HIS A 2786 9.07 13.50 -70.35
C HIS A 2786 8.62 12.31 -69.50
N GLN A 2787 7.33 12.08 -69.38
CA GLN A 2787 6.93 10.83 -68.69
C GLN A 2787 7.54 9.78 -69.59
N GLY A 2788 7.63 10.08 -70.89
CA GLY A 2788 8.32 9.18 -71.84
C GLY A 2788 7.37 8.48 -72.78
N MET A 2789 7.26 8.94 -74.03
CA MET A 2789 6.42 8.14 -74.96
C MET A 2789 6.60 8.49 -76.44
N VAL A 2790 7.71 8.05 -77.05
CA VAL A 2790 7.83 8.14 -78.51
C VAL A 2790 9.11 7.41 -78.91
N ARG A 2791 8.98 6.28 -79.61
CA ARG A 2791 10.12 5.39 -79.83
C ARG A 2791 10.41 5.22 -81.31
N ILE A 2792 11.69 5.24 -81.66
CA ILE A 2792 12.15 5.13 -83.05
C ILE A 2792 12.87 3.80 -83.20
N ASP A 2793 12.41 2.99 -84.15
CA ASP A 2793 13.01 1.70 -84.47
C ASP A 2793 13.17 1.66 -85.98
N ARG A 2794 14.41 1.83 -86.47
CA ARG A 2794 14.68 1.85 -87.90
C ARG A 2794 13.87 2.95 -88.58
N ARG A 2795 12.87 2.57 -89.37
CA ARG A 2795 12.05 3.53 -90.09
C ARG A 2795 10.69 3.73 -89.43
N SER A 2796 10.37 2.90 -88.46
CA SER A 2796 9.10 2.93 -87.77
C SER A 2796 9.24 3.81 -86.53
N LEU A 2797 8.21 4.59 -86.25
CA LEU A 2797 8.11 5.30 -84.99
C LEU A 2797 6.76 4.99 -84.35
N SER A 2798 6.80 4.68 -83.06
CA SER A 2798 5.60 4.39 -82.29
C SER A 2798 5.34 5.52 -81.31
N VAL A 2799 4.12 6.01 -81.33
CA VAL A 2799 3.66 7.08 -80.45
C VAL A 2799 2.44 6.56 -79.70
N ARG A 2800 2.49 6.63 -78.37
CA ARG A 2800 1.43 6.11 -77.52
C ARG A 2800 0.62 7.28 -76.97
N LEU A 2801 -0.68 7.26 -77.23
CA LEU A 2801 -1.58 8.28 -76.74
C LEU A 2801 -2.63 7.64 -75.85
N PHE A 2802 -3.28 8.47 -75.04
CA PHE A 2802 -4.24 7.99 -74.06
C PHE A 2802 -5.52 8.81 -74.16
N TYR A 2803 -6.62 8.19 -73.76
CA TYR A 2803 -7.94 8.78 -73.84
C TYR A 2803 -8.68 8.53 -72.53
N LEU A 2804 -9.62 9.42 -72.23
CA LEU A 2804 -10.42 9.30 -71.03
C LEU A 2804 -11.66 8.46 -71.31
N ARG A 2805 -11.99 7.60 -70.36
CA ARG A 2805 -13.09 6.66 -70.51
C ARG A 2805 -14.03 6.79 -69.34
N GLU A 2806 -15.31 6.49 -69.59
CA GLU A 2806 -16.34 6.60 -68.56
C GLU A 2806 -16.08 5.67 -67.39
N GLN A 2807 -15.80 4.40 -67.67
CA GLN A 2807 -15.49 3.46 -66.61
C GLN A 2807 -14.06 3.68 -66.11
N PRO A 2808 -13.76 3.34 -64.86
CA PRO A 2808 -12.50 3.76 -64.26
C PRO A 2808 -11.26 3.25 -65.01
N GLY A 2809 -10.23 4.08 -65.00
CA GLY A 2809 -8.99 3.84 -65.72
C GLY A 2809 -8.82 4.85 -66.85
N ILE A 2810 -7.65 4.79 -67.47
CA ILE A 2810 -7.31 5.66 -68.59
C ILE A 2810 -6.93 4.76 -69.77
N GLY A 2811 -7.55 5.01 -70.93
CA GLY A 2811 -7.33 4.17 -72.08
C GLY A 2811 -5.97 4.43 -72.71
N SER A 2812 -5.62 3.55 -73.65
CA SER A 2812 -4.32 3.61 -74.29
C SER A 2812 -4.44 3.13 -75.73
N LEU A 2813 -3.60 3.68 -76.59
CA LEU A 2813 -3.56 3.27 -77.98
C LEU A 2813 -2.23 3.72 -78.59
N ARG A 2814 -1.54 2.81 -79.25
CA ARG A 2814 -0.23 3.09 -79.83
C ARG A 2814 -0.33 3.08 -81.34
N LEU A 2815 0.17 4.14 -81.99
CA LEU A 2815 0.21 4.23 -83.44
C LEU A 2815 1.65 4.05 -83.90
N THR A 2816 1.88 3.05 -84.75
CA THR A 2816 3.22 2.77 -85.29
C THR A 2816 3.20 3.05 -86.79
N PHE A 2817 4.14 3.88 -87.25
CA PHE A 2817 4.22 4.30 -88.65
C PHE A 2817 5.57 3.92 -89.23
N ARG A 2818 5.59 3.56 -90.52
CA ARG A 2818 6.82 3.36 -91.26
C ARG A 2818 7.12 4.60 -92.09
N ASP A 2819 8.22 4.54 -92.84
CA ASP A 2819 8.47 5.34 -94.05
C ASP A 2819 8.63 6.84 -93.80
N PHE A 2820 8.38 7.33 -92.58
CA PHE A 2820 8.59 8.75 -92.25
C PHE A 2820 10.03 9.16 -92.44
N PHE A 2821 10.96 8.28 -92.09
CA PHE A 2821 12.38 8.51 -92.21
C PHE A 2821 12.81 8.07 -93.60
N THR A 2822 13.63 8.90 -94.25
CA THR A 2822 14.03 8.67 -95.62
C THR A 2822 15.09 7.58 -95.67
N GLU A 2823 15.66 7.38 -96.86
CA GLU A 2823 16.58 6.29 -97.11
C GLU A 2823 18.04 6.68 -96.92
N VAL A 2824 18.32 7.97 -96.76
CA VAL A 2824 19.71 8.42 -96.58
C VAL A 2824 20.24 7.99 -95.22
N MET A 2825 19.40 7.95 -94.20
CA MET A 2825 19.81 7.65 -92.82
C MET A 2825 19.45 6.24 -92.41
N ASP A 2826 19.54 5.29 -93.33
CA ASP A 2826 19.21 3.90 -93.06
C ASP A 2826 20.26 3.19 -92.20
N THR A 2827 21.11 3.94 -91.51
CA THR A 2827 22.14 3.36 -90.65
C THR A 2827 21.89 3.75 -89.20
N THR A 2828 20.66 3.58 -88.74
CA THR A 2828 20.26 4.01 -87.40
C THR A 2828 21.17 3.49 -86.30
N ASP A 2829 21.93 2.41 -86.56
CA ASP A 2829 22.93 1.96 -85.60
C ASP A 2829 24.01 3.01 -85.37
N ARG A 2830 24.22 3.92 -86.32
CA ARG A 2830 25.13 5.04 -86.15
C ARG A 2830 24.35 6.26 -85.69
N GLU A 2831 24.79 6.85 -84.58
CA GLU A 2831 24.13 8.03 -84.03
C GLU A 2831 24.75 9.34 -84.54
N ILE A 2832 25.86 9.26 -85.27
CA ILE A 2832 26.52 10.48 -85.75
C ILE A 2832 25.65 11.20 -86.76
N LEU A 2833 25.01 10.46 -87.66
CA LEU A 2833 24.14 11.09 -88.65
C LEU A 2833 22.98 11.80 -87.99
N GLU A 2834 22.35 11.15 -87.02
CA GLU A 2834 21.25 11.79 -86.29
C GLU A 2834 21.73 13.02 -85.53
N LYS A 2835 22.89 12.93 -84.90
CA LYS A 2835 23.43 14.08 -84.17
C LYS A 2835 23.71 15.24 -85.11
N GLU A 2836 24.25 14.96 -86.30
CA GLU A 2836 24.51 16.01 -87.27
C GLU A 2836 23.22 16.64 -87.78
N LEU A 2837 22.19 15.82 -88.02
CA LEU A 2837 20.93 16.34 -88.55
C LEU A 2837 20.02 16.92 -87.48
N ARG A 2838 20.36 16.78 -86.20
CA ARG A 2838 19.56 17.36 -85.13
C ARG A 2838 19.33 18.87 -85.27
N PRO A 2839 20.35 19.69 -85.55
CA PRO A 2839 20.06 21.12 -85.78
C PRO A 2839 19.14 21.37 -86.96
N ILE A 2840 19.21 20.54 -87.99
CA ILE A 2840 18.38 20.74 -89.17
C ILE A 2840 16.90 20.50 -88.84
N LEU A 2841 16.62 19.54 -87.96
CA LEU A 2841 15.24 19.27 -87.58
C LEU A 2841 14.59 20.48 -86.92
N ILE A 2842 15.36 21.29 -86.21
CA ILE A 2842 14.82 22.51 -85.60
C ILE A 2842 14.35 23.47 -86.68
N GLY A 2843 15.15 23.65 -87.73
CA GLY A 2843 14.81 24.59 -88.78
C GLY A 2843 13.86 24.02 -89.82
N ASP A 2844 14.26 22.93 -90.47
CA ASP A 2844 13.46 22.31 -91.53
C ASP A 2844 13.31 20.83 -91.20
N THR A 2845 12.26 20.52 -90.43
CA THR A 2845 11.97 19.11 -90.13
C THR A 2845 11.40 18.38 -91.33
N HIS A 2846 10.64 19.07 -92.18
CA HIS A 2846 9.95 18.41 -93.29
C HIS A 2846 10.93 17.89 -94.34
N ARG A 2847 12.17 18.38 -94.36
CA ARG A 2847 13.12 17.96 -95.39
C ARG A 2847 13.44 16.47 -95.28
N PHE A 2848 13.70 15.98 -94.08
CA PHE A 2848 13.99 14.56 -93.84
C PHE A 2848 12.73 13.73 -93.73
N ILE A 2849 11.57 14.37 -93.84
CA ILE A 2849 10.27 13.72 -93.72
C ILE A 2849 9.72 13.41 -95.10
N ASN A 2850 9.29 12.16 -95.30
CA ASN A 2850 8.79 11.74 -96.60
C ASN A 2850 7.56 12.56 -96.98
N ALA A 2851 7.44 12.85 -98.28
CA ALA A 2851 6.36 13.74 -98.75
C ALA A 2851 4.99 13.17 -98.46
N ALA A 2852 4.87 11.83 -98.44
CA ALA A 2852 3.57 11.20 -98.22
C ALA A 2852 2.96 11.61 -96.89
N TYR A 2853 3.77 11.97 -95.89
CA TYR A 2853 3.23 12.41 -94.61
C TYR A 2853 3.30 13.92 -94.44
N LYS A 2854 3.84 14.65 -95.42
CA LYS A 2854 3.87 16.10 -95.32
C LYS A 2854 2.46 16.67 -95.23
N ASN A 2855 1.48 15.95 -95.77
CA ASN A 2855 0.08 16.34 -95.69
C ASN A 2855 -0.65 15.65 -94.53
N HIS A 2856 0.04 14.85 -93.73
CA HIS A 2856 -0.55 14.13 -92.61
C HIS A 2856 0.27 14.33 -91.34
N LEU A 2857 0.64 15.58 -91.06
CA LEU A 2857 1.35 15.90 -89.82
C LEU A 2857 0.43 16.24 -88.67
N ASN A 2858 -0.88 16.15 -88.86
CA ASN A 2858 -1.85 16.45 -87.81
C ASN A 2858 -2.67 15.22 -87.47
N ILE A 2859 -3.12 15.15 -86.21
CA ILE A 2859 -4.09 14.17 -85.76
C ILE A 2859 -5.33 14.90 -85.28
N GLN A 2860 -6.49 14.39 -85.70
CA GLN A 2860 -7.77 14.91 -85.24
C GLN A 2860 -8.11 14.27 -83.90
N LEU A 2861 -8.55 15.10 -82.94
CA LEU A 2861 -8.89 14.59 -81.61
C LEU A 2861 -10.33 14.93 -81.25
N GLY A 2862 -11.16 15.25 -82.23
CA GLY A 2862 -12.47 15.79 -81.93
C GLY A 2862 -12.42 17.29 -81.83
N ASP A 2863 -12.36 17.82 -80.61
CA ASP A 2863 -12.29 19.26 -80.38
C ASP A 2863 -10.86 19.78 -80.37
N GLY A 2864 -9.86 18.93 -80.58
CA GLY A 2864 -8.48 19.35 -80.55
C GLY A 2864 -7.68 18.77 -81.72
N VAL A 2865 -6.48 19.32 -81.90
CA VAL A 2865 -5.59 18.94 -82.99
C VAL A 2865 -4.20 18.70 -82.42
N LEU A 2866 -3.57 17.59 -82.83
CA LEU A 2866 -2.27 17.21 -82.29
C LEU A 2866 -1.21 17.25 -83.38
N ASN A 2867 -0.02 17.77 -83.02
CA ASN A 2867 1.09 18.01 -83.94
C ASN A 2867 2.28 17.13 -83.58
N LEU A 2868 2.92 16.56 -84.60
CA LEU A 2868 4.04 15.63 -84.39
C LEU A 2868 5.40 16.25 -84.63
N ALA A 2869 5.48 17.32 -85.43
CA ALA A 2869 6.76 17.97 -85.65
C ALA A 2869 7.34 18.47 -84.34
N ASP A 2870 6.49 19.03 -83.48
CA ASP A 2870 6.95 19.55 -82.20
C ASP A 2870 7.44 18.42 -81.29
N ILE A 2871 6.72 17.30 -81.27
CA ILE A 2871 7.15 16.18 -80.45
C ILE A 2871 8.50 15.65 -80.93
N VAL A 2872 8.66 15.52 -82.25
CA VAL A 2872 9.93 15.05 -82.79
C VAL A 2872 11.06 16.03 -82.44
N ALA A 2873 10.80 17.33 -82.61
CA ALA A 2873 11.82 18.33 -82.33
C ALA A 2873 12.20 18.34 -80.85
N GLU A 2874 11.20 18.32 -79.96
CA GLU A 2874 11.49 18.36 -78.54
C GLU A 2874 12.12 17.06 -78.07
N TYR A 2875 11.76 15.93 -78.68
CA TYR A 2875 12.40 14.66 -78.35
C TYR A 2875 13.87 14.68 -78.73
N ALA A 2876 14.20 15.22 -79.91
CA ALA A 2876 15.60 15.41 -80.26
C ALA A 2876 16.27 16.37 -79.29
N ARG A 2877 15.56 17.41 -78.86
CA ARG A 2877 16.15 18.38 -77.95
C ARG A 2877 16.49 17.76 -76.60
N ILE A 2878 15.59 16.95 -76.06
CA ILE A 2878 15.83 16.35 -74.76
C ILE A 2878 16.89 15.25 -74.87
N GLN A 2879 16.92 14.54 -76.01
CA GLN A 2879 17.99 13.58 -76.21
C GLN A 2879 19.35 14.26 -76.28
N LYS A 2880 19.41 15.45 -76.91
CA LYS A 2880 20.65 16.22 -76.89
C LYS A 2880 20.99 16.69 -75.47
N GLU A 2881 19.99 17.15 -74.73
CA GLU A 2881 20.22 17.65 -73.38
C GLU A 2881 20.69 16.54 -72.45
N GLU A 2882 20.21 15.32 -72.65
CA GLU A 2882 20.62 14.20 -71.81
C GLU A 2882 22.11 13.93 -71.96
N THR A 2883 22.62 14.00 -73.19
CA THR A 2883 24.03 13.77 -73.45
C THR A 2883 24.84 15.05 -73.25
N ALA A 2907 14.84 23.17 -69.26
CA ALA A 2907 14.58 21.76 -69.51
C ALA A 2907 13.91 21.11 -68.30
N ILE A 2908 13.93 19.77 -68.26
CA ILE A 2908 13.33 19.00 -67.18
C ILE A 2908 14.43 18.21 -66.50
N MET A 2909 14.53 18.33 -65.18
CA MET A 2909 15.62 17.75 -64.43
C MET A 2909 15.27 16.36 -63.91
N THR A 2910 16.30 15.52 -63.77
CA THR A 2910 16.15 14.12 -63.44
C THR A 2910 16.86 13.80 -62.13
N THR A 2911 16.22 12.99 -61.31
CA THR A 2911 16.80 12.49 -60.06
C THR A 2911 16.73 10.96 -60.11
N THR A 2912 17.88 10.32 -60.26
CA THR A 2912 17.92 8.87 -60.31
C THR A 2912 18.23 8.30 -58.95
N VAL A 2913 17.80 7.07 -58.72
CA VAL A 2913 18.04 6.39 -57.45
C VAL A 2913 18.79 5.09 -57.71
N THR A 2914 19.61 4.70 -56.74
CA THR A 2914 20.38 3.47 -56.83
C THR A 2914 20.45 2.86 -55.43
N THR A 2915 21.22 1.78 -55.30
CA THR A 2915 21.35 1.11 -54.01
C THR A 2915 22.22 1.91 -53.05
N ASP A 2916 23.29 2.52 -53.56
CA ASP A 2916 24.26 3.23 -52.73
C ASP A 2916 24.03 4.74 -52.74
N SER A 2917 22.83 5.19 -53.11
CA SER A 2917 22.49 6.60 -53.10
C SER A 2917 21.34 6.82 -52.12
N GLY A 2918 21.46 7.85 -51.29
CA GLY A 2918 20.43 8.17 -50.33
C GLY A 2918 20.99 8.36 -48.94
N GLU A 2919 20.65 9.48 -48.31
CA GLU A 2919 21.12 9.73 -46.97
C GLU A 2919 20.32 8.91 -45.95
N LEU A 2920 20.92 8.72 -44.79
CA LEU A 2920 20.34 7.91 -43.74
C LEU A 2920 19.32 8.72 -42.93
N ASP A 2931 8.96 3.55 -39.94
CA ASP A 2931 8.38 2.45 -40.70
C ASP A 2931 9.15 2.23 -42.01
N LEU A 2932 9.44 3.31 -42.72
CA LEU A 2932 10.20 3.23 -43.97
C LEU A 2932 11.68 3.52 -43.72
N SER A 2933 12.28 2.63 -42.94
CA SER A 2933 13.71 2.75 -42.66
C SER A 2933 14.52 2.49 -43.92
N GLY A 2934 15.68 3.16 -43.99
CA GLY A 2934 16.57 2.97 -45.11
C GLY A 2934 17.27 4.25 -45.53
N ARG A 2935 17.19 4.58 -46.81
CA ARG A 2935 17.81 5.77 -47.36
C ARG A 2935 16.74 6.84 -47.56
N TYR A 2936 17.15 8.10 -47.43
CA TYR A 2936 16.26 9.24 -47.60
C TYR A 2936 16.83 10.14 -48.67
N LYS A 2937 16.00 10.55 -49.62
CA LYS A 2937 16.42 11.45 -50.69
C LYS A 2937 15.57 12.70 -50.66
N SER A 2938 16.23 13.85 -50.69
CA SER A 2938 15.58 15.16 -50.66
C SER A 2938 15.45 15.70 -52.07
N VAL A 2939 14.25 16.13 -52.43
CA VAL A 2939 14.03 16.77 -53.73
C VAL A 2939 14.61 18.18 -53.68
N PRO A 2940 15.32 18.63 -54.71
CA PRO A 2940 15.84 20.01 -54.69
C PRO A 2940 14.77 21.08 -54.60
N MET A 2941 13.60 20.86 -55.21
CA MET A 2941 12.57 21.88 -55.27
C MET A 2941 11.20 21.21 -55.23
N ALA A 2942 10.23 21.90 -54.63
CA ALA A 2942 8.90 21.29 -54.33
C ALA A 2942 8.12 20.74 -55.52
N ARG A 2943 7.05 20.00 -55.22
CA ARG A 2943 6.16 19.48 -56.29
C ARG A 2943 4.72 19.67 -55.80
N LYS A 2944 3.73 19.50 -56.67
CA LYS A 2944 2.32 19.75 -56.27
C LYS A 2944 1.61 18.41 -56.06
N ALA A 2945 0.29 18.44 -55.84
CA ALA A 2945 -0.51 17.22 -55.65
C ALA A 2945 -0.33 16.58 -57.02
N ASP A 2946 0.34 17.33 -57.89
CA ASP A 2946 0.64 16.81 -59.25
C ASP A 2946 1.75 15.78 -59.09
N THR A 2947 1.40 14.50 -59.19
CA THR A 2947 2.38 13.41 -59.08
C THR A 2947 1.94 12.32 -60.05
N LEU A 2948 2.85 11.49 -60.56
CA LEU A 2948 2.40 10.51 -61.58
C LEU A 2948 3.38 9.33 -61.67
N TYR A 2949 2.93 8.18 -62.21
CA TYR A 2949 3.80 6.96 -62.29
C TYR A 2949 3.73 6.28 -63.66
N HIS A 2950 4.75 6.46 -64.46
CA HIS A 2950 5.00 5.77 -65.70
C HIS A 2950 5.75 4.48 -65.38
N LEU A 2951 5.21 3.35 -65.85
CA LEU A 2951 5.78 2.04 -65.60
C LEU A 2951 6.38 1.53 -66.91
N THR A 2952 7.69 1.73 -67.08
CA THR A 2952 8.36 1.26 -68.28
C THR A 2952 8.32 -0.27 -68.33
N PRO A 2953 8.00 -0.86 -69.48
CA PRO A 2953 8.00 -2.34 -69.56
C PRO A 2953 9.34 -2.96 -69.21
N LYS A 2954 10.44 -2.25 -69.44
CA LYS A 2954 11.76 -2.77 -69.08
C LYS A 2954 11.89 -2.95 -67.57
N GLY A 2955 11.23 -2.11 -66.78
CA GLY A 2955 11.31 -2.21 -65.34
C GLY A 2955 11.84 -0.94 -64.70
N ASP A 2956 11.79 0.17 -65.43
CA ASP A 2956 12.26 1.45 -64.94
C ASP A 2956 11.07 2.29 -64.48
N LEU A 2957 11.19 2.91 -63.32
CA LEU A 2957 10.15 3.79 -62.81
C LEU A 2957 10.47 5.23 -63.18
N GLN A 2958 9.47 5.93 -63.70
CA GLN A 2958 9.66 7.35 -64.10
C GLN A 2958 8.58 8.20 -63.41
N ILE A 2959 8.76 8.48 -62.11
CA ILE A 2959 7.75 9.26 -61.34
C ILE A 2959 7.77 10.71 -61.82
N ILE A 2960 6.59 11.34 -61.98
CA ILE A 2960 6.52 12.72 -62.50
C ILE A 2960 6.27 13.70 -61.36
N TYR A 2961 7.12 14.74 -61.25
CA TYR A 2961 6.94 15.79 -60.19
C TYR A 2961 7.18 17.17 -60.82
N GLN A 2962 6.14 17.97 -61.04
CA GLN A 2962 6.25 19.28 -61.76
C GLN A 2962 6.92 20.40 -60.97
N VAL A 2963 6.19 21.47 -60.51
CA VAL A 2963 6.98 22.55 -59.96
C VAL A 2963 6.23 23.34 -58.90
N ALA A 2964 4.92 23.16 -58.79
CA ALA A 2964 4.08 23.93 -57.87
C ALA A 2964 4.20 25.43 -58.11
N THR A 2965 4.33 25.80 -59.38
CA THR A 2965 4.53 27.18 -59.76
C THR A 2965 3.88 27.34 -61.13
N LYS A 2966 2.76 28.07 -61.18
CA LYS A 2966 1.96 28.09 -62.40
C LYS A 2966 2.61 28.92 -63.51
N MET A 2967 3.29 30.01 -63.18
CA MET A 2967 3.62 30.98 -64.22
C MET A 2967 4.78 30.50 -65.11
N VAL A 2968 5.66 29.62 -64.61
CA VAL A 2968 6.47 28.75 -65.46
C VAL A 2968 6.45 27.34 -64.88
N ASN A 2969 6.27 26.34 -65.73
CA ASN A 2969 6.20 24.95 -65.29
C ASN A 2969 7.52 24.26 -65.58
N GLN A 2970 8.17 23.73 -64.53
CA GLN A 2970 9.44 23.01 -64.60
C GLN A 2970 9.31 21.73 -63.79
N ALA A 2971 8.89 20.63 -64.44
CA ALA A 2971 8.64 19.37 -63.76
C ALA A 2971 9.95 18.65 -63.48
N MET A 2972 9.90 17.63 -62.63
CA MET A 2972 11.12 16.94 -62.23
C MET A 2972 10.80 15.46 -62.28
N ILE A 2973 11.62 14.68 -62.99
CA ILE A 2973 11.41 13.25 -63.19
C ILE A 2973 12.27 12.45 -62.21
N VAL A 2974 11.67 11.41 -61.61
CA VAL A 2974 12.36 10.48 -60.72
C VAL A 2974 12.57 9.15 -61.45
N SER A 2975 13.81 8.69 -61.49
CA SER A 2975 14.19 7.49 -62.21
C SER A 2975 14.58 6.40 -61.22
N LEU A 2976 13.96 5.22 -61.37
CA LEU A 2976 14.30 4.02 -60.60
C LEU A 2976 14.62 2.92 -61.59
N PRO A 2977 15.88 2.79 -62.00
CA PRO A 2977 16.23 1.81 -63.01
C PRO A 2977 16.16 0.39 -62.48
N ASN A 2978 15.53 -0.49 -63.26
CA ASN A 2978 15.48 -1.93 -62.98
C ASN A 2978 14.92 -2.20 -61.58
N TYR A 2979 13.95 -1.40 -61.16
CA TYR A 2979 13.32 -1.64 -59.87
C TYR A 2979 12.45 -2.89 -59.88
N ARG A 2980 11.93 -3.29 -61.04
CA ARG A 2980 11.01 -4.42 -61.08
C ARG A 2980 11.67 -5.68 -60.56
N HIS A 2981 12.91 -5.93 -60.92
CA HIS A 2981 13.65 -7.12 -60.52
C HIS A 2981 14.58 -6.89 -59.35
N GLU A 2982 14.63 -5.66 -58.82
CA GLU A 2982 15.62 -5.33 -57.79
C GLU A 2982 15.02 -4.44 -56.71
N TRP A 2983 13.75 -4.63 -56.36
CA TRP A 2983 13.10 -3.67 -55.47
C TRP A 2983 13.61 -3.81 -54.03
N GLU A 2984 14.07 -5.01 -53.63
CA GLU A 2984 14.61 -5.19 -52.28
C GLU A 2984 16.01 -4.63 -52.10
N LYS A 2985 16.79 -4.50 -53.17
CA LYS A 2985 18.09 -3.85 -53.07
C LYS A 2985 17.96 -2.33 -52.98
N TYR A 2986 16.79 -1.79 -53.25
CA TYR A 2986 16.53 -0.36 -53.19
C TYR A 2986 15.72 -0.09 -51.92
N ASN A 2987 16.35 0.59 -50.97
CA ASN A 2987 15.70 0.93 -49.71
C ASN A 2987 15.75 2.43 -49.50
N LEU A 2988 15.46 3.18 -50.56
CA LEU A 2988 15.45 4.64 -50.54
C LEU A 2988 14.02 5.14 -50.71
N SER A 2989 13.67 6.17 -49.97
CA SER A 2989 12.39 6.84 -50.14
C SER A 2989 12.62 8.35 -50.19
N ILE A 2990 11.72 9.08 -50.84
CA ILE A 2990 11.96 10.48 -51.21
C ILE A 2990 11.00 11.38 -50.45
N LEU A 2991 11.55 12.44 -49.84
CA LEU A 2991 10.78 13.41 -49.08
C LEU A 2991 10.61 14.69 -49.89
N SER A 2992 9.44 15.31 -49.77
CA SER A 2992 9.16 16.55 -50.47
C SER A 2992 8.36 17.46 -49.54
N GLU A 2993 8.41 18.76 -49.82
CA GLU A 2993 7.70 19.75 -49.04
C GLU A 2993 6.85 20.57 -50.00
N ILE A 2994 5.54 20.36 -49.98
CA ILE A 2994 4.62 21.03 -50.90
C ILE A 2994 3.96 22.18 -50.15
N PRO A 2995 4.03 23.41 -50.66
CA PRO A 2995 3.31 24.51 -50.04
C PRO A 2995 1.81 24.42 -50.32
N GLN A 2996 1.04 25.07 -49.45
CA GLN A 2996 -0.41 25.10 -49.56
C GLN A 2996 -0.86 26.53 -49.87
N ASN A 2997 -2.14 26.67 -50.17
CA ASN A 2997 -2.66 28.01 -50.47
C ASN A 2997 -2.67 28.89 -49.23
N ASN A 2998 -2.72 28.30 -48.05
CA ASN A 2998 -2.75 29.04 -46.79
C ASN A 2998 -1.36 29.32 -46.24
N ASN A 2999 -0.34 29.39 -47.10
CA ASN A 2999 1.04 29.63 -46.71
C ASN A 2999 1.52 28.59 -45.68
N THR A 3000 1.12 27.34 -45.89
CA THR A 3000 1.48 26.23 -45.02
C THR A 3000 2.25 25.19 -45.81
N VAL A 3001 3.31 24.66 -45.22
CA VAL A 3001 4.14 23.65 -45.86
C VAL A 3001 3.77 22.29 -45.30
N VAL A 3002 3.45 21.35 -46.20
CA VAL A 3002 3.06 20.00 -45.84
C VAL A 3002 4.14 19.06 -46.33
N HIS A 3003 4.61 18.17 -45.46
CA HIS A 3003 5.58 17.18 -45.87
C HIS A 3003 4.88 15.99 -46.50
N SER A 3004 5.53 15.42 -47.52
CA SER A 3004 5.04 14.22 -48.16
C SER A 3004 6.21 13.30 -48.42
N ILE A 3005 6.14 12.11 -47.83
CA ILE A 3005 7.23 11.14 -47.91
C ILE A 3005 6.71 9.96 -48.75
N LEU A 3006 7.47 9.61 -49.76
CA LEU A 3006 7.06 8.66 -50.80
C LEU A 3006 7.95 7.43 -50.76
N ARG A 3007 7.33 6.25 -50.79
CA ARG A 3007 8.00 4.97 -50.94
C ARG A 3007 7.25 4.17 -52.00
N VAL A 3008 7.95 3.24 -52.67
CA VAL A 3008 7.32 2.41 -53.69
C VAL A 3008 7.55 0.93 -53.38
N ASN A 3009 6.46 0.17 -53.37
CA ASN A 3009 6.43 -1.27 -53.12
C ASN A 3009 5.85 -1.93 -54.36
N GLY A 3010 6.74 -2.36 -55.27
CA GLY A 3010 6.34 -2.74 -56.60
C GLY A 3010 5.80 -1.52 -57.33
N PRO A 3011 4.64 -1.66 -57.96
CA PRO A 3011 3.94 -0.48 -58.48
C PRO A 3011 3.04 0.20 -57.45
N THR A 3012 3.15 -0.20 -56.18
CA THR A 3012 2.37 0.39 -55.10
C THR A 3012 3.03 1.70 -54.68
N MET A 3013 2.32 2.80 -54.87
CA MET A 3013 2.87 4.12 -54.59
C MET A 3013 2.40 4.55 -53.19
N GLN A 3014 3.18 4.18 -52.18
CA GLN A 3014 2.83 4.53 -50.81
C GLN A 3014 3.22 5.98 -50.55
N VAL A 3015 2.22 6.81 -50.24
CA VAL A 3015 2.42 8.24 -50.01
C VAL A 3015 1.93 8.55 -48.60
N ARG A 3016 2.78 9.20 -47.80
CA ARG A 3016 2.40 9.64 -46.47
C ARG A 3016 2.49 11.15 -46.38
N THR A 3017 1.36 11.79 -46.08
CA THR A 3017 1.27 13.24 -45.99
C THR A 3017 1.18 13.61 -44.51
N ILE A 3018 2.08 14.47 -44.07
CA ILE A 3018 2.20 14.90 -42.69
C ILE A 3018 2.07 16.41 -42.65
N ASP A 3019 1.21 16.91 -41.76
CA ASP A 3019 1.00 18.34 -41.65
C ASP A 3019 2.21 19.03 -41.00
N TYR A 3020 2.97 18.30 -40.17
CA TYR A 3020 4.14 18.83 -39.48
C TYR A 3020 3.74 20.05 -38.63
N ARG A 3021 2.90 19.75 -37.64
CA ARG A 3021 2.35 20.78 -36.74
C ARG A 3021 1.60 21.85 -37.52
N GLY A 3022 0.93 21.46 -38.61
CA GLY A 3022 0.20 22.43 -39.42
C GLY A 3022 -1.01 23.00 -38.70
N THR A 3023 -1.81 22.14 -38.08
CA THR A 3023 -3.01 22.56 -37.36
C THR A 3023 -3.13 21.97 -35.97
N ASP A 3024 -2.47 20.85 -35.68
CA ASP A 3024 -2.53 20.19 -34.39
C ASP A 3024 -1.34 20.62 -33.54
N GLU A 3025 -1.26 20.06 -32.33
CA GLU A 3025 -0.15 20.31 -31.43
C GLU A 3025 0.51 18.96 -31.08
N ASN A 3026 1.74 18.78 -31.56
CA ASN A 3026 2.56 17.61 -31.25
C ASN A 3026 1.93 16.31 -31.76
N ASN A 3027 0.75 16.39 -32.36
CA ASN A 3027 0.05 15.24 -32.93
C ASN A 3027 -0.50 15.61 -34.30
N PRO A 3028 0.37 15.86 -35.28
CA PRO A 3028 -0.12 16.22 -36.61
C PRO A 3028 -0.87 15.07 -37.26
N ILE A 3029 -1.88 15.43 -38.06
CA ILE A 3029 -2.66 14.43 -38.76
C ILE A 3029 -1.84 13.86 -39.91
N VAL A 3030 -1.95 12.55 -40.12
CA VAL A 3030 -1.16 11.84 -41.13
C VAL A 3030 -2.11 11.07 -42.03
N SER A 3031 -1.93 11.22 -43.33
CA SER A 3031 -2.76 10.54 -44.33
C SER A 3031 -1.89 9.59 -45.15
N PHE A 3032 -2.36 8.36 -45.30
CA PHE A 3032 -1.69 7.35 -46.10
C PHE A 3032 -2.51 7.06 -47.35
N SER A 3033 -1.84 7.00 -48.50
CA SER A 3033 -2.50 6.71 -49.77
C SER A 3033 -1.62 5.79 -50.60
N ASP A 3034 -2.24 5.09 -51.54
CA ASP A 3034 -1.48 4.24 -52.46
C ASP A 3034 -2.30 3.96 -53.71
N THR A 3035 -1.59 3.70 -54.80
CA THR A 3035 -2.18 3.25 -56.05
C THR A 3035 -1.27 2.19 -56.67
N THR A 3036 -1.87 1.30 -57.45
CA THR A 3036 -1.16 0.18 -58.06
C THR A 3036 -1.58 0.06 -59.52
N PHE A 3037 -0.61 -0.19 -60.40
CA PHE A 3037 -0.95 -0.45 -61.79
C PHE A 3037 -1.76 -1.74 -61.88
N ILE A 3038 -2.84 -1.71 -62.65
CA ILE A 3038 -3.84 -2.77 -62.67
C ILE A 3038 -4.07 -3.18 -64.13
N ASN A 3039 -4.17 -4.49 -64.36
CA ASN A 3039 -4.15 -5.06 -65.70
C ASN A 3039 -2.91 -4.61 -66.47
N GLY A 3040 -1.78 -4.55 -65.77
CA GLY A 3040 -0.50 -4.23 -66.40
C GLY A 3040 -0.48 -2.85 -67.02
N GLU A 3041 -1.00 -1.86 -66.31
CA GLU A 3041 -1.03 -0.52 -66.85
C GLU A 3041 0.38 0.05 -66.94
N GLN A 3042 0.52 1.01 -67.85
CA GLN A 3042 1.75 1.73 -68.07
C GLN A 3042 1.71 3.19 -67.62
N MET A 3043 0.53 3.80 -67.50
CA MET A 3043 0.39 5.18 -67.05
C MET A 3043 -0.68 5.26 -65.99
N LEU A 3044 -0.35 5.79 -64.80
CA LEU A 3044 -1.36 5.80 -63.69
C LEU A 3044 -0.92 6.69 -62.51
N SER A 3045 -1.86 7.37 -61.79
CA SER A 3045 -1.55 8.24 -60.61
C SER A 3045 -2.80 8.74 -59.86
N TYR A 3046 -2.71 9.92 -59.23
CA TYR A 3046 -3.83 10.44 -58.40
C TYR A 3046 -3.97 11.97 -58.48
N ASP A 3047 -4.88 12.53 -59.30
CA ASP A 3047 -5.09 13.97 -59.28
C ASP A 3047 -4.98 14.53 -57.87
N SER A 3048 -5.33 13.74 -56.86
CA SER A 3048 -5.26 14.12 -55.45
C SER A 3048 -6.12 15.34 -55.12
N HIS A 3049 -7.12 15.61 -55.96
CA HIS A 3049 -8.03 16.73 -55.74
C HIS A 3049 -9.48 16.26 -55.88
N SER A 3050 -9.69 15.21 -56.67
CA SER A 3050 -11.00 14.59 -56.81
C SER A 3050 -11.06 13.18 -56.28
N SER A 3051 -9.96 12.45 -56.32
CA SER A 3051 -9.88 11.08 -55.82
C SER A 3051 -9.12 11.08 -54.51
N GLY A 3052 -9.71 10.46 -53.49
CA GLY A 3052 -9.09 10.39 -52.18
C GLY A 3052 -10.16 10.26 -51.11
N ARG A 3053 -9.75 9.66 -50.00
CA ARG A 3053 -10.65 9.47 -48.87
C ARG A 3053 -9.83 9.47 -47.58
N VAL A 3054 -10.43 9.95 -46.50
CA VAL A 3054 -9.75 10.05 -45.21
C VAL A 3054 -9.57 8.66 -44.62
N TYR A 3055 -8.32 8.28 -44.33
CA TYR A 3055 -8.00 6.96 -43.79
C TYR A 3055 -6.95 7.10 -42.69
N SER A 3056 -7.32 6.71 -41.48
CA SER A 3056 -6.32 6.51 -40.42
C SER A 3056 -5.65 5.16 -40.63
N ARG A 3057 -4.66 4.85 -39.79
CA ARG A 3057 -3.94 3.58 -39.92
C ARG A 3057 -4.90 2.40 -39.81
N GLU A 3058 -5.70 2.37 -38.75
CA GLU A 3058 -6.53 1.20 -38.49
C GLU A 3058 -7.59 1.02 -39.57
N GLU A 3059 -8.31 2.09 -39.89
CA GLU A 3059 -9.31 2.01 -40.94
C GLU A 3059 -8.66 1.61 -42.26
N TYR A 3060 -7.46 2.11 -42.53
CA TYR A 3060 -6.76 1.80 -43.77
C TYR A 3060 -6.45 0.31 -43.89
N MET A 3061 -5.77 -0.27 -42.91
CA MET A 3061 -5.41 -1.68 -43.09
C MET A 3061 -6.61 -2.59 -42.91
N MET A 3062 -7.61 -2.20 -42.10
CA MET A 3062 -8.80 -3.02 -42.04
C MET A 3062 -9.55 -3.03 -43.35
N TRP A 3063 -9.73 -1.87 -43.99
CA TRP A 3063 -10.39 -1.85 -45.28
C TRP A 3063 -9.55 -2.60 -46.29
N GLU A 3064 -8.22 -2.59 -46.11
CA GLU A 3064 -7.33 -3.38 -46.94
C GLU A 3064 -7.69 -4.86 -46.87
N LEU A 3065 -7.85 -5.39 -45.65
CA LEU A 3065 -8.23 -6.80 -45.55
C LEU A 3065 -9.63 -7.03 -46.09
N GLN A 3066 -10.54 -6.09 -45.86
CA GLN A 3066 -11.90 -6.21 -46.38
C GLN A 3066 -11.88 -6.38 -47.89
N GLN A 3067 -11.18 -5.49 -48.60
CA GLN A 3067 -11.05 -5.65 -50.04
C GLN A 3067 -10.16 -6.83 -50.40
N ARG A 3068 -9.34 -7.32 -49.46
CA ARG A 3068 -8.55 -8.52 -49.71
C ARG A 3068 -9.42 -9.75 -49.77
N VAL A 3069 -10.56 -9.73 -49.06
CA VAL A 3069 -11.60 -10.72 -49.32
C VAL A 3069 -11.97 -10.69 -50.80
N SER A 3070 -12.11 -9.49 -51.37
CA SER A 3070 -12.33 -9.31 -52.78
C SER A 3070 -11.02 -9.13 -53.55
N GLU A 3071 -9.92 -9.64 -53.01
CA GLU A 3071 -8.61 -9.65 -53.66
C GLU A 3071 -8.17 -8.22 -54.00
N ALA A 3072 -7.84 -7.49 -52.93
CA ALA A 3072 -7.30 -6.15 -53.04
C ALA A 3072 -6.17 -6.11 -54.06
N SER A 3073 -6.18 -5.08 -54.91
CA SER A 3073 -5.16 -4.96 -55.95
C SER A 3073 -3.78 -4.73 -55.35
N SER A 3074 -3.68 -3.84 -54.37
CA SER A 3074 -2.38 -3.53 -53.77
C SER A 3074 -1.80 -4.74 -53.05
N ALA A 3075 -2.62 -5.41 -52.24
CA ALA A 3075 -2.16 -6.61 -51.54
C ALA A 3075 -1.87 -7.73 -52.52
N ARG A 3076 -2.70 -7.84 -53.57
CA ARG A 3076 -2.43 -8.81 -54.62
C ARG A 3076 -1.04 -8.62 -55.19
N THR A 3077 -0.73 -7.39 -55.62
CA THR A 3077 0.55 -7.14 -56.25
C THR A 3077 1.70 -7.31 -55.26
N GLN A 3078 1.49 -6.94 -54.00
CA GLN A 3078 2.54 -7.13 -53.00
C GLN A 3078 2.88 -8.61 -52.83
N ASP A 3079 1.84 -9.45 -52.69
CA ASP A 3079 2.07 -10.88 -52.54
C ASP A 3079 2.69 -11.44 -53.81
N TYR A 3080 2.26 -10.93 -54.96
CA TYR A 3080 2.68 -11.48 -56.22
C TYR A 3080 4.15 -11.14 -56.48
N TRP A 3081 4.54 -9.91 -56.16
CA TRP A 3081 5.95 -9.53 -56.16
C TRP A 3081 6.75 -10.28 -55.10
N LEU A 3082 6.12 -10.67 -53.98
CA LEU A 3082 6.81 -11.51 -53.00
C LEU A 3082 7.21 -12.83 -53.63
N MET A 3083 6.25 -13.50 -54.28
CA MET A 3083 6.57 -14.71 -55.02
C MET A 3083 7.64 -14.46 -56.06
N ASP A 3084 7.59 -13.31 -56.74
CA ASP A 3084 8.61 -12.98 -57.74
C ASP A 3084 10.00 -12.90 -57.11
N ALA A 3085 10.14 -12.11 -56.04
CA ALA A 3085 11.41 -11.94 -55.36
C ALA A 3085 11.88 -13.22 -54.66
N ALA A 3086 10.99 -14.21 -54.49
CA ALA A 3086 11.40 -15.46 -53.88
C ALA A 3086 12.44 -16.23 -54.69
N VAL A 3087 12.63 -15.90 -55.96
CA VAL A 3087 13.53 -16.66 -56.82
C VAL A 3087 14.61 -15.78 -57.42
N ARG A 3088 15.04 -14.75 -56.68
CA ARG A 3088 16.11 -13.90 -57.17
C ARG A 3088 17.40 -14.68 -57.37
N ASN A 3089 17.74 -15.56 -56.44
CA ASN A 3089 18.91 -16.40 -56.60
C ASN A 3089 18.70 -17.50 -57.62
N GLY A 3090 17.45 -17.76 -58.03
CA GLY A 3090 17.11 -18.78 -58.99
C GLY A 3090 16.28 -19.91 -58.41
N GLU A 3091 16.36 -20.12 -57.09
CA GLU A 3091 15.69 -21.22 -56.43
C GLU A 3091 14.86 -20.63 -55.29
N TRP A 3092 13.77 -21.30 -54.95
CA TRP A 3092 12.86 -20.80 -53.91
C TRP A 3092 13.60 -20.71 -52.58
N LYS A 3093 14.00 -19.49 -52.22
CA LYS A 3093 14.71 -19.24 -50.97
C LYS A 3093 14.53 -17.77 -50.61
N ILE A 3094 14.03 -17.53 -49.40
CA ILE A 3094 13.66 -16.19 -48.98
C ILE A 3094 14.91 -15.46 -48.46
N THR A 3095 15.28 -14.37 -49.13
CA THR A 3095 16.42 -13.58 -48.68
C THR A 3095 16.05 -12.76 -47.44
N PRO A 3096 17.04 -12.37 -46.63
CA PRO A 3096 16.71 -11.75 -45.33
C PRO A 3096 15.89 -10.46 -45.44
N GLU A 3097 16.11 -9.66 -46.49
CA GLU A 3097 15.43 -8.38 -46.64
C GLU A 3097 13.93 -8.46 -46.36
N LEU A 3098 13.23 -9.31 -47.13
CA LEU A 3098 11.77 -9.33 -47.07
C LEU A 3098 11.27 -9.75 -45.69
N LEU A 3099 12.20 -10.13 -44.81
CA LEU A 3099 11.84 -10.45 -43.44
C LEU A 3099 11.30 -9.24 -42.69
N ARG A 3100 11.50 -8.03 -43.22
CA ARG A 3100 10.95 -6.83 -42.63
C ARG A 3100 9.93 -6.12 -43.51
N HIS A 3101 10.17 -6.01 -44.81
CA HIS A 3101 9.23 -5.30 -45.68
C HIS A 3101 7.92 -6.05 -45.81
N THR A 3102 7.98 -7.35 -46.05
CA THR A 3102 6.79 -8.14 -46.26
C THR A 3102 6.14 -8.48 -44.92
N PRO A 3103 4.88 -8.13 -44.71
CA PRO A 3103 4.20 -8.52 -43.46
C PRO A 3103 3.63 -9.93 -43.53
N GLY A 3104 3.58 -10.58 -42.36
CA GLY A 3104 3.04 -11.92 -42.26
C GLY A 3104 1.54 -11.96 -42.04
N TYR A 3105 0.95 -13.13 -42.27
CA TYR A 3105 -0.49 -13.33 -42.21
C TYR A 3105 -0.79 -14.66 -41.54
N ILE A 3106 -1.81 -14.67 -40.68
CA ILE A 3106 -2.23 -15.88 -39.97
C ILE A 3106 -3.75 -15.91 -39.94
N ARG A 3107 -4.33 -17.11 -40.03
CA ARG A 3107 -5.76 -17.28 -39.89
C ARG A 3107 -6.06 -18.32 -38.82
N SER A 3108 -7.08 -18.05 -38.00
CA SER A 3108 -7.49 -18.98 -36.97
C SER A 3108 -9.00 -18.95 -36.83
N THR A 3109 -9.52 -19.96 -36.14
CA THR A 3109 -10.95 -20.10 -35.88
C THR A 3109 -11.21 -20.08 -34.39
N VAL A 3110 -12.25 -19.36 -33.99
CA VAL A 3110 -12.64 -19.27 -32.59
C VAL A 3110 -14.14 -19.52 -32.49
N SER A 3111 -14.53 -20.38 -31.55
CA SER A 3111 -15.92 -20.81 -31.45
C SER A 3111 -16.84 -19.67 -31.04
N LYS A 3112 -16.47 -18.92 -30.00
CA LYS A 3112 -17.30 -17.84 -29.49
C LYS A 3112 -16.46 -16.57 -29.36
N TRP A 3113 -17.03 -15.44 -29.75
CA TRP A 3113 -16.35 -14.16 -29.70
C TRP A 3113 -17.17 -13.18 -28.89
N SER A 3114 -16.50 -12.42 -28.02
CA SER A 3114 -17.14 -11.41 -27.20
C SER A 3114 -16.92 -10.03 -27.83
N ARG A 3115 -17.99 -9.25 -27.90
CA ARG A 3115 -17.95 -7.96 -28.58
C ARG A 3115 -17.17 -6.94 -27.75
N GLY A 3116 -16.05 -6.47 -28.28
CA GLY A 3116 -15.30 -5.39 -27.67
C GLY A 3116 -14.51 -5.76 -26.43
N TRP A 3117 -14.39 -7.06 -26.12
CA TRP A 3117 -13.65 -7.47 -24.93
C TRP A 3117 -12.15 -7.27 -25.09
N LEU A 3118 -11.66 -7.17 -26.31
CA LEU A 3118 -10.24 -6.98 -26.56
C LEU A 3118 -9.94 -5.49 -26.58
N LYS A 3119 -8.86 -5.09 -25.92
CA LYS A 3119 -8.42 -3.72 -25.88
C LYS A 3119 -6.98 -3.62 -26.39
N THR A 3120 -6.61 -2.41 -26.82
CA THR A 3120 -5.26 -2.19 -27.31
C THR A 3120 -4.26 -2.38 -26.19
N GLY A 3121 -3.06 -2.84 -26.55
CA GLY A 3121 -2.02 -3.09 -25.60
C GLY A 3121 -2.09 -4.44 -24.91
N THR A 3122 -3.05 -5.29 -25.26
CA THR A 3122 -3.16 -6.60 -24.64
C THR A 3122 -1.99 -7.48 -25.06
N ILE A 3123 -1.47 -8.24 -24.09
CA ILE A 3123 -0.33 -9.12 -24.29
C ILE A 3123 -0.85 -10.49 -24.67
N LEU A 3124 -0.33 -11.05 -25.75
CA LEU A 3124 -0.74 -12.38 -26.20
C LEU A 3124 0.50 -13.21 -26.45
N GLN A 3125 0.34 -14.53 -26.35
CA GLN A 3125 1.48 -15.43 -26.36
C GLN A 3125 1.04 -16.71 -27.08
N THR A 3126 1.95 -17.27 -27.91
CA THR A 3126 1.66 -18.50 -28.63
C THR A 3126 1.91 -19.71 -27.73
N PRO A 3127 1.17 -20.81 -27.93
CA PRO A 3127 1.42 -22.02 -27.14
C PRO A 3127 2.77 -22.65 -27.51
N GLU A 3128 3.09 -23.72 -26.78
CA GLU A 3128 4.38 -24.41 -26.95
C GLU A 3128 4.26 -25.42 -28.08
N ASP A 3129 4.13 -24.90 -29.29
CA ASP A 3129 4.13 -25.71 -30.50
C ASP A 3129 5.55 -25.86 -31.03
N ARG A 3130 5.75 -26.90 -31.85
CA ARG A 3130 7.06 -27.16 -32.43
C ARG A 3130 7.51 -25.97 -33.27
N ASN A 3131 6.79 -25.68 -34.34
CA ASN A 3131 7.01 -24.49 -35.15
C ASN A 3131 5.66 -24.00 -35.64
N THR A 3132 5.38 -22.71 -35.43
CA THR A 3132 4.15 -22.12 -35.92
C THR A 3132 4.27 -21.95 -37.43
N ASP A 3133 3.54 -22.77 -38.19
CA ASP A 3133 3.58 -22.68 -39.65
C ASP A 3133 2.73 -21.50 -40.08
N VAL A 3134 3.36 -20.55 -40.77
CA VAL A 3134 2.69 -19.34 -41.24
C VAL A 3134 2.83 -19.25 -42.75
N TYR A 3135 1.85 -18.63 -43.37
CA TYR A 3135 1.81 -18.43 -44.81
C TYR A 3135 1.96 -16.94 -45.10
N LEU A 3136 2.96 -16.60 -45.92
CA LEU A 3136 3.24 -15.21 -46.23
C LEU A 3136 2.28 -14.61 -47.24
N THR A 3137 1.62 -15.44 -48.05
CA THR A 3137 0.62 -14.98 -49.00
C THR A 3137 -0.67 -15.74 -48.75
N THR A 3138 -1.79 -15.04 -48.88
CA THR A 3138 -3.11 -15.63 -48.73
C THR A 3138 -4.03 -15.36 -49.90
N ILE A 3139 -3.56 -14.62 -50.92
CA ILE A 3139 -4.40 -14.25 -52.05
C ILE A 3139 -4.87 -15.47 -52.82
N GLN A 3140 -4.02 -16.49 -52.95
CA GLN A 3140 -4.37 -17.70 -53.68
C GLN A 3140 -4.01 -18.97 -52.91
N ASN A 3141 -3.37 -18.84 -51.75
CA ASN A 3141 -3.08 -20.00 -50.92
C ASN A 3141 -4.33 -20.57 -50.27
N ASN A 3142 -5.43 -19.81 -50.26
CA ASN A 3142 -6.71 -20.25 -49.73
C ASN A 3142 -6.64 -20.51 -48.23
N VAL A 3143 -6.07 -19.55 -47.49
CA VAL A 3143 -6.04 -19.64 -46.04
C VAL A 3143 -6.82 -18.47 -45.44
N PHE A 3144 -6.86 -17.34 -46.16
CA PHE A 3144 -7.63 -16.19 -45.71
C PHE A 3144 -9.11 -16.35 -45.99
N SER A 3145 -9.49 -17.32 -46.83
CA SER A 3145 -10.88 -17.57 -47.12
C SER A 3145 -11.57 -18.20 -45.92
N ARG A 3146 -12.89 -18.02 -45.86
CA ARG A 3146 -13.67 -18.55 -44.74
C ARG A 3146 -13.60 -20.08 -44.76
N GLN A 3147 -13.34 -20.65 -43.59
CA GLN A 3147 -13.26 -22.10 -43.44
C GLN A 3147 -13.39 -22.45 -41.96
N GLY A 3148 -14.17 -23.48 -41.68
CA GLY A 3148 -14.46 -23.86 -40.31
C GLY A 3148 -15.67 -23.14 -39.75
N GLY A 3149 -16.07 -23.58 -38.56
CA GLY A 3149 -17.27 -23.08 -37.91
C GLY A 3149 -16.94 -22.02 -36.87
N GLY A 3150 -17.77 -20.98 -36.83
CA GLY A 3150 -17.59 -19.92 -35.84
C GLY A 3150 -17.08 -18.63 -36.42
N TYR A 3151 -16.13 -18.02 -35.72
CA TYR A 3151 -15.59 -16.73 -36.09
C TYR A 3151 -14.18 -16.92 -36.64
N GLN A 3152 -13.89 -16.28 -37.76
CA GLN A 3152 -12.58 -16.38 -38.40
C GLN A 3152 -11.78 -15.13 -38.07
N VAL A 3153 -10.63 -15.32 -37.45
CA VAL A 3153 -9.82 -14.21 -36.94
C VAL A 3153 -8.50 -14.19 -37.70
N TYR A 3154 -8.13 -13.00 -38.19
CA TYR A 3154 -6.99 -12.85 -39.09
C TYR A 3154 -5.95 -11.93 -38.48
N TYR A 3155 -4.69 -12.31 -38.61
CA TYR A 3155 -3.55 -11.56 -38.12
C TYR A 3155 -2.67 -11.11 -39.28
N ARG A 3156 -2.18 -9.88 -39.19
CA ARG A 3156 -1.21 -9.34 -40.15
C ARG A 3156 0.04 -8.95 -39.36
N ILE A 3157 1.07 -9.78 -39.46
CA ILE A 3157 2.31 -9.54 -38.71
C ILE A 3157 3.15 -8.54 -39.49
N ASP A 3158 3.27 -7.32 -38.98
CA ASP A 3158 4.18 -6.37 -39.61
C ASP A 3158 5.62 -6.81 -39.41
N GLY A 3159 5.92 -7.42 -38.27
CA GLY A 3159 7.26 -7.90 -37.97
C GLY A 3159 7.46 -9.37 -38.30
N MET A 3160 7.94 -9.65 -39.50
CA MET A 3160 8.05 -11.03 -39.95
C MET A 3160 9.42 -11.64 -39.63
N ALA A 3161 10.41 -10.82 -39.28
CA ALA A 3161 11.76 -11.31 -39.05
C ALA A 3161 11.79 -12.33 -37.92
N GLY A 3162 12.74 -13.26 -38.02
CA GLY A 3162 12.86 -14.33 -37.05
C GLY A 3162 12.21 -15.64 -37.44
N ALA A 3163 11.83 -15.81 -38.70
CA ALA A 3163 11.22 -17.04 -39.18
C ALA A 3163 12.03 -17.59 -40.34
N ASP A 3164 12.39 -18.87 -40.25
CA ASP A 3164 13.13 -19.55 -41.30
C ASP A 3164 12.18 -20.40 -42.12
N ILE A 3165 12.42 -20.44 -43.44
CA ILE A 3165 11.58 -21.23 -44.32
C ILE A 3165 11.97 -22.71 -44.22
N ALA A 3166 11.05 -23.56 -44.63
CA ALA A 3166 11.23 -25.01 -44.58
C ALA A 3166 11.31 -25.56 -46.01
N ASP A 3167 11.51 -26.88 -46.10
CA ASP A 3167 11.57 -27.55 -47.40
C ASP A 3167 10.18 -27.53 -48.03
N ASN A 3168 10.02 -26.73 -49.08
CA ASN A 3168 8.76 -26.62 -49.78
C ASN A 3168 9.03 -26.65 -51.27
N ALA A 3169 8.03 -27.10 -52.03
CA ALA A 3169 8.15 -27.10 -53.46
C ALA A 3169 8.29 -25.66 -53.96
N PRO A 3170 9.24 -25.39 -54.86
CA PRO A 3170 9.44 -24.01 -55.31
C PRO A 3170 8.19 -23.42 -55.95
N GLY A 3171 7.64 -22.39 -55.29
CA GLY A 3171 6.39 -21.80 -55.74
C GLY A 3171 5.51 -21.36 -54.60
N GLU A 3172 5.76 -21.86 -53.39
CA GLU A 3172 4.98 -21.51 -52.22
C GLU A 3172 5.86 -20.85 -51.17
N THR A 3173 5.26 -19.94 -50.42
CA THR A 3173 5.93 -19.22 -49.34
C THR A 3173 5.34 -19.70 -48.02
N ARG A 3174 6.13 -20.45 -47.25
CA ARG A 3174 5.74 -20.88 -45.93
C ARG A 3174 6.92 -20.74 -44.99
N CYS A 3175 6.67 -20.23 -43.79
CA CYS A 3175 7.72 -19.98 -42.82
C CYS A 3175 7.35 -20.59 -41.47
N THR A 3176 8.38 -20.79 -40.65
CA THR A 3176 8.23 -21.38 -39.34
C THR A 3176 8.59 -20.35 -38.28
N LEU A 3177 7.70 -20.12 -37.33
CA LEU A 3177 7.90 -19.18 -36.25
C LEU A 3177 8.21 -19.91 -34.95
N ARG A 3178 9.23 -19.44 -34.26
CA ARG A 3178 9.67 -20.02 -32.99
C ARG A 3178 8.77 -19.55 -31.85
N PRO A 3179 8.38 -20.44 -30.95
CA PRO A 3179 7.45 -20.05 -29.88
C PRO A 3179 8.08 -19.13 -28.86
N GLY A 3180 7.33 -18.81 -27.82
CA GLY A 3180 7.85 -17.82 -26.88
C GLY A 3180 7.93 -16.43 -27.47
N THR A 3181 6.86 -15.97 -28.12
CA THR A 3181 6.80 -14.68 -28.80
C THR A 3181 5.72 -13.79 -28.20
N CYS A 3182 6.04 -12.52 -27.96
CA CYS A 3182 5.03 -11.55 -27.55
C CYS A 3182 4.23 -11.07 -28.76
N PHE A 3183 2.95 -10.80 -28.52
CA PHE A 3183 2.06 -10.36 -29.58
C PHE A 3183 1.15 -9.26 -29.05
N GLU A 3184 0.96 -8.23 -29.87
CA GLU A 3184 0.23 -7.02 -29.48
C GLU A 3184 -0.98 -6.86 -30.40
N VAL A 3185 -2.17 -7.18 -29.89
CA VAL A 3185 -3.39 -7.12 -30.68
C VAL A 3185 -3.87 -5.68 -30.75
N THR A 3186 -4.20 -5.21 -31.96
CA THR A 3186 -4.61 -3.83 -32.17
C THR A 3186 -5.60 -3.79 -33.32
N SER A 3187 -6.54 -2.85 -33.24
CA SER A 3187 -7.48 -2.55 -34.32
C SER A 3187 -8.40 -3.74 -34.63
N VAL A 3188 -9.21 -4.10 -33.65
CA VAL A 3188 -10.25 -5.12 -33.83
C VAL A 3188 -11.60 -4.42 -33.87
N ASP A 3189 -12.30 -4.56 -35.00
CA ASP A 3189 -13.65 -4.02 -35.16
C ASP A 3189 -14.57 -5.12 -35.66
N GLU A 3190 -15.85 -5.01 -35.27
CA GLU A 3190 -16.87 -5.98 -35.61
C GLU A 3190 -18.02 -5.33 -36.34
N ARG A 3191 -17.72 -4.45 -37.30
CA ARG A 3191 -18.79 -3.98 -38.16
C ARG A 3191 -19.34 -5.10 -39.03
N HIS A 3192 -18.51 -6.08 -39.34
CA HIS A 3192 -18.93 -7.27 -40.07
C HIS A 3192 -19.23 -8.40 -39.08
N TYR A 3193 -20.08 -8.08 -38.10
CA TYR A 3193 -20.33 -9.00 -37.00
C TYR A 3193 -21.02 -10.27 -37.49
N GLU A 3194 -21.96 -10.14 -38.43
CA GLU A 3194 -22.72 -11.29 -38.91
C GLU A 3194 -21.88 -12.19 -39.82
N TRP A 3195 -20.82 -11.65 -40.43
CA TRP A 3195 -19.90 -12.44 -41.23
C TRP A 3195 -18.82 -13.12 -40.41
N ASN A 3196 -18.76 -12.87 -39.10
CA ASN A 3196 -17.83 -13.56 -38.21
C ASN A 3196 -16.38 -13.39 -38.67
N ILE A 3197 -15.98 -12.13 -38.84
CA ILE A 3197 -14.65 -11.78 -39.33
C ILE A 3197 -14.00 -10.84 -38.34
N ILE A 3198 -12.79 -11.18 -37.89
CA ILE A 3198 -12.01 -10.33 -37.00
C ILE A 3198 -10.71 -9.94 -37.69
N TYR A 3199 -10.41 -8.65 -37.69
CA TYR A 3199 -9.17 -8.12 -38.25
C TYR A 3199 -8.27 -7.70 -37.10
N VAL A 3200 -7.00 -8.15 -37.13
CA VAL A 3200 -6.04 -7.83 -36.08
C VAL A 3200 -4.75 -7.35 -36.70
N THR A 3201 -4.17 -6.29 -36.13
CA THR A 3201 -2.92 -5.71 -36.57
C THR A 3201 -1.81 -6.11 -35.59
N LEU A 3202 -0.68 -6.56 -36.12
CA LEU A 3202 0.43 -6.96 -35.29
C LEU A 3202 1.73 -6.28 -35.73
N LYS A 3203 2.68 -6.24 -34.81
CA LYS A 3203 4.00 -5.66 -35.02
C LYS A 3203 5.00 -6.46 -34.21
N THR A 3204 6.27 -6.04 -34.28
CA THR A 3204 7.30 -6.73 -33.51
C THR A 3204 7.09 -6.55 -32.01
N CYS A 3205 7.57 -7.53 -31.25
CA CYS A 3205 7.47 -7.46 -29.79
C CYS A 3205 8.70 -8.10 -29.17
N GLY A 3206 8.90 -7.82 -27.89
CA GLY A 3206 10.04 -8.30 -27.13
C GLY A 3206 9.74 -9.58 -26.37
N TRP A 3207 10.50 -9.79 -25.30
CA TRP A 3207 10.37 -10.98 -24.47
C TRP A 3207 9.54 -10.62 -23.24
N SER A 3208 8.22 -10.52 -23.46
CA SER A 3208 7.33 -10.08 -22.39
C SER A 3208 7.14 -11.15 -21.32
N ARG A 3209 6.91 -12.40 -21.75
CA ARG A 3209 6.68 -13.54 -20.85
C ARG A 3209 5.46 -13.27 -19.96
N ASN A 3210 4.31 -13.09 -20.61
CA ASN A 3210 3.01 -13.06 -19.96
C ASN A 3210 1.94 -13.13 -21.04
N GLY A 3211 0.68 -13.02 -20.62
CA GLY A 3211 -0.41 -12.98 -21.57
C GLY A 3211 -1.07 -14.31 -21.82
N GLN A 3212 -2.27 -14.49 -21.26
CA GLN A 3212 -3.05 -15.69 -21.50
C GLN A 3212 -3.75 -15.59 -22.85
N SER A 3213 -3.67 -16.65 -23.65
CA SER A 3213 -4.23 -16.65 -24.99
C SER A 3213 -5.59 -17.33 -25.07
N LYS A 3214 -6.01 -18.03 -24.03
CA LYS A 3214 -7.32 -18.68 -24.06
C LYS A 3214 -8.41 -17.64 -23.82
N THR A 3215 -9.30 -17.50 -24.79
CA THR A 3215 -10.42 -16.59 -24.66
C THR A 3215 -11.31 -17.00 -23.49
N PRO A 3216 -12.15 -16.09 -22.99
CA PRO A 3216 -13.06 -16.45 -21.88
C PRO A 3216 -13.88 -17.70 -22.15
N ASN A 3217 -14.30 -17.91 -23.41
CA ASN A 3217 -15.00 -19.14 -23.73
C ASN A 3217 -14.08 -20.35 -23.81
N GLY A 3218 -12.75 -20.14 -23.81
CA GLY A 3218 -11.81 -21.23 -23.77
C GLY A 3218 -11.08 -21.54 -25.07
N ASP A 3219 -11.26 -20.73 -26.10
CA ASP A 3219 -10.62 -20.97 -27.39
C ASP A 3219 -9.28 -20.23 -27.43
N ASN A 3220 -8.22 -20.97 -27.74
CA ASN A 3220 -6.90 -20.38 -27.88
C ASN A 3220 -6.72 -19.77 -29.26
N LEU A 3221 -6.00 -18.66 -29.30
CA LEU A 3221 -5.71 -17.99 -30.57
C LEU A 3221 -4.36 -18.43 -31.10
N PHE A 3222 -4.03 -17.96 -32.30
CA PHE A 3222 -2.80 -18.28 -33.02
C PHE A 3222 -2.63 -19.80 -33.14
N ASN A 3223 -3.50 -20.41 -33.93
CA ASN A 3223 -3.51 -21.85 -34.10
C ASN A 3223 -3.11 -22.24 -35.53
#